data_2ML6
#
_entry.id   2ML6
#
_entity_poly.entity_id   1
_entity_poly.type   'polypeptide(L)'
_entity_poly.pdbx_seq_one_letter_code
;GAEEEDFKTFLQKFTSSASFQYSRIKFPLKSPIALLKDDGETEQTFPFTREKWALLDEETLKEGRTTEEEGGTYISHFTV
NEPAHKEFEAGYDESEPSLRVVFELTDGKWYVTDCYNDWYNFDLPINELEETIQAVQEENKAFEELHP
;
_entity_poly.pdbx_strand_id   A
#
# COMPACT_ATOMS: atom_id res chain seq x y z
N GLY A 1 8.57 29.83 -1.23
CA GLY A 1 9.71 29.77 -0.30
C GLY A 1 10.00 28.34 0.08
N ALA A 2 9.01 27.58 0.52
CA ALA A 2 8.78 26.25 -0.05
C ALA A 2 7.56 26.39 -0.97
N GLU A 3 7.43 25.48 -1.93
CA GLU A 3 6.22 25.24 -2.71
C GLU A 3 6.19 23.73 -2.83
N GLU A 4 5.49 23.07 -1.90
CA GLU A 4 5.58 21.62 -1.76
C GLU A 4 4.68 20.93 -2.79
N GLU A 5 4.89 19.64 -3.02
CA GLU A 5 4.09 18.82 -3.91
C GLU A 5 2.74 18.56 -3.23
N ASP A 6 1.66 18.50 -4.00
CA ASP A 6 0.28 18.53 -3.48
C ASP A 6 -0.22 17.11 -3.21
N PHE A 7 -0.87 16.87 -2.06
CA PHE A 7 -1.51 15.61 -1.67
C PHE A 7 -2.49 15.07 -2.73
N LYS A 8 -3.02 15.92 -3.61
CA LYS A 8 -3.81 15.51 -4.75
C LYS A 8 -2.89 15.20 -5.92
N THR A 9 -2.17 16.20 -6.42
CA THR A 9 -1.40 16.09 -7.65
C THR A 9 -0.34 14.99 -7.58
N PHE A 10 0.31 14.79 -6.43
CA PHE A 10 1.34 13.75 -6.29
C PHE A 10 0.69 12.37 -6.49
N LEU A 11 -0.58 12.23 -6.08
CA LEU A 11 -1.37 11.02 -6.10
C LEU A 11 -1.72 10.69 -7.54
N GLN A 12 -2.13 11.70 -8.31
CA GLN A 12 -2.45 11.56 -9.73
C GLN A 12 -1.27 10.95 -10.49
N LYS A 13 -0.03 11.36 -10.16
CA LYS A 13 1.17 10.73 -10.70
C LYS A 13 1.33 9.31 -10.16
N PHE A 14 1.20 9.14 -8.85
CA PHE A 14 1.38 7.86 -8.18
C PHE A 14 0.52 6.75 -8.81
N THR A 15 -0.75 7.01 -9.12
CA THR A 15 -1.68 6.04 -9.66
C THR A 15 -1.46 5.79 -11.18
N SER A 16 -0.73 6.69 -11.85
CA SER A 16 -0.43 6.66 -13.28
C SER A 16 1.02 7.09 -13.51
N SER A 17 1.95 6.24 -13.03
CA SER A 17 3.35 6.05 -13.41
C SER A 17 4.06 5.06 -12.48
N ALA A 18 4.35 3.86 -12.99
CA ALA A 18 4.92 2.77 -12.23
C ALA A 18 6.30 3.10 -11.64
N SER A 19 7.28 3.53 -12.45
CA SER A 19 8.63 3.77 -11.93
C SER A 19 8.62 4.89 -10.88
N PHE A 20 7.78 5.92 -11.09
CA PHE A 20 7.58 7.01 -10.15
C PHE A 20 7.00 6.49 -8.83
N GLN A 21 5.96 5.65 -8.88
CA GLN A 21 5.40 4.97 -7.71
C GLN A 21 6.56 4.39 -6.90
N TYR A 22 7.36 3.51 -7.50
CA TYR A 22 8.51 2.89 -6.86
C TYR A 22 9.54 3.90 -6.35
N SER A 23 9.84 4.96 -7.11
CA SER A 23 10.84 5.97 -6.76
C SER A 23 10.39 6.80 -5.54
N ARG A 24 9.10 6.77 -5.20
CA ARG A 24 8.55 7.50 -4.07
C ARG A 24 8.63 6.66 -2.79
N ILE A 25 8.92 5.36 -2.85
CA ILE A 25 8.73 4.45 -1.73
C ILE A 25 10.09 4.11 -1.14
N LYS A 26 10.19 4.14 0.19
CA LYS A 26 11.40 3.83 0.93
C LYS A 26 11.75 2.36 0.73
N PHE A 27 12.99 1.99 1.07
CA PHE A 27 13.43 0.62 1.06
C PHE A 27 14.47 0.46 2.17
N PRO A 28 14.27 -0.44 3.14
CA PRO A 28 13.04 -1.16 3.42
C PRO A 28 11.96 -0.22 3.98
N LEU A 29 10.81 -0.80 4.36
CA LEU A 29 9.68 -0.10 5.00
C LEU A 29 9.61 -0.48 6.47
N LYS A 30 8.98 0.38 7.26
CA LYS A 30 8.95 0.27 8.73
C LYS A 30 8.00 -0.83 9.25
N SER A 31 7.12 -1.34 8.41
CA SER A 31 6.27 -2.50 8.59
C SER A 31 6.96 -3.70 7.94
N PRO A 32 7.83 -4.45 8.63
CA PRO A 32 8.08 -5.82 8.19
C PRO A 32 6.75 -6.58 8.16
N ILE A 33 6.61 -7.44 7.15
CA ILE A 33 5.48 -8.36 6.97
C ILE A 33 5.59 -9.39 8.11
N ALA A 34 4.48 -9.91 8.65
CA ALA A 34 4.50 -10.80 9.81
C ALA A 34 3.42 -11.88 9.72
N LEU A 35 3.81 -13.12 9.41
CA LEU A 35 2.89 -14.24 9.19
C LEU A 35 3.09 -15.33 10.24
N LEU A 36 2.37 -16.44 10.06
CA LEU A 36 2.21 -17.54 10.98
C LEU A 36 2.96 -18.75 10.42
N LYS A 37 3.82 -19.35 11.26
CA LYS A 37 4.73 -20.46 10.96
C LYS A 37 4.03 -21.82 10.92
N ASP A 38 2.81 -21.90 10.40
CA ASP A 38 2.05 -23.15 10.26
C ASP A 38 1.98 -23.90 11.61
N ASP A 39 1.73 -23.18 12.71
CA ASP A 39 1.68 -23.68 14.08
C ASP A 39 0.56 -22.98 14.88
N GLY A 40 -0.19 -22.09 14.25
CA GLY A 40 -1.15 -21.18 14.86
C GLY A 40 -0.44 -19.98 15.48
N GLU A 41 -0.38 -19.85 16.80
CA GLU A 41 -0.04 -18.58 17.52
C GLU A 41 1.46 -18.21 17.51
N THR A 42 2.13 -18.33 16.37
CA THR A 42 3.55 -18.10 16.21
C THR A 42 3.82 -16.76 15.51
N GLU A 43 4.86 -16.07 15.96
CA GLU A 43 5.35 -14.80 15.44
C GLU A 43 6.49 -15.03 14.45
N GLN A 44 6.66 -14.13 13.48
CA GLN A 44 7.67 -14.20 12.44
C GLN A 44 7.69 -12.83 11.77
N THR A 45 8.82 -12.37 11.24
CA THR A 45 8.86 -11.13 10.45
C THR A 45 9.71 -11.28 9.19
N PHE A 46 9.33 -10.61 8.11
CA PHE A 46 9.97 -10.66 6.80
C PHE A 46 10.48 -9.28 6.41
N PRO A 47 11.58 -9.20 5.65
CA PRO A 47 12.10 -7.94 5.16
C PRO A 47 11.20 -7.42 4.04
N PHE A 48 10.55 -6.27 4.24
CA PHE A 48 9.76 -5.63 3.20
C PHE A 48 10.75 -4.85 2.32
N THR A 49 10.84 -5.18 1.03
CA THR A 49 11.75 -4.58 0.05
C THR A 49 10.98 -4.40 -1.27
N ARG A 50 11.61 -3.85 -2.32
CA ARG A 50 10.92 -3.55 -3.59
C ARG A 50 10.38 -4.80 -4.28
N GLU A 51 11.04 -5.94 -4.11
CA GLU A 51 10.82 -7.22 -4.81
C GLU A 51 9.52 -7.94 -4.45
N LYS A 52 8.69 -7.33 -3.61
CA LYS A 52 7.49 -7.87 -2.98
C LYS A 52 6.53 -6.70 -2.77
N TRP A 53 6.52 -5.74 -3.68
CA TRP A 53 5.51 -4.69 -3.72
C TRP A 53 4.33 -5.19 -4.55
N ALA A 54 3.15 -4.58 -4.33
CA ALA A 54 1.98 -4.68 -5.17
C ALA A 54 1.64 -3.27 -5.63
N LEU A 55 1.62 -3.02 -6.94
CA LEU A 55 1.23 -1.75 -7.52
C LEU A 55 -0.24 -1.45 -7.18
N LEU A 56 -0.60 -0.16 -7.22
CA LEU A 56 -1.86 0.34 -6.68
C LEU A 56 -2.48 1.32 -7.68
N ASP A 57 -3.81 1.41 -7.71
CA ASP A 57 -4.58 2.10 -8.75
C ASP A 57 -5.24 3.35 -8.19
N GLU A 58 -5.93 4.12 -9.04
CA GLU A 58 -6.71 5.26 -8.57
C GLU A 58 -7.94 4.81 -7.80
N GLU A 59 -8.60 3.73 -8.23
CA GLU A 59 -9.67 3.11 -7.46
C GLU A 59 -9.13 2.34 -6.23
N THR A 60 -7.81 2.33 -6.01
CA THR A 60 -7.23 1.95 -4.74
C THR A 60 -7.04 3.21 -3.87
N LEU A 61 -6.41 4.27 -4.39
CA LEU A 61 -6.11 5.47 -3.63
C LEU A 61 -7.11 6.55 -4.03
N LYS A 62 -8.36 6.36 -3.62
CA LYS A 62 -9.39 7.38 -3.71
C LYS A 62 -9.91 7.72 -2.32
N GLU A 63 -10.62 8.84 -2.21
CA GLU A 63 -11.22 9.28 -0.98
C GLU A 63 -12.75 9.19 -1.11
N GLY A 64 -13.34 8.12 -0.59
CA GLY A 64 -14.74 7.79 -0.80
C GLY A 64 -15.13 6.48 -0.14
N ARG A 65 -16.30 5.94 -0.54
CA ARG A 65 -16.85 4.69 -0.07
C ARG A 65 -17.46 3.98 -1.29
N THR A 66 -17.36 2.66 -1.32
CA THR A 66 -17.82 1.76 -2.37
C THR A 66 -18.84 0.79 -1.74
N THR A 67 -19.59 0.07 -2.58
CA THR A 67 -20.58 -0.91 -2.18
C THR A 67 -20.32 -2.17 -3.02
N GLU A 68 -20.05 -3.30 -2.37
CA GLU A 68 -20.18 -4.62 -2.98
C GLU A 68 -21.64 -5.07 -2.88
N GLU A 69 -21.96 -6.15 -3.58
CA GLU A 69 -23.23 -6.83 -3.38
C GLU A 69 -23.22 -7.70 -2.14
N GLU A 70 -22.04 -8.13 -1.76
CA GLU A 70 -21.81 -9.31 -0.94
C GLU A 70 -20.86 -9.09 0.24
N GLY A 71 -20.44 -7.84 0.45
CA GLY A 71 -19.63 -7.40 1.59
C GLY A 71 -20.41 -6.31 2.32
N GLY A 72 -20.08 -5.04 2.06
CA GLY A 72 -20.75 -3.91 2.68
C GLY A 72 -20.13 -2.60 2.20
N THR A 73 -20.25 -1.55 3.01
CA THR A 73 -19.50 -0.31 2.81
C THR A 73 -18.01 -0.63 2.86
N TYR A 74 -17.29 -0.51 1.75
CA TYR A 74 -15.83 -0.40 1.75
C TYR A 74 -15.47 1.08 1.74
N ILE A 75 -14.58 1.56 2.60
CA ILE A 75 -14.11 2.94 2.64
C ILE A 75 -12.67 2.94 2.10
N SER A 76 -12.24 4.08 1.56
CA SER A 76 -10.85 4.39 1.31
C SER A 76 -10.70 5.90 1.50
N HIS A 77 -9.72 6.37 2.27
CA HIS A 77 -9.43 7.80 2.45
C HIS A 77 -8.14 7.99 3.22
N PHE A 78 -7.66 9.22 3.30
CA PHE A 78 -6.75 9.61 4.36
C PHE A 78 -7.58 9.91 5.61
N THR A 79 -7.10 9.52 6.77
CA THR A 79 -7.80 9.65 8.05
C THR A 79 -7.30 10.84 8.87
N VAL A 80 -6.23 11.50 8.41
CA VAL A 80 -5.38 12.37 9.20
C VAL A 80 -5.14 13.65 8.41
N ASN A 81 -5.69 14.77 8.89
CA ASN A 81 -5.50 16.06 8.24
C ASN A 81 -4.24 16.72 8.81
N GLU A 82 -3.12 16.61 8.12
CA GLU A 82 -1.87 17.30 8.44
C GLU A 82 -1.34 17.98 7.16
N PRO A 83 -0.51 19.04 7.27
CA PRO A 83 0.05 19.73 6.11
C PRO A 83 1.19 18.95 5.46
N ALA A 84 1.76 17.93 6.11
CA ALA A 84 2.92 17.18 5.61
C ALA A 84 2.94 15.72 6.09
N HIS A 85 1.98 15.30 6.92
CA HIS A 85 2.09 14.09 7.75
C HIS A 85 0.76 13.33 7.69
N LYS A 86 0.34 12.97 6.46
CA LYS A 86 -0.93 12.29 6.22
C LYS A 86 -0.65 10.83 5.94
N GLU A 87 -1.64 9.98 6.14
CA GLU A 87 -1.55 8.57 5.82
C GLU A 87 -2.95 8.10 5.42
N PHE A 88 -3.06 6.90 4.87
CA PHE A 88 -4.22 6.43 4.14
C PHE A 88 -4.67 5.09 4.71
N GLU A 89 -5.97 4.87 4.71
CA GLU A 89 -6.61 3.69 5.27
C GLU A 89 -7.71 3.27 4.29
N ALA A 90 -7.82 1.98 4.01
CA ALA A 90 -9.00 1.39 3.42
C ALA A 90 -9.38 0.13 4.18
N GLY A 91 -10.68 -0.13 4.24
CA GLY A 91 -11.30 -1.17 5.03
C GLY A 91 -12.80 -0.97 5.05
N TYR A 92 -13.52 -1.94 5.59
CA TYR A 92 -14.98 -1.88 5.63
C TYR A 92 -15.46 -1.11 6.87
N ASP A 93 -16.75 -0.83 6.94
CA ASP A 93 -17.34 -0.20 8.12
C ASP A 93 -17.33 -1.19 9.28
N GLU A 94 -17.36 -0.67 10.51
CA GLU A 94 -17.29 -1.37 11.79
C GLU A 94 -16.17 -2.42 11.92
N SER A 95 -15.18 -2.44 11.02
CA SER A 95 -14.13 -3.44 10.94
C SER A 95 -12.76 -2.79 10.83
N GLU A 96 -11.70 -3.59 10.95
CA GLU A 96 -10.33 -3.12 10.78
C GLU A 96 -10.00 -2.88 9.30
N PRO A 97 -9.02 -2.01 9.01
CA PRO A 97 -8.53 -1.82 7.65
C PRO A 97 -7.63 -2.99 7.21
N SER A 98 -7.18 -2.95 5.96
CA SER A 98 -6.22 -3.91 5.42
C SER A 98 -5.29 -3.29 4.35
N LEU A 99 -5.41 -1.99 4.06
CA LEU A 99 -4.56 -1.24 3.15
C LEU A 99 -4.14 0.03 3.89
N ARG A 100 -2.87 0.10 4.31
CA ARG A 100 -2.32 1.18 5.14
C ARG A 100 -1.17 1.81 4.35
N VAL A 101 -1.15 3.12 4.17
CA VAL A 101 -0.10 3.81 3.42
C VAL A 101 0.30 5.09 4.16
N VAL A 102 1.45 5.06 4.82
CA VAL A 102 1.99 6.25 5.46
C VAL A 102 2.67 7.12 4.42
N PHE A 103 2.34 8.41 4.44
CA PHE A 103 3.00 9.41 3.59
C PHE A 103 3.69 10.42 4.50
N GLU A 104 4.83 10.92 4.04
CA GLU A 104 5.58 11.99 4.68
C GLU A 104 6.05 12.93 3.59
N LEU A 105 6.20 14.22 3.93
CA LEU A 105 6.60 15.29 3.03
C LEU A 105 7.82 15.97 3.62
N THR A 106 8.98 15.83 2.98
CA THR A 106 10.23 16.48 3.36
C THR A 106 10.84 17.02 2.07
N ASP A 107 11.58 18.12 2.14
CA ASP A 107 12.20 18.76 0.96
C ASP A 107 11.14 19.24 -0.04
N GLY A 108 9.85 19.29 0.37
CA GLY A 108 8.74 19.57 -0.53
C GLY A 108 8.35 18.37 -1.40
N LYS A 109 8.93 17.18 -1.19
CA LYS A 109 8.63 15.99 -1.99
C LYS A 109 8.00 14.95 -1.07
N TRP A 110 6.91 14.34 -1.51
CA TRP A 110 6.30 13.23 -0.77
C TRP A 110 7.15 11.98 -0.96
N TYR A 111 7.14 11.10 0.06
CA TYR A 111 7.80 9.80 0.06
C TYR A 111 6.97 8.85 0.92
N VAL A 112 6.66 7.61 0.45
CA VAL A 112 5.86 6.65 1.20
C VAL A 112 6.77 5.89 2.17
N THR A 113 6.46 5.84 3.47
CA THR A 113 7.38 5.33 4.49
C THR A 113 6.95 3.99 5.11
N ASP A 114 5.70 3.57 4.90
CA ASP A 114 5.17 2.32 5.48
C ASP A 114 4.19 1.65 4.50
N CYS A 115 3.84 0.37 4.72
CA CYS A 115 2.89 -0.35 3.89
C CYS A 115 2.20 -1.44 4.70
N TYR A 116 0.94 -1.69 4.34
CA TYR A 116 0.12 -2.84 4.69
C TYR A 116 -0.66 -3.16 3.42
N ASN A 117 -0.76 -4.44 3.05
CA ASN A 117 -1.51 -4.92 1.90
C ASN A 117 -1.97 -6.35 2.23
N ASP A 118 -3.11 -6.78 1.71
CA ASP A 118 -3.61 -8.14 1.92
C ASP A 118 -2.87 -9.20 1.09
N TRP A 119 -2.06 -8.82 0.09
CA TRP A 119 -1.15 -9.73 -0.62
C TRP A 119 -0.22 -10.52 0.31
N TYR A 120 0.05 -10.02 1.51
CA TYR A 120 0.76 -10.78 2.54
C TYR A 120 -0.01 -10.60 3.86
N ASN A 121 -1.33 -10.81 3.82
CA ASN A 121 -2.21 -10.88 4.99
C ASN A 121 -1.86 -12.11 5.85
N PHE A 122 -2.51 -12.23 7.02
CA PHE A 122 -2.20 -13.23 8.03
C PHE A 122 -2.41 -14.68 7.58
N ASP A 123 -3.34 -14.94 6.66
CA ASP A 123 -3.80 -16.25 6.19
C ASP A 123 -2.81 -16.87 5.17
N LEU A 124 -1.51 -16.58 5.32
CA LEU A 124 -0.46 -16.81 4.33
C LEU A 124 0.75 -17.47 5.02
N PRO A 125 0.81 -18.81 5.15
CA PRO A 125 1.91 -19.47 5.82
C PRO A 125 3.21 -19.22 5.04
N ILE A 126 4.31 -19.05 5.75
CA ILE A 126 5.60 -18.66 5.14
C ILE A 126 6.02 -19.67 4.07
N ASN A 127 5.57 -20.93 4.17
CA ASN A 127 5.89 -21.98 3.20
C ASN A 127 5.45 -21.63 1.77
N GLU A 128 4.36 -20.89 1.59
CA GLU A 128 3.76 -20.59 0.28
C GLU A 128 4.14 -19.19 -0.23
N LEU A 129 4.75 -18.38 0.63
CA LEU A 129 4.92 -16.94 0.47
C LEU A 129 5.73 -16.59 -0.77
N GLU A 130 6.83 -17.28 -1.00
CA GLU A 130 7.72 -17.02 -2.12
C GLU A 130 7.02 -17.22 -3.49
N GLU A 131 5.93 -17.98 -3.55
CA GLU A 131 5.04 -18.03 -4.69
C GLU A 131 4.08 -16.84 -4.71
N THR A 132 3.59 -16.37 -3.57
CA THR A 132 2.73 -15.21 -3.51
C THR A 132 3.46 -13.96 -3.98
N ILE A 133 4.74 -13.86 -3.62
CA ILE A 133 5.60 -12.79 -4.10
C ILE A 133 5.58 -12.80 -5.63
N GLN A 134 5.80 -13.95 -6.24
CA GLN A 134 6.02 -14.01 -7.67
C GLN A 134 4.70 -13.69 -8.41
N ALA A 135 3.58 -14.12 -7.85
CA ALA A 135 2.25 -13.86 -8.36
C ALA A 135 1.92 -12.37 -8.38
N VAL A 136 2.25 -11.61 -7.33
CA VAL A 136 2.01 -10.17 -7.38
C VAL A 136 2.86 -9.51 -8.45
N GLN A 137 4.02 -10.09 -8.76
CA GLN A 137 4.91 -9.55 -9.77
C GLN A 137 4.35 -9.85 -11.17
N GLU A 138 3.49 -10.87 -11.36
CA GLU A 138 2.74 -11.08 -12.60
C GLU A 138 1.84 -9.85 -12.85
N GLU A 139 0.92 -9.61 -11.93
CA GLU A 139 -0.04 -8.49 -11.98
C GLU A 139 0.68 -7.16 -12.16
N ASN A 140 1.80 -6.98 -11.45
CA ASN A 140 2.63 -5.78 -11.53
C ASN A 140 3.12 -5.53 -12.94
N LYS A 141 3.56 -6.54 -13.70
CA LYS A 141 4.04 -6.35 -15.07
C LYS A 141 2.91 -5.80 -15.93
N ALA A 142 1.74 -6.43 -15.83
CA ALA A 142 0.56 -6.05 -16.58
C ALA A 142 0.15 -4.61 -16.27
N PHE A 143 0.44 -4.10 -15.08
CA PHE A 143 0.26 -2.70 -14.71
C PHE A 143 1.36 -1.87 -15.36
N GLU A 144 2.63 -2.08 -14.98
CA GLU A 144 3.71 -1.14 -15.31
C GLU A 144 4.00 -1.02 -16.80
N GLU A 145 3.71 -2.06 -17.59
CA GLU A 145 3.87 -2.03 -19.04
C GLU A 145 2.97 -0.98 -19.72
N LEU A 146 1.91 -0.58 -19.01
CA LEU A 146 0.77 0.23 -19.49
C LEU A 146 0.50 1.45 -18.61
N HIS A 147 1.28 1.61 -17.53
CA HIS A 147 1.27 2.76 -16.61
C HIS A 147 2.60 3.54 -16.67
N PRO A 148 2.89 4.26 -17.78
CA PRO A 148 4.13 5.00 -18.00
C PRO A 148 4.16 6.35 -17.30
N GLY A 1 12.12 28.63 0.15
CA GLY A 1 11.16 28.14 -0.84
C GLY A 1 10.16 27.22 -0.17
N ALA A 2 8.97 27.09 -0.76
CA ALA A 2 7.87 26.27 -0.24
C ALA A 2 7.02 25.67 -1.35
N GLU A 3 7.57 25.53 -2.54
CA GLU A 3 7.03 24.73 -3.63
C GLU A 3 7.15 23.26 -3.26
N GLU A 4 6.09 22.69 -2.69
CA GLU A 4 6.03 21.25 -2.46
C GLU A 4 5.20 20.59 -3.54
N GLU A 5 5.32 19.27 -3.63
CA GLU A 5 4.33 18.45 -4.31
C GLU A 5 3.07 18.37 -3.44
N ASP A 6 1.93 18.09 -4.05
CA ASP A 6 0.62 18.35 -3.45
C ASP A 6 -0.19 17.07 -3.29
N PHE A 7 -1.00 16.98 -2.24
CA PHE A 7 -1.76 15.79 -1.83
C PHE A 7 -2.63 15.21 -2.96
N LYS A 8 -3.11 16.05 -3.88
CA LYS A 8 -3.83 15.62 -5.07
C LYS A 8 -2.81 15.16 -6.11
N THR A 9 -1.96 16.08 -6.54
CA THR A 9 -1.10 15.92 -7.69
C THR A 9 -0.09 14.77 -7.52
N PHE A 10 0.46 14.54 -6.32
CA PHE A 10 1.42 13.47 -6.09
C PHE A 10 0.72 12.13 -6.37
N LEU A 11 -0.57 12.04 -6.06
CA LEU A 11 -1.36 10.82 -6.08
C LEU A 11 -1.72 10.46 -7.51
N GLN A 12 -2.12 11.43 -8.33
CA GLN A 12 -2.35 11.20 -9.76
C GLN A 12 -1.09 10.62 -10.42
N LYS A 13 0.09 11.13 -10.04
CA LYS A 13 1.36 10.64 -10.55
C LYS A 13 1.61 9.21 -10.05
N PHE A 14 1.45 8.99 -8.74
CA PHE A 14 1.61 7.69 -8.09
C PHE A 14 0.75 6.61 -8.77
N THR A 15 -0.54 6.87 -8.94
CA THR A 15 -1.55 5.90 -9.39
C THR A 15 -1.53 5.65 -10.91
N SER A 16 -0.71 6.36 -11.69
CA SER A 16 -0.66 6.25 -13.14
C SER A 16 0.79 6.08 -13.65
N SER A 17 1.76 5.86 -12.76
CA SER A 17 3.13 5.54 -13.12
C SER A 17 3.71 4.57 -12.10
N ALA A 18 3.75 3.28 -12.44
CA ALA A 18 4.40 2.22 -11.66
C ALA A 18 5.84 2.59 -11.33
N SER A 19 6.56 3.19 -12.28
CA SER A 19 7.94 3.60 -12.03
C SER A 19 7.97 4.69 -10.96
N PHE A 20 7.18 5.75 -11.13
CA PHE A 20 7.09 6.86 -10.18
C PHE A 20 6.74 6.33 -8.79
N GLN A 21 5.78 5.39 -8.71
CA GLN A 21 5.33 4.77 -7.48
C GLN A 21 6.54 4.19 -6.74
N TYR A 22 7.34 3.34 -7.40
CA TYR A 22 8.56 2.78 -6.84
C TYR A 22 9.55 3.89 -6.42
N SER A 23 9.75 4.89 -7.26
CA SER A 23 10.58 6.07 -7.01
C SER A 23 10.02 6.97 -5.89
N ARG A 24 8.93 6.58 -5.20
CA ARG A 24 8.32 7.34 -4.12
C ARG A 24 8.28 6.52 -2.83
N ILE A 25 8.93 5.36 -2.72
CA ILE A 25 8.79 4.46 -1.57
C ILE A 25 10.17 4.16 -1.00
N LYS A 26 10.32 4.28 0.33
CA LYS A 26 11.52 3.89 1.06
C LYS A 26 11.50 2.38 1.19
N PHE A 27 12.68 1.78 1.11
CA PHE A 27 12.87 0.35 1.30
C PHE A 27 14.05 0.14 2.28
N PRO A 28 13.88 -0.69 3.32
CA PRO A 28 12.64 -1.38 3.69
C PRO A 28 11.63 -0.39 4.30
N LEU A 29 10.41 -0.87 4.54
CA LEU A 29 9.37 -0.12 5.25
C LEU A 29 9.52 -0.36 6.74
N LYS A 30 8.90 0.48 7.57
CA LYS A 30 8.97 0.35 9.02
C LYS A 30 8.30 -0.94 9.49
N SER A 31 6.98 -1.03 9.34
CA SER A 31 6.11 -2.21 9.42
C SER A 31 6.69 -3.43 8.68
N PRO A 32 7.50 -4.31 9.29
CA PRO A 32 7.94 -5.52 8.60
C PRO A 32 6.72 -6.36 8.20
N ILE A 33 6.92 -7.33 7.32
CA ILE A 33 5.95 -8.42 7.18
C ILE A 33 6.17 -9.30 8.40
N ALA A 34 5.10 -9.75 9.05
CA ALA A 34 5.15 -10.64 10.20
C ALA A 34 4.18 -11.77 9.90
N LEU A 35 4.64 -13.03 9.96
CA LEU A 35 3.86 -14.21 9.60
C LEU A 35 4.11 -15.29 10.67
N LEU A 36 3.57 -16.49 10.48
CA LEU A 36 3.59 -17.56 11.47
C LEU A 36 4.27 -18.80 10.90
N LYS A 37 5.26 -19.33 11.63
CA LYS A 37 6.06 -20.46 11.16
C LYS A 37 5.36 -21.81 11.32
N ASP A 38 6.12 -22.85 11.03
CA ASP A 38 5.87 -24.28 11.11
C ASP A 38 5.63 -24.80 12.54
N ASP A 39 5.49 -23.95 13.56
CA ASP A 39 5.09 -24.33 14.91
C ASP A 39 3.99 -23.35 15.33
N GLY A 40 2.90 -23.33 14.56
CA GLY A 40 1.72 -22.50 14.74
C GLY A 40 2.07 -21.05 15.05
N GLU A 41 1.89 -20.62 16.30
CA GLU A 41 2.08 -19.25 16.74
C GLU A 41 3.55 -18.98 17.07
N THR A 42 4.39 -19.19 16.08
CA THR A 42 5.81 -18.91 16.11
C THR A 42 6.08 -17.59 15.39
N GLU A 43 6.64 -16.64 16.13
CA GLU A 43 6.99 -15.31 15.64
C GLU A 43 7.96 -15.40 14.46
N GLN A 44 7.75 -14.52 13.48
CA GLN A 44 8.55 -14.41 12.27
C GLN A 44 8.46 -12.97 11.79
N THR A 45 9.53 -12.42 11.22
CA THR A 45 9.59 -11.08 10.66
C THR A 45 10.45 -11.04 9.41
N PHE A 46 10.00 -10.26 8.43
CA PHE A 46 10.58 -10.17 7.11
C PHE A 46 10.78 -8.70 6.73
N PRO A 47 11.87 -8.39 6.00
CA PRO A 47 12.18 -7.05 5.58
C PRO A 47 11.28 -6.68 4.40
N PHE A 48 10.41 -5.69 4.59
CA PHE A 48 9.45 -5.29 3.58
C PHE A 48 10.14 -4.40 2.53
N THR A 49 10.94 -5.04 1.66
CA THR A 49 11.75 -4.42 0.62
C THR A 49 10.90 -4.03 -0.60
N ARG A 50 11.53 -3.42 -1.62
CA ARG A 50 10.88 -2.98 -2.85
C ARG A 50 10.35 -4.16 -3.69
N GLU A 51 10.93 -5.33 -3.49
CA GLU A 51 10.83 -6.57 -4.28
C GLU A 51 9.49 -7.31 -4.14
N LYS A 52 8.51 -6.67 -3.49
CA LYS A 52 7.31 -7.29 -2.90
C LYS A 52 6.23 -6.21 -2.72
N TRP A 53 6.34 -5.08 -3.40
CA TRP A 53 5.30 -4.04 -3.43
C TRP A 53 4.18 -4.47 -4.40
N ALA A 54 3.15 -3.64 -4.59
CA ALA A 54 2.16 -3.76 -5.64
C ALA A 54 1.43 -2.46 -5.83
N LEU A 55 0.93 -2.32 -7.04
CA LEU A 55 0.65 -1.03 -7.61
C LEU A 55 -0.81 -0.75 -7.40
N LEU A 56 -1.09 0.20 -6.51
CA LEU A 56 -2.45 0.57 -6.11
C LEU A 56 -3.05 1.40 -7.25
N ASP A 57 -4.35 1.29 -7.51
CA ASP A 57 -4.98 2.02 -8.61
C ASP A 57 -5.43 3.41 -8.13
N GLU A 58 -5.91 4.24 -9.06
CA GLU A 58 -6.38 5.58 -8.76
C GLU A 58 -7.67 5.59 -7.94
N GLU A 59 -8.59 4.67 -8.23
CA GLU A 59 -9.77 4.44 -7.41
C GLU A 59 -9.39 3.97 -6.02
N THR A 60 -8.32 3.16 -5.91
CA THR A 60 -7.89 2.57 -4.66
C THR A 60 -7.52 3.65 -3.67
N LEU A 61 -6.66 4.62 -4.05
CA LEU A 61 -6.07 5.53 -3.08
C LEU A 61 -6.94 6.74 -2.82
N LYS A 62 -8.25 6.58 -3.01
CA LYS A 62 -9.17 7.67 -3.12
C LYS A 62 -10.06 7.70 -1.90
N GLU A 63 -10.40 8.90 -1.50
CA GLU A 63 -11.30 9.10 -0.38
C GLU A 63 -12.72 8.78 -0.84
N GLY A 64 -13.49 8.17 0.04
CA GLY A 64 -14.92 8.04 -0.10
C GLY A 64 -15.38 6.73 0.53
N ARG A 65 -16.52 6.25 0.05
CA ARG A 65 -16.89 4.85 0.18
C ARG A 65 -17.25 4.38 -1.23
N THR A 66 -16.86 3.17 -1.57
CA THR A 66 -17.32 2.48 -2.75
C THR A 66 -18.80 2.15 -2.53
N THR A 67 -19.50 1.70 -3.57
CA THR A 67 -20.63 0.82 -3.43
C THR A 67 -20.33 -0.30 -4.42
N GLU A 68 -20.27 -1.55 -3.97
CA GLU A 68 -20.24 -2.67 -4.88
C GLU A 68 -21.55 -2.69 -5.65
N GLU A 69 -21.52 -3.35 -6.79
CA GLU A 69 -22.70 -3.66 -7.60
C GLU A 69 -23.39 -4.96 -7.10
N GLU A 70 -23.06 -5.38 -5.87
CA GLU A 70 -23.44 -6.67 -5.31
C GLU A 70 -23.44 -6.58 -3.77
N GLY A 71 -23.86 -5.44 -3.23
CA GLY A 71 -24.13 -5.27 -1.81
C GLY A 71 -22.86 -5.32 -0.97
N GLY A 72 -22.05 -4.27 -1.04
CA GLY A 72 -20.87 -4.10 -0.23
C GLY A 72 -20.48 -2.62 -0.21
N THR A 73 -19.76 -2.22 0.83
CA THR A 73 -19.28 -0.87 1.03
C THR A 73 -17.82 -0.99 1.46
N TYR A 74 -16.89 -0.88 0.51
CA TYR A 74 -15.51 -0.57 0.88
C TYR A 74 -15.46 0.90 1.32
N ILE A 75 -14.56 1.25 2.22
CA ILE A 75 -14.32 2.62 2.66
C ILE A 75 -12.83 2.87 2.52
N SER A 76 -12.48 4.12 2.23
CA SER A 76 -11.11 4.56 2.14
C SER A 76 -11.07 6.06 2.48
N HIS A 77 -10.04 6.51 3.19
CA HIS A 77 -9.77 7.94 3.44
C HIS A 77 -8.37 8.09 4.03
N PHE A 78 -7.90 9.33 4.11
CA PHE A 78 -6.82 9.71 4.99
C PHE A 78 -7.42 10.02 6.37
N THR A 79 -6.66 9.82 7.44
CA THR A 79 -7.15 9.86 8.82
C THR A 79 -6.53 11.02 9.63
N VAL A 80 -5.80 11.92 9.00
CA VAL A 80 -4.96 12.93 9.65
C VAL A 80 -4.77 14.08 8.66
N ASN A 81 -5.01 15.33 9.07
CA ASN A 81 -4.90 16.47 8.17
C ASN A 81 -3.81 17.42 8.67
N GLU A 82 -2.60 16.92 8.79
CA GLU A 82 -1.40 17.75 8.98
C GLU A 82 -0.86 18.09 7.59
N PRO A 83 -0.07 19.18 7.44
CA PRO A 83 0.46 19.58 6.14
C PRO A 83 1.38 18.51 5.55
N ALA A 84 2.41 18.07 6.28
CA ALA A 84 3.50 17.27 5.73
C ALA A 84 3.37 15.78 6.03
N HIS A 85 2.36 15.37 6.80
CA HIS A 85 2.38 14.10 7.50
C HIS A 85 0.97 13.54 7.47
N LYS A 86 0.65 12.63 6.56
CA LYS A 86 -0.69 12.06 6.50
C LYS A 86 -0.61 10.55 6.32
N GLU A 87 -1.74 9.86 6.50
CA GLU A 87 -1.85 8.42 6.29
C GLU A 87 -2.93 8.18 5.23
N PHE A 88 -3.17 6.92 4.89
CA PHE A 88 -4.36 6.48 4.20
C PHE A 88 -4.75 5.09 4.71
N GLU A 89 -6.04 4.81 4.81
CA GLU A 89 -6.63 3.67 5.50
C GLU A 89 -7.83 3.19 4.66
N ALA A 90 -7.94 1.89 4.37
CA ALA A 90 -9.13 1.30 3.77
C ALA A 90 -9.49 -0.03 4.41
N GLY A 91 -10.77 -0.23 4.67
CA GLY A 91 -11.40 -1.50 5.05
C GLY A 91 -12.89 -1.41 4.74
N TYR A 92 -13.58 -2.54 4.69
CA TYR A 92 -15.03 -2.55 4.50
C TYR A 92 -15.77 -1.99 5.73
N ASP A 93 -17.02 -1.59 5.51
CA ASP A 93 -17.85 -0.90 6.51
C ASP A 93 -18.46 -1.84 7.54
N GLU A 94 -17.72 -2.91 7.87
CA GLU A 94 -18.01 -3.86 8.94
C GLU A 94 -16.73 -4.44 9.56
N SER A 95 -15.51 -4.07 9.10
CA SER A 95 -14.26 -4.63 9.62
C SER A 95 -13.16 -3.57 9.71
N GLU A 96 -11.96 -4.01 10.09
CA GLU A 96 -10.74 -3.23 10.27
C GLU A 96 -10.16 -2.86 8.89
N PRO A 97 -9.22 -1.90 8.81
CA PRO A 97 -8.45 -1.67 7.61
C PRO A 97 -7.42 -2.76 7.35
N SER A 98 -7.47 -3.34 6.14
CA SER A 98 -6.44 -4.25 5.61
C SER A 98 -5.42 -3.50 4.73
N LEU A 99 -5.66 -2.23 4.42
CA LEU A 99 -4.81 -1.47 3.50
C LEU A 99 -4.45 -0.18 4.23
N ARG A 100 -3.19 -0.05 4.63
CA ARG A 100 -2.69 1.08 5.41
C ARG A 100 -1.40 1.59 4.79
N VAL A 101 -1.20 2.90 4.76
CA VAL A 101 -0.10 3.58 4.08
C VAL A 101 0.23 4.82 4.94
N VAL A 102 1.50 5.22 4.97
CA VAL A 102 1.94 6.49 5.58
C VAL A 102 2.67 7.31 4.53
N PHE A 103 2.54 8.64 4.61
CA PHE A 103 3.05 9.62 3.67
C PHE A 103 3.86 10.67 4.43
N GLU A 104 5.17 10.71 4.19
CA GLU A 104 6.09 11.69 4.76
C GLU A 104 6.51 12.64 3.65
N LEU A 105 6.13 13.92 3.76
CA LEU A 105 6.58 14.99 2.90
C LEU A 105 7.95 15.44 3.36
N THR A 106 8.99 15.16 2.59
CA THR A 106 10.39 15.41 2.95
C THR A 106 11.05 16.10 1.76
N ASP A 107 11.78 17.21 1.98
CA ASP A 107 12.41 18.02 0.94
C ASP A 107 11.37 18.61 -0.03
N GLY A 108 10.09 18.65 0.36
CA GLY A 108 8.98 19.06 -0.48
C GLY A 108 8.47 17.94 -1.38
N LYS A 109 8.98 16.72 -1.25
CA LYS A 109 8.54 15.57 -2.03
C LYS A 109 7.84 14.59 -1.10
N TRP A 110 6.62 14.21 -1.43
CA TRP A 110 5.93 13.13 -0.75
C TRP A 110 6.73 11.84 -0.95
N TYR A 111 6.83 10.99 0.06
CA TYR A 111 7.60 9.75 0.09
C TYR A 111 6.87 8.77 1.03
N VAL A 112 6.44 7.60 0.54
CA VAL A 112 5.85 6.55 1.37
C VAL A 112 6.91 5.95 2.30
N THR A 113 6.61 5.68 3.57
CA THR A 113 7.60 5.10 4.48
C THR A 113 7.10 3.85 5.23
N ASP A 114 5.80 3.56 5.21
CA ASP A 114 5.19 2.44 5.91
C ASP A 114 3.97 1.94 5.13
N CYS A 115 3.62 0.66 5.29
CA CYS A 115 2.65 -0.06 4.47
C CYS A 115 2.11 -1.25 5.29
N TYR A 116 0.86 -1.59 5.03
CA TYR A 116 0.19 -2.82 5.44
C TYR A 116 -0.70 -3.19 4.26
N ASN A 117 -0.50 -4.36 3.66
CA ASN A 117 -1.28 -4.88 2.54
C ASN A 117 -1.66 -6.34 2.84
N ASP A 118 -2.90 -6.70 2.54
CA ASP A 118 -3.44 -8.04 2.74
C ASP A 118 -2.65 -9.14 2.01
N TRP A 119 -1.91 -8.79 0.95
CA TRP A 119 -0.99 -9.68 0.23
C TRP A 119 -0.05 -10.47 1.16
N TYR A 120 0.28 -9.94 2.34
CA TYR A 120 1.17 -10.61 3.29
C TYR A 120 0.52 -10.59 4.69
N ASN A 121 -0.80 -10.79 4.74
CA ASN A 121 -1.55 -10.90 6.00
C ASN A 121 -1.24 -12.22 6.72
N PHE A 122 -1.71 -12.35 7.96
CA PHE A 122 -1.41 -13.48 8.83
C PHE A 122 -1.85 -14.85 8.29
N ASP A 123 -2.81 -14.95 7.37
CA ASP A 123 -3.25 -16.20 6.74
C ASP A 123 -2.21 -16.81 5.77
N LEU A 124 -1.01 -16.23 5.72
CA LEU A 124 0.00 -16.48 4.71
C LEU A 124 1.20 -17.23 5.30
N PRO A 125 1.19 -18.57 5.36
CA PRO A 125 2.33 -19.32 5.89
C PRO A 125 3.53 -19.21 4.93
N ILE A 126 4.74 -19.27 5.49
CA ILE A 126 5.99 -19.00 4.79
C ILE A 126 6.27 -20.07 3.72
N ASN A 127 5.70 -21.26 3.87
CA ASN A 127 5.87 -22.34 2.90
C ASN A 127 5.18 -22.05 1.57
N GLU A 128 4.22 -21.11 1.53
CA GLU A 128 3.52 -20.70 0.30
C GLU A 128 3.88 -19.28 -0.12
N LEU A 129 4.56 -18.51 0.75
CA LEU A 129 4.97 -17.13 0.51
C LEU A 129 5.74 -16.96 -0.78
N GLU A 130 6.48 -17.99 -1.15
CA GLU A 130 7.31 -18.00 -2.33
C GLU A 130 6.47 -17.85 -3.61
N GLU A 131 5.22 -18.30 -3.64
CA GLU A 131 4.30 -18.05 -4.73
C GLU A 131 3.53 -16.75 -4.50
N THR A 132 3.24 -16.35 -3.26
CA THR A 132 2.50 -15.13 -2.98
C THR A 132 3.22 -13.93 -3.58
N ILE A 133 4.54 -13.92 -3.41
CA ILE A 133 5.42 -12.90 -3.94
C ILE A 133 5.36 -12.88 -5.47
N GLN A 134 5.28 -14.05 -6.12
CA GLN A 134 5.33 -14.09 -7.58
C GLN A 134 3.97 -13.76 -8.19
N ALA A 135 2.91 -14.11 -7.49
CA ALA A 135 1.52 -13.84 -7.83
C ALA A 135 1.28 -12.33 -7.85
N VAL A 136 1.77 -11.59 -6.87
CA VAL A 136 1.64 -10.14 -6.92
C VAL A 136 2.37 -9.56 -8.13
N GLN A 137 3.51 -10.13 -8.50
CA GLN A 137 4.31 -9.63 -9.61
C GLN A 137 3.65 -9.96 -10.96
N GLU A 138 2.78 -10.98 -11.03
CA GLU A 138 1.87 -11.19 -12.17
C GLU A 138 0.92 -10.01 -12.26
N GLU A 139 0.22 -9.72 -11.17
CA GLU A 139 -0.73 -8.60 -11.12
C GLU A 139 -0.01 -7.27 -11.39
N ASN A 140 1.28 -7.17 -11.06
CA ASN A 140 2.10 -6.00 -11.31
C ASN A 140 2.27 -5.74 -12.81
N LYS A 141 2.68 -6.74 -13.61
CA LYS A 141 3.00 -6.52 -15.03
C LYS A 141 1.82 -5.99 -15.82
N ALA A 142 0.60 -6.42 -15.47
CA ALA A 142 -0.63 -5.90 -16.07
C ALA A 142 -0.75 -4.39 -15.82
N PHE A 143 -0.40 -3.94 -14.62
CA PHE A 143 -0.45 -2.53 -14.26
C PHE A 143 0.68 -1.77 -14.95
N GLU A 144 1.95 -2.12 -14.69
CA GLU A 144 3.10 -1.32 -15.11
C GLU A 144 3.21 -1.17 -16.63
N GLU A 145 2.72 -2.14 -17.40
CA GLU A 145 2.77 -2.05 -18.85
C GLU A 145 1.87 -0.92 -19.36
N LEU A 146 0.77 -0.66 -18.67
CA LEU A 146 -0.23 0.33 -19.05
C LEU A 146 -0.09 1.63 -18.26
N HIS A 147 0.60 1.59 -17.13
CA HIS A 147 0.84 2.71 -16.23
C HIS A 147 2.36 2.85 -16.05
N PRO A 148 3.09 3.38 -17.05
CA PRO A 148 4.54 3.50 -16.99
C PRO A 148 4.98 4.48 -15.92
N GLY A 1 7.74 29.26 -0.59
CA GLY A 1 8.87 29.01 0.33
C GLY A 1 9.94 28.22 -0.38
N ALA A 2 9.64 26.96 -0.71
CA ALA A 2 10.28 26.25 -1.79
C ALA A 2 9.21 25.97 -2.84
N GLU A 3 9.48 25.05 -3.75
CA GLU A 3 8.46 24.42 -4.57
C GLU A 3 8.32 23.01 -4.04
N GLU A 4 7.48 22.80 -3.03
CA GLU A 4 7.07 21.47 -2.60
C GLU A 4 6.02 20.91 -3.58
N GLU A 5 5.51 19.71 -3.33
CA GLU A 5 4.54 19.02 -4.16
C GLU A 5 3.23 18.91 -3.37
N ASP A 6 2.11 18.81 -4.07
CA ASP A 6 0.76 19.17 -3.58
C ASP A 6 0.13 18.03 -2.78
N PHE A 7 -1.07 18.21 -2.20
CA PHE A 7 -1.83 17.16 -1.56
C PHE A 7 -2.84 16.47 -2.51
N LYS A 8 -2.93 16.90 -3.77
CA LYS A 8 -3.78 16.26 -4.79
C LYS A 8 -2.94 15.74 -5.95
N THR A 9 -2.28 16.63 -6.70
CA THR A 9 -1.54 16.26 -7.90
C THR A 9 -0.48 15.18 -7.62
N PHE A 10 0.08 15.12 -6.42
CA PHE A 10 1.06 14.13 -6.01
C PHE A 10 0.50 12.72 -6.16
N LEU A 11 -0.79 12.56 -5.85
CA LEU A 11 -1.49 11.29 -5.84
C LEU A 11 -1.71 10.86 -7.28
N GLN A 12 -2.34 11.73 -8.08
CA GLN A 12 -2.61 11.53 -9.50
C GLN A 12 -1.37 11.06 -10.26
N LYS A 13 -0.19 11.58 -9.89
CA LYS A 13 1.10 11.23 -10.46
C LYS A 13 1.53 9.85 -10.00
N PHE A 14 1.50 9.60 -8.69
CA PHE A 14 1.86 8.34 -8.08
C PHE A 14 1.05 7.17 -8.67
N THR A 15 -0.24 7.38 -8.89
CA THR A 15 -1.16 6.40 -9.45
C THR A 15 -1.02 6.27 -10.97
N SER A 16 -0.13 7.03 -11.61
CA SER A 16 -0.02 7.10 -13.07
C SER A 16 1.44 7.27 -13.49
N SER A 17 2.36 6.58 -12.81
CA SER A 17 3.71 6.30 -13.27
C SER A 17 4.33 5.28 -12.33
N ALA A 18 4.48 4.03 -12.77
CA ALA A 18 5.12 2.98 -12.00
C ALA A 18 6.55 3.40 -11.59
N SER A 19 7.31 3.99 -12.52
CA SER A 19 8.67 4.46 -12.24
C SER A 19 8.67 5.47 -11.09
N PHE A 20 7.79 6.46 -11.16
CA PHE A 20 7.66 7.52 -10.16
C PHE A 20 7.22 6.92 -8.82
N GLN A 21 6.21 6.04 -8.81
CA GLN A 21 5.78 5.23 -7.69
C GLN A 21 7.01 4.62 -6.98
N TYR A 22 7.80 3.80 -7.69
CA TYR A 22 9.01 3.18 -7.15
C TYR A 22 9.99 4.23 -6.62
N SER A 23 10.26 5.29 -7.37
CA SER A 23 11.14 6.40 -6.96
C SER A 23 10.62 7.22 -5.76
N ARG A 24 9.43 6.93 -5.20
CA ARG A 24 8.84 7.67 -4.09
C ARG A 24 8.51 6.76 -2.91
N ILE A 25 9.36 5.76 -2.61
CA ILE A 25 9.17 4.88 -1.46
C ILE A 25 10.51 4.78 -0.73
N LYS A 26 10.53 5.14 0.57
CA LYS A 26 11.63 4.75 1.46
C LYS A 26 11.45 3.29 1.79
N PHE A 27 12.56 2.61 2.06
CA PHE A 27 12.56 1.22 2.47
C PHE A 27 13.69 0.97 3.48
N PRO A 28 13.67 -0.15 4.23
CA PRO A 28 12.50 -0.98 4.45
C PRO A 28 11.38 -0.20 5.14
N LEU A 29 10.19 -0.80 5.21
CA LEU A 29 8.99 -0.17 5.74
C LEU A 29 8.85 -0.56 7.20
N LYS A 30 8.08 0.25 7.92
CA LYS A 30 7.94 0.19 9.38
C LYS A 30 7.05 -0.95 9.86
N SER A 31 6.19 -1.49 8.99
CA SER A 31 5.25 -2.57 9.27
C SER A 31 5.77 -3.85 8.60
N PRO A 32 6.64 -4.66 9.25
CA PRO A 32 7.05 -5.93 8.69
C PRO A 32 5.85 -6.88 8.63
N ILE A 33 5.92 -7.83 7.69
CA ILE A 33 4.90 -8.86 7.49
C ILE A 33 5.08 -9.88 8.60
N ALA A 34 3.99 -10.39 9.16
CA ALA A 34 4.02 -11.38 10.24
C ALA A 34 2.97 -12.45 9.96
N LEU A 35 3.42 -13.63 9.54
CA LEU A 35 2.55 -14.77 9.23
C LEU A 35 2.69 -15.87 10.27
N LEU A 36 1.74 -16.79 10.23
CA LEU A 36 1.69 -17.98 11.05
C LEU A 36 2.57 -19.05 10.44
N LYS A 37 3.51 -19.56 11.23
CA LYS A 37 4.27 -20.75 10.90
C LYS A 37 3.38 -21.98 11.06
N ASP A 38 3.99 -23.16 11.03
CA ASP A 38 3.40 -24.47 11.31
C ASP A 38 3.25 -24.72 12.82
N ASP A 39 3.13 -23.69 13.66
CA ASP A 39 2.98 -23.80 15.12
C ASP A 39 1.67 -23.11 15.53
N GLY A 40 0.70 -23.01 14.60
CA GLY A 40 -0.54 -22.28 14.77
C GLY A 40 -0.25 -20.79 15.00
N GLU A 41 -0.45 -20.29 16.22
CA GLU A 41 -0.37 -18.87 16.54
C GLU A 41 1.07 -18.44 16.83
N THR A 42 1.89 -18.54 15.80
CA THR A 42 3.31 -18.24 15.84
C THR A 42 3.56 -16.78 15.52
N GLU A 43 4.41 -16.15 16.33
CA GLU A 43 5.02 -14.87 15.99
C GLU A 43 6.19 -15.18 15.07
N GLN A 44 6.10 -14.71 13.83
CA GLN A 44 7.19 -14.64 12.87
C GLN A 44 7.18 -13.22 12.33
N THR A 45 8.32 -12.71 11.82
CA THR A 45 8.33 -11.50 11.03
C THR A 45 9.22 -11.71 9.81
N PHE A 46 9.00 -10.90 8.76
CA PHE A 46 9.70 -10.95 7.48
C PHE A 46 10.09 -9.50 7.11
N PRO A 47 11.26 -9.29 6.47
CA PRO A 47 11.72 -7.96 6.08
C PRO A 47 10.89 -7.38 4.93
N PHE A 48 10.30 -6.20 5.12
CA PHE A 48 9.55 -5.56 4.05
C PHE A 48 10.51 -4.83 3.12
N THR A 49 10.49 -5.14 1.81
CA THR A 49 11.31 -4.46 0.81
C THR A 49 10.50 -4.21 -0.48
N ARG A 50 11.09 -3.51 -1.44
CA ARG A 50 10.52 -3.19 -2.76
C ARG A 50 10.18 -4.45 -3.54
N GLU A 51 10.91 -5.53 -3.28
CA GLU A 51 10.76 -6.86 -3.87
C GLU A 51 9.39 -7.49 -3.58
N LYS A 52 8.50 -6.83 -2.82
CA LYS A 52 7.19 -7.34 -2.37
C LYS A 52 6.17 -6.18 -2.30
N TRP A 53 6.33 -5.16 -3.15
CA TRP A 53 5.42 -4.02 -3.24
C TRP A 53 4.44 -4.26 -4.40
N ALA A 54 3.13 -4.34 -4.15
CA ALA A 54 2.11 -4.24 -5.19
C ALA A 54 1.98 -2.79 -5.64
N LEU A 55 1.96 -2.53 -6.95
CA LEU A 55 1.62 -1.21 -7.51
C LEU A 55 0.18 -0.87 -7.14
N LEU A 56 -0.18 0.41 -7.26
CA LEU A 56 -1.44 0.93 -6.72
C LEU A 56 -2.04 1.91 -7.74
N ASP A 57 -3.28 1.64 -8.16
CA ASP A 57 -4.00 2.36 -9.20
C ASP A 57 -4.71 3.58 -8.59
N GLU A 58 -5.32 4.41 -9.45
CA GLU A 58 -6.02 5.60 -9.05
C GLU A 58 -7.34 5.32 -8.35
N GLU A 59 -8.06 4.26 -8.74
CA GLU A 59 -9.18 3.74 -7.97
C GLU A 59 -8.72 3.10 -6.65
N THR A 60 -7.47 2.65 -6.55
CA THR A 60 -6.97 2.07 -5.31
C THR A 60 -6.80 3.19 -4.28
N LEU A 61 -6.06 4.25 -4.60
CA LEU A 61 -5.93 5.41 -3.73
C LEU A 61 -7.09 6.35 -4.09
N LYS A 62 -8.32 5.90 -3.84
CA LYS A 62 -9.49 6.75 -3.85
C LYS A 62 -10.16 6.67 -2.50
N GLU A 63 -10.69 7.81 -2.09
CA GLU A 63 -11.43 8.03 -0.85
C GLU A 63 -12.91 7.85 -1.18
N GLY A 64 -13.61 6.99 -0.45
CA GLY A 64 -15.01 6.68 -0.72
C GLY A 64 -15.52 5.54 0.17
N ARG A 65 -16.83 5.26 0.13
CA ARG A 65 -17.40 4.03 0.65
C ARG A 65 -17.97 3.24 -0.51
N THR A 66 -17.98 1.91 -0.40
CA THR A 66 -18.49 0.99 -1.40
C THR A 66 -19.77 0.33 -0.87
N THR A 67 -20.55 -0.33 -1.72
CA THR A 67 -21.77 -1.04 -1.41
C THR A 67 -21.73 -2.35 -2.18
N GLU A 68 -21.45 -3.46 -1.51
CA GLU A 68 -21.56 -4.80 -2.07
C GLU A 68 -23.05 -5.13 -2.29
N GLU A 69 -23.36 -6.25 -2.96
CA GLU A 69 -24.74 -6.69 -3.18
C GLU A 69 -25.06 -7.96 -2.38
N GLU A 70 -24.07 -8.51 -1.68
CA GLU A 70 -24.18 -9.68 -0.81
C GLU A 70 -23.79 -9.38 0.64
N GLY A 71 -23.74 -8.11 1.04
CA GLY A 71 -23.37 -7.73 2.39
C GLY A 71 -21.89 -7.43 2.45
N GLY A 72 -21.57 -6.14 2.43
CA GLY A 72 -20.23 -5.63 2.51
C GLY A 72 -20.26 -4.13 2.26
N THR A 73 -19.26 -3.45 2.80
CA THR A 73 -19.05 -2.02 2.69
C THR A 73 -17.55 -1.81 2.93
N TYR A 74 -16.80 -1.65 1.85
CA TYR A 74 -15.43 -1.18 1.89
C TYR A 74 -15.44 0.34 2.14
N ILE A 75 -14.49 0.88 2.90
CA ILE A 75 -14.38 2.28 3.27
C ILE A 75 -12.91 2.65 3.19
N SER A 76 -12.59 3.65 2.38
CA SER A 76 -11.24 4.13 2.14
C SER A 76 -11.22 5.63 2.37
N HIS A 77 -10.22 6.17 3.06
CA HIS A 77 -9.95 7.60 3.08
C HIS A 77 -8.49 7.82 3.47
N PHE A 78 -8.13 9.05 3.83
CA PHE A 78 -6.97 9.37 4.62
C PHE A 78 -7.52 10.04 5.88
N THR A 79 -7.13 9.59 7.07
CA THR A 79 -7.59 10.22 8.30
C THR A 79 -6.76 11.51 8.54
N VAL A 80 -5.47 11.46 8.19
CA VAL A 80 -4.45 12.39 8.67
C VAL A 80 -4.37 13.57 7.70
N ASN A 81 -4.66 14.78 8.19
CA ASN A 81 -4.85 15.95 7.34
C ASN A 81 -3.99 17.12 7.83
N GLU A 82 -2.72 17.06 7.45
CA GLU A 82 -1.68 18.04 7.72
C GLU A 82 -1.22 18.64 6.38
N PRO A 83 -0.43 19.73 6.35
CA PRO A 83 0.29 20.11 5.13
C PRO A 83 1.22 19.00 4.59
N ALA A 84 2.03 18.33 5.43
CA ALA A 84 3.23 17.60 4.99
C ALA A 84 3.30 16.11 5.38
N HIS A 85 2.37 15.58 6.19
CA HIS A 85 2.28 14.14 6.50
C HIS A 85 0.82 13.68 6.40
N LYS A 86 0.51 12.62 5.64
CA LYS A 86 -0.83 11.98 5.63
C LYS A 86 -0.63 10.46 5.77
N GLU A 87 -1.73 9.69 5.81
CA GLU A 87 -1.74 8.22 5.85
C GLU A 87 -2.88 7.72 4.92
N PHE A 88 -3.02 6.42 4.57
CA PHE A 88 -4.16 5.87 3.78
C PHE A 88 -4.75 4.66 4.48
N GLU A 89 -5.80 4.86 5.27
CA GLU A 89 -6.56 3.80 5.90
C GLU A 89 -7.69 3.36 4.96
N ALA A 90 -7.72 2.09 4.59
CA ALA A 90 -8.90 1.48 3.98
C ALA A 90 -9.12 0.09 4.57
N GLY A 91 -10.37 -0.37 4.54
CA GLY A 91 -10.79 -1.66 5.01
C GLY A 91 -12.30 -1.78 4.90
N TYR A 92 -12.84 -2.95 5.21
CA TYR A 92 -14.27 -3.07 5.46
C TYR A 92 -14.56 -2.65 6.88
N ASP A 93 -15.79 -2.20 7.11
CA ASP A 93 -16.31 -2.04 8.46
C ASP A 93 -16.46 -3.44 9.09
N GLU A 94 -16.70 -3.50 10.39
CA GLU A 94 -16.83 -4.72 11.19
C GLU A 94 -15.50 -5.51 11.32
N SER A 95 -14.48 -5.23 10.49
CA SER A 95 -13.15 -5.81 10.55
C SER A 95 -12.11 -4.72 10.82
N GLU A 96 -10.85 -5.12 10.88
CA GLU A 96 -9.72 -4.22 10.85
C GLU A 96 -9.45 -3.75 9.41
N PRO A 97 -8.77 -2.61 9.24
CA PRO A 97 -8.26 -2.12 7.96
C PRO A 97 -7.16 -3.01 7.35
N SER A 98 -6.97 -2.88 6.04
CA SER A 98 -6.07 -3.67 5.18
C SER A 98 -5.03 -2.78 4.47
N LEU A 99 -5.11 -1.47 4.70
CA LEU A 99 -4.39 -0.36 4.08
C LEU A 99 -4.17 0.59 5.23
N ARG A 100 -2.93 1.03 5.35
CA ARG A 100 -2.48 1.98 6.37
C ARG A 100 -1.14 2.51 5.90
N VAL A 101 -1.21 3.20 4.77
CA VAL A 101 -0.03 3.60 4.04
C VAL A 101 0.46 4.90 4.73
N VAL A 102 1.73 5.30 4.62
CA VAL A 102 2.19 6.57 5.19
C VAL A 102 2.99 7.32 4.16
N PHE A 103 2.51 8.51 3.78
CA PHE A 103 3.15 9.45 2.88
C PHE A 103 3.64 10.67 3.65
N GLU A 104 4.92 11.01 3.48
CA GLU A 104 5.59 12.11 4.18
C GLU A 104 6.35 12.93 3.15
N LEU A 105 6.08 14.24 3.13
CA LEU A 105 6.68 15.25 2.28
C LEU A 105 8.04 15.63 2.87
N THR A 106 9.13 15.22 2.24
CA THR A 106 10.48 15.63 2.61
C THR A 106 11.20 16.13 1.36
N ASP A 107 12.02 17.18 1.47
CA ASP A 107 12.81 17.75 0.36
C ASP A 107 11.88 18.30 -0.74
N GLY A 108 10.63 18.58 -0.36
CA GLY A 108 9.55 18.99 -1.23
C GLY A 108 8.83 17.83 -1.92
N LYS A 109 9.22 16.57 -1.73
CA LYS A 109 8.70 15.42 -2.46
C LYS A 109 8.05 14.42 -1.50
N TRP A 110 6.91 13.85 -1.90
CA TRP A 110 6.14 12.92 -1.09
C TRP A 110 6.66 11.49 -1.26
N TYR A 111 7.26 10.92 -0.21
CA TYR A 111 7.64 9.51 -0.20
C TYR A 111 6.66 8.71 0.64
N VAL A 112 6.39 7.47 0.27
CA VAL A 112 5.88 6.47 1.20
C VAL A 112 7.01 6.17 2.20
N THR A 113 6.69 5.98 3.48
CA THR A 113 7.66 5.54 4.49
C THR A 113 7.14 4.35 5.31
N ASP A 114 5.86 3.99 5.23
CA ASP A 114 5.29 2.75 5.76
C ASP A 114 4.14 2.31 4.84
N CYS A 115 3.78 1.02 4.80
CA CYS A 115 2.63 0.52 4.05
C CYS A 115 2.21 -0.85 4.57
N TYR A 116 0.90 -1.00 4.78
CA TYR A 116 0.21 -2.21 5.20
C TYR A 116 -0.62 -2.63 3.99
N ASN A 117 -0.41 -3.80 3.40
CA ASN A 117 -1.00 -4.17 2.11
C ASN A 117 -1.38 -5.64 2.18
N ASP A 118 -2.63 -5.97 1.83
CA ASP A 118 -3.25 -7.12 2.46
C ASP A 118 -2.61 -8.46 2.10
N TRP A 119 -2.55 -8.90 0.82
CA TRP A 119 -1.47 -9.66 0.16
C TRP A 119 -0.83 -10.75 1.01
N TYR A 120 -0.08 -10.31 2.00
CA TYR A 120 0.73 -11.08 2.93
C TYR A 120 0.03 -11.16 4.29
N ASN A 121 -1.23 -11.61 4.26
CA ASN A 121 -2.15 -11.66 5.39
C ASN A 121 -2.01 -13.00 6.11
N PHE A 122 -2.79 -13.18 7.19
CA PHE A 122 -2.78 -14.36 8.05
C PHE A 122 -3.01 -15.67 7.29
N ASP A 123 -3.70 -15.63 6.15
CA ASP A 123 -4.09 -16.80 5.39
C ASP A 123 -2.90 -17.37 4.56
N LEU A 124 -1.69 -16.80 4.65
CA LEU A 124 -0.58 -17.04 3.73
C LEU A 124 0.57 -17.75 4.45
N PRO A 125 0.58 -19.09 4.57
CA PRO A 125 1.65 -19.82 5.23
C PRO A 125 3.00 -19.61 4.52
N ILE A 126 4.10 -19.65 5.28
CA ILE A 126 5.41 -19.32 4.74
C ILE A 126 5.78 -20.28 3.59
N ASN A 127 5.35 -21.54 3.66
CA ASN A 127 5.72 -22.58 2.70
C ASN A 127 5.16 -22.38 1.29
N GLU A 128 4.27 -21.40 1.10
CA GLU A 128 3.69 -21.00 -0.18
C GLU A 128 3.91 -19.48 -0.46
N LEU A 129 4.63 -18.79 0.44
CA LEU A 129 4.85 -17.35 0.42
C LEU A 129 5.63 -16.90 -0.79
N GLU A 130 6.69 -17.63 -1.11
CA GLU A 130 7.55 -17.34 -2.26
C GLU A 130 6.70 -17.25 -3.53
N GLU A 131 5.67 -18.09 -3.67
CA GLU A 131 4.74 -18.06 -4.79
C GLU A 131 3.99 -16.72 -4.84
N THR A 132 3.59 -16.18 -3.69
CA THR A 132 2.87 -14.91 -3.60
C THR A 132 3.77 -13.75 -3.98
N ILE A 133 5.01 -13.73 -3.47
CA ILE A 133 5.99 -12.72 -3.89
C ILE A 133 6.14 -12.75 -5.41
N GLN A 134 6.05 -13.87 -6.11
CA GLN A 134 6.03 -13.84 -7.56
C GLN A 134 4.69 -13.33 -8.10
N ALA A 135 3.55 -13.77 -7.55
CA ALA A 135 2.22 -13.47 -8.10
C ALA A 135 1.94 -11.97 -8.20
N VAL A 136 2.40 -11.17 -7.23
CA VAL A 136 2.16 -9.73 -7.27
C VAL A 136 2.95 -9.05 -8.40
N GLN A 137 3.99 -9.70 -8.90
CA GLN A 137 4.85 -9.15 -9.92
C GLN A 137 4.13 -9.24 -11.27
N GLU A 138 3.24 -10.23 -11.44
CA GLU A 138 2.40 -10.40 -12.62
C GLU A 138 1.43 -9.24 -12.77
N GLU A 139 0.58 -9.00 -11.76
CA GLU A 139 -0.34 -7.87 -11.83
C GLU A 139 0.42 -6.53 -11.97
N ASN A 140 1.60 -6.42 -11.36
CA ASN A 140 2.46 -5.25 -11.47
C ASN A 140 2.94 -5.03 -12.90
N LYS A 141 3.49 -6.04 -13.59
CA LYS A 141 3.98 -5.84 -14.95
C LYS A 141 2.85 -5.41 -15.87
N ALA A 142 1.69 -6.03 -15.70
CA ALA A 142 0.51 -5.75 -16.49
C ALA A 142 0.18 -4.27 -16.39
N PHE A 143 0.24 -3.70 -15.18
CA PHE A 143 0.07 -2.29 -14.91
C PHE A 143 1.20 -1.46 -15.53
N GLU A 144 2.46 -1.66 -15.12
CA GLU A 144 3.53 -0.71 -15.41
C GLU A 144 3.81 -0.60 -16.91
N GLU A 145 3.58 -1.67 -17.66
CA GLU A 145 3.73 -1.71 -19.12
C GLU A 145 2.93 -0.58 -19.78
N LEU A 146 1.73 -0.32 -19.24
CA LEU A 146 0.79 0.70 -19.68
C LEU A 146 0.82 1.95 -18.80
N HIS A 147 1.64 1.99 -17.74
CA HIS A 147 1.74 3.15 -16.85
C HIS A 147 3.18 3.64 -16.70
N PRO A 148 3.76 4.21 -17.79
CA PRO A 148 4.99 4.99 -17.76
C PRO A 148 4.70 6.37 -17.16
N GLY A 1 9.60 29.86 -0.83
CA GLY A 1 8.52 29.86 0.16
C GLY A 1 8.14 28.43 0.49
N ALA A 2 6.86 28.18 0.78
CA ALA A 2 6.26 26.87 0.69
C ALA A 2 6.26 26.48 -0.79
N GLU A 3 7.13 25.55 -1.16
CA GLU A 3 7.24 25.01 -2.50
C GLU A 3 7.31 23.50 -2.35
N GLU A 4 6.12 22.92 -2.25
CA GLU A 4 5.94 21.52 -1.95
C GLU A 4 5.05 20.89 -3.03
N GLU A 5 5.00 19.56 -3.00
CA GLU A 5 4.20 18.70 -3.82
C GLU A 5 2.84 18.57 -3.13
N ASP A 6 1.76 18.46 -3.90
CA ASP A 6 0.40 18.63 -3.38
C ASP A 6 -0.31 17.28 -3.28
N PHE A 7 -1.05 17.04 -2.19
CA PHE A 7 -1.72 15.78 -1.85
C PHE A 7 -2.69 15.26 -2.91
N LYS A 8 -3.24 16.12 -3.78
CA LYS A 8 -4.08 15.71 -4.89
C LYS A 8 -3.20 15.52 -6.12
N THR A 9 -2.45 16.54 -6.51
CA THR A 9 -1.66 16.51 -7.73
C THR A 9 -0.65 15.34 -7.70
N PHE A 10 -0.04 15.05 -6.54
CA PHE A 10 0.97 14.00 -6.45
C PHE A 10 0.27 12.65 -6.63
N LEU A 11 -0.98 12.52 -6.15
CA LEU A 11 -1.80 11.32 -6.24
C LEU A 11 -2.06 10.98 -7.70
N GLN A 12 -2.48 11.99 -8.48
CA GLN A 12 -2.71 11.84 -9.92
C GLN A 12 -1.47 11.28 -10.63
N LYS A 13 -0.28 11.65 -10.17
CA LYS A 13 1.00 11.21 -10.75
C LYS A 13 1.37 9.82 -10.25
N PHE A 14 1.26 9.59 -8.95
CA PHE A 14 1.61 8.36 -8.25
C PHE A 14 0.84 7.17 -8.83
N THR A 15 -0.43 7.38 -9.16
CA THR A 15 -1.34 6.37 -9.69
C THR A 15 -1.10 6.06 -11.19
N SER A 16 -0.21 6.79 -11.86
CA SER A 16 -0.15 6.87 -13.32
C SER A 16 1.25 6.61 -13.87
N SER A 17 2.20 6.17 -13.02
CA SER A 17 3.53 5.76 -13.46
C SER A 17 4.10 4.78 -12.44
N ALA A 18 4.42 3.57 -12.89
CA ALA A 18 5.12 2.57 -12.11
C ALA A 18 6.49 3.08 -11.67
N SER A 19 7.27 3.64 -12.60
CA SER A 19 8.61 4.12 -12.27
C SER A 19 8.56 5.27 -11.26
N PHE A 20 7.65 6.24 -11.42
CA PHE A 20 7.48 7.30 -10.42
C PHE A 20 7.03 6.73 -9.08
N GLN A 21 6.07 5.79 -9.08
CA GLN A 21 5.60 5.09 -7.89
C GLN A 21 6.80 4.52 -7.10
N TYR A 22 7.62 3.69 -7.76
CA TYR A 22 8.81 3.09 -7.16
C TYR A 22 9.77 4.16 -6.66
N SER A 23 9.97 5.24 -7.42
CA SER A 23 10.87 6.34 -7.07
C SER A 23 10.31 7.26 -5.96
N ARG A 24 9.24 6.90 -5.26
CA ARG A 24 8.62 7.70 -4.21
C ARG A 24 8.48 6.91 -2.89
N ILE A 25 9.26 5.85 -2.69
CA ILE A 25 9.17 4.98 -1.52
C ILE A 25 10.56 4.87 -0.88
N LYS A 26 10.63 4.63 0.42
CA LYS A 26 11.85 4.35 1.18
C LYS A 26 11.70 2.93 1.67
N PHE A 27 12.38 2.00 1.03
CA PHE A 27 12.35 0.59 1.47
C PHE A 27 13.59 0.31 2.35
N PRO A 28 13.58 -0.71 3.22
CA PRO A 28 12.39 -1.45 3.62
C PRO A 28 11.59 -0.67 4.66
N LEU A 29 10.35 -1.10 4.84
CA LEU A 29 9.34 -0.33 5.52
C LEU A 29 9.28 -0.69 7.00
N LYS A 30 8.63 0.17 7.75
CA LYS A 30 8.54 0.19 9.20
C LYS A 30 7.55 -0.83 9.76
N SER A 31 6.69 -1.40 8.94
CA SER A 31 5.75 -2.46 9.20
C SER A 31 6.24 -3.67 8.42
N PRO A 32 7.15 -4.50 8.99
CA PRO A 32 7.45 -5.79 8.39
C PRO A 32 6.18 -6.65 8.32
N ILE A 33 6.19 -7.65 7.45
CA ILE A 33 5.12 -8.65 7.32
C ILE A 33 5.31 -9.64 8.46
N ALA A 34 4.26 -10.03 9.17
CA ALA A 34 4.29 -11.07 10.22
C ALA A 34 3.09 -11.96 9.95
N LEU A 35 3.34 -13.26 9.96
CA LEU A 35 2.46 -14.32 9.49
C LEU A 35 2.45 -15.43 10.53
N LEU A 36 1.79 -16.54 10.25
CA LEU A 36 1.70 -17.70 11.13
C LEU A 36 2.48 -18.87 10.52
N LYS A 37 3.48 -19.36 11.24
CA LYS A 37 4.29 -20.52 10.85
C LYS A 37 3.45 -21.79 10.87
N ASP A 38 4.12 -22.90 10.58
CA ASP A 38 3.71 -24.27 10.85
C ASP A 38 3.68 -24.57 12.37
N ASP A 39 3.09 -23.71 13.20
CA ASP A 39 2.75 -24.03 14.59
C ASP A 39 1.51 -23.27 15.08
N GLY A 40 0.71 -22.70 14.16
CA GLY A 40 -0.50 -21.98 14.51
C GLY A 40 -0.17 -20.61 15.08
N GLU A 41 -0.33 -20.41 16.38
CA GLU A 41 -0.16 -19.12 17.06
C GLU A 41 1.33 -18.90 17.36
N THR A 42 2.11 -18.76 16.29
CA THR A 42 3.55 -18.56 16.33
C THR A 42 3.90 -17.12 15.93
N GLU A 43 5.08 -16.66 16.32
CA GLU A 43 5.59 -15.33 15.98
C GLU A 43 6.66 -15.47 14.90
N GLN A 44 6.63 -14.57 13.93
CA GLN A 44 7.66 -14.36 12.93
C GLN A 44 7.59 -12.91 12.45
N THR A 45 8.51 -12.54 11.56
CA THR A 45 8.50 -11.34 10.73
C THR A 45 9.30 -11.57 9.44
N PHE A 46 9.07 -10.76 8.42
CA PHE A 46 9.67 -10.84 7.10
C PHE A 46 10.10 -9.43 6.64
N PRO A 47 11.19 -9.33 5.84
CA PRO A 47 11.70 -8.04 5.38
C PRO A 47 10.80 -7.45 4.31
N PHE A 48 10.17 -6.29 4.58
CA PHE A 48 9.30 -5.64 3.61
C PHE A 48 10.16 -4.82 2.64
N THR A 49 10.74 -5.48 1.64
CA THR A 49 11.57 -4.85 0.61
C THR A 49 10.75 -4.51 -0.65
N ARG A 50 11.40 -4.00 -1.70
CA ARG A 50 10.76 -3.82 -3.01
C ARG A 50 10.31 -5.15 -3.62
N GLU A 51 10.96 -6.27 -3.25
CA GLU A 51 10.84 -7.62 -3.80
C GLU A 51 9.55 -8.31 -3.29
N LYS A 52 8.41 -7.63 -3.41
CA LYS A 52 7.08 -7.95 -2.87
C LYS A 52 6.08 -6.82 -3.12
N TRP A 53 6.50 -5.66 -3.65
CA TRP A 53 5.63 -4.50 -3.79
C TRP A 53 4.51 -4.79 -4.80
N ALA A 54 3.29 -4.37 -4.48
CA ALA A 54 2.14 -4.27 -5.36
C ALA A 54 1.99 -2.83 -5.84
N LEU A 55 1.84 -2.62 -7.15
CA LEU A 55 1.58 -1.31 -7.74
C LEU A 55 0.13 -0.91 -7.48
N LEU A 56 -0.15 0.40 -7.51
CA LEU A 56 -1.40 0.98 -7.04
C LEU A 56 -1.90 2.04 -8.02
N ASP A 57 -3.14 1.88 -8.49
CA ASP A 57 -3.90 2.74 -9.40
C ASP A 57 -4.81 3.73 -8.67
N GLU A 58 -5.55 4.55 -9.41
CA GLU A 58 -6.34 5.64 -8.84
C GLU A 58 -7.61 5.20 -8.12
N GLU A 59 -8.27 4.16 -8.61
CA GLU A 59 -9.47 3.63 -7.95
C GLU A 59 -9.09 2.96 -6.63
N THR A 60 -7.89 2.38 -6.58
CA THR A 60 -7.29 1.87 -5.38
C THR A 60 -6.90 3.04 -4.46
N LEU A 61 -6.26 4.10 -4.96
CA LEU A 61 -5.84 5.24 -4.16
C LEU A 61 -6.89 6.34 -4.27
N LYS A 62 -8.13 6.02 -3.87
CA LYS A 62 -9.23 6.97 -3.87
C LYS A 62 -9.82 7.12 -2.49
N GLU A 63 -10.49 8.23 -2.26
CA GLU A 63 -11.06 8.61 -0.98
C GLU A 63 -12.59 8.55 -1.10
N GLY A 64 -13.24 7.47 -0.64
CA GLY A 64 -14.66 7.22 -0.80
C GLY A 64 -15.12 5.97 -0.07
N ARG A 65 -16.41 5.64 -0.18
CA ARG A 65 -16.92 4.30 0.15
C ARG A 65 -17.29 3.59 -1.14
N THR A 66 -17.18 2.27 -1.11
CA THR A 66 -17.33 1.40 -2.26
C THR A 66 -18.35 0.32 -1.89
N THR A 67 -18.74 -0.50 -2.85
CA THR A 67 -19.82 -1.45 -2.72
C THR A 67 -19.38 -2.72 -3.43
N GLU A 68 -19.28 -3.82 -2.68
CA GLU A 68 -18.86 -5.11 -3.21
C GLU A 68 -19.89 -5.70 -4.18
N GLU A 69 -19.52 -6.83 -4.78
CA GLU A 69 -20.41 -7.61 -5.63
C GLU A 69 -21.50 -8.31 -4.81
N GLU A 70 -21.20 -8.54 -3.54
CA GLU A 70 -21.92 -9.41 -2.63
C GLU A 70 -22.37 -8.74 -1.32
N GLY A 71 -22.18 -7.42 -1.18
CA GLY A 71 -22.84 -6.62 -0.15
C GLY A 71 -21.97 -6.35 1.07
N GLY A 72 -20.78 -5.79 0.86
CA GLY A 72 -19.95 -5.19 1.88
C GLY A 72 -19.57 -3.79 1.42
N THR A 73 -19.16 -2.95 2.38
CA THR A 73 -18.88 -1.54 2.22
C THR A 73 -17.41 -1.31 2.62
N TYR A 74 -16.53 -1.29 1.63
CA TYR A 74 -15.12 -0.95 1.76
C TYR A 74 -15.01 0.57 1.78
N ILE A 75 -14.44 1.17 2.82
CA ILE A 75 -14.11 2.59 2.85
C ILE A 75 -12.61 2.73 2.56
N SER A 76 -12.21 3.88 2.04
CA SER A 76 -10.85 4.23 1.67
C SER A 76 -10.76 5.74 1.86
N HIS A 77 -9.73 6.23 2.55
CA HIS A 77 -9.47 7.66 2.76
C HIS A 77 -8.07 7.86 3.34
N PHE A 78 -7.77 9.06 3.82
CA PHE A 78 -6.65 9.32 4.70
C PHE A 78 -7.26 9.88 5.98
N THR A 79 -6.74 9.55 7.16
CA THR A 79 -7.28 10.07 8.40
C THR A 79 -6.47 11.29 8.84
N VAL A 80 -5.17 11.33 8.51
CA VAL A 80 -4.23 12.23 9.18
C VAL A 80 -4.07 13.49 8.35
N ASN A 81 -4.55 14.62 8.86
CA ASN A 81 -4.64 15.88 8.13
C ASN A 81 -3.63 16.88 8.67
N GLU A 82 -2.41 16.81 8.15
CA GLU A 82 -1.30 17.69 8.50
C GLU A 82 -0.68 18.19 7.19
N PRO A 83 0.08 19.31 7.21
CA PRO A 83 0.64 19.88 5.99
C PRO A 83 1.69 18.97 5.34
N ALA A 84 2.49 18.26 6.16
CA ALA A 84 3.66 17.52 5.70
C ALA A 84 3.63 16.05 6.12
N HIS A 85 2.50 15.58 6.67
CA HIS A 85 2.30 14.18 7.01
C HIS A 85 0.86 13.82 6.65
N LYS A 86 0.64 12.65 6.05
CA LYS A 86 -0.68 12.04 5.93
C LYS A 86 -0.51 10.54 6.02
N GLU A 87 -1.59 9.85 6.36
CA GLU A 87 -1.67 8.41 6.46
C GLU A 87 -2.94 8.01 5.74
N PHE A 88 -2.78 7.21 4.67
CA PHE A 88 -3.88 6.63 3.93
C PHE A 88 -4.29 5.32 4.60
N GLU A 89 -5.56 4.96 4.46
CA GLU A 89 -6.17 3.81 5.09
C GLU A 89 -7.29 3.34 4.16
N ALA A 90 -7.53 2.03 4.12
CA ALA A 90 -8.76 1.48 3.59
C ALA A 90 -9.06 0.18 4.30
N GLY A 91 -10.34 -0.11 4.51
CA GLY A 91 -10.84 -1.27 5.24
C GLY A 91 -12.36 -1.28 5.21
N TYR A 92 -12.95 -2.39 5.64
CA TYR A 92 -14.41 -2.54 5.65
C TYR A 92 -15.00 -1.88 6.89
N ASP A 93 -16.24 -1.45 6.78
CA ASP A 93 -16.95 -0.82 7.89
C ASP A 93 -16.99 -1.80 9.06
N GLU A 94 -16.84 -1.29 10.28
CA GLU A 94 -16.83 -2.04 11.54
C GLU A 94 -15.65 -3.02 11.67
N SER A 95 -14.70 -2.98 10.74
CA SER A 95 -13.50 -3.81 10.68
C SER A 95 -12.20 -2.99 10.65
N GLU A 96 -11.06 -3.69 10.63
CA GLU A 96 -9.70 -3.15 10.63
C GLU A 96 -9.26 -2.77 9.20
N PRO A 97 -8.25 -1.90 9.05
CA PRO A 97 -7.69 -1.56 7.75
C PRO A 97 -6.88 -2.71 7.15
N SER A 98 -6.72 -2.64 5.83
CA SER A 98 -6.27 -3.68 4.92
C SER A 98 -5.21 -3.09 3.98
N LEU A 99 -5.28 -1.78 3.71
CA LEU A 99 -4.24 -1.01 3.04
C LEU A 99 -3.88 0.11 4.00
N ARG A 100 -2.58 0.30 4.28
CA ARG A 100 -2.09 1.38 5.14
C ARG A 100 -0.84 1.95 4.48
N VAL A 101 -0.83 3.25 4.19
CA VAL A 101 0.23 3.91 3.41
C VAL A 101 0.53 5.25 4.07
N VAL A 102 1.64 5.30 4.81
CA VAL A 102 2.12 6.55 5.38
C VAL A 102 2.77 7.37 4.27
N PHE A 103 2.69 8.69 4.39
CA PHE A 103 3.29 9.63 3.46
C PHE A 103 3.92 10.78 4.26
N GLU A 104 5.22 11.01 4.05
CA GLU A 104 6.05 11.98 4.77
C GLU A 104 6.69 12.90 3.73
N LEU A 105 6.43 14.20 3.87
CA LEU A 105 6.90 15.26 2.98
C LEU A 105 8.27 15.77 3.43
N THR A 106 9.29 15.62 2.59
CA THR A 106 10.66 16.08 2.84
C THR A 106 11.22 16.73 1.57
N ASP A 107 12.00 17.82 1.71
CA ASP A 107 12.57 18.60 0.59
C ASP A 107 11.45 19.15 -0.33
N GLY A 108 10.22 19.19 0.18
CA GLY A 108 9.00 19.54 -0.56
C GLY A 108 8.45 18.40 -1.41
N LYS A 109 8.99 17.18 -1.38
CA LYS A 109 8.48 16.01 -2.10
C LYS A 109 7.86 15.04 -1.11
N TRP A 110 6.76 14.35 -1.45
CA TRP A 110 6.21 13.29 -0.60
C TRP A 110 6.95 11.99 -0.89
N TYR A 111 7.12 11.14 0.13
CA TYR A 111 7.59 9.76 0.00
C TYR A 111 6.79 8.86 0.93
N VAL A 112 6.61 7.60 0.56
CA VAL A 112 6.13 6.57 1.47
C VAL A 112 7.35 6.06 2.26
N THR A 113 7.31 5.95 3.58
CA THR A 113 8.37 5.21 4.31
C THR A 113 7.80 4.05 5.15
N ASP A 114 6.50 3.73 5.01
CA ASP A 114 5.94 2.45 5.45
C ASP A 114 4.79 2.02 4.52
N CYS A 115 4.65 0.72 4.27
CA CYS A 115 3.65 0.10 3.38
C CYS A 115 3.10 -1.14 4.08
N TYR A 116 1.77 -1.32 4.07
CA TYR A 116 1.10 -2.54 4.50
C TYR A 116 -0.01 -2.83 3.49
N ASN A 117 -0.15 -4.08 3.04
CA ASN A 117 -1.10 -4.48 1.99
C ASN A 117 -1.58 -5.91 2.16
N ASP A 118 -2.84 -6.16 1.86
CA ASP A 118 -3.57 -7.40 2.15
C ASP A 118 -3.25 -8.58 1.21
N TRP A 119 -2.04 -8.63 0.64
CA TRP A 119 -1.48 -9.84 0.01
C TRP A 119 -0.79 -10.76 1.02
N TYR A 120 -0.58 -10.34 2.26
CA TYR A 120 0.32 -11.03 3.19
C TYR A 120 -0.35 -11.18 4.57
N ASN A 121 -1.45 -11.93 4.60
CA ASN A 121 -2.41 -11.91 5.71
C ASN A 121 -2.10 -12.97 6.76
N PHE A 122 -2.83 -13.00 7.88
CA PHE A 122 -2.64 -14.07 8.87
C PHE A 122 -2.99 -15.43 8.27
N ASP A 123 -3.89 -15.48 7.28
CA ASP A 123 -4.24 -16.64 6.49
C ASP A 123 -3.30 -16.83 5.30
N LEU A 124 -2.02 -16.49 5.49
CA LEU A 124 -0.92 -16.71 4.57
C LEU A 124 0.27 -17.26 5.37
N PRO A 125 0.39 -18.58 5.61
CA PRO A 125 1.56 -19.13 6.24
C PRO A 125 2.75 -19.10 5.30
N ILE A 126 3.96 -19.07 5.86
CA ILE A 126 5.22 -18.92 5.13
C ILE A 126 5.35 -20.00 4.05
N ASN A 127 4.75 -21.19 4.25
CA ASN A 127 4.86 -22.29 3.30
C ASN A 127 4.30 -21.97 1.91
N GLU A 128 3.33 -21.05 1.77
CA GLU A 128 2.73 -20.67 0.48
C GLU A 128 3.22 -19.29 0.01
N LEU A 129 4.09 -18.62 0.78
CA LEU A 129 4.41 -17.22 0.60
C LEU A 129 5.27 -16.97 -0.61
N GLU A 130 6.25 -17.83 -0.86
CA GLU A 130 7.20 -17.61 -1.94
C GLU A 130 6.48 -17.57 -3.28
N GLU A 131 5.39 -18.32 -3.43
CA GLU A 131 4.55 -18.26 -4.62
C GLU A 131 3.78 -16.93 -4.65
N THR A 132 3.23 -16.47 -3.52
CA THR A 132 2.42 -15.26 -3.45
C THR A 132 3.26 -14.01 -3.77
N ILE A 133 4.51 -13.99 -3.30
CA ILE A 133 5.42 -12.89 -3.60
C ILE A 133 5.69 -12.83 -5.11
N GLN A 134 5.53 -13.92 -5.87
CA GLN A 134 5.56 -13.88 -7.32
C GLN A 134 4.22 -13.46 -7.90
N ALA A 135 3.10 -13.92 -7.36
CA ALA A 135 1.75 -13.64 -7.87
C ALA A 135 1.50 -12.14 -8.01
N VAL A 136 1.89 -11.36 -7.00
CA VAL A 136 1.69 -9.91 -6.99
C VAL A 136 2.44 -9.24 -8.16
N GLN A 137 3.54 -9.85 -8.61
CA GLN A 137 4.38 -9.33 -9.65
C GLN A 137 3.70 -9.54 -10.99
N GLU A 138 2.93 -10.61 -11.19
CA GLU A 138 2.18 -10.82 -12.43
C GLU A 138 1.15 -9.72 -12.58
N GLU A 139 0.33 -9.55 -11.54
CA GLU A 139 -0.70 -8.51 -11.51
C GLU A 139 -0.12 -7.12 -11.75
N ASN A 140 1.15 -6.92 -11.43
CA ASN A 140 1.82 -5.65 -11.58
C ASN A 140 2.16 -5.38 -13.04
N LYS A 141 2.40 -6.42 -13.86
CA LYS A 141 2.84 -6.27 -15.26
C LYS A 141 1.78 -5.60 -16.09
N ALA A 142 0.54 -5.88 -15.71
CA ALA A 142 -0.63 -5.26 -16.31
C ALA A 142 -0.55 -3.74 -16.13
N PHE A 143 -0.33 -3.30 -14.88
CA PHE A 143 -0.20 -1.90 -14.51
C PHE A 143 0.98 -1.26 -15.26
N GLU A 144 2.20 -1.78 -15.12
CA GLU A 144 3.39 -1.12 -15.69
C GLU A 144 3.39 -1.14 -17.23
N GLU A 145 2.64 -2.02 -17.90
CA GLU A 145 2.49 -1.92 -19.35
C GLU A 145 1.78 -0.61 -19.71
N LEU A 146 0.86 -0.15 -18.86
CA LEU A 146 -0.08 0.94 -19.16
C LEU A 146 0.12 2.21 -18.33
N HIS A 147 0.99 2.19 -17.32
CA HIS A 147 1.22 3.26 -16.36
C HIS A 147 2.72 3.59 -16.40
N PRO A 148 3.19 4.31 -17.45
CA PRO A 148 4.58 4.60 -17.71
C PRO A 148 5.17 5.63 -16.74
N GLY A 1 12.22 28.19 -2.36
CA GLY A 1 12.34 28.20 -0.90
C GLY A 1 11.44 27.16 -0.25
N ALA A 2 10.13 27.20 -0.50
CA ALA A 2 9.18 26.16 -0.15
C ALA A 2 8.54 25.73 -1.47
N GLU A 3 9.08 24.68 -2.10
CA GLU A 3 8.69 24.27 -3.45
C GLU A 3 8.43 22.78 -3.44
N GLU A 4 7.52 22.39 -2.56
CA GLU A 4 7.18 21.00 -2.33
C GLU A 4 6.24 20.51 -3.41
N GLU A 5 5.91 19.22 -3.37
CA GLU A 5 4.80 18.70 -4.14
C GLU A 5 3.48 19.11 -3.45
N ASP A 6 2.35 18.68 -4.01
CA ASP A 6 1.03 18.97 -3.47
C ASP A 6 0.23 17.69 -3.30
N PHE A 7 -0.67 17.64 -2.33
CA PHE A 7 -1.56 16.54 -1.98
C PHE A 7 -2.25 15.91 -3.19
N LYS A 8 -2.69 16.74 -4.16
CA LYS A 8 -3.31 16.27 -5.38
C LYS A 8 -2.20 15.86 -6.33
N THR A 9 -1.29 16.78 -6.63
CA THR A 9 -0.34 16.63 -7.72
C THR A 9 0.67 15.49 -7.48
N PHE A 10 0.95 15.11 -6.23
CA PHE A 10 1.82 13.98 -5.96
C PHE A 10 1.01 12.75 -6.40
N LEU A 11 -0.27 12.68 -5.99
CA LEU A 11 -1.22 11.62 -6.24
C LEU A 11 -1.41 11.42 -7.74
N GLN A 12 -1.57 12.50 -8.50
CA GLN A 12 -1.74 12.46 -9.96
C GLN A 12 -0.67 11.62 -10.65
N LYS A 13 0.58 11.70 -10.18
CA LYS A 13 1.69 10.90 -10.66
C LYS A 13 1.65 9.52 -10.03
N PHE A 14 1.42 9.45 -8.71
CA PHE A 14 1.44 8.25 -7.90
C PHE A 14 0.51 7.16 -8.43
N THR A 15 -0.65 7.53 -8.99
CA THR A 15 -1.64 6.63 -9.55
C THR A 15 -1.65 6.69 -11.09
N SER A 16 -0.51 7.03 -11.69
CA SER A 16 -0.33 7.00 -13.15
C SER A 16 1.08 6.55 -13.54
N SER A 17 1.93 6.17 -12.59
CA SER A 17 3.31 5.86 -12.89
C SER A 17 3.89 4.87 -11.89
N ALA A 18 4.24 3.67 -12.36
CA ALA A 18 4.94 2.64 -11.60
C ALA A 18 6.28 3.17 -11.10
N SER A 19 7.11 3.72 -12.00
CA SER A 19 8.44 4.20 -11.63
C SER A 19 8.37 5.35 -10.63
N PHE A 20 7.41 6.28 -10.78
CA PHE A 20 7.21 7.33 -9.80
C PHE A 20 6.83 6.73 -8.44
N GLN A 21 5.83 5.84 -8.40
CA GLN A 21 5.41 5.12 -7.20
C GLN A 21 6.63 4.50 -6.52
N TYR A 22 7.40 3.65 -7.21
CA TYR A 22 8.58 3.02 -6.66
C TYR A 22 9.59 4.04 -6.10
N SER A 23 9.86 5.11 -6.84
CA SER A 23 10.80 6.16 -6.46
C SER A 23 10.31 6.96 -5.24
N ARG A 24 9.03 6.83 -4.85
CA ARG A 24 8.38 7.47 -3.73
C ARG A 24 8.25 6.51 -2.55
N ILE A 25 8.93 5.36 -2.49
CA ILE A 25 8.81 4.40 -1.38
C ILE A 25 10.23 4.10 -0.89
N LYS A 26 10.48 4.16 0.44
CA LYS A 26 11.79 3.82 1.01
C LYS A 26 11.98 2.30 0.84
N PHE A 27 13.20 1.79 1.02
CA PHE A 27 13.38 0.41 1.41
C PHE A 27 14.50 0.31 2.44
N PRO A 28 14.32 -0.50 3.51
CA PRO A 28 13.08 -1.18 3.85
C PRO A 28 12.05 -0.22 4.43
N LEU A 29 10.80 -0.69 4.57
CA LEU A 29 9.74 0.03 5.27
C LEU A 29 9.83 -0.28 6.75
N LYS A 30 9.12 0.51 7.58
CA LYS A 30 9.08 0.28 9.02
C LYS A 30 8.24 -0.94 9.41
N SER A 31 7.42 -1.44 8.49
CA SER A 31 6.36 -2.42 8.70
C SER A 31 6.81 -3.82 8.29
N PRO A 32 7.44 -4.64 9.14
CA PRO A 32 7.73 -6.01 8.76
C PRO A 32 6.42 -6.77 8.61
N ILE A 33 6.36 -7.52 7.52
CA ILE A 33 5.40 -8.62 7.34
C ILE A 33 5.75 -9.63 8.45
N ALA A 34 4.75 -10.26 9.07
CA ALA A 34 4.96 -11.20 10.18
C ALA A 34 3.94 -12.34 10.12
N LEU A 35 4.31 -13.54 9.67
CA LEU A 35 3.35 -14.61 9.38
C LEU A 35 3.60 -15.79 10.30
N LEU A 36 2.55 -16.58 10.53
CA LEU A 36 2.63 -17.76 11.39
C LEU A 36 3.33 -18.87 10.62
N LYS A 37 4.06 -19.73 11.34
CA LYS A 37 4.97 -20.72 10.75
C LYS A 37 4.24 -22.04 10.50
N ASP A 38 2.95 -21.97 10.14
CA ASP A 38 2.03 -23.12 10.13
C ASP A 38 2.16 -23.93 11.44
N ASP A 39 2.26 -23.19 12.54
CA ASP A 39 2.57 -23.71 13.87
C ASP A 39 1.92 -22.78 14.89
N GLY A 40 0.63 -22.49 14.65
CA GLY A 40 -0.31 -21.76 15.48
C GLY A 40 0.21 -20.45 16.05
N GLU A 41 0.72 -20.46 17.27
CA GLU A 41 1.15 -19.28 18.00
C GLU A 41 2.63 -19.00 17.73
N THR A 42 2.97 -18.85 16.46
CA THR A 42 4.33 -18.59 16.02
C THR A 42 4.52 -17.18 15.50
N GLU A 43 5.40 -16.45 16.18
CA GLU A 43 5.95 -15.19 15.71
C GLU A 43 7.09 -15.48 14.75
N GLN A 44 7.24 -14.59 13.77
CA GLN A 44 8.22 -14.62 12.70
C GLN A 44 8.15 -13.27 11.99
N THR A 45 9.24 -12.72 11.42
CA THR A 45 9.22 -11.41 10.75
C THR A 45 10.14 -11.41 9.53
N PHE A 46 9.80 -10.61 8.50
CA PHE A 46 10.56 -10.53 7.25
C PHE A 46 11.03 -9.09 6.99
N PRO A 47 12.05 -8.88 6.14
CA PRO A 47 12.41 -7.56 5.62
C PRO A 47 11.40 -7.10 4.56
N PHE A 48 10.69 -6.00 4.82
CA PHE A 48 9.82 -5.42 3.80
C PHE A 48 10.69 -4.58 2.87
N THR A 49 10.79 -4.96 1.60
CA THR A 49 11.60 -4.24 0.61
C THR A 49 10.78 -3.95 -0.66
N ARG A 50 11.41 -3.37 -1.70
CA ARG A 50 10.74 -3.09 -2.98
C ARG A 50 10.30 -4.37 -3.70
N GLU A 51 10.93 -5.50 -3.37
CA GLU A 51 10.90 -6.76 -4.11
C GLU A 51 9.77 -7.63 -3.60
N LYS A 52 8.65 -6.99 -3.28
CA LYS A 52 7.42 -7.49 -2.68
C LYS A 52 6.44 -6.31 -2.58
N TRP A 53 6.45 -5.41 -3.56
CA TRP A 53 5.52 -4.28 -3.66
C TRP A 53 4.66 -4.43 -4.92
N ALA A 54 3.51 -3.73 -4.97
CA ALA A 54 2.57 -3.71 -6.09
C ALA A 54 1.87 -2.38 -6.22
N LEU A 55 1.42 -2.14 -7.44
CA LEU A 55 1.13 -0.83 -7.96
C LEU A 55 -0.37 -0.53 -7.89
N LEU A 56 -0.68 0.73 -7.58
CA LEU A 56 -2.01 1.19 -7.18
C LEU A 56 -2.57 2.19 -8.20
N ASP A 57 -3.90 2.37 -8.23
CA ASP A 57 -4.61 3.10 -9.30
C ASP A 57 -5.40 4.28 -8.75
N GLU A 58 -5.87 5.15 -9.66
CA GLU A 58 -6.57 6.38 -9.31
C GLU A 58 -7.89 6.10 -8.61
N GLU A 59 -8.56 5.02 -9.00
CA GLU A 59 -9.81 4.59 -8.38
C GLU A 59 -9.58 3.81 -7.09
N THR A 60 -8.36 3.33 -6.83
CA THR A 60 -8.03 2.70 -5.55
C THR A 60 -7.90 3.79 -4.48
N LEU A 61 -7.19 4.87 -4.79
CA LEU A 61 -6.88 5.96 -3.86
C LEU A 61 -8.06 6.95 -3.76
N LYS A 62 -9.29 6.45 -3.79
CA LYS A 62 -10.50 7.25 -3.79
C LYS A 62 -10.96 7.48 -2.36
N GLU A 63 -11.74 8.54 -2.18
CA GLU A 63 -12.30 8.95 -0.92
C GLU A 63 -13.81 8.74 -1.04
N GLY A 64 -14.32 7.66 -0.43
CA GLY A 64 -15.71 7.26 -0.60
C GLY A 64 -16.06 6.00 0.19
N ARG A 65 -17.20 5.38 -0.17
CA ARG A 65 -17.69 4.11 0.35
C ARG A 65 -18.20 3.30 -0.83
N THR A 66 -17.76 2.05 -0.96
CA THR A 66 -18.29 1.02 -1.84
C THR A 66 -19.24 0.14 -1.01
N THR A 67 -20.01 -0.76 -1.61
CA THR A 67 -20.74 -1.84 -0.96
C THR A 67 -20.54 -3.11 -1.81
N GLU A 68 -21.03 -4.27 -1.36
CA GLU A 68 -20.87 -5.53 -2.07
C GLU A 68 -22.15 -6.36 -2.07
N GLU A 69 -22.20 -7.35 -2.96
CA GLU A 69 -23.26 -8.36 -3.02
C GLU A 69 -23.05 -9.44 -1.93
N GLU A 70 -21.91 -9.41 -1.25
CA GLU A 70 -21.39 -10.50 -0.45
C GLU A 70 -20.68 -10.07 0.83
N GLY A 71 -20.64 -8.78 1.14
CA GLY A 71 -19.97 -8.26 2.32
C GLY A 71 -20.75 -7.09 2.90
N GLY A 72 -20.16 -5.91 2.87
CA GLY A 72 -20.67 -4.72 3.53
C GLY A 72 -20.15 -3.47 2.86
N THR A 73 -20.45 -2.33 3.47
CA THR A 73 -19.96 -1.03 3.06
C THR A 73 -18.44 -0.99 3.24
N TYR A 74 -17.66 -0.87 2.16
CA TYR A 74 -16.20 -0.76 2.19
C TYR A 74 -15.78 0.70 2.05
N ILE A 75 -15.39 1.32 3.15
CA ILE A 75 -14.94 2.70 3.22
C ILE A 75 -13.51 2.77 2.69
N SER A 76 -13.13 3.92 2.12
CA SER A 76 -11.74 4.31 1.95
C SER A 76 -11.68 5.83 2.06
N HIS A 77 -10.72 6.36 2.80
CA HIS A 77 -10.50 7.80 2.89
C HIS A 77 -9.15 8.09 3.56
N PHE A 78 -8.76 9.35 3.51
CA PHE A 78 -7.74 9.87 4.41
C PHE A 78 -8.37 9.94 5.81
N THR A 79 -7.57 9.74 6.85
CA THR A 79 -7.98 9.81 8.26
C THR A 79 -7.31 10.98 8.98
N VAL A 80 -6.59 11.83 8.25
CA VAL A 80 -5.77 12.91 8.78
C VAL A 80 -5.67 13.99 7.72
N ASN A 81 -5.39 15.23 8.14
CA ASN A 81 -4.87 16.26 7.28
C ASN A 81 -3.84 17.11 8.02
N GLU A 82 -2.56 16.81 7.81
CA GLU A 82 -1.46 17.73 8.07
C GLU A 82 -0.87 18.05 6.68
N PRO A 83 -0.17 19.18 6.51
CA PRO A 83 0.28 19.64 5.20
C PRO A 83 1.35 18.70 4.63
N ALA A 84 2.11 18.04 5.50
CA ALA A 84 3.30 17.28 5.20
C ALA A 84 3.19 15.81 5.65
N HIS A 85 2.04 15.38 6.17
CA HIS A 85 1.86 14.02 6.64
C HIS A 85 0.39 13.63 6.44
N LYS A 86 0.09 12.58 5.65
CA LYS A 86 -1.28 12.06 5.55
C LYS A 86 -1.26 10.54 5.37
N GLU A 87 -2.33 9.87 5.79
CA GLU A 87 -2.53 8.43 5.70
C GLU A 87 -3.47 8.10 4.52
N PHE A 88 -3.75 6.84 4.25
CA PHE A 88 -4.87 6.37 3.44
C PHE A 88 -5.35 5.03 4.01
N GLU A 89 -6.49 5.04 4.69
CA GLU A 89 -7.11 3.86 5.30
C GLU A 89 -8.21 3.34 4.38
N ALA A 90 -8.54 2.05 4.49
CA ALA A 90 -9.73 1.46 3.91
C ALA A 90 -10.12 0.22 4.70
N GLY A 91 -11.40 0.09 5.04
CA GLY A 91 -11.97 -0.99 5.83
C GLY A 91 -13.47 -1.03 5.72
N TYR A 92 -14.08 -2.15 6.10
CA TYR A 92 -15.53 -2.29 6.04
C TYR A 92 -16.18 -1.63 7.27
N ASP A 93 -17.47 -1.33 7.15
CA ASP A 93 -18.26 -0.70 8.19
C ASP A 93 -18.32 -1.61 9.41
N GLU A 94 -18.18 -1.04 10.61
CA GLU A 94 -18.11 -1.78 11.87
C GLU A 94 -17.00 -2.85 11.86
N SER A 95 -16.03 -2.77 10.95
CA SER A 95 -15.00 -3.76 10.74
C SER A 95 -13.62 -3.09 10.83
N GLU A 96 -12.59 -3.91 10.89
CA GLU A 96 -11.19 -3.51 10.84
C GLU A 96 -10.78 -3.12 9.40
N PRO A 97 -9.69 -2.37 9.19
CA PRO A 97 -9.20 -2.11 7.83
C PRO A 97 -8.51 -3.32 7.20
N SER A 98 -8.33 -3.25 5.87
CA SER A 98 -7.37 -4.06 5.13
C SER A 98 -6.15 -3.21 4.78
N LEU A 99 -6.34 -2.04 4.18
CA LEU A 99 -5.28 -1.31 3.48
C LEU A 99 -4.88 -0.09 4.31
N ARG A 100 -3.57 0.13 4.49
CA ARG A 100 -3.02 1.28 5.23
C ARG A 100 -1.80 1.78 4.46
N VAL A 101 -1.69 3.08 4.20
CA VAL A 101 -0.59 3.68 3.45
C VAL A 101 -0.22 5.02 4.11
N VAL A 102 1.02 5.15 4.56
CA VAL A 102 1.52 6.30 5.32
C VAL A 102 2.33 7.17 4.36
N PHE A 103 2.09 8.48 4.35
CA PHE A 103 2.72 9.40 3.41
C PHE A 103 3.37 10.56 4.16
N GLU A 104 4.69 10.63 4.16
CA GLU A 104 5.46 11.69 4.77
C GLU A 104 6.06 12.55 3.66
N LEU A 105 6.24 13.84 3.94
CA LEU A 105 6.80 14.84 3.02
C LEU A 105 8.17 15.26 3.53
N THR A 106 9.23 14.78 2.89
CA THR A 106 10.62 15.06 3.24
C THR A 106 11.29 15.77 2.07
N ASP A 107 12.03 16.84 2.33
CA ASP A 107 12.84 17.56 1.33
C ASP A 107 11.95 18.06 0.17
N GLY A 108 10.68 18.38 0.47
CA GLY A 108 9.69 18.84 -0.49
C GLY A 108 9.06 17.73 -1.32
N LYS A 109 9.34 16.45 -1.05
CA LYS A 109 8.82 15.34 -1.85
C LYS A 109 8.16 14.33 -0.95
N TRP A 110 7.09 13.71 -1.44
CA TRP A 110 6.39 12.69 -0.68
C TRP A 110 7.16 11.38 -0.77
N TYR A 111 7.05 10.60 0.29
CA TYR A 111 7.74 9.36 0.56
C TYR A 111 6.79 8.47 1.34
N VAL A 112 6.48 7.27 0.84
CA VAL A 112 5.71 6.27 1.56
C VAL A 112 6.71 5.51 2.44
N THR A 113 6.44 5.39 3.74
CA THR A 113 7.44 4.96 4.71
C THR A 113 7.01 3.75 5.55
N ASP A 114 5.73 3.38 5.46
CA ASP A 114 5.13 2.22 6.13
C ASP A 114 4.07 1.66 5.19
N CYS A 115 3.67 0.40 5.36
CA CYS A 115 2.66 -0.26 4.52
C CYS A 115 1.81 -1.21 5.33
N TYR A 116 0.60 -1.42 4.83
CA TYR A 116 -0.23 -2.57 5.12
C TYR A 116 -0.92 -2.87 3.79
N ASN A 117 -0.50 -3.90 3.05
CA ASN A 117 -1.24 -4.40 1.88
C ASN A 117 -1.63 -5.84 2.15
N ASP A 118 -2.76 -6.27 1.59
CA ASP A 118 -3.42 -7.52 1.99
C ASP A 118 -2.77 -8.75 1.36
N TRP A 119 -1.86 -8.57 0.38
CA TRP A 119 -1.05 -9.62 -0.26
C TRP A 119 -0.16 -10.43 0.68
N TYR A 120 0.06 -9.95 1.90
CA TYR A 120 0.96 -10.59 2.87
C TYR A 120 0.29 -10.51 4.25
N ASN A 121 -0.77 -11.30 4.45
CA ASN A 121 -1.59 -11.34 5.67
C ASN A 121 -1.51 -12.71 6.35
N PHE A 122 -2.28 -12.90 7.42
CA PHE A 122 -2.28 -14.11 8.26
C PHE A 122 -2.45 -15.40 7.48
N ASP A 123 -3.14 -15.36 6.34
CA ASP A 123 -3.43 -16.50 5.47
C ASP A 123 -2.17 -17.18 4.92
N LEU A 124 -1.01 -16.51 4.93
CA LEU A 124 0.04 -16.73 3.95
C LEU A 124 1.33 -17.23 4.62
N PRO A 125 1.50 -18.55 4.85
CA PRO A 125 2.66 -19.07 5.55
C PRO A 125 3.95 -18.82 4.77
N ILE A 126 5.07 -18.77 5.51
CA ILE A 126 6.37 -18.38 4.98
C ILE A 126 6.81 -19.30 3.84
N ASN A 127 6.47 -20.59 3.90
CA ASN A 127 6.92 -21.54 2.91
C ASN A 127 6.36 -21.24 1.52
N GLU A 128 5.18 -20.63 1.44
CA GLU A 128 4.50 -20.30 0.18
C GLU A 128 4.63 -18.81 -0.16
N LEU A 129 5.18 -18.00 0.75
CA LEU A 129 5.40 -16.57 0.57
C LEU A 129 6.10 -16.28 -0.74
N GLU A 130 7.15 -17.05 -1.01
CA GLU A 130 7.99 -16.99 -2.20
C GLU A 130 7.21 -17.19 -3.50
N GLU A 131 6.04 -17.82 -3.44
CA GLU A 131 5.15 -18.04 -4.57
C GLU A 131 4.21 -16.83 -4.72
N THR A 132 3.80 -16.21 -3.61
CA THR A 132 2.95 -15.03 -3.65
C THR A 132 3.73 -13.79 -4.09
N ILE A 133 4.99 -13.59 -3.68
CA ILE A 133 5.80 -12.51 -4.25
C ILE A 133 5.79 -12.60 -5.80
N GLN A 134 5.87 -13.81 -6.35
CA GLN A 134 5.88 -14.02 -7.79
C GLN A 134 4.52 -13.65 -8.42
N ALA A 135 3.42 -13.90 -7.71
CA ALA A 135 2.08 -13.50 -8.14
C ALA A 135 1.91 -11.99 -8.10
N VAL A 136 2.49 -11.31 -7.10
CA VAL A 136 2.46 -9.86 -7.04
C VAL A 136 3.08 -9.29 -8.33
N GLN A 137 4.23 -9.81 -8.77
CA GLN A 137 4.87 -9.35 -10.00
C GLN A 137 4.04 -9.65 -11.26
N GLU A 138 3.14 -10.65 -11.28
CA GLU A 138 2.33 -10.97 -12.45
C GLU A 138 1.44 -9.78 -12.81
N GLU A 139 0.78 -9.21 -11.81
CA GLU A 139 0.01 -7.98 -12.00
C GLU A 139 0.93 -6.81 -12.36
N ASN A 140 2.12 -6.76 -11.75
CA ASN A 140 3.00 -5.60 -11.86
C ASN A 140 3.38 -5.32 -13.31
N LYS A 141 3.75 -6.34 -14.08
CA LYS A 141 4.18 -6.16 -15.48
C LYS A 141 3.08 -5.50 -16.31
N ALA A 142 1.82 -5.93 -16.15
CA ALA A 142 0.70 -5.41 -16.91
C ALA A 142 0.45 -3.96 -16.50
N PHE A 143 0.62 -3.63 -15.22
CA PHE A 143 0.50 -2.28 -14.72
C PHE A 143 1.58 -1.39 -15.36
N GLU A 144 2.87 -1.68 -15.16
CA GLU A 144 3.95 -0.80 -15.62
C GLU A 144 4.06 -0.74 -17.15
N GLU A 145 3.56 -1.74 -17.88
CA GLU A 145 3.44 -1.66 -19.34
C GLU A 145 2.57 -0.45 -19.69
N LEU A 146 1.53 -0.17 -18.91
CA LEU A 146 0.50 0.80 -19.24
C LEU A 146 0.51 2.06 -18.40
N HIS A 147 1.28 2.11 -17.32
CA HIS A 147 1.31 3.20 -16.35
C HIS A 147 2.77 3.58 -16.04
N PRO A 148 3.42 4.35 -16.95
CA PRO A 148 4.84 4.65 -16.90
C PRO A 148 5.18 5.67 -15.83
N GLY A 1 9.54 30.30 -4.69
CA GLY A 1 10.57 30.41 -3.64
C GLY A 1 10.83 29.01 -3.13
N ALA A 2 9.99 28.56 -2.20
CA ALA A 2 9.59 27.16 -2.16
C ALA A 2 8.16 27.08 -2.72
N GLU A 3 7.69 25.85 -2.93
CA GLU A 3 6.30 25.40 -2.95
C GLU A 3 6.39 23.88 -2.91
N GLU A 4 5.39 23.20 -2.36
CA GLU A 4 5.39 21.75 -2.27
C GLU A 4 4.57 21.16 -3.42
N GLU A 5 4.51 19.84 -3.55
CA GLU A 5 3.57 19.20 -4.46
C GLU A 5 2.17 19.27 -3.82
N ASP A 6 1.13 18.77 -4.49
CA ASP A 6 -0.27 18.84 -4.06
C ASP A 6 -0.79 17.42 -3.80
N PHE A 7 -1.50 17.21 -2.69
CA PHE A 7 -2.08 15.94 -2.26
C PHE A 7 -2.96 15.26 -3.32
N LYS A 8 -3.56 16.01 -4.26
CA LYS A 8 -4.19 15.42 -5.45
C LYS A 8 -3.13 15.15 -6.51
N THR A 9 -2.35 16.17 -6.90
CA THR A 9 -1.44 16.08 -8.04
C THR A 9 -0.35 15.03 -7.86
N PHE A 10 0.21 14.90 -6.66
CA PHE A 10 1.26 13.92 -6.41
C PHE A 10 0.64 12.54 -6.59
N LEU A 11 -0.64 12.39 -6.25
CA LEU A 11 -1.40 11.14 -6.31
C LEU A 11 -1.62 10.77 -7.77
N GLN A 12 -2.15 11.67 -8.61
CA GLN A 12 -2.30 11.46 -10.06
C GLN A 12 -1.01 10.91 -10.68
N LYS A 13 0.14 11.49 -10.29
CA LYS A 13 1.44 11.00 -10.70
C LYS A 13 1.66 9.60 -10.17
N PHE A 14 1.55 9.43 -8.84
CA PHE A 14 1.83 8.23 -8.06
C PHE A 14 0.97 7.03 -8.46
N THR A 15 -0.15 7.23 -9.16
CA THR A 15 -1.08 6.18 -9.56
C THR A 15 -1.07 5.97 -11.09
N SER A 16 -0.09 6.49 -11.82
CA SER A 16 -0.05 6.40 -13.29
C SER A 16 1.37 6.22 -13.84
N SER A 17 2.38 5.84 -13.05
CA SER A 17 3.74 5.73 -13.56
C SER A 17 4.60 4.85 -12.65
N ALA A 18 4.72 3.57 -12.95
CA ALA A 18 5.36 2.61 -12.05
C ALA A 18 6.78 2.99 -11.65
N SER A 19 7.59 3.53 -12.55
CA SER A 19 8.93 3.92 -12.17
C SER A 19 8.93 5.21 -11.33
N PHE A 20 7.93 6.10 -11.46
CA PHE A 20 7.78 7.24 -10.56
C PHE A 20 7.40 6.77 -9.15
N GLN A 21 6.39 5.89 -9.00
CA GLN A 21 6.00 5.34 -7.72
C GLN A 21 7.17 4.61 -7.07
N TYR A 22 7.87 3.72 -7.79
CA TYR A 22 9.02 3.01 -7.25
C TYR A 22 10.04 3.93 -6.58
N SER A 23 10.52 4.97 -7.28
CA SER A 23 11.48 5.92 -6.72
C SER A 23 10.91 6.83 -5.62
N ARG A 24 9.65 6.64 -5.19
CA ARG A 24 8.98 7.42 -4.15
C ARG A 24 9.01 6.70 -2.80
N ILE A 25 9.46 5.45 -2.72
CA ILE A 25 9.16 4.61 -1.56
C ILE A 25 10.44 4.37 -0.80
N LYS A 26 10.40 4.69 0.49
CA LYS A 26 11.46 4.50 1.44
C LYS A 26 11.40 3.06 1.87
N PHE A 27 11.91 2.20 1.00
CA PHE A 27 12.10 0.83 1.41
C PHE A 27 13.33 0.80 2.35
N PRO A 28 13.40 -0.15 3.29
CA PRO A 28 12.29 -0.95 3.80
C PRO A 28 11.37 -0.15 4.69
N LEU A 29 10.14 -0.67 4.83
CA LEU A 29 9.04 0.00 5.48
C LEU A 29 8.97 -0.36 6.95
N LYS A 30 7.88 0.04 7.60
CA LYS A 30 7.69 -0.01 9.04
C LYS A 30 6.69 -1.08 9.48
N SER A 31 5.95 -1.62 8.52
CA SER A 31 5.00 -2.72 8.61
C SER A 31 5.72 -4.01 8.18
N PRO A 32 6.40 -4.74 9.09
CA PRO A 32 7.00 -6.02 8.73
C PRO A 32 5.88 -7.05 8.48
N ILE A 33 6.24 -8.15 7.83
CA ILE A 33 5.28 -9.15 7.36
C ILE A 33 5.27 -10.27 8.40
N ALA A 34 4.41 -10.13 9.40
CA ALA A 34 4.25 -11.09 10.49
C ALA A 34 3.19 -12.09 10.04
N LEU A 35 3.51 -13.38 10.03
CA LEU A 35 2.59 -14.43 9.62
C LEU A 35 2.72 -15.57 10.62
N LEU A 36 1.96 -16.63 10.42
CA LEU A 36 1.89 -17.78 11.32
C LEU A 36 2.63 -18.96 10.69
N LYS A 37 3.21 -19.83 11.53
CA LYS A 37 4.02 -20.97 11.10
C LYS A 37 3.25 -22.27 11.21
N ASP A 38 1.94 -22.22 10.92
CA ASP A 38 1.07 -23.40 10.96
C ASP A 38 1.04 -24.03 12.37
N ASP A 39 1.38 -23.26 13.41
CA ASP A 39 1.31 -23.63 14.82
C ASP A 39 0.67 -22.45 15.49
N GLY A 40 -0.59 -22.22 15.10
CA GLY A 40 -1.45 -21.16 15.59
C GLY A 40 -0.71 -19.83 15.68
N GLU A 41 -0.55 -19.31 16.90
CA GLU A 41 -0.11 -17.96 17.25
C GLU A 41 1.41 -17.73 17.15
N THR A 42 2.05 -18.41 16.21
CA THR A 42 3.49 -18.42 16.09
C THR A 42 4.02 -17.03 15.67
N GLU A 43 5.03 -16.53 16.38
CA GLU A 43 5.77 -15.33 16.03
C GLU A 43 6.66 -15.62 14.83
N GLN A 44 6.78 -14.68 13.90
CA GLN A 44 7.59 -14.84 12.69
C GLN A 44 7.73 -13.47 12.04
N THR A 45 8.79 -13.21 11.26
CA THR A 45 8.84 -12.02 10.40
C THR A 45 9.41 -12.36 9.03
N PHE A 46 9.02 -11.55 8.06
CA PHE A 46 9.52 -11.58 6.69
C PHE A 46 10.01 -10.18 6.32
N PRO A 47 11.02 -10.06 5.44
CA PRO A 47 11.53 -8.77 5.00
C PRO A 47 10.54 -8.06 4.08
N PHE A 48 10.62 -6.74 4.06
CA PHE A 48 9.68 -5.78 3.48
C PHE A 48 10.49 -4.83 2.61
N THR A 49 10.81 -5.19 1.37
CA THR A 49 11.66 -4.40 0.48
C THR A 49 10.93 -4.10 -0.83
N ARG A 50 11.62 -3.55 -1.83
CA ARG A 50 11.08 -3.32 -3.18
C ARG A 50 10.50 -4.61 -3.79
N GLU A 51 11.00 -5.78 -3.38
CA GLU A 51 10.82 -7.13 -3.94
C GLU A 51 9.41 -7.75 -3.76
N LYS A 52 8.38 -6.93 -3.59
CA LYS A 52 7.04 -7.25 -3.07
C LYS A 52 6.18 -5.98 -3.05
N TRP A 53 6.55 -4.95 -3.83
CA TRP A 53 5.72 -3.77 -4.00
C TRP A 53 4.58 -4.09 -4.95
N ALA A 54 3.42 -3.43 -4.81
CA ALA A 54 2.37 -3.42 -5.83
C ALA A 54 2.04 -2.00 -6.26
N LEU A 55 1.70 -1.86 -7.54
CA LEU A 55 1.42 -0.57 -8.15
C LEU A 55 -0.04 -0.21 -7.82
N LEU A 56 -0.25 1.03 -7.34
CA LEU A 56 -1.52 1.50 -6.80
C LEU A 56 -2.24 2.29 -7.90
N ASP A 57 -3.56 2.14 -8.02
CA ASP A 57 -4.37 2.81 -9.05
C ASP A 57 -5.02 4.07 -8.47
N GLU A 58 -5.60 4.91 -9.34
CA GLU A 58 -6.23 6.17 -8.98
C GLU A 58 -7.45 5.94 -8.09
N GLU A 59 -8.28 4.95 -8.40
CA GLU A 59 -9.43 4.55 -7.57
C GLU A 59 -9.03 3.66 -6.39
N THR A 60 -7.77 3.21 -6.30
CA THR A 60 -7.29 2.56 -5.09
C THR A 60 -7.19 3.62 -3.99
N LEU A 61 -6.50 4.73 -4.26
CA LEU A 61 -6.18 5.73 -3.24
C LEU A 61 -7.31 6.76 -3.15
N LYS A 62 -8.55 6.29 -3.00
CA LYS A 62 -9.74 7.11 -2.98
C LYS A 62 -10.23 7.33 -1.57
N GLU A 63 -11.20 8.21 -1.41
CA GLU A 63 -11.85 8.48 -0.14
C GLU A 63 -13.34 8.21 -0.26
N GLY A 64 -13.76 7.05 0.20
CA GLY A 64 -15.16 6.66 0.22
C GLY A 64 -15.40 5.41 1.06
N ARG A 65 -16.67 5.01 1.13
CA ARG A 65 -17.03 3.62 1.32
C ARG A 65 -17.22 3.04 -0.08
N THR A 66 -16.66 1.88 -0.33
CA THR A 66 -16.78 1.06 -1.52
C THR A 66 -17.72 -0.11 -1.17
N THR A 67 -18.28 -0.77 -2.18
CA THR A 67 -19.49 -1.54 -2.04
C THR A 67 -19.29 -2.87 -2.77
N GLU A 68 -18.98 -3.94 -2.05
CA GLU A 68 -18.67 -5.22 -2.66
C GLU A 68 -19.86 -5.82 -3.41
N GLU A 69 -19.54 -6.67 -4.38
CA GLU A 69 -20.47 -7.31 -5.32
C GLU A 69 -21.34 -8.37 -4.65
N GLU A 70 -21.08 -8.65 -3.38
CA GLU A 70 -21.69 -9.70 -2.58
C GLU A 70 -22.16 -9.24 -1.20
N GLY A 71 -22.00 -7.96 -0.87
CA GLY A 71 -22.43 -7.42 0.42
C GLY A 71 -21.26 -7.37 1.39
N GLY A 72 -20.58 -6.22 1.40
CA GLY A 72 -19.50 -5.85 2.29
C GLY A 72 -19.16 -4.38 2.01
N THR A 73 -18.71 -3.66 3.03
CA THR A 73 -18.54 -2.21 3.02
C THR A 73 -17.05 -1.92 3.24
N TYR A 74 -16.29 -1.77 2.15
CA TYR A 74 -14.86 -1.54 2.22
C TYR A 74 -14.62 -0.04 2.31
N ILE A 75 -14.24 0.48 3.47
CA ILE A 75 -13.85 1.87 3.62
C ILE A 75 -12.43 2.02 3.07
N SER A 76 -12.13 3.17 2.49
CA SER A 76 -10.80 3.54 2.00
C SER A 76 -10.72 5.05 2.05
N HIS A 77 -9.72 5.62 2.71
CA HIS A 77 -9.55 7.08 2.83
C HIS A 77 -8.20 7.42 3.45
N PHE A 78 -7.89 8.71 3.53
CA PHE A 78 -6.88 9.17 4.48
C PHE A 78 -7.54 9.28 5.85
N THR A 79 -6.77 9.10 6.92
CA THR A 79 -7.27 9.12 8.31
C THR A 79 -6.68 10.28 9.10
N VAL A 80 -5.91 11.14 8.47
CA VAL A 80 -5.27 12.30 9.05
C VAL A 80 -5.30 13.40 7.98
N ASN A 81 -5.33 14.65 8.42
CA ASN A 81 -5.41 15.83 7.58
C ASN A 81 -4.42 16.85 8.12
N GLU A 82 -3.17 16.76 7.69
CA GLU A 82 -2.13 17.73 8.00
C GLU A 82 -1.39 18.07 6.71
N PRO A 83 -0.76 19.26 6.59
CA PRO A 83 -0.21 19.74 5.34
C PRO A 83 0.91 18.85 4.78
N ALA A 84 1.66 18.14 5.62
CA ALA A 84 2.84 17.41 5.18
C ALA A 84 2.98 16.01 5.80
N HIS A 85 1.93 15.51 6.44
CA HIS A 85 1.97 14.32 7.28
C HIS A 85 0.61 13.65 7.12
N LYS A 86 0.47 12.71 6.20
CA LYS A 86 -0.82 12.07 5.96
C LYS A 86 -0.59 10.57 5.79
N GLU A 87 -1.56 9.75 6.16
CA GLU A 87 -1.53 8.32 5.90
C GLU A 87 -2.88 7.89 5.39
N PHE A 88 -2.86 6.87 4.54
CA PHE A 88 -4.01 6.20 3.97
C PHE A 88 -4.31 4.96 4.79
N GLU A 89 -5.59 4.61 4.89
CA GLU A 89 -6.11 3.42 5.52
C GLU A 89 -7.22 2.87 4.62
N ALA A 90 -7.30 1.55 4.47
CA ALA A 90 -8.51 0.87 3.99
C ALA A 90 -8.72 -0.38 4.82
N GLY A 91 -9.97 -0.81 4.92
CA GLY A 91 -10.45 -1.91 5.72
C GLY A 91 -11.96 -1.99 5.59
N TYR A 92 -12.57 -3.03 6.12
CA TYR A 92 -14.02 -3.15 6.11
C TYR A 92 -14.61 -2.47 7.35
N ASP A 93 -15.92 -2.32 7.37
CA ASP A 93 -16.66 -1.94 8.56
C ASP A 93 -16.66 -3.12 9.54
N GLU A 94 -16.87 -2.83 10.82
CA GLU A 94 -16.75 -3.71 11.98
C GLU A 94 -15.36 -4.32 12.23
N SER A 95 -14.41 -4.23 11.29
CA SER A 95 -13.10 -4.88 11.32
C SER A 95 -11.95 -3.87 11.45
N GLU A 96 -10.72 -4.37 11.46
CA GLU A 96 -9.50 -3.58 11.40
C GLU A 96 -9.15 -3.27 9.93
N PRO A 97 -8.24 -2.31 9.67
CA PRO A 97 -7.71 -2.09 8.34
C PRO A 97 -6.78 -3.23 7.89
N SER A 98 -6.47 -3.21 6.59
CA SER A 98 -5.62 -4.16 5.88
C SER A 98 -4.70 -3.47 4.86
N LEU A 99 -4.76 -2.13 4.78
CA LEU A 99 -4.03 -1.32 3.83
C LEU A 99 -3.57 -0.11 4.61
N ARG A 100 -2.27 0.17 4.64
CA ARG A 100 -1.75 1.34 5.33
C ARG A 100 -0.62 1.93 4.51
N VAL A 101 -0.68 3.24 4.22
CA VAL A 101 0.34 3.94 3.42
C VAL A 101 0.69 5.23 4.14
N VAL A 102 1.89 5.30 4.71
CA VAL A 102 2.37 6.56 5.28
C VAL A 102 2.94 7.41 4.16
N PHE A 103 2.56 8.69 4.13
CA PHE A 103 3.08 9.67 3.21
C PHE A 103 3.68 10.82 4.00
N GLU A 104 5.00 11.01 3.90
CA GLU A 104 5.67 12.20 4.42
C GLU A 104 5.91 13.16 3.24
N LEU A 105 5.93 14.47 3.51
CA LEU A 105 6.25 15.53 2.57
C LEU A 105 7.35 16.39 3.17
N THR A 106 8.50 16.55 2.50
CA THR A 106 9.60 17.34 3.06
C THR A 106 10.28 17.99 1.88
N ASP A 107 10.84 19.19 2.04
CA ASP A 107 11.51 19.92 0.96
C ASP A 107 10.59 20.08 -0.26
N GLY A 108 9.27 19.92 -0.08
CA GLY A 108 8.28 19.91 -1.13
C GLY A 108 8.06 18.55 -1.79
N LYS A 109 8.57 17.42 -1.27
CA LYS A 109 8.53 16.17 -2.01
C LYS A 109 7.86 15.12 -1.15
N TRP A 110 6.96 14.37 -1.75
CA TRP A 110 6.28 13.25 -1.11
C TRP A 110 7.17 12.02 -1.21
N TYR A 111 7.12 11.15 -0.20
CA TYR A 111 7.78 9.86 -0.17
C TYR A 111 6.95 8.93 0.72
N VAL A 112 6.69 7.69 0.27
CA VAL A 112 6.00 6.70 1.11
C VAL A 112 7.00 6.20 2.13
N THR A 113 6.68 6.20 3.43
CA THR A 113 7.64 5.78 4.46
C THR A 113 7.29 4.43 5.09
N ASP A 114 6.09 3.91 4.82
CA ASP A 114 5.65 2.59 5.25
C ASP A 114 4.55 2.12 4.30
N CYS A 115 4.50 0.81 4.07
CA CYS A 115 3.51 0.14 3.25
C CYS A 115 3.08 -1.13 3.98
N TYR A 116 1.77 -1.30 4.09
CA TYR A 116 1.11 -2.53 4.51
C TYR A 116 0.08 -2.79 3.41
N ASN A 117 0.24 -3.89 2.68
CA ASN A 117 -0.59 -4.24 1.52
C ASN A 117 -1.15 -5.62 1.77
N ASP A 118 -2.43 -5.82 1.46
CA ASP A 118 -3.23 -6.94 1.91
C ASP A 118 -2.74 -8.28 1.31
N TRP A 119 -1.93 -8.24 0.25
CA TRP A 119 -1.15 -9.37 -0.28
C TRP A 119 -0.35 -10.09 0.82
N TYR A 120 0.04 -9.42 1.90
CA TYR A 120 0.80 -10.02 2.98
C TYR A 120 0.10 -9.69 4.29
N ASN A 121 -1.02 -10.36 4.53
CA ASN A 121 -1.88 -10.23 5.71
C ASN A 121 -1.93 -11.55 6.48
N PHE A 122 -2.68 -11.61 7.58
CA PHE A 122 -2.71 -12.73 8.51
C PHE A 122 -3.14 -14.05 7.85
N ASP A 123 -4.05 -13.99 6.87
CA ASP A 123 -4.64 -15.13 6.15
C ASP A 123 -3.62 -15.89 5.29
N LEU A 124 -2.37 -15.42 5.25
CA LEU A 124 -1.32 -15.80 4.31
C LEU A 124 -0.30 -16.70 5.01
N PRO A 125 -0.50 -18.03 5.07
CA PRO A 125 0.46 -18.90 5.73
C PRO A 125 1.78 -18.90 4.93
N ILE A 126 2.89 -19.12 5.62
CA ILE A 126 4.23 -18.99 5.06
C ILE A 126 4.43 -20.03 3.95
N ASN A 127 3.73 -21.18 4.00
CA ASN A 127 3.93 -22.26 3.04
C ASN A 127 3.36 -21.96 1.66
N GLU A 128 2.59 -20.89 1.49
CA GLU A 128 2.00 -20.44 0.22
C GLU A 128 2.54 -19.07 -0.21
N LEU A 129 3.49 -18.51 0.55
CA LEU A 129 3.95 -17.13 0.44
C LEU A 129 4.58 -16.83 -0.90
N GLU A 130 5.50 -17.69 -1.32
CA GLU A 130 6.30 -17.46 -2.53
C GLU A 130 5.41 -17.31 -3.76
N GLU A 131 4.31 -18.05 -3.82
CA GLU A 131 3.30 -17.97 -4.87
C GLU A 131 2.62 -16.60 -4.84
N THR A 132 2.36 -16.08 -3.64
CA THR A 132 1.72 -14.80 -3.46
C THR A 132 2.66 -13.70 -3.96
N ILE A 133 3.95 -13.75 -3.62
CA ILE A 133 4.93 -12.79 -4.15
C ILE A 133 4.88 -12.81 -5.69
N GLN A 134 4.77 -13.98 -6.32
CA GLN A 134 4.66 -14.09 -7.78
C GLN A 134 3.41 -13.39 -8.30
N ALA A 135 2.27 -13.59 -7.62
CA ALA A 135 0.97 -13.05 -7.99
C ALA A 135 1.01 -11.52 -8.05
N VAL A 136 1.73 -10.90 -7.11
CA VAL A 136 1.84 -9.44 -7.08
C VAL A 136 2.54 -8.94 -8.35
N GLN A 137 3.60 -9.63 -8.78
CA GLN A 137 4.45 -9.18 -9.88
C GLN A 137 3.74 -9.37 -11.22
N GLU A 138 2.83 -10.34 -11.32
CA GLU A 138 2.00 -10.56 -12.49
C GLU A 138 1.24 -9.28 -12.84
N GLU A 139 0.53 -8.76 -11.84
CA GLU A 139 -0.25 -7.55 -11.96
C GLU A 139 0.63 -6.33 -12.18
N ASN A 140 1.74 -6.23 -11.44
CA ASN A 140 2.72 -5.16 -11.63
C ASN A 140 3.05 -5.00 -13.12
N LYS A 141 3.33 -6.10 -13.82
CA LYS A 141 3.68 -6.06 -15.25
C LYS A 141 2.58 -5.42 -16.08
N ALA A 142 1.34 -5.85 -15.87
CA ALA A 142 0.14 -5.38 -16.57
C ALA A 142 -0.19 -3.91 -16.26
N PHE A 143 0.40 -3.35 -15.21
CA PHE A 143 0.31 -1.92 -14.92
C PHE A 143 1.48 -1.23 -15.61
N GLU A 144 2.72 -1.60 -15.28
CA GLU A 144 3.93 -0.87 -15.70
C GLU A 144 4.16 -0.91 -17.21
N GLU A 145 3.61 -1.93 -17.90
CA GLU A 145 3.63 -2.00 -19.35
C GLU A 145 2.94 -0.76 -19.94
N LEU A 146 1.93 -0.22 -19.26
CA LEU A 146 0.94 0.72 -19.80
C LEU A 146 0.97 2.08 -19.08
N HIS A 147 1.48 2.08 -17.85
CA HIS A 147 1.67 3.18 -16.92
C HIS A 147 3.14 3.20 -16.48
N PRO A 148 4.06 3.69 -17.33
CA PRO A 148 5.49 3.63 -17.10
C PRO A 148 5.94 4.66 -16.07
N GLY A 1 7.13 30.66 2.09
CA GLY A 1 6.86 30.35 0.69
C GLY A 1 7.72 29.17 0.29
N ALA A 2 7.09 28.04 -0.03
CA ALA A 2 7.75 26.80 -0.40
C ALA A 2 7.15 26.28 -1.71
N GLU A 3 7.70 25.19 -2.24
CA GLU A 3 7.24 24.52 -3.44
C GLU A 3 7.12 23.03 -3.17
N GLU A 4 6.32 22.69 -2.17
CA GLU A 4 6.10 21.29 -1.85
C GLU A 4 5.12 20.73 -2.87
N GLU A 5 5.25 19.43 -3.11
CA GLU A 5 4.38 18.73 -4.03
C GLU A 5 3.04 18.47 -3.32
N ASP A 6 1.93 18.44 -4.06
CA ASP A 6 0.60 18.45 -3.45
C ASP A 6 0.00 17.06 -3.31
N PHE A 7 -0.63 16.79 -2.17
CA PHE A 7 -1.27 15.54 -1.79
C PHE A 7 -2.20 14.94 -2.84
N LYS A 8 -2.89 15.75 -3.64
CA LYS A 8 -3.75 15.23 -4.72
C LYS A 8 -2.92 14.99 -5.96
N THR A 9 -2.18 16.00 -6.42
CA THR A 9 -1.43 15.91 -7.65
C THR A 9 -0.38 14.80 -7.61
N PHE A 10 0.29 14.59 -6.48
CA PHE A 10 1.32 13.55 -6.42
C PHE A 10 0.60 12.20 -6.50
N LEU A 11 -0.60 12.07 -5.91
CA LEU A 11 -1.43 10.86 -5.92
C LEU A 11 -1.89 10.52 -7.33
N GLN A 12 -2.35 11.53 -8.10
CA GLN A 12 -2.71 11.33 -9.51
C GLN A 12 -1.58 10.59 -10.21
N LYS A 13 -0.37 11.15 -10.16
CA LYS A 13 0.82 10.58 -10.80
C LYS A 13 1.22 9.24 -10.20
N PHE A 14 1.05 9.08 -8.88
CA PHE A 14 1.33 7.84 -8.18
C PHE A 14 0.61 6.68 -8.87
N THR A 15 -0.64 6.89 -9.26
CA THR A 15 -1.50 5.84 -9.78
C THR A 15 -1.39 5.64 -11.30
N SER A 16 -1.00 6.67 -12.06
CA SER A 16 -0.90 6.60 -13.52
C SER A 16 0.54 6.50 -14.02
N SER A 17 1.55 6.35 -13.16
CA SER A 17 2.93 6.15 -13.60
C SER A 17 3.66 5.20 -12.65
N ALA A 18 3.93 3.97 -13.10
CA ALA A 18 4.66 2.97 -12.33
C ALA A 18 6.05 3.50 -11.91
N SER A 19 6.79 4.14 -12.81
CA SER A 19 8.10 4.69 -12.46
C SER A 19 8.02 5.74 -11.36
N PHE A 20 6.97 6.57 -11.38
CA PHE A 20 6.74 7.59 -10.36
C PHE A 20 6.40 6.89 -9.03
N GLN A 21 5.53 5.87 -9.05
CA GLN A 21 5.21 5.01 -7.91
C GLN A 21 6.53 4.58 -7.23
N TYR A 22 7.39 3.86 -7.97
CA TYR A 22 8.66 3.36 -7.46
C TYR A 22 9.59 4.48 -6.99
N SER A 23 9.69 5.59 -7.72
CA SER A 23 10.56 6.72 -7.40
C SER A 23 10.24 7.39 -6.05
N ARG A 24 9.14 7.05 -5.38
CA ARG A 24 8.62 7.79 -4.25
C ARG A 24 8.34 6.88 -3.05
N ILE A 25 9.03 5.75 -2.91
CA ILE A 25 8.82 4.77 -1.84
C ILE A 25 10.18 4.45 -1.23
N LYS A 26 10.31 4.68 0.07
CA LYS A 26 11.50 4.40 0.85
C LYS A 26 11.67 2.89 1.04
N PHE A 27 12.88 2.42 1.34
CA PHE A 27 13.10 0.99 1.56
C PHE A 27 14.22 0.67 2.57
N PRO A 28 14.16 -0.49 3.27
CA PRO A 28 12.96 -1.30 3.47
C PRO A 28 11.92 -0.52 4.27
N LEU A 29 10.68 -0.97 4.23
CA LEU A 29 9.55 -0.23 4.80
C LEU A 29 9.44 -0.51 6.29
N LYS A 30 8.84 0.44 7.03
CA LYS A 30 8.83 0.37 8.49
C LYS A 30 7.99 -0.80 9.03
N SER A 31 6.98 -1.22 8.29
CA SER A 31 6.15 -2.41 8.41
C SER A 31 6.90 -3.67 7.94
N PRO A 32 7.65 -4.40 8.77
CA PRO A 32 7.98 -5.77 8.37
C PRO A 32 6.68 -6.52 8.09
N ILE A 33 6.72 -7.46 7.15
CA ILE A 33 5.58 -8.31 6.84
C ILE A 33 5.57 -9.38 7.94
N ALA A 34 4.54 -9.43 8.78
CA ALA A 34 4.54 -10.20 10.01
C ALA A 34 3.49 -11.31 9.99
N LEU A 35 3.89 -12.56 9.78
CA LEU A 35 3.00 -13.71 9.62
C LEU A 35 3.03 -14.67 10.83
N LEU A 36 2.33 -15.80 10.75
CA LEU A 36 2.25 -16.89 11.74
C LEU A 36 3.01 -18.11 11.21
N LYS A 37 3.82 -18.78 12.03
CA LYS A 37 4.46 -20.04 11.68
C LYS A 37 3.41 -21.17 11.59
N ASP A 38 3.87 -22.37 11.28
CA ASP A 38 3.14 -23.64 11.26
C ASP A 38 2.78 -24.12 12.68
N ASP A 39 2.32 -23.19 13.54
CA ASP A 39 2.02 -23.38 14.96
C ASP A 39 0.60 -22.93 15.30
N GLY A 40 -0.03 -22.17 14.40
CA GLY A 40 -1.29 -21.47 14.60
C GLY A 40 -0.99 -19.99 14.77
N GLU A 41 -0.78 -19.51 16.01
CA GLU A 41 -0.85 -18.09 16.37
C GLU A 41 0.53 -17.61 16.84
N THR A 42 1.48 -17.60 15.90
CA THR A 42 2.91 -17.47 16.15
C THR A 42 3.46 -16.08 15.77
N GLU A 43 4.77 -15.88 15.94
CA GLU A 43 5.50 -14.70 15.51
C GLU A 43 6.50 -15.05 14.41
N GLN A 44 6.46 -14.27 13.34
CA GLN A 44 7.32 -14.35 12.18
C GLN A 44 7.39 -12.96 11.54
N THR A 45 8.51 -12.56 10.93
CA THR A 45 8.65 -11.30 10.22
C THR A 45 9.58 -11.44 9.00
N PHE A 46 9.31 -10.70 7.91
CA PHE A 46 10.11 -10.61 6.69
C PHE A 46 10.56 -9.16 6.47
N PRO A 47 11.71 -8.91 5.83
CA PRO A 47 12.13 -7.59 5.38
C PRO A 47 11.30 -7.17 4.17
N PHE A 48 10.52 -6.09 4.29
CA PHE A 48 9.65 -5.60 3.22
C PHE A 48 10.51 -4.71 2.30
N THR A 49 10.95 -5.26 1.17
CA THR A 49 11.79 -4.56 0.19
C THR A 49 11.00 -4.28 -1.10
N ARG A 50 11.64 -3.71 -2.12
CA ARG A 50 11.02 -3.50 -3.43
C ARG A 50 10.58 -4.81 -4.10
N GLU A 51 11.29 -5.92 -3.89
CA GLU A 51 11.13 -7.21 -4.61
C GLU A 51 9.84 -7.99 -4.27
N LYS A 52 8.90 -7.34 -3.60
CA LYS A 52 7.61 -7.83 -3.12
C LYS A 52 6.57 -6.70 -3.21
N TRP A 53 6.88 -5.54 -3.82
CA TRP A 53 5.88 -4.50 -4.03
C TRP A 53 4.75 -5.04 -4.89
N ALA A 54 3.54 -4.49 -4.71
CA ALA A 54 2.40 -4.63 -5.58
C ALA A 54 1.91 -3.23 -5.96
N LEU A 55 1.89 -2.94 -7.26
CA LEU A 55 1.45 -1.67 -7.82
C LEU A 55 0.00 -1.37 -7.45
N LEU A 56 -0.40 -0.09 -7.56
CA LEU A 56 -1.64 0.44 -7.04
C LEU A 56 -2.21 1.47 -8.01
N ASP A 57 -3.53 1.43 -8.22
CA ASP A 57 -4.29 2.26 -9.17
C ASP A 57 -5.10 3.35 -8.45
N GLU A 58 -5.79 4.18 -9.24
CA GLU A 58 -6.51 5.36 -8.79
C GLU A 58 -7.65 4.96 -7.86
N GLU A 59 -8.46 4.03 -8.32
CA GLU A 59 -9.65 3.57 -7.63
C GLU A 59 -9.30 2.88 -6.31
N THR A 60 -8.08 2.38 -6.18
CA THR A 60 -7.51 1.93 -4.92
C THR A 60 -7.16 3.14 -4.04
N LEU A 61 -6.50 4.18 -4.59
CA LEU A 61 -6.11 5.39 -3.85
C LEU A 61 -7.23 6.44 -3.95
N LYS A 62 -8.45 6.02 -3.59
CA LYS A 62 -9.63 6.88 -3.64
C LYS A 62 -10.27 6.91 -2.28
N GLU A 63 -11.02 7.97 -2.03
CA GLU A 63 -11.56 8.32 -0.73
C GLU A 63 -13.08 8.37 -0.82
N GLY A 64 -13.75 7.40 -0.20
CA GLY A 64 -15.20 7.36 -0.10
C GLY A 64 -15.66 6.01 0.41
N ARG A 65 -16.96 5.91 0.71
CA ARG A 65 -17.64 4.64 0.97
C ARG A 65 -18.11 4.06 -0.36
N THR A 66 -18.03 2.74 -0.48
CA THR A 66 -18.56 2.01 -1.63
C THR A 66 -19.93 1.36 -1.30
N THR A 67 -20.46 0.63 -2.27
CA THR A 67 -21.49 -0.37 -2.14
C THR A 67 -20.92 -1.61 -2.84
N GLU A 68 -20.68 -2.69 -2.09
CA GLU A 68 -20.26 -3.96 -2.67
C GLU A 68 -21.43 -4.66 -3.36
N GLU A 69 -21.09 -5.75 -4.05
CA GLU A 69 -22.05 -6.50 -4.85
C GLU A 69 -22.90 -7.47 -4.05
N GLU A 70 -22.40 -7.88 -2.89
CA GLU A 70 -23.02 -8.82 -1.99
C GLU A 70 -23.23 -8.27 -0.57
N GLY A 71 -22.92 -6.99 -0.34
CA GLY A 71 -23.34 -6.29 0.86
C GLY A 71 -22.20 -6.07 1.82
N GLY A 72 -21.34 -5.10 1.52
CA GLY A 72 -20.19 -4.74 2.32
C GLY A 72 -19.90 -3.25 2.12
N THR A 73 -19.63 -2.57 3.21
CA THR A 73 -19.34 -1.15 3.25
C THR A 73 -17.83 -1.00 3.39
N TYR A 74 -17.13 -0.89 2.26
CA TYR A 74 -15.73 -0.48 2.25
C TYR A 74 -15.69 1.04 2.38
N ILE A 75 -14.72 1.56 3.11
CA ILE A 75 -14.54 2.97 3.45
C ILE A 75 -13.04 3.26 3.33
N SER A 76 -12.69 4.29 2.57
CA SER A 76 -11.30 4.69 2.34
C SER A 76 -11.15 6.18 2.61
N HIS A 77 -10.09 6.58 3.30
CA HIS A 77 -9.74 7.98 3.54
C HIS A 77 -8.33 8.14 4.10
N PHE A 78 -7.88 9.39 4.23
CA PHE A 78 -6.78 9.76 5.11
C PHE A 78 -7.30 9.79 6.54
N THR A 79 -6.46 9.47 7.53
CA THR A 79 -6.81 9.52 8.95
C THR A 79 -6.12 10.70 9.67
N VAL A 80 -5.61 11.66 8.91
CA VAL A 80 -4.86 12.79 9.42
C VAL A 80 -4.90 13.88 8.35
N ASN A 81 -4.68 15.11 8.80
CA ASN A 81 -4.62 16.31 8.00
C ASN A 81 -3.55 17.14 8.68
N GLU A 82 -2.32 17.10 8.19
CA GLU A 82 -1.24 18.01 8.56
C GLU A 82 -0.53 18.44 7.28
N PRO A 83 0.28 19.52 7.31
CA PRO A 83 0.87 20.10 6.11
C PRO A 83 2.03 19.29 5.50
N ALA A 84 2.62 18.34 6.24
CA ALA A 84 3.75 17.52 5.79
C ALA A 84 3.66 16.06 6.26
N HIS A 85 2.54 15.63 6.85
CA HIS A 85 2.39 14.30 7.40
C HIS A 85 0.97 13.87 7.10
N LYS A 86 0.79 12.79 6.35
CA LYS A 86 -0.54 12.20 6.16
C LYS A 86 -0.40 10.67 6.22
N GLU A 87 -1.52 9.96 6.32
CA GLU A 87 -1.65 8.51 6.39
C GLU A 87 -2.88 8.17 5.55
N PHE A 88 -3.10 6.91 5.19
CA PHE A 88 -4.26 6.49 4.42
C PHE A 88 -4.69 5.10 4.83
N GLU A 89 -5.99 4.88 4.91
CA GLU A 89 -6.60 3.66 5.39
C GLU A 89 -7.77 3.32 4.48
N ALA A 90 -7.83 2.08 4.00
CA ALA A 90 -9.02 1.49 3.42
C ALA A 90 -9.36 0.22 4.19
N GLY A 91 -10.65 0.02 4.46
CA GLY A 91 -11.16 -1.04 5.31
C GLY A 91 -12.67 -1.13 5.26
N TYR A 92 -13.22 -2.26 5.74
CA TYR A 92 -14.66 -2.43 5.85
C TYR A 92 -15.16 -1.93 7.21
N ASP A 93 -16.39 -1.44 7.27
CA ASP A 93 -17.05 -1.07 8.52
C ASP A 93 -17.26 -2.35 9.36
N GLU A 94 -17.32 -2.21 10.69
CA GLU A 94 -17.27 -3.30 11.68
C GLU A 94 -16.06 -4.25 11.58
N SER A 95 -15.12 -4.00 10.65
CA SER A 95 -13.93 -4.80 10.42
C SER A 95 -12.69 -3.95 10.68
N GLU A 96 -11.51 -4.54 10.44
CA GLU A 96 -10.26 -3.81 10.44
C GLU A 96 -10.00 -3.23 9.04
N PRO A 97 -9.12 -2.23 8.90
CA PRO A 97 -8.56 -1.90 7.60
C PRO A 97 -7.55 -2.95 7.16
N SER A 98 -7.13 -2.87 5.90
CA SER A 98 -6.23 -3.84 5.29
C SER A 98 -5.22 -3.20 4.33
N LEU A 99 -5.30 -1.89 4.12
CA LEU A 99 -4.48 -1.16 3.15
C LEU A 99 -4.07 0.14 3.83
N ARG A 100 -2.83 0.18 4.34
CA ARG A 100 -2.29 1.26 5.19
C ARG A 100 -1.14 1.92 4.44
N VAL A 101 -1.11 3.26 4.33
CA VAL A 101 -0.06 3.98 3.58
C VAL A 101 0.37 5.24 4.35
N VAL A 102 1.53 5.18 5.02
CA VAL A 102 2.15 6.36 5.63
C VAL A 102 2.72 7.24 4.52
N PHE A 103 2.65 8.56 4.68
CA PHE A 103 3.28 9.53 3.80
C PHE A 103 4.01 10.59 4.61
N GLU A 104 5.22 10.91 4.16
CA GLU A 104 6.08 11.90 4.76
C GLU A 104 6.64 12.79 3.64
N LEU A 105 6.94 14.05 3.96
CA LEU A 105 7.33 15.10 3.04
C LEU A 105 8.62 15.73 3.55
N THR A 106 9.68 15.76 2.75
CA THR A 106 10.87 16.56 3.05
C THR A 106 11.49 17.03 1.74
N ASP A 107 12.03 18.25 1.75
CA ASP A 107 12.68 18.87 0.59
C ASP A 107 11.68 18.95 -0.58
N GLY A 108 10.41 19.21 -0.24
CA GLY A 108 9.28 19.26 -1.15
C GLY A 108 8.83 17.90 -1.67
N LYS A 109 9.57 16.81 -1.42
CA LYS A 109 9.30 15.52 -2.02
C LYS A 109 8.49 14.69 -1.05
N TRP A 110 7.35 14.20 -1.51
CA TRP A 110 6.66 13.10 -0.86
C TRP A 110 7.47 11.82 -1.00
N TYR A 111 7.43 10.99 0.03
CA TYR A 111 7.91 9.62 -0.03
C TYR A 111 7.01 8.77 0.88
N VAL A 112 6.62 7.59 0.40
CA VAL A 112 5.93 6.60 1.22
C VAL A 112 6.98 5.94 2.10
N THR A 113 6.69 5.65 3.37
CA THR A 113 7.63 5.02 4.30
C THR A 113 7.13 3.69 4.86
N ASP A 114 5.86 3.34 4.60
CA ASP A 114 5.23 2.18 5.20
C ASP A 114 4.25 1.54 4.23
N CYS A 115 3.89 0.28 4.45
CA CYS A 115 2.89 -0.41 3.66
C CYS A 115 2.32 -1.56 4.47
N TYR A 116 1.01 -1.67 4.43
CA TYR A 116 0.20 -2.82 4.81
C TYR A 116 -0.64 -3.07 3.56
N ASN A 117 -0.62 -4.30 3.01
CA ASN A 117 -1.39 -4.64 1.81
C ASN A 117 -1.85 -6.08 1.94
N ASP A 118 -3.06 -6.41 1.48
CA ASP A 118 -3.70 -7.70 1.67
C ASP A 118 -2.91 -8.85 1.04
N TRP A 119 -2.05 -8.61 0.03
CA TRP A 119 -1.21 -9.64 -0.58
C TRP A 119 -0.35 -10.43 0.39
N TYR A 120 -0.01 -9.88 1.55
CA TYR A 120 0.81 -10.53 2.57
C TYR A 120 0.14 -10.32 3.92
N ASN A 121 -1.06 -10.86 4.08
CA ASN A 121 -1.85 -10.75 5.31
C ASN A 121 -1.71 -12.00 6.17
N PHE A 122 -2.50 -12.09 7.23
CA PHE A 122 -2.55 -13.21 8.17
C PHE A 122 -2.75 -14.55 7.48
N ASP A 123 -3.57 -14.56 6.44
CA ASP A 123 -4.01 -15.77 5.76
C ASP A 123 -2.94 -16.28 4.77
N LEU A 124 -1.64 -15.95 4.96
CA LEU A 124 -0.57 -16.29 4.03
C LEU A 124 0.57 -17.04 4.73
N PRO A 125 0.49 -18.38 4.86
CA PRO A 125 1.53 -19.19 5.48
C PRO A 125 2.88 -19.05 4.74
N ILE A 126 4.00 -19.03 5.48
CA ILE A 126 5.33 -18.76 4.95
C ILE A 126 5.66 -19.71 3.78
N ASN A 127 5.15 -20.94 3.81
CA ASN A 127 5.38 -21.96 2.78
C ASN A 127 4.74 -21.65 1.43
N GLU A 128 3.72 -20.79 1.39
CA GLU A 128 3.11 -20.30 0.13
C GLU A 128 3.58 -18.86 -0.19
N LEU A 129 4.21 -18.19 0.77
CA LEU A 129 4.67 -16.81 0.62
C LEU A 129 5.61 -16.68 -0.56
N GLU A 130 6.57 -17.58 -0.67
CA GLU A 130 7.65 -17.52 -1.66
C GLU A 130 7.13 -17.80 -3.08
N GLU A 131 5.95 -18.41 -3.20
CA GLU A 131 5.15 -18.48 -4.42
C GLU A 131 4.38 -17.17 -4.62
N THR A 132 3.81 -16.61 -3.55
CA THR A 132 2.95 -15.43 -3.63
C THR A 132 3.73 -14.25 -4.17
N ILE A 133 4.96 -14.03 -3.71
CA ILE A 133 5.82 -12.97 -4.24
C ILE A 133 5.93 -13.10 -5.77
N GLN A 134 6.08 -14.31 -6.30
CA GLN A 134 6.15 -14.53 -7.75
C GLN A 134 4.82 -14.09 -8.38
N ALA A 135 3.69 -14.50 -7.78
CA ALA A 135 2.36 -14.17 -8.27
C ALA A 135 2.09 -12.66 -8.25
N VAL A 136 2.64 -11.94 -7.27
CA VAL A 136 2.51 -10.48 -7.21
C VAL A 136 3.18 -9.89 -8.45
N GLN A 137 4.42 -10.28 -8.75
CA GLN A 137 5.17 -9.67 -9.84
C GLN A 137 4.51 -9.95 -11.21
N GLU A 138 3.67 -10.99 -11.34
CA GLU A 138 2.88 -11.25 -12.54
C GLU A 138 1.99 -10.03 -12.82
N GLU A 139 1.05 -9.74 -11.92
CA GLU A 139 0.07 -8.66 -12.08
C GLU A 139 0.73 -7.30 -12.25
N ASN A 140 1.89 -7.14 -11.63
CA ASN A 140 2.63 -5.88 -11.62
C ASN A 140 3.11 -5.53 -13.01
N LYS A 141 3.56 -6.52 -13.79
CA LYS A 141 4.00 -6.29 -15.17
C LYS A 141 2.83 -5.77 -15.98
N ALA A 142 1.68 -6.43 -15.87
CA ALA A 142 0.49 -6.05 -16.61
C ALA A 142 0.13 -4.58 -16.35
N PHE A 143 0.27 -4.13 -15.11
CA PHE A 143 0.08 -2.74 -14.71
C PHE A 143 1.11 -1.83 -15.40
N GLU A 144 2.41 -1.99 -15.12
CA GLU A 144 3.42 -1.02 -15.54
C GLU A 144 3.49 -0.93 -17.06
N GLU A 145 3.24 -2.04 -17.76
CA GLU A 145 3.23 -2.18 -19.21
C GLU A 145 2.18 -1.29 -19.88
N LEU A 146 1.24 -0.77 -19.09
CA LEU A 146 0.18 0.14 -19.47
C LEU A 146 0.16 1.45 -18.66
N HIS A 147 1.03 1.63 -17.67
CA HIS A 147 1.07 2.80 -16.77
C HIS A 147 2.47 3.46 -16.81
N PRO A 148 2.84 4.13 -17.92
CA PRO A 148 4.17 4.73 -18.12
C PRO A 148 4.33 6.05 -17.35
N GLY A 1 10.13 29.39 -3.00
CA GLY A 1 10.65 29.76 -1.66
C GLY A 1 10.65 28.51 -0.81
N ALA A 2 9.57 28.22 -0.08
CA ALA A 2 9.09 26.85 -0.08
C ALA A 2 8.54 26.55 -1.48
N GLU A 3 8.48 25.26 -1.82
CA GLU A 3 7.69 24.70 -2.90
C GLU A 3 7.46 23.27 -2.46
N GLU A 4 6.22 22.81 -2.45
CA GLU A 4 5.92 21.42 -2.17
C GLU A 4 5.04 20.86 -3.27
N GLU A 5 5.16 19.55 -3.42
CA GLU A 5 4.24 18.78 -4.22
C GLU A 5 2.92 18.73 -3.44
N ASP A 6 1.80 18.80 -4.15
CA ASP A 6 0.48 18.84 -3.55
C ASP A 6 -0.09 17.43 -3.41
N PHE A 7 -0.68 17.10 -2.25
CA PHE A 7 -1.21 15.78 -1.94
C PHE A 7 -2.36 15.33 -2.86
N LYS A 8 -3.07 16.22 -3.56
CA LYS A 8 -3.96 15.80 -4.64
C LYS A 8 -3.15 15.59 -5.91
N THR A 9 -2.38 16.59 -6.33
CA THR A 9 -1.68 16.51 -7.62
C THR A 9 -0.68 15.34 -7.68
N PHE A 10 -0.04 14.96 -6.56
CA PHE A 10 0.94 13.88 -6.60
C PHE A 10 0.15 12.58 -6.79
N LEU A 11 -1.06 12.52 -6.21
CA LEU A 11 -1.94 11.36 -6.16
C LEU A 11 -2.17 10.88 -7.57
N GLN A 12 -2.68 11.77 -8.42
CA GLN A 12 -3.04 11.51 -9.80
C GLN A 12 -1.91 10.77 -10.55
N LYS A 13 -0.67 11.22 -10.34
CA LYS A 13 0.53 10.65 -10.95
C LYS A 13 0.90 9.33 -10.27
N PHE A 14 0.89 9.31 -8.95
CA PHE A 14 1.12 8.11 -8.14
C PHE A 14 0.17 6.98 -8.51
N THR A 15 -1.04 7.27 -8.99
CA THR A 15 -2.01 6.27 -9.38
C THR A 15 -1.98 5.96 -10.88
N SER A 16 -1.09 6.59 -11.65
CA SER A 16 -1.02 6.43 -13.10
C SER A 16 0.41 6.78 -13.55
N SER A 17 1.41 6.02 -13.10
CA SER A 17 2.76 5.90 -13.68
C SER A 17 3.62 5.03 -12.75
N ALA A 18 3.86 3.77 -13.11
CA ALA A 18 4.60 2.87 -12.25
C ALA A 18 6.01 3.39 -11.93
N SER A 19 6.70 4.01 -12.88
CA SER A 19 7.99 4.62 -12.57
C SER A 19 7.81 5.74 -11.54
N PHE A 20 6.80 6.60 -11.69
CA PHE A 20 6.53 7.67 -10.72
C PHE A 20 6.24 7.09 -9.34
N GLN A 21 5.28 6.16 -9.19
CA GLN A 21 4.95 5.57 -7.92
C GLN A 21 6.17 5.01 -7.20
N TYR A 22 6.97 4.18 -7.87
CA TYR A 22 8.21 3.63 -7.30
C TYR A 22 9.16 4.72 -6.80
N SER A 23 9.37 5.83 -7.53
CA SER A 23 10.25 6.90 -7.09
C SER A 23 9.83 7.56 -5.76
N ARG A 24 8.64 7.30 -5.21
CA ARG A 24 8.20 7.95 -3.97
C ARG A 24 8.53 7.13 -2.73
N ILE A 25 9.20 5.98 -2.80
CA ILE A 25 9.05 4.95 -1.77
C ILE A 25 10.42 4.65 -1.17
N LYS A 26 10.59 4.91 0.14
CA LYS A 26 11.81 4.55 0.86
C LYS A 26 12.01 3.03 0.81
N PHE A 27 13.26 2.60 1.00
CA PHE A 27 13.57 1.18 1.06
C PHE A 27 14.73 0.92 2.03
N PRO A 28 14.66 -0.12 2.88
CA PRO A 28 13.48 -0.93 3.16
C PRO A 28 12.41 -0.12 3.91
N LEU A 29 11.20 -0.68 4.07
CA LEU A 29 10.06 0.02 4.67
C LEU A 29 10.00 -0.19 6.18
N LYS A 30 8.94 0.29 6.83
CA LYS A 30 8.73 0.23 8.28
C LYS A 30 7.64 -0.77 8.71
N SER A 31 7.02 -1.46 7.76
CA SER A 31 6.10 -2.58 7.93
C SER A 31 6.88 -3.89 7.71
N PRO A 32 7.52 -4.49 8.74
CA PRO A 32 7.98 -5.86 8.60
C PRO A 32 6.78 -6.79 8.37
N ILE A 33 7.00 -7.91 7.67
CA ILE A 33 5.93 -8.83 7.25
C ILE A 33 5.85 -9.95 8.27
N ALA A 34 4.89 -9.91 9.18
CA ALA A 34 4.64 -10.98 10.14
C ALA A 34 3.51 -11.84 9.60
N LEU A 35 3.77 -13.11 9.35
CA LEU A 35 2.78 -14.14 9.16
C LEU A 35 2.86 -15.08 10.33
N LEU A 36 1.71 -15.66 10.63
CA LEU A 36 1.53 -16.60 11.73
C LEU A 36 1.66 -18.02 11.19
N LYS A 37 2.48 -18.83 11.86
CA LYS A 37 2.49 -20.27 11.70
C LYS A 37 1.16 -20.88 12.14
N ASP A 38 1.00 -22.15 11.80
CA ASP A 38 0.09 -23.13 12.42
C ASP A 38 0.41 -23.42 13.90
N ASP A 39 1.24 -22.60 14.55
CA ASP A 39 1.38 -22.45 16.00
C ASP A 39 0.41 -21.37 16.54
N GLY A 40 -0.57 -20.98 15.71
CA GLY A 40 -1.56 -19.96 15.99
C GLY A 40 -1.00 -18.60 15.72
N GLU A 41 -0.07 -18.17 16.56
CA GLU A 41 0.38 -16.80 16.74
C GLU A 41 1.82 -16.83 17.22
N THR A 42 2.70 -17.27 16.33
CA THR A 42 4.15 -17.23 16.51
C THR A 42 4.68 -15.78 16.46
N GLU A 43 5.97 -15.63 16.73
CA GLU A 43 6.78 -14.45 16.44
C GLU A 43 7.72 -14.81 15.29
N GLN A 44 7.44 -14.23 14.13
CA GLN A 44 8.04 -14.56 12.85
C GLN A 44 7.98 -13.30 11.98
N THR A 45 8.99 -13.07 11.14
CA THR A 45 9.05 -11.89 10.26
C THR A 45 9.69 -12.25 8.92
N PHE A 46 9.42 -11.45 7.89
CA PHE A 46 10.05 -11.52 6.57
C PHE A 46 10.51 -10.11 6.17
N PRO A 47 11.53 -10.00 5.29
CA PRO A 47 12.10 -8.72 4.88
C PRO A 47 11.19 -7.99 3.89
N PHE A 48 11.40 -6.68 3.75
CA PHE A 48 10.45 -5.72 3.18
C PHE A 48 11.20 -4.78 2.21
N THR A 49 11.08 -4.99 0.90
CA THR A 49 11.84 -4.27 -0.13
C THR A 49 10.94 -3.97 -1.34
N ARG A 50 11.47 -3.41 -2.43
CA ARG A 50 10.68 -3.13 -3.66
C ARG A 50 10.22 -4.41 -4.35
N GLU A 51 10.92 -5.53 -4.11
CA GLU A 51 10.67 -6.88 -4.64
C GLU A 51 9.30 -7.47 -4.29
N LYS A 52 8.44 -6.73 -3.60
CA LYS A 52 7.22 -7.17 -2.96
C LYS A 52 6.26 -5.97 -2.82
N TRP A 53 6.53 -4.84 -3.50
CA TRP A 53 5.56 -3.75 -3.61
C TRP A 53 4.49 -4.18 -4.61
N ALA A 54 3.21 -4.00 -4.28
CA ALA A 54 2.11 -4.24 -5.19
C ALA A 54 1.56 -2.90 -5.68
N LEU A 55 1.45 -2.73 -7.00
CA LEU A 55 0.92 -1.54 -7.64
C LEU A 55 -0.57 -1.33 -7.27
N LEU A 56 -1.06 -0.10 -7.34
CA LEU A 56 -2.40 0.34 -6.87
C LEU A 56 -3.12 1.06 -8.02
N ASP A 57 -4.27 1.73 -7.79
CA ASP A 57 -5.05 2.49 -8.80
C ASP A 57 -5.67 3.73 -8.15
N GLU A 58 -6.24 4.64 -8.95
CA GLU A 58 -6.86 5.90 -8.52
C GLU A 58 -7.96 5.61 -7.49
N GLU A 59 -8.83 4.67 -7.85
CA GLU A 59 -9.98 4.26 -7.05
C GLU A 59 -9.55 3.64 -5.72
N THR A 60 -8.37 3.01 -5.66
CA THR A 60 -7.84 2.48 -4.42
C THR A 60 -7.48 3.64 -3.49
N LEU A 61 -6.69 4.61 -3.97
CA LEU A 61 -6.20 5.72 -3.15
C LEU A 61 -7.16 6.92 -3.20
N LYS A 62 -8.46 6.66 -3.10
CA LYS A 62 -9.49 7.68 -3.14
C LYS A 62 -9.94 7.98 -1.73
N GLU A 63 -10.69 9.06 -1.57
CA GLU A 63 -11.23 9.49 -0.30
C GLU A 63 -12.75 9.51 -0.41
N GLY A 64 -13.41 8.55 0.23
CA GLY A 64 -14.85 8.40 0.17
C GLY A 64 -15.26 7.08 0.80
N ARG A 65 -16.34 6.50 0.29
CA ARG A 65 -16.72 5.12 0.43
C ARG A 65 -17.12 4.61 -0.95
N THR A 66 -17.28 3.30 -1.07
CA THR A 66 -17.63 2.55 -2.26
C THR A 66 -18.63 1.48 -1.83
N THR A 67 -19.18 0.73 -2.78
CA THR A 67 -19.87 -0.51 -2.53
C THR A 67 -19.33 -1.52 -3.55
N GLU A 68 -19.23 -2.79 -3.15
CA GLU A 68 -18.89 -3.89 -4.04
C GLU A 68 -20.05 -4.87 -4.02
N GLU A 69 -20.17 -5.63 -5.09
CA GLU A 69 -21.33 -6.45 -5.37
C GLU A 69 -21.18 -7.86 -4.76
N GLU A 70 -20.02 -8.13 -4.16
CA GLU A 70 -19.70 -9.31 -3.36
C GLU A 70 -19.03 -8.93 -2.03
N GLY A 71 -19.02 -7.64 -1.66
CA GLY A 71 -18.29 -7.14 -0.50
C GLY A 71 -19.25 -6.49 0.46
N GLY A 72 -19.52 -5.20 0.24
CA GLY A 72 -20.23 -4.36 1.17
C GLY A 72 -19.71 -2.93 1.00
N THR A 73 -19.95 -2.08 1.99
CA THR A 73 -19.50 -0.70 2.05
C THR A 73 -18.01 -0.66 2.41
N TYR A 74 -17.12 -0.52 1.41
CA TYR A 74 -15.68 -0.34 1.62
C TYR A 74 -15.39 1.16 1.74
N ILE A 75 -14.49 1.53 2.62
CA ILE A 75 -13.98 2.87 2.81
C ILE A 75 -12.54 2.86 2.31
N SER A 76 -12.10 3.99 1.79
CA SER A 76 -10.72 4.31 1.42
C SER A 76 -10.64 5.82 1.72
N HIS A 77 -9.61 6.29 2.41
CA HIS A 77 -9.38 7.70 2.74
C HIS A 77 -8.03 7.84 3.44
N PHE A 78 -7.62 9.08 3.69
CA PHE A 78 -6.60 9.37 4.68
C PHE A 78 -7.29 9.60 6.02
N THR A 79 -6.59 9.34 7.12
CA THR A 79 -7.18 9.23 8.46
C THR A 79 -6.57 10.23 9.45
N VAL A 80 -5.73 11.13 8.96
CA VAL A 80 -4.99 12.12 9.75
C VAL A 80 -4.82 13.34 8.85
N ASN A 81 -5.23 14.53 9.31
CA ASN A 81 -5.25 15.71 8.48
C ASN A 81 -4.24 16.72 9.02
N GLU A 82 -2.95 16.41 8.82
CA GLU A 82 -1.83 17.33 9.04
C GLU A 82 -1.21 17.65 7.68
N PRO A 83 -0.53 18.81 7.54
CA PRO A 83 -0.08 19.27 6.23
C PRO A 83 1.07 18.44 5.65
N ALA A 84 1.82 17.69 6.45
CA ALA A 84 3.07 17.04 6.02
C ALA A 84 3.27 15.63 6.57
N HIS A 85 2.28 15.07 7.28
CA HIS A 85 2.37 13.75 7.90
C HIS A 85 0.98 13.17 7.84
N LYS A 86 0.70 12.30 6.85
CA LYS A 86 -0.62 11.69 6.70
C LYS A 86 -0.44 10.18 6.55
N GLU A 87 -1.51 9.41 6.62
CA GLU A 87 -1.51 8.01 6.27
C GLU A 87 -2.90 7.67 5.73
N PHE A 88 -2.99 6.56 5.01
CA PHE A 88 -4.14 6.13 4.24
C PHE A 88 -4.56 4.78 4.76
N GLU A 89 -5.87 4.58 4.90
CA GLU A 89 -6.53 3.37 5.36
C GLU A 89 -7.57 3.01 4.31
N ALA A 90 -7.82 1.72 4.10
CA ALA A 90 -9.03 1.23 3.47
C ALA A 90 -9.48 -0.05 4.16
N GLY A 91 -10.79 -0.25 4.24
CA GLY A 91 -11.41 -1.33 5.00
C GLY A 91 -12.93 -1.18 5.00
N TYR A 92 -13.65 -2.22 5.41
CA TYR A 92 -15.11 -2.22 5.39
C TYR A 92 -15.70 -1.52 6.61
N ASP A 93 -16.96 -1.07 6.47
CA ASP A 93 -17.66 -0.33 7.52
C ASP A 93 -17.88 -1.28 8.70
N GLU A 94 -17.58 -0.80 9.91
CA GLU A 94 -17.53 -1.56 11.17
C GLU A 94 -16.48 -2.68 11.21
N SER A 95 -15.64 -2.84 10.18
CA SER A 95 -14.60 -3.86 10.10
C SER A 95 -13.19 -3.27 10.21
N GLU A 96 -12.22 -4.16 10.43
CA GLU A 96 -10.78 -3.89 10.44
C GLU A 96 -10.27 -3.65 9.01
N PRO A 97 -9.14 -2.94 8.80
CA PRO A 97 -8.68 -2.56 7.48
C PRO A 97 -8.14 -3.74 6.66
N SER A 98 -7.93 -3.50 5.36
CA SER A 98 -7.26 -4.42 4.44
C SER A 98 -5.95 -3.83 3.88
N LEU A 99 -5.83 -2.50 3.84
CA LEU A 99 -4.79 -1.78 3.11
C LEU A 99 -4.33 -0.58 3.94
N ARG A 100 -3.02 -0.29 3.97
CA ARG A 100 -2.47 0.89 4.63
C ARG A 100 -1.33 1.50 3.81
N VAL A 101 -1.29 2.83 3.70
CA VAL A 101 -0.24 3.56 2.97
C VAL A 101 0.14 4.81 3.76
N VAL A 102 1.27 4.78 4.43
CA VAL A 102 1.79 5.93 5.18
C VAL A 102 2.47 6.94 4.23
N PHE A 103 2.33 8.25 4.48
CA PHE A 103 2.91 9.30 3.63
C PHE A 103 3.53 10.44 4.44
N GLU A 104 4.76 10.82 4.12
CA GLU A 104 5.53 11.87 4.80
C GLU A 104 5.98 12.89 3.76
N LEU A 105 6.15 14.15 4.18
CA LEU A 105 6.57 15.28 3.35
C LEU A 105 7.77 15.94 4.02
N THR A 106 8.89 16.00 3.29
CA THR A 106 10.12 16.68 3.69
C THR A 106 10.67 17.35 2.44
N ASP A 107 11.26 18.54 2.58
CA ASP A 107 11.98 19.25 1.50
C ASP A 107 11.06 19.60 0.32
N GLY A 108 9.75 19.58 0.56
CA GLY A 108 8.72 19.75 -0.45
C GLY A 108 8.34 18.47 -1.17
N LYS A 109 8.85 17.30 -0.78
CA LYS A 109 8.68 16.05 -1.51
C LYS A 109 7.83 15.12 -0.65
N TRP A 110 6.78 14.57 -1.23
CA TRP A 110 5.98 13.50 -0.61
C TRP A 110 6.68 12.16 -0.88
N TYR A 111 6.65 11.25 0.10
CA TYR A 111 7.17 9.90 -0.02
C TYR A 111 6.43 8.93 0.89
N VAL A 112 6.54 7.62 0.62
CA VAL A 112 5.95 6.52 1.38
C VAL A 112 7.06 5.88 2.23
N THR A 113 6.72 5.41 3.44
CA THR A 113 7.68 4.85 4.39
C THR A 113 7.26 3.51 5.00
N ASP A 114 6.01 3.10 4.82
CA ASP A 114 5.43 1.86 5.31
C ASP A 114 4.58 1.31 4.16
N CYS A 115 4.22 0.02 4.16
CA CYS A 115 3.19 -0.47 3.26
C CYS A 115 2.49 -1.68 3.87
N TYR A 116 1.18 -1.81 3.66
CA TYR A 116 0.47 -3.02 4.01
C TYR A 116 -0.52 -3.37 2.91
N ASN A 117 -0.26 -4.47 2.20
CA ASN A 117 -1.18 -5.09 1.24
C ASN A 117 -1.74 -6.35 1.85
N ASP A 118 -2.99 -6.64 1.47
CA ASP A 118 -3.70 -7.84 1.92
C ASP A 118 -3.14 -9.12 1.28
N TRP A 119 -2.22 -9.00 0.32
CA TRP A 119 -1.44 -10.12 -0.21
C TRP A 119 -0.74 -10.87 0.91
N TYR A 120 -0.20 -10.13 1.89
CA TYR A 120 0.50 -10.67 3.04
C TYR A 120 -0.20 -10.23 4.32
N ASN A 121 -1.43 -10.71 4.41
CA ASN A 121 -2.28 -10.75 5.60
C ASN A 121 -1.80 -11.87 6.53
N PHE A 122 -2.42 -11.95 7.71
CA PHE A 122 -2.02 -12.80 8.83
C PHE A 122 -2.54 -14.24 8.74
N ASP A 123 -3.15 -14.65 7.63
CA ASP A 123 -3.43 -16.06 7.35
C ASP A 123 -2.89 -16.40 5.97
N LEU A 124 -1.58 -16.18 5.78
CA LEU A 124 -0.85 -16.71 4.62
C LEU A 124 0.12 -17.79 5.14
N PRO A 125 0.34 -18.91 4.43
CA PRO A 125 1.32 -19.90 4.85
C PRO A 125 2.74 -19.50 4.45
N ILE A 126 3.60 -19.28 5.45
CA ILE A 126 5.02 -18.93 5.27
C ILE A 126 5.70 -19.82 4.24
N ASN A 127 5.42 -21.12 4.23
CA ASN A 127 6.15 -22.03 3.33
C ASN A 127 5.84 -21.78 1.84
N GLU A 128 4.76 -21.09 1.53
CA GLU A 128 4.35 -20.72 0.18
C GLU A 128 4.78 -19.28 -0.17
N LEU A 129 5.46 -18.56 0.74
CA LEU A 129 5.62 -17.12 0.64
C LEU A 129 6.30 -16.71 -0.65
N GLU A 130 7.45 -17.32 -0.93
CA GLU A 130 8.26 -17.05 -2.11
C GLU A 130 7.47 -17.14 -3.42
N GLU A 131 6.33 -17.85 -3.44
CA GLU A 131 5.46 -17.97 -4.59
C GLU A 131 4.23 -17.05 -4.50
N THR A 132 3.74 -16.66 -3.32
CA THR A 132 2.77 -15.57 -3.25
C THR A 132 3.45 -14.28 -3.76
N ILE A 133 4.77 -14.12 -3.59
CA ILE A 133 5.48 -12.97 -4.13
C ILE A 133 5.36 -12.99 -5.67
N GLN A 134 5.65 -14.13 -6.29
CA GLN A 134 5.70 -14.14 -7.75
C GLN A 134 4.33 -13.85 -8.36
N ALA A 135 3.29 -14.28 -7.65
CA ALA A 135 1.89 -14.02 -8.00
C ALA A 135 1.54 -12.54 -7.99
N VAL A 136 1.98 -11.77 -6.98
CA VAL A 136 1.72 -10.33 -6.98
C VAL A 136 2.49 -9.63 -8.10
N GLN A 137 3.66 -10.16 -8.45
CA GLN A 137 4.50 -9.58 -9.49
C GLN A 137 3.94 -9.93 -10.87
N GLU A 138 3.30 -11.10 -11.01
CA GLU A 138 2.51 -11.51 -12.17
C GLU A 138 1.44 -10.47 -12.46
N GLU A 139 0.69 -10.04 -11.44
CA GLU A 139 -0.30 -8.97 -11.64
C GLU A 139 0.39 -7.65 -12.01
N ASN A 140 1.42 -7.29 -11.26
CA ASN A 140 2.09 -5.97 -11.35
C ASN A 140 2.48 -5.63 -12.77
N LYS A 141 3.13 -6.54 -13.48
CA LYS A 141 3.65 -6.28 -14.83
C LYS A 141 2.54 -5.82 -15.77
N ALA A 142 1.37 -6.45 -15.72
CA ALA A 142 0.27 -6.15 -16.62
C ALA A 142 -0.30 -4.74 -16.42
N PHE A 143 0.01 -4.10 -15.29
CA PHE A 143 -0.23 -2.69 -15.06
C PHE A 143 0.92 -1.90 -15.69
N GLU A 144 2.14 -2.02 -15.16
CA GLU A 144 3.24 -1.09 -15.46
C GLU A 144 3.71 -1.12 -16.91
N GLU A 145 3.45 -2.22 -17.64
CA GLU A 145 3.77 -2.36 -19.05
C GLU A 145 2.91 -1.37 -19.88
N LEU A 146 1.81 -0.90 -19.30
CA LEU A 146 0.71 -0.17 -19.95
C LEU A 146 0.27 1.08 -19.16
N HIS A 147 0.86 1.27 -17.98
CA HIS A 147 0.76 2.41 -17.08
C HIS A 147 2.19 2.86 -16.71
N PRO A 148 2.92 3.47 -17.66
CA PRO A 148 4.36 3.72 -17.55
C PRO A 148 4.70 4.80 -16.54
N GLY A 1 10.05 28.65 -4.95
CA GLY A 1 10.16 29.39 -3.68
C GLY A 1 9.95 28.40 -2.53
N ALA A 2 9.38 28.85 -1.40
CA ALA A 2 8.70 27.92 -0.52
C ALA A 2 7.36 27.63 -1.17
N GLU A 3 7.19 26.42 -1.65
CA GLU A 3 5.89 25.82 -1.88
C GLU A 3 6.13 24.32 -1.91
N GLU A 4 5.06 23.53 -1.80
CA GLU A 4 5.18 22.08 -1.74
C GLU A 4 4.25 21.40 -2.75
N GLU A 5 4.51 20.12 -2.95
CA GLU A 5 3.72 19.27 -3.83
C GLU A 5 2.40 18.89 -3.12
N ASP A 6 1.35 18.62 -3.89
CA ASP A 6 -0.03 18.62 -3.41
C ASP A 6 -0.64 17.22 -3.40
N PHE A 7 -1.32 16.90 -2.31
CA PHE A 7 -1.94 15.63 -1.99
C PHE A 7 -2.95 15.11 -3.01
N LYS A 8 -3.54 15.95 -3.85
CA LYS A 8 -4.28 15.50 -5.03
C LYS A 8 -3.29 15.27 -6.17
N THR A 9 -2.55 16.32 -6.55
CA THR A 9 -1.75 16.33 -7.77
C THR A 9 -0.61 15.31 -7.77
N PHE A 10 -0.07 14.92 -6.62
CA PHE A 10 0.96 13.88 -6.54
C PHE A 10 0.31 12.52 -6.80
N LEU A 11 -0.95 12.35 -6.37
CA LEU A 11 -1.71 11.11 -6.38
C LEU A 11 -2.08 10.76 -7.81
N GLN A 12 -2.46 11.76 -8.62
CA GLN A 12 -2.66 11.64 -10.06
C GLN A 12 -1.44 10.95 -10.70
N LYS A 13 -0.25 11.52 -10.48
CA LYS A 13 1.02 11.01 -11.02
C LYS A 13 1.30 9.60 -10.51
N PHE A 14 1.16 9.40 -9.20
CA PHE A 14 1.45 8.13 -8.54
C PHE A 14 0.64 7.01 -9.17
N THR A 15 -0.66 7.24 -9.37
CA THR A 15 -1.63 6.27 -9.85
C THR A 15 -1.61 6.11 -11.38
N SER A 16 -0.55 6.55 -12.05
CA SER A 16 -0.46 6.49 -13.51
C SER A 16 0.95 6.19 -14.04
N SER A 17 1.96 5.90 -13.21
CA SER A 17 3.27 5.53 -13.73
C SER A 17 4.04 4.66 -12.74
N ALA A 18 4.45 3.47 -13.19
CA ALA A 18 5.13 2.47 -12.38
C ALA A 18 6.48 2.99 -11.89
N SER A 19 7.38 3.38 -12.80
CA SER A 19 8.71 3.82 -12.41
C SER A 19 8.64 5.05 -11.50
N PHE A 20 7.72 5.99 -11.76
CA PHE A 20 7.50 7.12 -10.87
C PHE A 20 7.17 6.64 -9.46
N GLN A 21 6.23 5.70 -9.32
CA GLN A 21 5.87 5.13 -8.02
C GLN A 21 7.12 4.57 -7.33
N TYR A 22 7.89 3.70 -8.00
CA TYR A 22 9.11 3.13 -7.44
C TYR A 22 10.16 4.20 -7.08
N SER A 23 10.18 5.35 -7.74
CA SER A 23 11.06 6.47 -7.42
C SER A 23 10.55 7.36 -6.27
N ARG A 24 9.42 7.04 -5.61
CA ARG A 24 8.77 7.93 -4.66
C ARG A 24 8.35 7.18 -3.39
N ILE A 25 9.14 6.20 -2.95
CA ILE A 25 8.94 5.42 -1.72
C ILE A 25 10.24 5.50 -0.88
N LYS A 26 10.20 5.15 0.42
CA LYS A 26 11.38 4.71 1.18
C LYS A 26 11.13 3.25 1.48
N PHE A 27 12.15 2.42 1.36
CA PHE A 27 12.09 1.04 1.84
C PHE A 27 13.37 0.81 2.66
N PRO A 28 13.41 -0.21 3.54
CA PRO A 28 12.29 -1.01 4.02
C PRO A 28 11.37 -0.17 4.90
N LEU A 29 10.14 -0.66 5.07
CA LEU A 29 9.03 0.07 5.63
C LEU A 29 8.92 -0.14 7.16
N LYS A 30 7.75 0.17 7.71
CA LYS A 30 7.47 0.22 9.13
C LYS A 30 6.39 -0.78 9.60
N SER A 31 5.56 -1.30 8.70
CA SER A 31 4.66 -2.43 8.75
C SER A 31 5.46 -3.71 8.43
N PRO A 32 6.11 -4.37 9.40
CA PRO A 32 6.66 -5.68 9.14
C PRO A 32 5.52 -6.67 8.83
N ILE A 33 5.85 -7.77 8.16
CA ILE A 33 4.91 -8.83 7.80
C ILE A 33 5.13 -9.90 8.86
N ALA A 34 4.16 -10.04 9.77
CA ALA A 34 4.14 -11.13 10.72
C ALA A 34 3.25 -12.21 10.13
N LEU A 35 3.63 -13.47 10.33
CA LEU A 35 2.85 -14.64 9.93
C LEU A 35 2.96 -15.67 11.06
N LEU A 36 2.34 -16.82 10.86
CA LEU A 36 2.17 -17.87 11.86
C LEU A 36 2.97 -19.07 11.37
N LYS A 37 3.99 -19.51 12.12
CA LYS A 37 4.77 -20.69 11.75
C LYS A 37 3.92 -21.94 11.99
N ASP A 38 4.48 -23.11 11.64
CA ASP A 38 3.78 -24.40 11.64
C ASP A 38 3.42 -24.91 13.04
N ASP A 39 3.61 -24.10 14.09
CA ASP A 39 3.26 -24.40 15.47
C ASP A 39 1.87 -23.84 15.83
N GLY A 40 1.27 -23.04 14.95
CA GLY A 40 0.10 -22.23 15.22
C GLY A 40 0.59 -20.88 15.70
N GLU A 41 0.55 -20.61 17.01
CA GLU A 41 0.79 -19.31 17.62
C GLU A 41 2.29 -19.01 17.71
N THR A 42 2.97 -19.01 16.58
CA THR A 42 4.41 -18.77 16.50
C THR A 42 4.67 -17.46 15.78
N GLU A 43 5.22 -16.52 16.54
CA GLU A 43 5.60 -15.20 16.05
C GLU A 43 6.73 -15.36 15.04
N GLN A 44 6.65 -14.59 13.98
CA GLN A 44 7.63 -14.53 12.94
C GLN A 44 7.60 -13.10 12.40
N THR A 45 8.69 -12.64 11.80
CA THR A 45 8.65 -11.50 10.90
C THR A 45 9.31 -11.88 9.58
N PHE A 46 9.10 -11.07 8.56
CA PHE A 46 9.67 -11.27 7.22
C PHE A 46 10.31 -9.97 6.71
N PRO A 47 11.29 -10.04 5.79
CA PRO A 47 11.96 -8.87 5.20
C PRO A 47 11.02 -8.09 4.28
N PHE A 48 10.65 -6.86 4.66
CA PHE A 48 9.73 -5.98 3.93
C PHE A 48 10.59 -5.10 3.03
N THR A 49 10.44 -5.19 1.72
CA THR A 49 11.28 -4.44 0.79
C THR A 49 10.49 -4.10 -0.49
N ARG A 50 11.14 -3.40 -1.42
CA ARG A 50 10.68 -3.22 -2.81
C ARG A 50 10.25 -4.56 -3.43
N GLU A 51 10.88 -5.67 -3.03
CA GLU A 51 10.67 -7.01 -3.60
C GLU A 51 9.25 -7.55 -3.33
N LYS A 52 8.45 -6.84 -2.52
CA LYS A 52 7.06 -7.10 -2.22
C LYS A 52 6.39 -5.73 -2.11
N TRP A 53 6.43 -5.01 -3.23
CA TRP A 53 5.62 -3.85 -3.52
C TRP A 53 4.52 -4.24 -4.49
N ALA A 54 3.36 -3.58 -4.47
CA ALA A 54 2.28 -3.78 -5.43
C ALA A 54 1.80 -2.40 -5.88
N LEU A 55 1.69 -2.21 -7.19
CA LEU A 55 1.34 -0.91 -7.79
C LEU A 55 -0.11 -0.54 -7.46
N LEU A 56 -0.40 0.71 -7.10
CA LEU A 56 -1.72 1.11 -6.58
C LEU A 56 -2.55 1.82 -7.65
N ASP A 57 -3.87 1.61 -7.69
CA ASP A 57 -4.77 2.31 -8.62
C ASP A 57 -5.18 3.67 -8.07
N GLU A 58 -5.84 4.47 -8.89
CA GLU A 58 -6.53 5.67 -8.42
C GLU A 58 -7.75 5.33 -7.57
N GLU A 59 -8.49 4.28 -7.93
CA GLU A 59 -9.57 3.78 -7.09
C GLU A 59 -9.03 3.15 -5.79
N THR A 60 -7.74 2.79 -5.75
CA THR A 60 -7.09 2.41 -4.51
C THR A 60 -6.94 3.68 -3.67
N LEU A 61 -6.27 4.72 -4.18
CA LEU A 61 -6.01 5.95 -3.46
C LEU A 61 -7.14 6.92 -3.77
N LYS A 62 -8.35 6.54 -3.33
CA LYS A 62 -9.52 7.40 -3.39
C LYS A 62 -9.98 7.71 -1.98
N GLU A 63 -10.77 8.76 -1.83
CA GLU A 63 -11.42 9.09 -0.58
C GLU A 63 -12.93 8.93 -0.74
N GLY A 64 -13.53 8.27 0.24
CA GLY A 64 -14.94 8.07 0.43
C GLY A 64 -15.27 6.60 0.30
N ARG A 65 -16.47 6.23 0.78
CA ARG A 65 -16.89 4.84 0.70
C ARG A 65 -17.13 4.43 -0.76
N THR A 66 -16.91 3.16 -1.09
CA THR A 66 -17.30 2.57 -2.36
C THR A 66 -18.78 2.14 -2.28
N THR A 67 -19.22 1.34 -3.26
CA THR A 67 -20.45 0.55 -3.23
C THR A 67 -20.04 -0.88 -3.58
N GLU A 68 -20.74 -1.89 -3.05
CA GLU A 68 -20.49 -3.30 -3.33
C GLU A 68 -21.69 -3.92 -4.05
N GLU A 69 -21.48 -5.10 -4.65
CA GLU A 69 -22.49 -5.71 -5.51
C GLU A 69 -23.46 -6.61 -4.73
N GLU A 70 -22.97 -7.09 -3.60
CA GLU A 70 -23.56 -8.12 -2.75
C GLU A 70 -23.86 -7.62 -1.33
N GLY A 71 -23.47 -6.38 -1.03
CA GLY A 71 -23.78 -5.67 0.21
C GLY A 71 -22.56 -5.56 1.10
N GLY A 72 -21.89 -4.41 1.04
CA GLY A 72 -20.73 -4.08 1.85
C GLY A 72 -20.42 -2.61 1.68
N THR A 73 -19.48 -2.11 2.46
CA THR A 73 -19.07 -0.71 2.47
C THR A 73 -17.57 -0.67 2.78
N TYR A 74 -16.74 -0.62 1.74
CA TYR A 74 -15.32 -0.31 1.86
C TYR A 74 -15.19 1.20 2.01
N ILE A 75 -14.45 1.69 3.01
CA ILE A 75 -14.14 3.09 3.22
C ILE A 75 -12.65 3.28 2.94
N SER A 76 -12.32 3.77 1.74
CA SER A 76 -11.00 4.29 1.40
C SER A 76 -10.99 5.77 1.81
N HIS A 77 -9.88 6.31 2.34
CA HIS A 77 -9.71 7.72 2.74
C HIS A 77 -8.35 7.88 3.41
N PHE A 78 -8.03 9.11 3.85
CA PHE A 78 -6.93 9.32 4.76
C PHE A 78 -7.48 9.79 6.11
N THR A 79 -6.75 9.50 7.18
CA THR A 79 -7.20 9.63 8.57
C THR A 79 -6.26 10.53 9.37
N VAL A 80 -5.24 11.11 8.72
CA VAL A 80 -4.23 11.94 9.36
C VAL A 80 -4.07 13.21 8.53
N ASN A 81 -4.45 14.35 9.10
CA ASN A 81 -4.22 15.66 8.52
C ASN A 81 -3.27 16.39 9.44
N GLU A 82 -1.99 16.23 9.17
CA GLU A 82 -0.99 17.26 9.36
C GLU A 82 -0.57 17.68 7.95
N PRO A 83 0.14 18.81 7.80
CA PRO A 83 0.45 19.35 6.49
C PRO A 83 1.44 18.43 5.77
N ALA A 84 2.48 17.96 6.46
CA ALA A 84 3.58 17.21 5.87
C ALA A 84 3.54 15.72 6.23
N HIS A 85 2.58 15.24 7.02
CA HIS A 85 2.46 13.83 7.38
C HIS A 85 0.99 13.45 7.25
N LYS A 86 0.67 12.49 6.38
CA LYS A 86 -0.69 12.04 6.15
C LYS A 86 -0.66 10.52 6.00
N GLU A 87 -1.72 9.82 6.39
CA GLU A 87 -1.76 8.36 6.43
C GLU A 87 -3.10 7.95 5.84
N PHE A 88 -3.07 6.99 4.91
CA PHE A 88 -4.19 6.53 4.11
C PHE A 88 -4.58 5.13 4.56
N GLU A 89 -5.89 4.88 4.57
CA GLU A 89 -6.52 3.66 5.04
C GLU A 89 -7.54 3.22 3.99
N ALA A 90 -7.69 1.90 3.84
CA ALA A 90 -8.87 1.31 3.24
C ALA A 90 -9.25 0.06 4.03
N GLY A 91 -10.54 -0.11 4.33
CA GLY A 91 -11.09 -1.30 4.97
C GLY A 91 -12.61 -1.24 4.99
N TYR A 92 -13.27 -2.34 5.34
CA TYR A 92 -14.72 -2.38 5.47
C TYR A 92 -15.16 -1.79 6.81
N ASP A 93 -16.43 -1.39 6.88
CA ASP A 93 -17.04 -0.91 8.11
C ASP A 93 -17.12 -2.08 9.12
N GLU A 94 -17.05 -1.79 10.41
CA GLU A 94 -16.96 -2.75 11.51
C GLU A 94 -15.91 -3.85 11.27
N SER A 95 -14.82 -3.52 10.59
CA SER A 95 -13.67 -4.36 10.38
C SER A 95 -12.38 -3.56 10.58
N GLU A 96 -11.23 -4.22 10.41
CA GLU A 96 -9.91 -3.60 10.45
C GLU A 96 -9.51 -3.24 9.01
N PRO A 97 -8.65 -2.22 8.81
CA PRO A 97 -8.15 -1.85 7.50
C PRO A 97 -7.31 -2.96 6.88
N SER A 98 -7.39 -3.11 5.57
CA SER A 98 -6.64 -4.08 4.76
C SER A 98 -5.48 -3.41 4.01
N LEU A 99 -5.55 -2.10 3.75
CA LEU A 99 -4.47 -1.37 3.10
C LEU A 99 -4.06 -0.18 3.96
N ARG A 100 -2.76 0.07 4.08
CA ARG A 100 -2.19 1.18 4.83
C ARG A 100 -1.06 1.80 4.02
N VAL A 101 -1.09 3.12 3.83
CA VAL A 101 -0.13 3.86 3.01
C VAL A 101 0.22 5.17 3.74
N VAL A 102 1.44 5.27 4.24
CA VAL A 102 1.89 6.46 4.94
C VAL A 102 2.62 7.36 3.95
N PHE A 103 2.31 8.65 3.96
CA PHE A 103 2.98 9.67 3.17
C PHE A 103 3.64 10.66 4.12
N GLU A 104 4.87 11.05 3.81
CA GLU A 104 5.59 12.12 4.49
C GLU A 104 6.23 13.02 3.44
N LEU A 105 6.28 14.32 3.72
CA LEU A 105 6.75 15.38 2.84
C LEU A 105 8.11 15.88 3.31
N THR A 106 9.14 15.67 2.49
CA THR A 106 10.50 16.02 2.81
C THR A 106 11.12 16.70 1.59
N ASP A 107 11.74 17.88 1.75
CA ASP A 107 12.42 18.60 0.66
C ASP A 107 11.40 19.07 -0.40
N GLY A 108 10.13 19.29 0.03
CA GLY A 108 9.03 19.63 -0.85
C GLY A 108 8.58 18.48 -1.75
N LYS A 109 8.96 17.23 -1.42
CA LYS A 109 8.61 16.02 -2.18
C LYS A 109 7.99 15.03 -1.21
N TRP A 110 6.81 14.52 -1.55
CA TRP A 110 6.19 13.43 -0.78
C TRP A 110 6.88 12.12 -1.12
N TYR A 111 6.91 11.17 -0.18
CA TYR A 111 7.34 9.81 -0.42
C TYR A 111 6.48 8.87 0.44
N VAL A 112 6.28 7.60 0.04
CA VAL A 112 5.59 6.61 0.86
C VAL A 112 6.56 5.99 1.86
N THR A 113 6.45 6.25 3.16
CA THR A 113 7.47 5.79 4.13
C THR A 113 7.10 4.45 4.78
N ASP A 114 5.88 3.91 4.56
CA ASP A 114 5.46 2.62 5.09
C ASP A 114 4.39 2.00 4.17
N CYS A 115 4.39 0.67 4.03
CA CYS A 115 3.47 -0.06 3.18
C CYS A 115 3.00 -1.36 3.80
N TYR A 116 1.68 -1.60 3.71
CA TYR A 116 1.03 -2.84 4.09
C TYR A 116 -0.02 -3.18 3.03
N ASN A 117 0.17 -4.29 2.31
CA ASN A 117 -0.78 -4.82 1.33
C ASN A 117 -1.57 -5.98 1.93
N ASP A 118 -2.70 -6.29 1.30
CA ASP A 118 -3.46 -7.53 1.52
C ASP A 118 -2.72 -8.78 1.01
N TRP A 119 -1.87 -8.65 -0.01
CA TRP A 119 -1.04 -9.73 -0.55
C TRP A 119 -0.18 -10.43 0.51
N TYR A 120 0.11 -9.80 1.67
CA TYR A 120 0.64 -10.49 2.84
C TYR A 120 -0.19 -10.18 4.08
N ASN A 121 -1.43 -10.67 4.02
CA ASN A 121 -2.33 -10.89 5.15
C ASN A 121 -1.88 -12.12 5.95
N PHE A 122 -2.60 -12.45 7.03
CA PHE A 122 -2.26 -13.52 7.97
C PHE A 122 -2.51 -14.93 7.44
N ASP A 123 -3.45 -15.11 6.50
CA ASP A 123 -3.93 -16.41 6.03
C ASP A 123 -3.01 -17.00 4.96
N LEU A 124 -1.70 -16.85 5.19
CA LEU A 124 -0.57 -17.04 4.30
C LEU A 124 0.48 -17.90 5.02
N PRO A 125 0.40 -19.24 4.95
CA PRO A 125 1.46 -20.07 5.50
C PRO A 125 2.79 -19.71 4.83
N ILE A 126 3.85 -19.59 5.63
CA ILE A 126 5.19 -19.17 5.20
C ILE A 126 5.72 -20.05 4.07
N ASN A 127 5.37 -21.34 4.09
CA ASN A 127 5.81 -22.34 3.14
C ASN A 127 5.50 -21.95 1.68
N GLU A 128 4.43 -21.18 1.46
CA GLU A 128 3.94 -20.78 0.13
C GLU A 128 4.43 -19.38 -0.26
N LEU A 129 5.21 -18.69 0.59
CA LEU A 129 5.41 -17.24 0.47
C LEU A 129 6.09 -16.86 -0.84
N GLU A 130 7.21 -17.52 -1.13
CA GLU A 130 8.00 -17.31 -2.34
C GLU A 130 7.16 -17.40 -3.63
N GLU A 131 6.02 -18.08 -3.58
CA GLU A 131 5.07 -18.23 -4.68
C GLU A 131 4.05 -17.08 -4.69
N THR A 132 3.61 -16.56 -3.52
CA THR A 132 2.71 -15.41 -3.46
C THR A 132 3.45 -14.17 -4.01
N ILE A 133 4.75 -13.97 -3.73
CA ILE A 133 5.52 -12.82 -4.24
C ILE A 133 5.47 -12.77 -5.77
N GLN A 134 5.60 -13.93 -6.44
CA GLN A 134 5.58 -13.98 -7.89
C GLN A 134 4.24 -13.46 -8.42
N ALA A 135 3.14 -13.79 -7.75
CA ALA A 135 1.81 -13.38 -8.18
C ALA A 135 1.68 -11.85 -8.19
N VAL A 136 2.34 -11.16 -7.27
CA VAL A 136 2.33 -9.71 -7.21
C VAL A 136 2.94 -9.17 -8.50
N GLN A 137 4.10 -9.68 -8.91
CA GLN A 137 4.80 -9.15 -10.07
C GLN A 137 3.98 -9.39 -11.34
N GLU A 138 3.29 -10.54 -11.42
CA GLU A 138 2.46 -10.88 -12.56
C GLU A 138 1.39 -9.80 -12.78
N GLU A 139 0.53 -9.60 -11.78
CA GLU A 139 -0.53 -8.61 -11.84
C GLU A 139 0.05 -7.20 -12.03
N ASN A 140 1.18 -6.89 -11.38
CA ASN A 140 1.88 -5.61 -11.55
C ASN A 140 2.23 -5.34 -13.01
N LYS A 141 2.62 -6.34 -13.83
CA LYS A 141 3.00 -6.11 -15.25
C LYS A 141 1.89 -5.43 -16.00
N ALA A 142 0.67 -5.87 -15.73
CA ALA A 142 -0.54 -5.32 -16.33
C ALA A 142 -0.70 -3.82 -16.06
N PHE A 143 -0.06 -3.32 -15.00
CA PHE A 143 0.06 -1.90 -14.74
C PHE A 143 1.28 -1.34 -15.51
N GLU A 144 2.50 -1.85 -15.32
CA GLU A 144 3.74 -1.17 -15.75
C GLU A 144 3.85 -1.15 -17.27
N GLU A 145 3.47 -2.25 -17.93
CA GLU A 145 3.47 -2.41 -19.38
C GLU A 145 2.48 -1.39 -19.97
N LEU A 146 1.66 -0.78 -19.12
CA LEU A 146 0.60 0.14 -19.48
C LEU A 146 0.76 1.55 -18.88
N HIS A 147 1.68 1.72 -17.94
CA HIS A 147 1.89 2.94 -17.16
C HIS A 147 3.39 3.26 -17.13
N PRO A 148 3.94 3.73 -18.26
CA PRO A 148 5.37 3.95 -18.44
C PRO A 148 5.86 5.15 -17.65
N GLY A 1 8.44 30.66 0.83
CA GLY A 1 9.38 29.58 1.17
C GLY A 1 9.52 28.67 -0.02
N ALA A 2 9.60 27.35 0.22
CA ALA A 2 9.46 26.35 -0.84
C ALA A 2 8.01 26.28 -1.31
N GLU A 3 7.76 25.46 -2.33
CA GLU A 3 6.43 25.08 -2.78
C GLU A 3 6.50 23.56 -2.90
N GLU A 4 5.91 22.88 -1.94
CA GLU A 4 5.98 21.44 -1.78
C GLU A 4 5.03 20.73 -2.75
N GLU A 5 5.06 19.40 -2.78
CA GLU A 5 4.21 18.56 -3.61
C GLU A 5 2.86 18.39 -2.90
N ASP A 6 1.78 18.24 -3.67
CA ASP A 6 0.41 18.37 -3.18
C ASP A 6 -0.08 17.06 -2.56
N PHE A 7 -1.33 17.00 -2.08
CA PHE A 7 -1.98 15.78 -1.62
C PHE A 7 -2.83 15.12 -2.72
N LYS A 8 -3.32 15.87 -3.71
CA LYS A 8 -4.13 15.37 -4.81
C LYS A 8 -3.24 15.23 -6.03
N THR A 9 -2.55 16.30 -6.41
CA THR A 9 -1.76 16.29 -7.64
C THR A 9 -0.63 15.25 -7.57
N PHE A 10 -0.07 14.94 -6.39
CA PHE A 10 0.98 13.92 -6.30
C PHE A 10 0.33 12.57 -6.62
N LEU A 11 -0.90 12.36 -6.15
CA LEU A 11 -1.67 11.14 -6.23
C LEU A 11 -1.82 10.73 -7.69
N GLN A 12 -2.25 11.67 -8.54
CA GLN A 12 -2.39 11.46 -9.98
C GLN A 12 -1.11 10.85 -10.57
N LYS A 13 0.04 11.45 -10.27
CA LYS A 13 1.34 11.03 -10.80
C LYS A 13 1.74 9.68 -10.23
N PHE A 14 1.55 9.52 -8.92
CA PHE A 14 1.79 8.28 -8.20
C PHE A 14 1.01 7.11 -8.80
N THR A 15 -0.13 7.37 -9.46
CA THR A 15 -1.01 6.37 -10.02
C THR A 15 -0.95 6.37 -11.56
N SER A 16 -0.07 7.17 -12.17
CA SER A 16 0.15 7.27 -13.61
C SER A 16 1.66 7.45 -13.87
N SER A 17 2.46 6.51 -13.35
CA SER A 17 3.80 6.12 -13.79
C SER A 17 4.36 5.11 -12.77
N ALA A 18 4.64 3.88 -13.20
CA ALA A 18 5.30 2.85 -12.40
C ALA A 18 6.61 3.38 -11.78
N SER A 19 7.51 3.99 -12.58
CA SER A 19 8.75 4.52 -12.02
C SER A 19 8.56 5.81 -11.20
N PHE A 20 7.51 6.61 -11.42
CA PHE A 20 7.21 7.69 -10.48
C PHE A 20 6.89 7.08 -9.12
N GLN A 21 5.97 6.10 -9.09
CA GLN A 21 5.59 5.35 -7.91
C GLN A 21 6.85 4.87 -7.18
N TYR A 22 7.69 4.05 -7.82
CA TYR A 22 8.91 3.53 -7.22
C TYR A 22 9.82 4.63 -6.69
N SER A 23 10.09 5.67 -7.48
CA SER A 23 10.92 6.79 -7.06
C SER A 23 10.35 7.57 -5.86
N ARG A 24 9.10 7.35 -5.45
CA ARG A 24 8.45 8.06 -4.36
C ARG A 24 8.29 7.14 -3.14
N ILE A 25 9.03 6.03 -3.06
CA ILE A 25 8.94 5.09 -1.94
C ILE A 25 10.36 4.90 -1.39
N LYS A 26 10.52 5.00 -0.06
CA LYS A 26 11.78 4.65 0.60
C LYS A 26 11.93 3.14 0.66
N PHE A 27 13.14 2.63 0.82
CA PHE A 27 13.39 1.26 1.24
C PHE A 27 14.51 1.24 2.29
N PRO A 28 14.56 0.23 3.18
CA PRO A 28 13.44 -0.64 3.52
C PRO A 28 12.29 0.18 4.10
N LEU A 29 11.09 -0.41 4.18
CA LEU A 29 9.91 0.26 4.73
C LEU A 29 9.95 0.23 6.26
N LYS A 30 8.83 0.47 6.94
CA LYS A 30 8.76 0.42 8.41
C LYS A 30 7.98 -0.78 8.95
N SER A 31 7.21 -1.49 8.12
CA SER A 31 6.26 -2.54 8.47
C SER A 31 6.89 -3.94 8.31
N PRO A 32 7.56 -4.53 9.32
CA PRO A 32 7.86 -5.96 9.27
C PRO A 32 6.62 -6.77 8.94
N ILE A 33 6.81 -7.73 8.03
CA ILE A 33 5.76 -8.62 7.57
C ILE A 33 5.88 -9.84 8.46
N ALA A 34 4.93 -10.02 9.38
CA ALA A 34 4.89 -11.12 10.32
C ALA A 34 3.68 -11.97 9.97
N LEU A 35 3.90 -13.21 9.50
CA LEU A 35 2.81 -14.16 9.32
C LEU A 35 2.88 -15.23 10.40
N LEU A 36 1.82 -16.03 10.53
CA LEU A 36 1.69 -17.05 11.56
C LEU A 36 2.18 -18.40 11.05
N LYS A 37 2.90 -19.14 11.90
CA LYS A 37 3.48 -20.44 11.59
C LYS A 37 2.48 -21.59 11.68
N ASP A 38 1.20 -21.33 11.43
CA ASP A 38 0.11 -22.31 11.56
C ASP A 38 0.09 -22.90 12.98
N ASP A 39 0.30 -22.04 13.97
CA ASP A 39 0.42 -22.43 15.38
C ASP A 39 -0.24 -21.43 16.34
N GLY A 40 -0.89 -20.41 15.79
CA GLY A 40 -1.51 -19.33 16.54
C GLY A 40 -0.45 -18.42 17.13
N GLU A 41 -0.02 -18.64 18.37
CA GLU A 41 0.84 -17.72 19.09
C GLU A 41 2.30 -18.00 18.74
N THR A 42 2.65 -17.66 17.52
CA THR A 42 4.00 -17.70 16.99
C THR A 42 4.43 -16.33 16.47
N GLU A 43 5.71 -16.02 16.71
CA GLU A 43 6.40 -14.86 16.17
C GLU A 43 7.32 -15.28 15.03
N GLN A 44 7.26 -14.52 13.94
CA GLN A 44 8.03 -14.70 12.72
C GLN A 44 8.04 -13.34 11.99
N THR A 45 9.10 -12.98 11.24
CA THR A 45 9.16 -11.73 10.47
C THR A 45 10.05 -11.86 9.21
N PHE A 46 9.77 -11.01 8.21
CA PHE A 46 10.50 -10.96 6.93
C PHE A 46 11.00 -9.55 6.61
N PRO A 47 11.99 -9.41 5.70
CA PRO A 47 12.50 -8.12 5.22
C PRO A 47 11.52 -7.46 4.26
N PHE A 48 11.42 -6.14 4.37
CA PHE A 48 10.43 -5.28 3.72
C PHE A 48 11.16 -4.33 2.76
N THR A 49 11.34 -4.75 1.52
CA THR A 49 12.19 -4.07 0.53
C THR A 49 11.39 -3.79 -0.75
N ARG A 50 12.00 -3.12 -1.73
CA ARG A 50 11.33 -2.79 -3.00
C ARG A 50 10.84 -4.05 -3.72
N GLU A 51 11.57 -5.16 -3.59
CA GLU A 51 11.40 -6.40 -4.32
C GLU A 51 10.23 -7.25 -3.79
N LYS A 52 9.19 -6.60 -3.25
CA LYS A 52 7.90 -7.16 -2.89
C LYS A 52 6.85 -6.03 -2.95
N TRP A 53 6.99 -5.09 -3.89
CA TRP A 53 6.01 -4.03 -4.11
C TRP A 53 5.06 -4.40 -5.26
N ALA A 54 3.95 -3.67 -5.35
CA ALA A 54 2.98 -3.65 -6.43
C ALA A 54 2.34 -2.31 -6.44
N LEU A 55 1.90 -2.04 -7.64
CA LEU A 55 1.53 -0.73 -8.06
C LEU A 55 0.06 -0.55 -7.79
N LEU A 56 -0.35 0.72 -7.69
CA LEU A 56 -1.72 1.09 -7.32
C LEU A 56 -2.28 2.09 -8.33
N ASP A 57 -3.53 1.91 -8.75
CA ASP A 57 -4.21 2.73 -9.74
C ASP A 57 -4.91 3.92 -9.08
N GLU A 58 -5.40 4.85 -9.89
CA GLU A 58 -6.05 6.05 -9.36
C GLU A 58 -7.41 5.75 -8.76
N GLU A 59 -8.06 4.67 -9.20
CA GLU A 59 -9.26 4.12 -8.57
C GLU A 59 -8.95 3.36 -7.29
N THR A 60 -7.75 2.78 -7.18
CA THR A 60 -7.35 2.04 -6.01
C THR A 60 -7.15 3.04 -4.87
N LEU A 61 -6.52 4.17 -5.16
CA LEU A 61 -6.20 5.19 -4.18
C LEU A 61 -7.22 6.32 -4.31
N LYS A 62 -8.49 5.97 -4.12
CA LYS A 62 -9.58 6.93 -4.07
C LYS A 62 -10.24 6.83 -2.70
N GLU A 63 -10.85 7.92 -2.28
CA GLU A 63 -11.60 7.97 -1.04
C GLU A 63 -13.08 7.80 -1.38
N GLY A 64 -13.83 7.03 -0.58
CA GLY A 64 -15.27 6.91 -0.77
C GLY A 64 -15.85 5.78 0.07
N ARG A 65 -17.14 5.50 -0.12
CA ARG A 65 -17.84 4.35 0.45
C ARG A 65 -18.43 3.57 -0.71
N THR A 66 -18.03 2.32 -0.84
CA THR A 66 -18.66 1.34 -1.72
C THR A 66 -19.70 0.57 -0.88
N THR A 67 -20.57 -0.24 -1.50
CA THR A 67 -21.34 -1.29 -0.85
C THR A 67 -21.24 -2.56 -1.73
N GLU A 68 -21.45 -3.75 -1.15
CA GLU A 68 -21.22 -5.04 -1.79
C GLU A 68 -22.46 -5.93 -1.72
N GLU A 69 -22.43 -7.06 -2.44
CA GLU A 69 -23.45 -8.11 -2.35
C GLU A 69 -23.03 -9.24 -1.41
N GLU A 70 -21.84 -9.17 -0.82
CA GLU A 70 -21.27 -10.23 0.01
C GLU A 70 -20.58 -9.76 1.29
N GLY A 71 -20.53 -8.46 1.53
CA GLY A 71 -20.16 -7.90 2.81
C GLY A 71 -20.97 -6.63 3.01
N GLY A 72 -20.29 -5.49 3.07
CA GLY A 72 -20.86 -4.28 3.66
C GLY A 72 -20.27 -3.01 3.06
N THR A 73 -20.28 -1.93 3.82
CA THR A 73 -19.84 -0.61 3.41
C THR A 73 -18.31 -0.55 3.46
N TYR A 74 -17.63 -0.64 2.31
CA TYR A 74 -16.18 -0.51 2.21
C TYR A 74 -15.80 0.96 2.10
N ILE A 75 -15.22 1.51 3.17
CA ILE A 75 -14.77 2.89 3.20
C ILE A 75 -13.30 2.93 2.77
N SER A 76 -12.89 4.05 2.20
CA SER A 76 -11.49 4.43 2.05
C SER A 76 -11.38 5.93 2.37
N HIS A 77 -10.31 6.34 3.06
CA HIS A 77 -10.07 7.72 3.45
C HIS A 77 -8.64 7.91 3.97
N PHE A 78 -8.24 9.17 4.08
CA PHE A 78 -7.15 9.57 4.95
C PHE A 78 -7.74 9.77 6.35
N THR A 79 -7.16 9.14 7.36
CA THR A 79 -7.57 9.20 8.76
C THR A 79 -6.88 10.37 9.50
N VAL A 80 -6.03 11.12 8.81
CA VAL A 80 -5.18 12.17 9.36
C VAL A 80 -5.05 13.26 8.29
N ASN A 81 -4.95 14.52 8.73
CA ASN A 81 -4.68 15.70 7.94
C ASN A 81 -3.69 16.52 8.77
N GLU A 82 -2.40 16.35 8.51
CA GLU A 82 -1.35 17.19 9.08
C GLU A 82 -0.52 17.75 7.92
N PRO A 83 0.22 18.84 8.13
CA PRO A 83 0.84 19.62 7.05
C PRO A 83 1.91 18.86 6.27
N ALA A 84 2.38 17.72 6.79
CA ALA A 84 3.46 16.93 6.21
C ALA A 84 3.34 15.43 6.50
N HIS A 85 2.28 14.96 7.18
CA HIS A 85 2.07 13.54 7.45
C HIS A 85 0.65 13.19 7.07
N LYS A 86 0.44 12.10 6.32
CA LYS A 86 -0.87 11.50 6.14
C LYS A 86 -0.73 9.99 6.12
N GLU A 87 -1.80 9.26 6.43
CA GLU A 87 -1.92 7.83 6.19
C GLU A 87 -3.21 7.64 5.40
N PHE A 88 -3.33 6.55 4.65
CA PHE A 88 -4.51 6.12 3.94
C PHE A 88 -4.93 4.79 4.53
N GLU A 89 -6.23 4.54 4.50
CA GLU A 89 -6.87 3.34 5.01
C GLU A 89 -7.96 2.99 4.02
N ALA A 90 -8.22 1.68 3.86
CA ALA A 90 -9.48 1.18 3.36
C ALA A 90 -9.85 -0.07 4.16
N GLY A 91 -11.17 -0.30 4.30
CA GLY A 91 -11.73 -1.43 5.02
C GLY A 91 -13.24 -1.28 5.18
N TYR A 92 -13.89 -2.37 5.58
CA TYR A 92 -15.33 -2.45 5.74
C TYR A 92 -15.73 -2.01 7.15
N ASP A 93 -16.93 -1.43 7.29
CA ASP A 93 -17.45 -0.73 8.48
C ASP A 93 -17.88 -1.68 9.61
N GLU A 94 -17.18 -2.79 9.76
CA GLU A 94 -17.44 -3.87 10.69
C GLU A 94 -16.17 -4.67 11.03
N SER A 95 -15.12 -4.49 10.24
CA SER A 95 -13.85 -5.19 10.40
C SER A 95 -12.75 -4.21 10.79
N GLU A 96 -11.56 -4.76 11.01
CA GLU A 96 -10.31 -4.01 10.99
C GLU A 96 -9.83 -3.89 9.54
N PRO A 97 -9.05 -2.85 9.19
CA PRO A 97 -8.63 -2.58 7.81
C PRO A 97 -7.76 -3.67 7.17
N SER A 98 -7.57 -3.57 5.84
CA SER A 98 -6.70 -4.47 5.09
C SER A 98 -5.72 -3.74 4.16
N LEU A 99 -5.80 -2.42 3.99
CA LEU A 99 -4.94 -1.69 3.07
C LEU A 99 -4.56 -0.32 3.64
N ARG A 100 -3.34 -0.25 4.19
CA ARG A 100 -2.82 0.94 4.88
C ARG A 100 -1.63 1.46 4.08
N VAL A 101 -1.46 2.79 4.00
CA VAL A 101 -0.33 3.42 3.34
C VAL A 101 0.06 4.67 4.14
N VAL A 102 1.35 4.96 4.33
CA VAL A 102 1.82 6.13 5.10
C VAL A 102 2.68 7.01 4.22
N PHE A 103 2.48 8.33 4.31
CA PHE A 103 3.13 9.34 3.51
C PHE A 103 3.75 10.39 4.43
N GLU A 104 5.05 10.60 4.26
CA GLU A 104 5.78 11.71 4.87
C GLU A 104 6.13 12.68 3.75
N LEU A 105 6.02 13.97 4.01
CA LEU A 105 6.51 15.03 3.13
C LEU A 105 7.91 15.38 3.60
N THR A 106 8.92 15.11 2.79
CA THR A 106 10.30 15.37 3.11
C THR A 106 10.94 16.10 1.94
N ASP A 107 11.73 17.14 2.22
CA ASP A 107 12.59 17.78 1.20
C ASP A 107 11.74 18.49 0.13
N GLY A 108 10.46 18.68 0.41
CA GLY A 108 9.44 19.23 -0.48
C GLY A 108 8.62 18.16 -1.20
N LYS A 109 9.02 16.89 -1.19
CA LYS A 109 8.37 15.83 -1.94
C LYS A 109 7.72 14.87 -0.95
N TRP A 110 6.55 14.32 -1.28
CA TRP A 110 6.04 13.21 -0.48
C TRP A 110 6.90 11.97 -0.73
N TYR A 111 6.86 11.02 0.19
CA TYR A 111 7.46 9.71 0.13
C TYR A 111 6.50 8.76 0.82
N VAL A 112 6.33 7.55 0.28
CA VAL A 112 5.77 6.46 1.06
C VAL A 112 6.92 5.82 1.85
N THR A 113 6.69 5.40 3.10
CA THR A 113 7.70 4.65 3.85
C THR A 113 7.10 3.53 4.71
N ASP A 114 5.77 3.39 4.80
CA ASP A 114 5.13 2.24 5.43
C ASP A 114 3.92 1.88 4.59
N CYS A 115 3.69 0.59 4.42
CA CYS A 115 2.58 0.02 3.66
C CYS A 115 2.16 -1.28 4.36
N TYR A 116 0.87 -1.58 4.26
CA TYR A 116 0.31 -2.88 4.54
C TYR A 116 -0.64 -3.19 3.38
N ASN A 117 -0.32 -4.21 2.57
CA ASN A 117 -1.16 -4.68 1.48
C ASN A 117 -1.57 -6.12 1.81
N ASP A 118 -2.81 -6.46 1.46
CA ASP A 118 -3.46 -7.74 1.70
C ASP A 118 -2.66 -8.91 1.08
N TRP A 119 -1.83 -8.65 0.06
CA TRP A 119 -0.83 -9.57 -0.50
C TRP A 119 0.06 -10.23 0.58
N TYR A 120 0.20 -9.66 1.78
CA TYR A 120 1.03 -10.20 2.85
C TYR A 120 0.31 -10.16 4.21
N ASN A 121 -1.02 -10.38 4.21
CA ASN A 121 -1.87 -10.31 5.40
C ASN A 121 -1.81 -11.58 6.29
N PHE A 122 -2.60 -11.59 7.37
CA PHE A 122 -2.64 -12.66 8.38
C PHE A 122 -3.02 -14.03 7.81
N ASP A 123 -3.85 -14.05 6.76
CA ASP A 123 -4.36 -15.24 6.07
C ASP A 123 -3.28 -15.87 5.16
N LEU A 124 -2.07 -15.28 5.08
CA LEU A 124 -0.94 -15.66 4.22
C LEU A 124 -0.08 -16.78 4.83
N PRO A 125 -0.34 -18.10 4.61
CA PRO A 125 0.54 -19.12 5.17
C PRO A 125 1.97 -18.98 4.65
N ILE A 126 2.95 -19.19 5.53
CA ILE A 126 4.36 -18.94 5.21
C ILE A 126 4.84 -19.87 4.08
N ASN A 127 4.30 -21.09 3.98
CA ASN A 127 4.81 -22.09 3.03
C ASN A 127 4.53 -21.72 1.58
N GLU A 128 3.60 -20.80 1.36
CA GLU A 128 3.19 -20.34 0.03
C GLU A 128 3.73 -18.97 -0.34
N LEU A 129 4.50 -18.32 0.54
CA LEU A 129 4.90 -16.93 0.40
C LEU A 129 5.66 -16.64 -0.89
N GLU A 130 6.63 -17.48 -1.20
CA GLU A 130 7.50 -17.31 -2.35
C GLU A 130 6.70 -17.20 -3.66
N GLU A 131 5.61 -17.97 -3.76
CA GLU A 131 4.66 -17.94 -4.86
C GLU A 131 3.92 -16.60 -4.87
N THR A 132 3.55 -16.06 -3.70
CA THR A 132 2.88 -14.77 -3.61
C THR A 132 3.76 -13.66 -4.19
N ILE A 133 5.03 -13.62 -3.80
CA ILE A 133 5.97 -12.64 -4.31
C ILE A 133 6.09 -12.76 -5.85
N GLN A 134 5.86 -13.94 -6.44
CA GLN A 134 5.84 -14.08 -7.90
C GLN A 134 4.51 -13.55 -8.46
N ALA A 135 3.38 -13.85 -7.81
CA ALA A 135 2.05 -13.49 -8.32
C ALA A 135 1.82 -11.98 -8.32
N VAL A 136 2.38 -11.26 -7.37
CA VAL A 136 2.30 -9.81 -7.41
C VAL A 136 2.99 -9.30 -8.68
N GLN A 137 4.15 -9.85 -9.05
CA GLN A 137 4.91 -9.35 -10.17
C GLN A 137 4.21 -9.65 -11.51
N GLU A 138 3.33 -10.66 -11.55
CA GLU A 138 2.43 -10.93 -12.67
C GLU A 138 1.52 -9.74 -12.86
N GLU A 139 0.75 -9.32 -11.84
CA GLU A 139 -0.09 -8.14 -12.01
C GLU A 139 0.77 -6.90 -12.32
N ASN A 140 1.95 -6.77 -11.72
CA ASN A 140 2.80 -5.59 -11.87
C ASN A 140 3.14 -5.33 -13.32
N LYS A 141 3.53 -6.36 -14.10
CA LYS A 141 3.91 -6.15 -15.51
C LYS A 141 2.74 -5.56 -16.30
N ALA A 142 1.52 -6.06 -16.10
CA ALA A 142 0.35 -5.52 -16.75
C ALA A 142 0.15 -4.03 -16.44
N PHE A 143 0.42 -3.62 -15.21
CA PHE A 143 0.39 -2.23 -14.82
C PHE A 143 1.50 -1.47 -15.55
N GLU A 144 2.78 -1.80 -15.29
CA GLU A 144 3.90 -0.99 -15.74
C GLU A 144 4.07 -0.97 -17.27
N GLU A 145 3.60 -2.00 -17.99
CA GLU A 145 3.57 -2.04 -19.45
C GLU A 145 2.76 -0.85 -19.96
N LEU A 146 1.63 -0.56 -19.31
CA LEU A 146 0.66 0.44 -19.75
C LEU A 146 0.74 1.75 -18.97
N HIS A 147 1.52 1.80 -17.90
CA HIS A 147 1.67 2.97 -17.04
C HIS A 147 3.14 3.40 -16.96
N PRO A 148 3.68 3.96 -18.06
CA PRO A 148 5.04 4.51 -18.11
C PRO A 148 5.17 5.69 -17.14
N GLY A 1 8.30 31.19 3.47
CA GLY A 1 7.51 30.23 2.70
C GLY A 1 8.35 29.05 2.27
N ALA A 2 7.68 28.01 1.80
CA ALA A 2 8.23 27.01 0.90
C ALA A 2 7.42 27.07 -0.39
N GLU A 3 7.78 26.25 -1.38
CA GLU A 3 6.95 25.93 -2.53
C GLU A 3 7.08 24.41 -2.62
N GLU A 4 6.15 23.70 -2.01
CA GLU A 4 6.12 22.24 -1.95
C GLU A 4 5.37 21.69 -3.18
N GLU A 5 5.09 20.39 -3.17
CA GLU A 5 4.16 19.76 -4.09
C GLU A 5 2.70 20.13 -3.75
N ASP A 6 1.75 19.54 -4.48
CA ASP A 6 0.32 19.52 -4.17
C ASP A 6 -0.09 18.05 -4.03
N PHE A 7 -0.97 17.71 -3.08
CA PHE A 7 -1.37 16.33 -2.79
C PHE A 7 -2.08 15.66 -3.99
N LYS A 8 -2.95 16.37 -4.70
CA LYS A 8 -3.62 15.87 -5.90
C LYS A 8 -2.56 15.62 -6.96
N THR A 9 -1.77 16.63 -7.30
CA THR A 9 -0.75 16.56 -8.34
C THR A 9 0.23 15.42 -8.06
N PHE A 10 0.59 15.18 -6.79
CA PHE A 10 1.30 13.98 -6.36
C PHE A 10 0.51 12.73 -6.78
N LEU A 11 -0.72 12.57 -6.28
CA LEU A 11 -1.48 11.33 -6.42
C LEU A 11 -1.81 11.03 -7.88
N GLN A 12 -2.08 12.05 -8.68
CA GLN A 12 -2.35 11.94 -10.10
C GLN A 12 -1.23 11.18 -10.81
N LYS A 13 0.00 11.64 -10.59
CA LYS A 13 1.19 11.00 -11.13
C LYS A 13 1.35 9.62 -10.49
N PHE A 14 1.11 9.55 -9.17
CA PHE A 14 1.31 8.33 -8.40
C PHE A 14 0.55 7.17 -9.03
N THR A 15 -0.67 7.39 -9.53
CA THR A 15 -1.52 6.33 -10.07
C THR A 15 -1.28 6.05 -11.57
N SER A 16 -0.32 6.72 -12.22
CA SER A 16 -0.12 6.60 -13.66
C SER A 16 1.36 6.70 -14.04
N SER A 17 2.26 6.06 -13.30
CA SER A 17 3.66 5.87 -13.66
C SER A 17 4.29 4.86 -12.70
N ALA A 18 4.45 3.61 -13.15
CA ALA A 18 5.09 2.57 -12.35
C ALA A 18 6.47 3.00 -11.86
N SER A 19 7.31 3.55 -12.74
CA SER A 19 8.61 4.04 -12.38
C SER A 19 8.50 5.16 -11.34
N PHE A 20 7.69 6.21 -11.56
CA PHE A 20 7.61 7.32 -10.60
C PHE A 20 7.13 6.83 -9.23
N GLN A 21 6.23 5.84 -9.18
CA GLN A 21 5.76 5.19 -7.96
C GLN A 21 6.99 4.68 -7.19
N TYR A 22 7.78 3.77 -7.79
CA TYR A 22 9.01 3.26 -7.18
C TYR A 22 10.01 4.36 -6.82
N SER A 23 10.18 5.33 -7.72
CA SER A 23 11.02 6.51 -7.59
C SER A 23 10.62 7.40 -6.41
N ARG A 24 9.54 7.10 -5.69
CA ARG A 24 9.09 7.87 -4.53
C ARG A 24 9.00 7.05 -3.25
N ILE A 25 9.31 5.74 -3.24
CA ILE A 25 9.08 4.91 -2.05
C ILE A 25 10.43 4.56 -1.42
N LYS A 26 10.59 4.73 -0.11
CA LYS A 26 11.77 4.26 0.63
C LYS A 26 11.80 2.73 0.70
N PHE A 27 12.96 2.15 0.98
CA PHE A 27 13.11 0.76 1.34
C PHE A 27 14.27 0.62 2.33
N PRO A 28 14.15 -0.20 3.39
CA PRO A 28 12.95 -0.95 3.76
C PRO A 28 11.85 -0.02 4.28
N LEU A 29 10.68 -0.59 4.56
CA LEU A 29 9.51 0.17 5.01
C LEU A 29 9.45 0.15 6.54
N LYS A 30 8.27 0.32 7.15
CA LYS A 30 8.11 0.35 8.61
C LYS A 30 7.12 -0.74 9.10
N SER A 31 6.59 -1.55 8.20
CA SER A 31 5.58 -2.57 8.38
C SER A 31 6.22 -3.93 8.13
N PRO A 32 6.85 -4.57 9.13
CA PRO A 32 7.26 -5.95 8.99
C PRO A 32 6.06 -6.82 8.71
N ILE A 33 6.21 -7.71 7.73
CA ILE A 33 5.21 -8.71 7.38
C ILE A 33 5.24 -9.72 8.51
N ALA A 34 4.23 -9.74 9.37
CA ALA A 34 4.10 -10.67 10.47
C ALA A 34 3.18 -11.80 10.02
N LEU A 35 3.57 -13.07 10.20
CA LEU A 35 2.79 -14.24 9.75
C LEU A 35 2.81 -15.31 10.85
N LEU A 36 2.30 -16.52 10.56
CA LEU A 36 2.26 -17.68 11.45
C LEU A 36 3.04 -18.82 10.78
N LYS A 37 3.73 -19.67 11.56
CA LYS A 37 4.68 -20.68 11.07
C LYS A 37 4.12 -22.10 11.08
N ASP A 38 2.82 -22.27 10.87
CA ASP A 38 2.12 -23.57 10.84
C ASP A 38 2.07 -24.28 12.21
N ASP A 39 2.62 -23.65 13.26
CA ASP A 39 2.52 -24.08 14.66
C ASP A 39 1.17 -23.65 15.26
N GLY A 40 0.28 -23.13 14.42
CA GLY A 40 -0.86 -22.32 14.81
C GLY A 40 -0.34 -20.93 15.09
N GLU A 41 -0.19 -20.56 16.37
CA GLU A 41 0.15 -19.21 16.79
C GLU A 41 1.60 -19.17 17.20
N THR A 42 2.44 -19.16 16.17
CA THR A 42 3.83 -18.73 16.23
C THR A 42 3.89 -17.29 15.77
N GLU A 43 4.63 -16.47 16.50
CA GLU A 43 5.15 -15.22 15.97
C GLU A 43 6.04 -15.54 14.78
N GLN A 44 5.95 -14.75 13.71
CA GLN A 44 7.03 -14.65 12.75
C GLN A 44 7.01 -13.24 12.18
N THR A 45 8.16 -12.73 11.78
CA THR A 45 8.27 -11.65 10.82
C THR A 45 9.17 -12.03 9.63
N PHE A 46 9.00 -11.28 8.54
CA PHE A 46 9.77 -11.33 7.30
C PHE A 46 10.26 -9.91 7.00
N PRO A 47 11.34 -9.76 6.21
CA PRO A 47 11.84 -8.46 5.76
C PRO A 47 10.88 -7.79 4.77
N PHE A 48 11.00 -6.47 4.62
CA PHE A 48 10.00 -5.57 4.05
C PHE A 48 10.71 -4.58 3.12
N THR A 49 10.89 -4.94 1.86
CA THR A 49 11.78 -4.25 0.93
C THR A 49 11.00 -3.77 -0.31
N ARG A 50 11.69 -3.19 -1.29
CA ARG A 50 11.07 -2.79 -2.56
C ARG A 50 10.47 -3.99 -3.28
N GLU A 51 11.02 -5.19 -3.03
CA GLU A 51 10.66 -6.48 -3.61
C GLU A 51 9.21 -6.94 -3.31
N LYS A 52 8.41 -6.15 -2.59
CA LYS A 52 7.18 -6.61 -1.94
C LYS A 52 6.06 -5.61 -2.19
N TRP A 53 6.32 -4.61 -3.06
CA TRP A 53 5.34 -3.61 -3.40
C TRP A 53 4.31 -4.22 -4.35
N ALA A 54 3.05 -3.83 -4.20
CA ALA A 54 2.02 -4.03 -5.21
C ALA A 54 1.66 -2.63 -5.72
N LEU A 55 1.54 -2.45 -7.02
CA LEU A 55 1.19 -1.17 -7.63
C LEU A 55 -0.28 -0.85 -7.42
N LEU A 56 -0.64 0.42 -7.63
CA LEU A 56 -1.91 1.00 -7.26
C LEU A 56 -2.52 1.79 -8.42
N ASP A 57 -3.82 1.61 -8.69
CA ASP A 57 -4.56 2.29 -9.75
C ASP A 57 -5.16 3.59 -9.20
N GLU A 58 -5.89 4.34 -10.04
CA GLU A 58 -6.44 5.64 -9.66
C GLU A 58 -7.62 5.52 -8.69
N GLU A 59 -8.47 4.54 -8.89
CA GLU A 59 -9.55 4.20 -7.98
C GLU A 59 -9.04 3.62 -6.66
N THR A 60 -7.77 3.22 -6.59
CA THR A 60 -7.24 2.55 -5.41
C THR A 60 -6.99 3.56 -4.29
N LEU A 61 -6.18 4.60 -4.54
CA LEU A 61 -5.86 5.59 -3.48
C LEU A 61 -6.99 6.62 -3.29
N LYS A 62 -8.26 6.23 -3.42
CA LYS A 62 -9.38 7.16 -3.46
C LYS A 62 -10.15 7.21 -2.16
N GLU A 63 -10.70 8.37 -1.87
CA GLU A 63 -11.41 8.64 -0.62
C GLU A 63 -12.92 8.42 -0.80
N GLY A 64 -13.49 7.45 -0.10
CA GLY A 64 -14.92 7.17 -0.02
C GLY A 64 -15.19 5.75 0.50
N ARG A 65 -16.44 5.32 0.42
CA ARG A 65 -16.92 3.98 0.77
C ARG A 65 -17.44 3.31 -0.50
N THR A 66 -17.49 1.99 -0.50
CA THR A 66 -18.04 1.16 -1.57
C THR A 66 -18.98 0.13 -0.92
N THR A 67 -19.80 -0.53 -1.73
CA THR A 67 -20.66 -1.64 -1.37
C THR A 67 -20.39 -2.75 -2.40
N GLU A 68 -20.13 -3.96 -1.94
CA GLU A 68 -20.02 -5.14 -2.80
C GLU A 68 -21.33 -5.92 -2.79
N GLU A 69 -21.45 -6.81 -3.77
CA GLU A 69 -22.59 -7.70 -3.99
C GLU A 69 -22.17 -9.18 -3.78
N GLU A 70 -20.93 -9.41 -3.33
CA GLU A 70 -20.48 -10.66 -2.74
C GLU A 70 -19.70 -10.43 -1.43
N GLY A 71 -19.78 -9.23 -0.85
CA GLY A 71 -19.12 -8.92 0.42
C GLY A 71 -19.96 -7.92 1.19
N GLY A 72 -19.39 -6.74 1.39
CA GLY A 72 -19.83 -5.78 2.40
C GLY A 72 -19.42 -4.36 2.02
N THR A 73 -19.34 -3.49 3.01
CA THR A 73 -19.04 -2.08 2.86
C THR A 73 -17.55 -1.85 3.07
N TYR A 74 -16.82 -1.54 1.99
CA TYR A 74 -15.43 -1.10 2.07
C TYR A 74 -15.38 0.39 2.38
N ILE A 75 -14.33 0.83 3.06
CA ILE A 75 -14.03 2.21 3.35
C ILE A 75 -12.56 2.41 2.99
N SER A 76 -12.24 3.51 2.33
CA SER A 76 -10.91 3.87 1.92
C SER A 76 -10.82 5.38 2.09
N HIS A 77 -9.92 5.90 2.93
CA HIS A 77 -9.75 7.34 3.12
C HIS A 77 -8.35 7.62 3.66
N PHE A 78 -8.12 8.84 4.14
CA PHE A 78 -7.00 9.18 4.99
C PHE A 78 -7.50 9.61 6.36
N THR A 79 -6.70 9.35 7.39
CA THR A 79 -7.07 9.37 8.81
C THR A 79 -6.47 10.58 9.54
N VAL A 80 -5.68 11.39 8.83
CA VAL A 80 -4.80 12.43 9.34
C VAL A 80 -4.74 13.55 8.28
N ASN A 81 -5.14 14.77 8.62
CA ASN A 81 -5.07 15.90 7.68
C ASN A 81 -4.02 16.89 8.16
N GLU A 82 -2.76 16.66 7.81
CA GLU A 82 -1.70 17.65 7.99
C GLU A 82 -1.19 18.04 6.60
N PRO A 83 -0.49 19.18 6.48
CA PRO A 83 0.14 19.60 5.22
C PRO A 83 1.36 18.75 4.88
N ALA A 84 1.97 18.08 5.87
CA ALA A 84 3.17 17.27 5.72
C ALA A 84 3.06 16.04 6.61
N HIS A 85 1.89 15.40 6.68
CA HIS A 85 1.78 14.04 7.20
C HIS A 85 0.39 13.54 6.82
N LYS A 86 0.29 12.49 6.00
CA LYS A 86 -1.01 11.84 5.74
C LYS A 86 -0.78 10.33 5.58
N GLU A 87 -1.76 9.50 5.92
CA GLU A 87 -1.71 8.03 5.83
C GLU A 87 -2.86 7.56 4.93
N PHE A 88 -2.84 6.33 4.41
CA PHE A 88 -3.95 5.70 3.69
C PHE A 88 -4.43 4.47 4.43
N GLU A 89 -5.36 4.67 5.36
CA GLU A 89 -6.11 3.60 6.01
C GLU A 89 -7.34 3.30 5.13
N ALA A 90 -7.47 2.05 4.70
CA ALA A 90 -8.69 1.49 4.12
C ALA A 90 -8.93 0.14 4.79
N GLY A 91 -10.11 -0.43 4.61
CA GLY A 91 -10.53 -1.74 5.09
C GLY A 91 -12.04 -1.82 5.06
N TYR A 92 -12.59 -3.02 5.22
CA TYR A 92 -14.01 -3.20 5.42
C TYR A 92 -14.39 -2.79 6.84
N ASP A 93 -15.68 -2.52 7.04
CA ASP A 93 -16.22 -2.35 8.37
C ASP A 93 -16.14 -3.71 9.08
N GLU A 94 -16.32 -3.69 10.41
CA GLU A 94 -16.35 -4.83 11.33
C GLU A 94 -15.00 -5.59 11.46
N SER A 95 -13.90 -5.11 10.87
CA SER A 95 -12.63 -5.83 10.72
C SER A 95 -11.42 -4.89 10.86
N GLU A 96 -10.24 -5.30 10.35
CA GLU A 96 -9.01 -4.52 10.38
C GLU A 96 -8.85 -3.65 9.12
N PRO A 97 -8.07 -2.55 9.20
CA PRO A 97 -7.68 -1.78 8.02
C PRO A 97 -6.60 -2.51 7.21
N SER A 98 -6.96 -2.89 5.99
CA SER A 98 -6.19 -3.65 5.02
C SER A 98 -5.05 -2.86 4.34
N LEU A 99 -5.11 -1.53 4.46
CA LEU A 99 -4.31 -0.46 3.85
C LEU A 99 -3.95 0.40 5.01
N ARG A 100 -2.68 0.79 5.03
CA ARG A 100 -2.11 1.62 6.06
C ARG A 100 -0.76 2.10 5.52
N VAL A 101 -0.88 2.92 4.51
CA VAL A 101 0.26 3.49 3.80
C VAL A 101 0.67 4.76 4.56
N VAL A 102 1.93 5.21 4.45
CA VAL A 102 2.34 6.49 5.04
C VAL A 102 3.07 7.30 3.97
N PHE A 103 2.63 8.55 3.77
CA PHE A 103 3.20 9.52 2.86
C PHE A 103 3.93 10.59 3.71
N GLU A 104 5.14 10.97 3.31
CA GLU A 104 5.97 11.96 4.00
C GLU A 104 6.42 13.04 2.99
N LEU A 105 6.60 14.26 3.48
CA LEU A 105 6.96 15.46 2.72
C LEU A 105 8.37 15.89 3.14
N THR A 106 9.23 15.98 2.14
CA THR A 106 10.61 16.40 2.13
C THR A 106 10.69 17.91 2.31
N ASP A 107 11.85 18.43 1.93
CA ASP A 107 12.03 19.80 1.48
C ASP A 107 11.33 19.82 0.12
N GLY A 108 10.00 19.79 0.22
CA GLY A 108 9.01 20.12 -0.79
C GLY A 108 8.52 18.92 -1.59
N LYS A 109 9.31 17.85 -1.73
CA LYS A 109 8.89 16.70 -2.55
C LYS A 109 8.15 15.71 -1.66
N TRP A 110 7.21 14.90 -2.15
CA TRP A 110 6.65 13.80 -1.35
C TRP A 110 7.49 12.55 -1.54
N TYR A 111 7.32 11.57 -0.66
CA TYR A 111 7.81 10.20 -0.76
C TYR A 111 6.85 9.31 0.06
N VAL A 112 6.95 7.98 -0.04
CA VAL A 112 6.15 7.05 0.73
C VAL A 112 7.12 6.22 1.58
N THR A 113 6.74 5.86 2.80
CA THR A 113 7.70 5.40 3.80
C THR A 113 7.24 4.19 4.60
N ASP A 114 5.93 3.91 4.62
CA ASP A 114 5.38 2.64 5.12
C ASP A 114 4.23 2.17 4.24
N CYS A 115 3.82 0.91 4.34
CA CYS A 115 2.63 0.36 3.69
C CYS A 115 2.21 -0.96 4.36
N TYR A 116 0.92 -1.20 4.39
CA TYR A 116 0.28 -2.49 4.61
C TYR A 116 -0.62 -2.69 3.39
N ASN A 117 -0.77 -3.92 2.92
CA ASN A 117 -1.59 -4.25 1.76
C ASN A 117 -1.94 -5.73 1.81
N ASP A 118 -3.17 -6.05 1.43
CA ASP A 118 -3.92 -7.30 1.67
C ASP A 118 -3.38 -8.57 1.03
N TRP A 119 -2.16 -8.53 0.48
CA TRP A 119 -1.45 -9.69 -0.03
C TRP A 119 -0.71 -10.46 1.06
N TYR A 120 -0.63 -9.97 2.31
CA TYR A 120 0.33 -10.49 3.29
C TYR A 120 -0.27 -10.69 4.70
N ASN A 121 -1.50 -11.21 4.77
CA ASN A 121 -2.31 -11.26 5.99
C ASN A 121 -1.93 -12.41 6.93
N PHE A 122 -2.60 -12.49 8.09
CA PHE A 122 -2.60 -13.64 8.99
C PHE A 122 -3.04 -14.92 8.29
N ASP A 123 -3.90 -14.84 7.26
CA ASP A 123 -4.35 -15.97 6.44
C ASP A 123 -3.29 -16.42 5.42
N LEU A 124 -2.01 -16.05 5.60
CA LEU A 124 -0.93 -16.26 4.64
C LEU A 124 0.24 -17.03 5.27
N PRO A 125 0.24 -18.37 5.30
CA PRO A 125 1.31 -19.13 5.91
C PRO A 125 2.59 -19.04 5.06
N ILE A 126 3.77 -19.18 5.69
CA ILE A 126 5.05 -19.10 4.95
C ILE A 126 5.12 -20.17 3.86
N ASN A 127 4.55 -21.36 4.11
CA ASN A 127 4.60 -22.50 3.18
C ASN A 127 3.92 -22.25 1.83
N GLU A 128 3.18 -21.15 1.68
CA GLU A 128 2.54 -20.74 0.43
C GLU A 128 3.00 -19.33 -0.02
N LEU A 129 3.88 -18.68 0.73
CA LEU A 129 4.28 -17.29 0.50
C LEU A 129 4.99 -17.10 -0.84
N GLU A 130 5.83 -18.08 -1.21
CA GLU A 130 6.64 -18.07 -2.42
C GLU A 130 5.82 -18.02 -3.71
N GLU A 131 4.53 -18.35 -3.66
CA GLU A 131 3.65 -18.15 -4.81
C GLU A 131 2.85 -16.85 -4.68
N THR A 132 2.43 -16.45 -3.47
CA THR A 132 1.72 -15.19 -3.25
C THR A 132 2.57 -14.00 -3.73
N ILE A 133 3.87 -14.05 -3.46
CA ILE A 133 4.80 -13.01 -3.87
C ILE A 133 4.92 -12.96 -5.40
N GLN A 134 4.62 -14.06 -6.10
CA GLN A 134 4.56 -14.02 -7.56
C GLN A 134 3.24 -13.43 -8.03
N ALA A 135 2.12 -13.84 -7.42
CA ALA A 135 0.78 -13.38 -7.76
C ALA A 135 0.65 -11.85 -7.63
N VAL A 136 1.23 -11.26 -6.58
CA VAL A 136 1.18 -9.81 -6.42
C VAL A 136 1.92 -9.12 -7.58
N GLN A 137 3.00 -9.73 -8.06
CA GLN A 137 3.83 -9.21 -9.14
C GLN A 137 3.23 -9.53 -10.52
N GLU A 138 2.22 -10.40 -10.64
CA GLU A 138 1.47 -10.67 -11.87
C GLU A 138 0.59 -9.48 -12.21
N GLU A 139 -0.14 -8.99 -11.21
CA GLU A 139 -1.00 -7.83 -11.44
C GLU A 139 -0.12 -6.61 -11.77
N ASN A 140 1.03 -6.51 -11.08
CA ASN A 140 1.99 -5.43 -11.26
C ASN A 140 2.51 -5.35 -12.69
N LYS A 141 2.96 -6.47 -13.27
CA LYS A 141 3.54 -6.47 -14.63
C LYS A 141 2.50 -5.97 -15.63
N ALA A 142 1.26 -6.43 -15.52
CA ALA A 142 0.19 -6.02 -16.41
C ALA A 142 -0.13 -4.53 -16.24
N PHE A 143 0.15 -3.93 -15.08
CA PHE A 143 -0.01 -2.51 -14.81
C PHE A 143 1.15 -1.72 -15.42
N GLU A 144 2.40 -2.04 -15.08
CA GLU A 144 3.55 -1.21 -15.45
C GLU A 144 3.81 -1.17 -16.95
N GLU A 145 3.30 -2.15 -17.70
CA GLU A 145 3.30 -2.19 -19.16
C GLU A 145 2.56 -0.96 -19.72
N LEU A 146 1.48 -0.52 -19.06
CA LEU A 146 0.57 0.53 -19.56
C LEU A 146 0.67 1.84 -18.78
N HIS A 147 1.43 1.90 -17.68
CA HIS A 147 1.49 3.06 -16.78
C HIS A 147 2.94 3.62 -16.76
N PRO A 148 3.33 4.43 -17.76
CA PRO A 148 4.67 4.99 -17.90
C PRO A 148 4.97 6.16 -16.95
N GLY A 1 9.73 29.20 -3.72
CA GLY A 1 11.02 28.57 -3.41
C GLY A 1 11.13 27.30 -4.21
N ALA A 2 11.57 26.20 -3.60
CA ALA A 2 11.29 24.88 -4.14
C ALA A 2 9.78 24.73 -4.33
N GLU A 3 9.36 23.83 -5.22
CA GLU A 3 7.97 23.67 -5.64
C GLU A 3 7.47 22.32 -5.13
N GLU A 4 6.83 22.33 -3.97
CA GLU A 4 6.20 21.14 -3.40
C GLU A 4 5.00 20.66 -4.20
N GLU A 5 4.66 19.41 -3.93
CA GLU A 5 3.44 18.80 -4.39
C GLU A 5 2.30 19.14 -3.42
N ASP A 6 1.08 18.92 -3.91
CA ASP A 6 -0.14 19.09 -3.17
C ASP A 6 -0.59 17.72 -2.64
N PHE A 7 -1.77 17.61 -2.05
CA PHE A 7 -2.39 16.36 -1.63
C PHE A 7 -3.32 15.79 -2.71
N LYS A 8 -3.73 16.62 -3.68
CA LYS A 8 -4.69 16.20 -4.71
C LYS A 8 -3.93 15.78 -5.96
N THR A 9 -3.30 16.72 -6.66
CA THR A 9 -2.57 16.39 -7.89
C THR A 9 -1.49 15.32 -7.66
N PHE A 10 -0.85 15.26 -6.48
CA PHE A 10 0.22 14.27 -6.30
C PHE A 10 -0.43 12.89 -6.41
N LEU A 11 -1.62 12.72 -5.84
CA LEU A 11 -2.30 11.45 -5.63
C LEU A 11 -2.74 10.85 -6.95
N GLN A 12 -3.31 11.70 -7.82
CA GLN A 12 -3.66 11.38 -9.20
C GLN A 12 -2.47 10.70 -9.86
N LYS A 13 -1.35 11.43 -9.94
CA LYS A 13 -0.10 10.97 -10.55
C LYS A 13 0.42 9.72 -9.87
N PHE A 14 0.29 9.65 -8.55
CA PHE A 14 0.71 8.54 -7.72
C PHE A 14 -0.13 7.27 -7.93
N THR A 15 -1.06 7.27 -8.88
CA THR A 15 -1.70 6.03 -9.35
C THR A 15 -1.53 5.76 -10.85
N SER A 16 -0.73 6.55 -11.57
CA SER A 16 -0.60 6.48 -13.03
C SER A 16 0.81 6.21 -13.55
N SER A 17 1.79 5.93 -12.67
CA SER A 17 3.14 5.61 -13.07
C SER A 17 3.78 4.66 -12.05
N ALA A 18 4.02 3.42 -12.45
CA ALA A 18 4.71 2.43 -11.63
C ALA A 18 6.12 2.93 -11.24
N SER A 19 6.85 3.54 -12.17
CA SER A 19 8.18 4.08 -11.92
C SER A 19 8.11 5.17 -10.85
N PHE A 20 7.11 6.07 -10.94
CA PHE A 20 6.91 7.12 -9.95
C PHE A 20 6.73 6.53 -8.56
N GLN A 21 5.79 5.59 -8.38
CA GLN A 21 5.59 4.83 -7.15
C GLN A 21 6.92 4.35 -6.58
N TYR A 22 7.68 3.53 -7.32
CA TYR A 22 8.94 2.98 -6.85
C TYR A 22 9.95 4.05 -6.46
N SER A 23 9.95 5.22 -7.12
CA SER A 23 10.85 6.34 -6.79
C SER A 23 10.38 7.17 -5.58
N ARG A 24 9.25 6.84 -4.94
CA ARG A 24 8.58 7.65 -3.91
C ARG A 24 8.20 6.81 -2.68
N ILE A 25 8.96 5.75 -2.38
CA ILE A 25 8.71 4.82 -1.29
C ILE A 25 10.02 4.54 -0.54
N LYS A 26 9.92 4.54 0.79
CA LYS A 26 11.00 4.23 1.71
C LYS A 26 10.98 2.73 1.88
N PHE A 27 11.45 1.99 0.87
CA PHE A 27 11.75 0.60 1.15
C PHE A 27 13.05 0.62 1.95
N PRO A 28 13.21 -0.24 2.97
CA PRO A 28 12.17 -0.97 3.68
C PRO A 28 11.43 -0.05 4.65
N LEU A 29 10.17 -0.41 4.85
CA LEU A 29 9.17 0.34 5.57
C LEU A 29 9.27 0.09 7.08
N LYS A 30 8.15 0.30 7.78
CA LYS A 30 7.95 0.13 9.21
C LYS A 30 7.05 -1.08 9.54
N SER A 31 6.64 -1.81 8.51
CA SER A 31 5.55 -2.78 8.50
C SER A 31 6.13 -4.18 8.25
N PRO A 32 6.59 -4.90 9.29
CA PRO A 32 7.06 -6.26 9.14
C PRO A 32 5.88 -7.15 8.77
N ILE A 33 6.13 -8.00 7.79
CA ILE A 33 5.24 -9.10 7.44
C ILE A 33 5.52 -10.19 8.47
N ALA A 34 4.49 -10.93 8.89
CA ALA A 34 4.60 -11.96 9.92
C ALA A 34 3.58 -13.07 9.61
N LEU A 35 4.04 -14.31 9.43
CA LEU A 35 3.22 -15.44 9.00
C LEU A 35 3.33 -16.61 9.96
N LEU A 36 2.22 -17.33 10.17
CA LEU A 36 2.11 -18.44 11.13
C LEU A 36 2.88 -19.66 10.64
N LYS A 37 3.97 -20.03 11.31
CA LYS A 37 4.75 -21.23 10.97
C LYS A 37 3.91 -22.50 11.15
N ASP A 38 4.54 -23.65 10.88
CA ASP A 38 3.96 -24.99 11.05
C ASP A 38 3.91 -25.38 12.53
N ASP A 39 3.44 -24.46 13.38
CA ASP A 39 3.34 -24.56 14.84
C ASP A 39 2.25 -23.57 15.30
N GLY A 40 1.18 -23.50 14.50
CA GLY A 40 0.00 -22.65 14.65
C GLY A 40 0.37 -21.22 15.03
N GLU A 41 0.15 -20.84 16.29
CA GLU A 41 0.45 -19.52 16.83
C GLU A 41 1.96 -19.38 17.08
N THR A 42 2.70 -19.29 16.00
CA THR A 42 4.14 -19.10 16.00
C THR A 42 4.49 -17.67 15.61
N GLU A 43 5.40 -17.04 16.36
CA GLU A 43 6.02 -15.80 15.92
C GLU A 43 6.91 -16.08 14.72
N GLN A 44 6.86 -15.23 13.70
CA GLN A 44 7.78 -15.23 12.58
C GLN A 44 7.68 -13.88 11.88
N THR A 45 8.71 -13.49 11.12
CA THR A 45 8.79 -12.20 10.44
C THR A 45 9.51 -12.34 9.10
N PHE A 46 9.16 -11.49 8.14
CA PHE A 46 9.66 -11.48 6.77
C PHE A 46 10.06 -10.07 6.35
N PRO A 47 10.98 -9.94 5.38
CA PRO A 47 11.42 -8.65 4.86
C PRO A 47 10.30 -7.93 4.12
N PHE A 48 10.37 -6.60 4.12
CA PHE A 48 9.44 -5.65 3.53
C PHE A 48 10.23 -4.79 2.53
N THR A 49 10.42 -5.27 1.30
CA THR A 49 11.39 -4.69 0.36
C THR A 49 10.75 -4.45 -1.02
N ARG A 50 11.42 -3.68 -1.90
CA ARG A 50 10.92 -3.39 -3.26
C ARG A 50 10.58 -4.68 -4.03
N GLU A 51 11.34 -5.74 -3.77
CA GLU A 51 11.23 -7.08 -4.33
C GLU A 51 9.83 -7.72 -4.14
N LYS A 52 8.97 -7.20 -3.28
CA LYS A 52 7.67 -7.78 -2.94
C LYS A 52 6.57 -6.70 -2.96
N TRP A 53 6.78 -5.62 -3.72
CA TRP A 53 5.78 -4.60 -3.81
C TRP A 53 4.64 -5.06 -4.72
N ALA A 54 3.38 -4.76 -4.39
CA ALA A 54 2.30 -4.72 -5.39
C ALA A 54 1.95 -3.26 -5.64
N LEU A 55 1.79 -2.88 -6.92
CA LEU A 55 1.35 -1.55 -7.36
C LEU A 55 -0.13 -1.27 -7.07
N LEU A 56 -0.53 0.01 -7.04
CA LEU A 56 -1.83 0.47 -6.49
C LEU A 56 -2.66 1.20 -7.56
N ASP A 57 -3.99 1.04 -7.58
CA ASP A 57 -4.85 1.71 -8.56
C ASP A 57 -5.31 3.06 -8.06
N GLU A 58 -5.94 3.87 -8.94
CA GLU A 58 -6.62 5.09 -8.54
C GLU A 58 -7.73 4.78 -7.54
N GLU A 59 -8.52 3.72 -7.77
CA GLU A 59 -9.57 3.32 -6.84
C GLU A 59 -9.00 2.80 -5.52
N THR A 60 -7.77 2.26 -5.53
CA THR A 60 -7.11 1.79 -4.33
C THR A 60 -6.74 2.98 -3.45
N LEU A 61 -6.01 3.97 -3.98
CA LEU A 61 -5.56 5.13 -3.21
C LEU A 61 -6.46 6.31 -3.56
N LYS A 62 -7.75 6.18 -3.30
CA LYS A 62 -8.72 7.24 -3.50
C LYS A 62 -9.12 7.80 -2.14
N GLU A 63 -9.72 8.97 -2.16
CA GLU A 63 -10.61 9.38 -1.09
C GLU A 63 -12.02 9.14 -1.62
N GLY A 64 -12.84 8.47 -0.83
CA GLY A 64 -14.27 8.33 -1.02
C GLY A 64 -14.81 7.17 -0.20
N ARG A 65 -16.13 6.96 -0.31
CA ARG A 65 -16.75 5.68 0.00
C ARG A 65 -17.02 5.00 -1.34
N THR A 66 -16.95 3.68 -1.33
CA THR A 66 -17.00 2.82 -2.49
C THR A 66 -18.02 1.71 -2.18
N THR A 67 -18.37 0.94 -3.19
CA THR A 67 -19.31 -0.16 -3.13
C THR A 67 -18.61 -1.32 -3.82
N GLU A 68 -18.53 -2.48 -3.17
CA GLU A 68 -18.09 -3.70 -3.81
C GLU A 68 -19.28 -4.63 -3.96
N GLU A 69 -19.23 -5.47 -4.99
CA GLU A 69 -20.32 -6.36 -5.34
C GLU A 69 -20.46 -7.50 -4.32
N GLU A 70 -19.38 -7.79 -3.62
CA GLU A 70 -19.17 -8.91 -2.72
C GLU A 70 -18.77 -8.51 -1.30
N GLY A 71 -18.42 -7.23 -1.10
CA GLY A 71 -17.72 -6.76 0.08
C GLY A 71 -18.65 -5.97 0.99
N GLY A 72 -18.91 -4.71 0.66
CA GLY A 72 -19.77 -3.82 1.41
C GLY A 72 -19.42 -2.38 1.06
N THR A 73 -19.77 -1.44 1.93
CA THR A 73 -19.29 -0.07 1.83
C THR A 73 -17.83 -0.06 2.27
N TYR A 74 -16.92 -0.25 1.33
CA TYR A 74 -15.51 0.02 1.51
C TYR A 74 -15.32 1.54 1.59
N ILE A 75 -14.50 2.05 2.52
CA ILE A 75 -13.99 3.42 2.47
C ILE A 75 -12.52 3.36 2.07
N SER A 76 -12.02 4.45 1.51
CA SER A 76 -10.63 4.72 1.22
C SER A 76 -10.47 6.22 1.45
N HIS A 77 -9.62 6.72 2.34
CA HIS A 77 -9.33 8.15 2.50
C HIS A 77 -8.16 8.34 3.47
N PHE A 78 -7.71 9.59 3.66
CA PHE A 78 -6.80 9.89 4.77
C PHE A 78 -7.59 10.15 6.04
N THR A 79 -6.99 9.93 7.21
CA THR A 79 -7.60 10.15 8.52
C THR A 79 -6.97 11.33 9.25
N VAL A 80 -5.88 11.88 8.69
CA VAL A 80 -5.05 12.87 9.36
C VAL A 80 -4.88 14.01 8.39
N ASN A 81 -5.53 15.13 8.70
CA ASN A 81 -5.27 16.37 8.01
C ASN A 81 -4.05 16.95 8.71
N GLU A 82 -2.92 16.91 8.02
CA GLU A 82 -1.69 17.59 8.37
C GLU A 82 -1.17 18.20 7.07
N PRO A 83 -0.35 19.25 7.13
CA PRO A 83 0.07 19.99 5.95
C PRO A 83 1.00 19.13 5.10
N ALA A 84 1.89 18.34 5.74
CA ALA A 84 2.97 17.61 5.11
C ALA A 84 3.03 16.14 5.53
N HIS A 85 2.12 15.62 6.35
CA HIS A 85 2.21 14.26 6.86
C HIS A 85 0.83 13.66 7.10
N LYS A 86 0.10 13.37 6.01
CA LYS A 86 -1.21 12.72 6.11
C LYS A 86 -1.02 11.21 6.24
N GLU A 87 -2.02 10.51 6.77
CA GLU A 87 -1.99 9.08 7.03
C GLU A 87 -3.25 8.49 6.38
N PHE A 88 -3.10 7.43 5.57
CA PHE A 88 -4.15 6.85 4.72
C PHE A 88 -4.68 5.56 5.33
N GLU A 89 -5.99 5.32 5.18
CA GLU A 89 -6.70 4.12 5.59
C GLU A 89 -7.63 3.70 4.44
N ALA A 90 -7.91 2.40 4.35
CA ALA A 90 -9.05 1.88 3.63
C ALA A 90 -9.51 0.59 4.32
N GLY A 91 -10.81 0.30 4.20
CA GLY A 91 -11.47 -0.75 4.93
C GLY A 91 -12.96 -0.48 5.05
N TYR A 92 -13.71 -1.48 5.51
CA TYR A 92 -15.15 -1.49 5.38
C TYR A 92 -15.80 -0.71 6.52
N ASP A 93 -16.95 -0.11 6.21
CA ASP A 93 -17.88 0.42 7.21
C ASP A 93 -18.29 -0.74 8.11
N GLU A 94 -18.64 -0.46 9.36
CA GLU A 94 -18.99 -1.45 10.39
C GLU A 94 -17.87 -2.47 10.70
N SER A 95 -16.63 -2.22 10.25
CA SER A 95 -15.47 -3.09 10.44
C SER A 95 -14.20 -2.29 10.77
N GLU A 96 -13.05 -2.97 10.81
CA GLU A 96 -11.70 -2.42 10.97
C GLU A 96 -10.97 -2.42 9.60
N PRO A 97 -9.85 -1.69 9.45
CA PRO A 97 -9.18 -1.51 8.16
C PRO A 97 -8.55 -2.79 7.61
N SER A 98 -8.07 -2.70 6.36
CA SER A 98 -7.24 -3.70 5.72
C SER A 98 -5.97 -3.07 5.12
N LEU A 99 -6.03 -1.82 4.64
CA LEU A 99 -4.88 -1.13 4.05
C LEU A 99 -4.52 0.09 4.91
N ARG A 100 -3.22 0.34 5.09
CA ARG A 100 -2.70 1.53 5.76
C ARG A 100 -1.49 2.01 4.97
N VAL A 101 -1.35 3.32 4.76
CA VAL A 101 -0.23 3.89 4.00
C VAL A 101 0.13 5.23 4.63
N VAL A 102 1.35 5.34 5.17
CA VAL A 102 1.81 6.58 5.77
C VAL A 102 2.49 7.42 4.69
N PHE A 103 2.09 8.69 4.59
CA PHE A 103 2.62 9.63 3.62
C PHE A 103 3.28 10.78 4.38
N GLU A 104 4.45 11.22 3.89
CA GLU A 104 5.21 12.35 4.42
C GLU A 104 5.67 13.17 3.20
N LEU A 105 5.83 14.49 3.35
CA LEU A 105 6.30 15.47 2.37
C LEU A 105 7.55 16.09 2.98
N THR A 106 8.62 16.24 2.21
CA THR A 106 9.83 16.96 2.62
C THR A 106 10.42 17.51 1.34
N ASP A 107 10.96 18.73 1.35
CA ASP A 107 11.65 19.30 0.18
C ASP A 107 10.78 19.26 -1.07
N GLY A 108 9.48 19.32 -0.84
CA GLY A 108 8.44 19.33 -1.82
C GLY A 108 8.22 18.02 -2.58
N LYS A 109 8.73 16.88 -2.10
CA LYS A 109 8.40 15.56 -2.62
C LYS A 109 7.62 14.78 -1.57
N TRP A 110 6.50 14.17 -1.95
CA TRP A 110 5.86 13.16 -1.10
C TRP A 110 6.67 11.89 -1.18
N TYR A 111 6.65 11.10 -0.12
CA TYR A 111 7.44 9.89 0.01
C TYR A 111 6.67 8.99 0.99
N VAL A 112 6.34 7.75 0.59
CA VAL A 112 5.59 6.81 1.43
C VAL A 112 6.58 6.19 2.42
N THR A 113 6.22 6.08 3.70
CA THR A 113 7.16 5.65 4.74
C THR A 113 6.68 4.38 5.46
N ASP A 114 5.49 3.86 5.15
CA ASP A 114 5.01 2.53 5.56
C ASP A 114 3.97 2.08 4.52
N CYS A 115 3.99 0.78 4.23
CA CYS A 115 3.01 0.07 3.41
C CYS A 115 2.50 -1.11 4.19
N TYR A 116 1.24 -1.01 4.60
CA TYR A 116 0.48 -2.05 5.23
C TYR A 116 -0.54 -2.54 4.22
N ASN A 117 -0.08 -3.22 3.18
CA ASN A 117 -0.94 -4.02 2.28
C ASN A 117 -1.28 -5.30 3.02
N ASP A 118 -2.29 -6.07 2.58
CA ASP A 118 -2.40 -7.44 3.03
C ASP A 118 -1.38 -8.24 2.24
N TRP A 119 -1.78 -8.76 1.07
CA TRP A 119 -1.17 -9.87 0.31
C TRP A 119 -0.75 -10.99 1.26
N TYR A 120 0.34 -10.74 1.97
CA TYR A 120 1.05 -11.57 2.91
C TYR A 120 0.37 -11.46 4.27
N ASN A 121 -0.94 -11.63 4.25
CA ASN A 121 -1.80 -11.68 5.41
C ASN A 121 -1.56 -12.97 6.19
N PHE A 122 -2.28 -13.13 7.29
CA PHE A 122 -2.15 -14.25 8.22
C PHE A 122 -2.45 -15.60 7.58
N ASP A 123 -3.08 -15.62 6.42
CA ASP A 123 -3.45 -16.81 5.68
C ASP A 123 -2.45 -17.11 4.54
N LEU A 124 -1.19 -16.64 4.64
CA LEU A 124 -0.13 -16.87 3.65
C LEU A 124 1.05 -17.58 4.29
N PRO A 125 1.11 -18.92 4.37
CA PRO A 125 2.23 -19.62 5.01
C PRO A 125 3.56 -19.36 4.27
N ILE A 126 4.66 -19.51 5.01
CA ILE A 126 6.02 -19.35 4.55
C ILE A 126 6.32 -20.31 3.39
N ASN A 127 5.68 -21.50 3.34
CA ASN A 127 6.03 -22.49 2.33
C ASN A 127 5.46 -22.17 0.94
N GLU A 128 4.51 -21.23 0.86
CA GLU A 128 3.81 -20.79 -0.35
C GLU A 128 4.12 -19.31 -0.67
N LEU A 129 4.91 -18.66 0.19
CA LEU A 129 5.17 -17.23 0.12
C LEU A 129 5.91 -16.88 -1.16
N GLU A 130 6.96 -17.62 -1.49
CA GLU A 130 7.71 -17.38 -2.72
C GLU A 130 6.79 -17.40 -3.95
N GLU A 131 5.89 -18.36 -4.02
CA GLU A 131 4.88 -18.51 -5.07
C GLU A 131 3.97 -17.28 -5.11
N THR A 132 3.63 -16.71 -3.95
CA THR A 132 2.86 -15.47 -3.88
C THR A 132 3.64 -14.29 -4.46
N ILE A 133 4.92 -14.13 -4.11
CA ILE A 133 5.70 -13.02 -4.66
C ILE A 133 5.73 -13.10 -6.19
N GLN A 134 5.82 -14.30 -6.77
CA GLN A 134 5.79 -14.44 -8.23
C GLN A 134 4.42 -13.96 -8.77
N ALA A 135 3.32 -14.31 -8.08
CA ALA A 135 1.97 -13.88 -8.44
C ALA A 135 1.75 -12.36 -8.31
N VAL A 136 2.53 -11.68 -7.46
CA VAL A 136 2.53 -10.22 -7.30
C VAL A 136 3.17 -9.56 -8.53
N GLN A 137 4.31 -10.06 -9.00
CA GLN A 137 4.92 -9.47 -10.18
C GLN A 137 4.02 -9.67 -11.41
N GLU A 138 3.19 -10.72 -11.42
CA GLU A 138 2.28 -11.00 -12.52
C GLU A 138 1.31 -9.82 -12.70
N GLU A 139 0.48 -9.54 -11.69
CA GLU A 139 -0.47 -8.42 -11.76
C GLU A 139 0.22 -7.06 -11.98
N ASN A 140 1.46 -6.93 -11.50
CA ASN A 140 2.26 -5.72 -11.66
C ASN A 140 2.65 -5.50 -13.12
N LYS A 141 2.92 -6.54 -13.92
CA LYS A 141 3.27 -6.32 -15.34
C LYS A 141 2.11 -5.65 -16.06
N ALA A 142 0.91 -6.20 -15.85
CA ALA A 142 -0.33 -5.67 -16.38
C ALA A 142 -0.41 -4.18 -16.04
N PHE A 143 -0.12 -3.84 -14.78
CA PHE A 143 -0.10 -2.47 -14.32
C PHE A 143 0.98 -1.64 -15.04
N GLU A 144 2.27 -1.93 -14.88
CA GLU A 144 3.34 -1.04 -15.34
C GLU A 144 3.36 -0.88 -16.87
N GLU A 145 2.82 -1.84 -17.62
CA GLU A 145 2.69 -1.74 -19.06
C GLU A 145 1.68 -0.67 -19.47
N LEU A 146 0.80 -0.27 -18.55
CA LEU A 146 -0.34 0.61 -18.77
C LEU A 146 -0.31 1.88 -17.93
N HIS A 147 0.62 1.95 -16.97
CA HIS A 147 0.85 3.03 -16.01
C HIS A 147 2.34 3.45 -16.04
N PRO A 148 2.80 4.23 -17.04
CA PRO A 148 4.20 4.58 -17.23
C PRO A 148 4.68 5.76 -16.38
N GLY A 1 9.88 31.47 1.96
CA GLY A 1 8.63 30.70 2.06
C GLY A 1 8.88 29.25 1.71
N ALA A 2 7.82 28.45 1.68
CA ALA A 2 7.82 27.07 1.25
C ALA A 2 6.74 26.90 0.19
N GLU A 3 6.81 25.80 -0.53
CA GLU A 3 5.85 25.30 -1.50
C GLU A 3 6.17 23.82 -1.59
N GLU A 4 5.17 22.96 -1.42
CA GLU A 4 5.36 21.52 -1.42
C GLU A 4 4.42 20.90 -2.46
N GLU A 5 4.51 19.59 -2.61
CA GLU A 5 3.55 18.85 -3.42
C GLU A 5 2.21 18.78 -2.68
N ASP A 6 1.19 18.29 -3.36
CA ASP A 6 -0.19 18.21 -2.93
C ASP A 6 -0.64 16.75 -2.95
N PHE A 7 -1.08 16.30 -1.78
CA PHE A 7 -1.55 14.97 -1.44
C PHE A 7 -2.68 14.46 -2.35
N LYS A 8 -3.34 15.35 -3.10
CA LYS A 8 -4.24 15.03 -4.19
C LYS A 8 -3.45 14.93 -5.51
N THR A 9 -2.80 16.00 -5.95
CA THR A 9 -2.07 16.10 -7.23
C THR A 9 -1.02 15.01 -7.41
N PHE A 10 -0.23 14.71 -6.39
CA PHE A 10 0.87 13.77 -6.51
C PHE A 10 0.29 12.36 -6.73
N LEU A 11 -0.94 12.12 -6.26
CA LEU A 11 -1.61 10.82 -6.19
C LEU A 11 -2.09 10.41 -7.58
N GLN A 12 -2.56 11.38 -8.36
CA GLN A 12 -2.85 11.22 -9.79
C GLN A 12 -1.65 10.61 -10.51
N LYS A 13 -0.45 11.10 -10.17
CA LYS A 13 0.79 10.70 -10.82
C LYS A 13 1.20 9.34 -10.28
N PHE A 14 1.16 9.17 -8.96
CA PHE A 14 1.47 7.93 -8.24
C PHE A 14 0.72 6.72 -8.83
N THR A 15 -0.49 6.92 -9.34
CA THR A 15 -1.37 5.84 -9.81
C THR A 15 -1.24 5.60 -11.34
N SER A 16 -0.58 6.50 -12.06
CA SER A 16 -0.54 6.54 -13.51
C SER A 16 0.89 6.37 -14.02
N SER A 17 1.74 5.68 -13.26
CA SER A 17 3.08 5.30 -13.67
C SER A 17 3.54 4.23 -12.70
N ALA A 18 4.22 3.20 -13.20
CA ALA A 18 4.98 2.28 -12.38
C ALA A 18 6.25 2.96 -11.88
N SER A 19 6.99 3.59 -12.80
CA SER A 19 8.30 4.16 -12.52
C SER A 19 8.24 5.22 -11.41
N PHE A 20 7.29 6.16 -11.48
CA PHE A 20 7.10 7.16 -10.45
C PHE A 20 6.58 6.54 -9.15
N GLN A 21 5.75 5.48 -9.22
CA GLN A 21 5.26 4.74 -8.05
C GLN A 21 6.48 4.28 -7.25
N TYR A 22 7.36 3.49 -7.87
CA TYR A 22 8.63 3.05 -7.30
C TYR A 22 9.48 4.22 -6.80
N SER A 23 9.61 5.29 -7.60
CA SER A 23 10.42 6.46 -7.25
C SER A 23 9.92 7.25 -6.03
N ARG A 24 8.73 6.96 -5.47
CA ARG A 24 8.13 7.74 -4.39
C ARG A 24 8.19 6.99 -3.08
N ILE A 25 9.08 6.02 -2.91
CA ILE A 25 9.09 5.15 -1.73
C ILE A 25 10.50 5.17 -1.14
N LYS A 26 10.69 4.74 0.11
CA LYS A 26 12.00 4.43 0.68
C LYS A 26 12.10 2.90 0.73
N PHE A 27 13.27 2.35 0.42
CA PHE A 27 13.55 0.93 0.57
C PHE A 27 14.77 0.77 1.48
N PRO A 28 14.74 -0.10 2.49
CA PRO A 28 13.58 -0.83 3.02
C PRO A 28 12.51 0.10 3.63
N LEU A 29 11.39 -0.47 4.09
CA LEU A 29 10.20 0.20 4.66
C LEU A 29 10.23 0.13 6.20
N LYS A 30 9.08 0.18 6.89
CA LYS A 30 8.98 0.18 8.36
C LYS A 30 8.02 -0.90 8.93
N SER A 31 7.23 -1.59 8.12
CA SER A 31 6.10 -2.45 8.47
C SER A 31 6.48 -3.91 8.21
N PRO A 32 7.11 -4.59 9.17
CA PRO A 32 7.49 -5.97 8.98
C PRO A 32 6.25 -6.81 8.75
N ILE A 33 6.36 -7.66 7.75
CA ILE A 33 5.33 -8.59 7.30
C ILE A 33 5.16 -9.63 8.42
N ALA A 34 4.24 -9.34 9.34
CA ALA A 34 3.92 -10.14 10.50
C ALA A 34 2.94 -11.22 10.08
N LEU A 35 3.32 -12.50 10.16
CA LEU A 35 2.52 -13.62 9.65
C LEU A 35 2.42 -14.74 10.68
N LEU A 36 1.95 -15.95 10.32
CA LEU A 36 1.67 -17.10 11.18
C LEU A 36 2.41 -18.36 10.68
N LYS A 37 3.25 -18.97 11.53
CA LYS A 37 4.02 -20.16 11.20
C LYS A 37 3.17 -21.42 11.16
N ASP A 38 3.83 -22.57 11.07
CA ASP A 38 3.28 -23.92 11.08
C ASP A 38 2.90 -24.35 12.51
N ASP A 39 2.49 -23.39 13.34
CA ASP A 39 2.25 -23.53 14.77
C ASP A 39 1.16 -22.52 15.14
N GLY A 40 0.11 -22.50 14.32
CA GLY A 40 -1.09 -21.68 14.42
C GLY A 40 -0.86 -20.21 14.74
N GLU A 41 -1.00 -19.77 15.99
CA GLU A 41 -1.02 -18.36 16.38
C GLU A 41 0.37 -17.85 16.77
N THR A 42 1.35 -18.35 16.06
CA THR A 42 2.76 -18.06 16.28
C THR A 42 3.05 -16.60 15.95
N GLU A 43 4.15 -16.05 16.47
CA GLU A 43 4.65 -14.73 16.10
C GLU A 43 5.91 -14.86 15.24
N GLN A 44 5.93 -14.11 14.14
CA GLN A 44 7.00 -14.07 13.18
C GLN A 44 6.81 -12.80 12.36
N THR A 45 7.91 -12.17 11.99
CA THR A 45 8.00 -11.07 11.06
C THR A 45 8.98 -11.42 9.93
N PHE A 46 8.92 -10.72 8.79
CA PHE A 46 9.79 -10.91 7.63
C PHE A 46 10.40 -9.55 7.25
N PRO A 47 11.45 -9.54 6.43
CA PRO A 47 12.02 -8.32 5.87
C PRO A 47 11.16 -7.73 4.74
N PHE A 48 11.28 -6.43 4.49
CA PHE A 48 10.55 -5.67 3.47
C PHE A 48 11.55 -5.02 2.52
N THR A 49 11.29 -5.00 1.21
CA THR A 49 12.05 -4.20 0.25
C THR A 49 11.17 -3.82 -0.94
N ARG A 50 11.75 -3.06 -1.89
CA ARG A 50 11.18 -2.70 -3.20
C ARG A 50 10.57 -3.91 -3.91
N GLU A 51 11.21 -5.06 -3.78
CA GLU A 51 10.92 -6.33 -4.44
C GLU A 51 9.79 -7.11 -3.76
N LYS A 52 8.91 -6.44 -3.00
CA LYS A 52 7.76 -7.01 -2.29
C LYS A 52 6.55 -6.10 -2.47
N TRP A 53 6.54 -5.32 -3.55
CA TRP A 53 5.56 -4.26 -3.77
C TRP A 53 4.61 -4.62 -4.90
N ALA A 54 3.30 -4.55 -4.63
CA ALA A 54 2.22 -4.60 -5.60
C ALA A 54 1.89 -3.18 -6.11
N LEU A 55 1.90 -2.97 -7.42
CA LEU A 55 1.50 -1.74 -8.10
C LEU A 55 -0.02 -1.56 -7.99
N LEU A 56 -0.48 -0.29 -8.00
CA LEU A 56 -1.82 0.09 -7.54
C LEU A 56 -2.42 1.19 -8.42
N ASP A 57 -3.75 1.17 -8.58
CA ASP A 57 -4.52 2.02 -9.50
C ASP A 57 -5.04 3.26 -8.79
N GLU A 58 -5.68 4.16 -9.54
CA GLU A 58 -6.30 5.34 -8.95
C GLU A 58 -7.47 4.98 -8.04
N GLU A 59 -8.22 3.96 -8.41
CA GLU A 59 -9.31 3.40 -7.60
C GLU A 59 -8.82 2.88 -6.25
N THR A 60 -7.63 2.30 -6.25
CA THR A 60 -6.99 1.84 -5.03
C THR A 60 -6.66 3.04 -4.13
N LEU A 61 -6.31 4.18 -4.75
CA LEU A 61 -6.00 5.45 -4.09
C LEU A 61 -7.13 6.47 -4.26
N LYS A 62 -8.38 6.05 -4.03
CA LYS A 62 -9.53 6.94 -4.10
C LYS A 62 -10.05 7.22 -2.70
N GLU A 63 -10.79 8.32 -2.58
CA GLU A 63 -11.32 8.85 -1.33
C GLU A 63 -12.84 8.80 -1.42
N GLY A 64 -13.49 7.89 -0.72
CA GLY A 64 -14.92 7.68 -0.76
C GLY A 64 -15.37 6.51 0.12
N ARG A 65 -16.56 5.97 -0.13
CA ARG A 65 -17.06 4.74 0.47
C ARG A 65 -17.71 3.94 -0.66
N THR A 66 -17.43 2.65 -0.72
CA THR A 66 -18.00 1.71 -1.66
C THR A 66 -18.99 0.83 -0.89
N THR A 67 -19.78 0.03 -1.59
CA THR A 67 -20.70 -0.97 -1.08
C THR A 67 -20.29 -2.27 -1.77
N GLU A 68 -20.45 -3.43 -1.13
CA GLU A 68 -20.22 -4.71 -1.77
C GLU A 68 -21.44 -5.61 -1.62
N GLU A 69 -21.53 -6.52 -2.56
CA GLU A 69 -22.64 -7.46 -2.75
C GLU A 69 -22.56 -8.64 -1.81
N GLU A 70 -21.39 -8.84 -1.22
CA GLU A 70 -20.97 -10.00 -0.46
C GLU A 70 -19.94 -9.64 0.63
N GLY A 71 -19.76 -8.34 0.92
CA GLY A 71 -18.76 -7.86 1.86
C GLY A 71 -19.41 -6.86 2.79
N GLY A 72 -19.31 -5.58 2.45
CA GLY A 72 -19.76 -4.50 3.30
C GLY A 72 -19.35 -3.17 2.70
N THR A 73 -19.52 -2.11 3.49
CA THR A 73 -19.15 -0.76 3.09
C THR A 73 -17.62 -0.62 3.19
N TYR A 74 -16.91 -0.70 2.07
CA TYR A 74 -15.46 -0.49 2.02
C TYR A 74 -15.14 0.99 1.89
N ILE A 75 -14.69 1.62 2.97
CA ILE A 75 -14.22 3.01 2.95
C ILE A 75 -12.78 3.00 2.44
N SER A 76 -12.35 4.10 1.81
CA SER A 76 -10.98 4.31 1.36
C SER A 76 -10.76 5.82 1.41
N HIS A 77 -9.70 6.34 2.05
CA HIS A 77 -9.39 7.77 2.15
C HIS A 77 -8.15 8.01 3.01
N PHE A 78 -7.69 9.25 3.08
CA PHE A 78 -6.76 9.73 4.09
C PHE A 78 -7.51 9.89 5.40
N THR A 79 -7.25 9.01 6.37
CA THR A 79 -7.71 9.20 7.74
C THR A 79 -6.84 10.19 8.50
N VAL A 80 -5.66 10.53 7.97
CA VAL A 80 -4.63 11.25 8.71
C VAL A 80 -4.45 12.62 8.06
N ASN A 81 -5.14 13.60 8.63
CA ASN A 81 -5.10 14.99 8.21
C ASN A 81 -3.98 15.71 8.96
N GLU A 82 -2.78 15.49 8.47
CA GLU A 82 -1.53 16.07 8.96
C GLU A 82 -1.00 17.05 7.92
N PRO A 83 -0.08 17.95 8.27
CA PRO A 83 0.48 18.89 7.30
C PRO A 83 1.40 18.14 6.33
N ALA A 84 2.40 17.42 6.86
CA ALA A 84 3.52 16.87 6.11
C ALA A 84 3.78 15.40 6.49
N HIS A 85 2.80 14.71 7.07
CA HIS A 85 2.94 13.34 7.57
C HIS A 85 1.60 12.60 7.43
N LYS A 86 0.96 12.76 6.27
CA LYS A 86 -0.38 12.23 6.00
C LYS A 86 -0.28 10.72 5.83
N GLU A 87 -1.40 10.00 5.92
CA GLU A 87 -1.45 8.56 5.74
C GLU A 87 -2.86 8.16 5.25
N PHE A 88 -2.90 7.18 4.35
CA PHE A 88 -4.10 6.60 3.77
C PHE A 88 -4.52 5.35 4.53
N GLU A 89 -5.82 5.06 4.54
CA GLU A 89 -6.44 3.85 5.05
C GLU A 89 -7.55 3.44 4.08
N ALA A 90 -7.76 2.14 3.89
CA ALA A 90 -8.97 1.59 3.32
C ALA A 90 -9.34 0.34 4.09
N GLY A 91 -10.61 0.19 4.43
CA GLY A 91 -11.12 -0.85 5.30
C GLY A 91 -12.64 -0.78 5.38
N TYR A 92 -13.25 -1.82 5.94
CA TYR A 92 -14.70 -1.95 5.94
C TYR A 92 -15.30 -1.33 7.21
N ASP A 93 -16.57 -0.96 7.11
CA ASP A 93 -17.43 -0.46 8.17
C ASP A 93 -17.42 -1.45 9.34
N GLU A 94 -17.21 -0.96 10.56
CA GLU A 94 -16.94 -1.71 11.80
C GLU A 94 -15.70 -2.63 11.80
N SER A 95 -14.93 -2.75 10.72
CA SER A 95 -13.80 -3.68 10.58
C SER A 95 -12.44 -2.97 10.59
N GLU A 96 -11.39 -3.65 10.10
CA GLU A 96 -9.99 -3.22 10.07
C GLU A 96 -9.51 -2.89 8.64
N PRO A 97 -8.50 -2.01 8.49
CA PRO A 97 -7.97 -1.60 7.19
C PRO A 97 -7.15 -2.68 6.49
N SER A 98 -7.46 -2.95 5.22
CA SER A 98 -6.77 -3.92 4.37
C SER A 98 -5.54 -3.31 3.70
N LEU A 99 -5.54 -1.99 3.50
CA LEU A 99 -4.56 -1.25 2.73
C LEU A 99 -4.27 0.03 3.51
N ARG A 100 -3.00 0.32 3.77
CA ARG A 100 -2.61 1.43 4.63
C ARG A 100 -1.24 1.97 4.25
N VAL A 101 -1.09 3.29 4.12
CA VAL A 101 0.09 3.86 3.45
C VAL A 101 0.47 5.19 4.10
N VAL A 102 1.55 5.21 4.88
CA VAL A 102 2.16 6.45 5.36
C VAL A 102 2.73 7.23 4.17
N PHE A 103 2.63 8.56 4.23
CA PHE A 103 3.26 9.49 3.30
C PHE A 103 3.91 10.66 4.06
N GLU A 104 5.24 10.74 4.05
CA GLU A 104 6.03 11.74 4.78
C GLU A 104 6.55 12.76 3.76
N LEU A 105 6.30 14.04 4.00
CA LEU A 105 6.74 15.14 3.16
C LEU A 105 7.98 15.78 3.74
N THR A 106 8.98 15.83 2.89
CA THR A 106 10.25 16.44 3.20
C THR A 106 10.63 17.31 2.02
N ASP A 107 10.73 18.62 2.17
CA ASP A 107 11.41 19.48 1.18
C ASP A 107 10.64 19.49 -0.14
N GLY A 108 9.32 19.37 0.02
CA GLY A 108 8.31 19.22 -1.00
C GLY A 108 8.36 17.93 -1.82
N LYS A 109 9.21 16.96 -1.47
CA LYS A 109 9.15 15.61 -2.02
C LYS A 109 8.49 14.68 -0.99
N TRP A 110 7.33 14.13 -1.35
CA TRP A 110 6.64 13.15 -0.52
C TRP A 110 7.23 11.78 -0.78
N TYR A 111 7.18 10.92 0.23
CA TYR A 111 7.61 9.55 0.12
C TYR A 111 6.68 8.67 0.92
N VAL A 112 6.32 7.51 0.38
CA VAL A 112 5.90 6.40 1.19
C VAL A 112 7.15 5.93 1.93
N THR A 113 7.11 5.76 3.25
CA THR A 113 8.17 5.01 3.93
C THR A 113 7.61 3.77 4.62
N ASP A 114 6.29 3.53 4.51
CA ASP A 114 5.69 2.35 5.11
C ASP A 114 4.54 1.76 4.30
N CYS A 115 4.21 0.49 4.51
CA CYS A 115 3.15 -0.15 3.73
C CYS A 115 2.42 -1.27 4.47
N TYR A 116 1.11 -1.34 4.25
CA TYR A 116 0.24 -2.46 4.56
C TYR A 116 -0.51 -2.73 3.26
N ASN A 117 -0.39 -3.93 2.69
CA ASN A 117 -1.28 -4.42 1.64
C ASN A 117 -1.89 -5.73 2.12
N ASP A 118 -3.08 -6.01 1.62
CA ASP A 118 -3.82 -7.26 1.73
C ASP A 118 -3.01 -8.46 1.21
N TRP A 119 -2.21 -8.27 0.15
CA TRP A 119 -1.27 -9.25 -0.40
C TRP A 119 -0.33 -9.85 0.66
N TYR A 120 -0.13 -9.17 1.79
CA TYR A 120 0.68 -9.69 2.88
C TYR A 120 -0.13 -9.49 4.18
N ASN A 121 -1.16 -10.32 4.39
CA ASN A 121 -2.06 -10.29 5.55
C ASN A 121 -1.94 -11.58 6.36
N PHE A 122 -2.75 -11.72 7.40
CA PHE A 122 -2.73 -12.83 8.36
C PHE A 122 -2.92 -14.19 7.70
N ASP A 123 -3.81 -14.25 6.71
CA ASP A 123 -4.23 -15.47 6.03
C ASP A 123 -3.21 -15.84 4.95
N LEU A 124 -1.91 -15.67 5.25
CA LEU A 124 -0.78 -15.82 4.34
C LEU A 124 0.36 -16.61 5.03
N PRO A 125 0.38 -17.95 4.98
CA PRO A 125 1.40 -18.74 5.63
C PRO A 125 2.77 -18.58 4.94
N ILE A 126 3.85 -18.75 5.70
CA ILE A 126 5.22 -18.65 5.19
C ILE A 126 5.41 -19.74 4.12
N ASN A 127 4.78 -20.90 4.33
CA ASN A 127 4.86 -22.07 3.47
C ASN A 127 4.47 -21.75 2.02
N GLU A 128 3.62 -20.73 1.77
CA GLU A 128 3.15 -20.36 0.43
C GLU A 128 3.65 -18.98 -0.02
N LEU A 129 4.35 -18.25 0.87
CA LEU A 129 4.71 -16.85 0.71
C LEU A 129 5.59 -16.61 -0.51
N GLU A 130 6.50 -17.53 -0.81
CA GLU A 130 7.34 -17.45 -2.00
C GLU A 130 6.50 -17.37 -3.29
N GLU A 131 5.34 -18.03 -3.38
CA GLU A 131 4.47 -17.90 -4.53
C GLU A 131 3.75 -16.55 -4.50
N THR A 132 3.38 -16.05 -3.32
CA THR A 132 2.67 -14.79 -3.16
C THR A 132 3.52 -13.64 -3.71
N ILE A 133 4.80 -13.55 -3.32
CA ILE A 133 5.69 -12.50 -3.80
C ILE A 133 5.79 -12.57 -5.33
N GLN A 134 5.80 -13.78 -5.90
CA GLN A 134 5.89 -13.98 -7.34
C GLN A 134 4.59 -13.51 -8.03
N ALA A 135 3.43 -13.85 -7.47
CA ALA A 135 2.13 -13.50 -7.99
C ALA A 135 1.96 -11.98 -8.09
N VAL A 136 2.46 -11.24 -7.11
CA VAL A 136 2.50 -9.79 -7.14
C VAL A 136 3.21 -9.29 -8.41
N GLN A 137 4.25 -9.99 -8.89
CA GLN A 137 4.97 -9.54 -10.06
C GLN A 137 4.16 -9.74 -11.36
N GLU A 138 3.15 -10.64 -11.39
CA GLU A 138 2.27 -10.80 -12.54
C GLU A 138 1.40 -9.55 -12.67
N GLU A 139 0.58 -9.24 -11.65
CA GLU A 139 -0.25 -8.04 -11.71
C GLU A 139 0.58 -6.76 -11.93
N ASN A 140 1.82 -6.74 -11.41
CA ASN A 140 2.76 -5.66 -11.67
C ASN A 140 3.02 -5.51 -13.16
N LYS A 141 3.47 -6.56 -13.87
CA LYS A 141 3.80 -6.41 -15.29
C LYS A 141 2.60 -5.96 -16.11
N ALA A 142 1.43 -6.52 -15.83
CA ALA A 142 0.19 -6.20 -16.52
C ALA A 142 -0.12 -4.71 -16.40
N PHE A 143 0.11 -4.14 -15.22
CA PHE A 143 -0.02 -2.72 -14.93
C PHE A 143 1.05 -1.93 -15.68
N GLU A 144 2.34 -2.20 -15.43
CA GLU A 144 3.41 -1.34 -15.92
C GLU A 144 3.59 -1.42 -17.44
N GLU A 145 3.06 -2.44 -18.11
CA GLU A 145 2.99 -2.49 -19.58
C GLU A 145 2.16 -1.30 -20.10
N LEU A 146 1.24 -0.76 -19.29
CA LEU A 146 0.27 0.26 -19.67
C LEU A 146 0.27 1.50 -18.76
N HIS A 147 1.13 1.57 -17.74
CA HIS A 147 1.21 2.67 -16.78
C HIS A 147 2.68 3.12 -16.73
N PRO A 148 3.10 4.03 -17.64
CA PRO A 148 4.49 4.47 -17.81
C PRO A 148 5.03 5.35 -16.67
N GLY A 1 10.41 30.52 -2.85
CA GLY A 1 10.31 29.98 -1.48
C GLY A 1 10.84 28.57 -1.49
N ALA A 2 10.06 27.62 -1.00
CA ALA A 2 10.13 26.22 -1.41
C ALA A 2 8.85 25.94 -2.19
N GLU A 3 8.82 24.85 -2.93
CA GLU A 3 7.74 24.50 -3.81
C GLU A 3 7.43 23.02 -3.62
N GLU A 4 6.72 22.71 -2.53
CA GLU A 4 6.29 21.36 -2.24
C GLU A 4 5.20 20.92 -3.21
N GLU A 5 5.11 19.60 -3.36
CA GLU A 5 4.06 18.93 -4.10
C GLU A 5 2.85 18.79 -3.18
N ASP A 6 1.67 18.63 -3.77
CA ASP A 6 0.39 18.52 -3.09
C ASP A 6 0.06 17.05 -2.82
N PHE A 7 -1.06 16.77 -2.17
CA PHE A 7 -1.60 15.43 -1.93
C PHE A 7 -2.61 15.04 -3.01
N LYS A 8 -3.04 15.96 -3.87
CA LYS A 8 -4.05 15.73 -4.90
C LYS A 8 -3.39 15.46 -6.23
N THR A 9 -2.67 16.44 -6.79
CA THR A 9 -1.92 16.27 -8.04
C THR A 9 -0.98 15.07 -7.97
N PHE A 10 -0.30 14.83 -6.85
CA PHE A 10 0.70 13.78 -6.79
C PHE A 10 0.04 12.42 -7.10
N LEU A 11 -1.24 12.26 -6.76
CA LEU A 11 -2.01 11.03 -6.88
C LEU A 11 -2.32 10.75 -8.35
N GLN A 12 -2.60 11.81 -9.12
CA GLN A 12 -2.81 11.76 -10.57
C GLN A 12 -1.60 11.19 -11.33
N LYS A 13 -0.44 11.15 -10.69
CA LYS A 13 0.82 10.67 -11.24
C LYS A 13 1.23 9.36 -10.57
N PHE A 14 1.01 9.24 -9.27
CA PHE A 14 1.27 8.04 -8.49
C PHE A 14 0.42 6.85 -8.97
N THR A 15 -0.77 7.12 -9.50
CA THR A 15 -1.70 6.13 -10.06
C THR A 15 -1.57 6.12 -11.60
N SER A 16 -0.52 6.73 -12.15
CA SER A 16 -0.33 6.93 -13.58
C SER A 16 1.17 7.04 -13.92
N SER A 17 1.98 6.17 -13.29
CA SER A 17 3.39 5.93 -13.54
C SER A 17 3.86 4.95 -12.46
N ALA A 18 3.81 3.66 -12.79
CA ALA A 18 4.38 2.58 -11.99
C ALA A 18 5.82 2.87 -11.56
N SER A 19 6.66 3.38 -12.46
CA SER A 19 8.06 3.65 -12.19
C SER A 19 8.22 4.70 -11.09
N PHE A 20 7.37 5.75 -11.15
CA PHE A 20 7.32 6.85 -10.20
C PHE A 20 6.76 6.40 -8.86
N GLN A 21 5.74 5.52 -8.84
CA GLN A 21 5.29 4.91 -7.59
C GLN A 21 6.50 4.31 -6.86
N TYR A 22 7.27 3.46 -7.56
CA TYR A 22 8.45 2.81 -7.00
C TYR A 22 9.43 3.82 -6.41
N SER A 23 9.85 4.83 -7.20
CA SER A 23 10.87 5.77 -6.77
C SER A 23 10.44 6.66 -5.60
N ARG A 24 9.18 6.62 -5.18
CA ARG A 24 8.65 7.36 -4.04
C ARG A 24 8.42 6.45 -2.83
N ILE A 25 8.80 5.17 -2.86
CA ILE A 25 8.58 4.25 -1.73
C ILE A 25 9.94 3.88 -1.14
N LYS A 26 10.09 4.13 0.17
CA LYS A 26 11.25 3.78 0.97
C LYS A 26 11.24 2.26 1.09
N PHE A 27 12.41 1.65 1.19
CA PHE A 27 12.51 0.21 1.37
C PHE A 27 13.74 -0.10 2.22
N PRO A 28 13.67 -1.01 3.21
CA PRO A 28 12.47 -1.66 3.73
C PRO A 28 11.53 -0.68 4.49
N LEU A 29 10.37 -1.17 4.95
CA LEU A 29 9.23 -0.38 5.46
C LEU A 29 8.91 -0.71 6.92
N LYS A 30 8.14 0.16 7.60
CA LYS A 30 7.93 0.10 9.05
C LYS A 30 7.02 -1.05 9.51
N SER A 31 6.23 -1.66 8.65
CA SER A 31 5.34 -2.78 8.96
C SER A 31 5.90 -4.00 8.22
N PRO A 32 6.86 -4.73 8.82
CA PRO A 32 7.52 -5.85 8.16
C PRO A 32 6.52 -6.97 7.84
N ILE A 33 6.90 -7.89 6.96
CA ILE A 33 6.10 -9.05 6.60
C ILE A 33 6.08 -9.94 7.85
N ALA A 34 4.97 -9.98 8.58
CA ALA A 34 4.88 -10.59 9.90
C ALA A 34 4.04 -11.85 9.80
N LEU A 35 4.69 -13.03 9.81
CA LEU A 35 4.08 -14.32 9.44
C LEU A 35 4.42 -15.36 10.50
N LEU A 36 4.09 -16.63 10.25
CA LEU A 36 4.28 -17.72 11.21
C LEU A 36 5.24 -18.80 10.69
N LYS A 37 6.06 -19.34 11.60
CA LYS A 37 7.00 -20.43 11.35
C LYS A 37 6.28 -21.79 11.30
N ASP A 38 7.09 -22.85 11.33
CA ASP A 38 6.72 -24.26 11.32
C ASP A 38 6.26 -24.78 12.68
N ASP A 39 6.16 -23.94 13.71
CA ASP A 39 5.81 -24.30 15.07
C ASP A 39 4.54 -23.52 15.42
N GLY A 40 3.53 -23.73 14.57
CA GLY A 40 2.23 -23.07 14.55
C GLY A 40 2.35 -21.56 14.69
N GLU A 41 2.08 -21.06 15.89
CA GLU A 41 1.90 -19.63 16.17
C GLU A 41 3.19 -19.00 16.71
N THR A 42 4.27 -19.36 16.04
CA THR A 42 5.60 -18.85 16.25
C THR A 42 5.78 -17.53 15.53
N GLU A 43 6.25 -16.50 16.23
CA GLU A 43 6.52 -15.19 15.65
C GLU A 43 7.51 -15.30 14.49
N GLN A 44 7.32 -14.46 13.48
CA GLN A 44 8.34 -14.21 12.49
C GLN A 44 8.12 -12.82 11.91
N THR A 45 9.19 -12.07 11.65
CA THR A 45 9.12 -10.93 10.74
C THR A 45 10.20 -11.02 9.66
N PHE A 46 9.91 -10.40 8.53
CA PHE A 46 10.68 -10.44 7.29
C PHE A 46 10.77 -9.03 6.70
N PRO A 47 11.87 -8.69 6.02
CA PRO A 47 12.13 -7.34 5.53
C PRO A 47 11.27 -7.05 4.28
N PHE A 48 10.40 -6.05 4.38
CA PHE A 48 9.49 -5.59 3.33
C PHE A 48 10.25 -4.64 2.38
N THR A 49 11.27 -5.16 1.69
CA THR A 49 11.99 -4.45 0.65
C THR A 49 11.15 -4.38 -0.65
N ARG A 50 11.66 -3.67 -1.67
CA ARG A 50 10.95 -3.42 -2.92
C ARG A 50 10.55 -4.69 -3.68
N GLU A 51 11.26 -5.79 -3.46
CA GLU A 51 11.06 -7.08 -4.12
C GLU A 51 9.69 -7.71 -3.82
N LYS A 52 8.94 -7.16 -2.86
CA LYS A 52 7.66 -7.65 -2.40
C LYS A 52 6.70 -6.46 -2.33
N TRP A 53 6.70 -5.63 -3.37
CA TRP A 53 5.71 -4.56 -3.48
C TRP A 53 4.45 -5.07 -4.22
N ALA A 54 3.35 -4.33 -4.20
CA ALA A 54 2.19 -4.51 -5.08
C ALA A 54 1.72 -3.13 -5.51
N LEU A 55 1.23 -2.96 -6.74
CA LEU A 55 0.94 -1.65 -7.34
C LEU A 55 -0.51 -1.26 -7.13
N LEU A 56 -0.79 0.05 -7.12
CA LEU A 56 -2.07 0.59 -6.71
C LEU A 56 -2.65 1.46 -7.81
N ASP A 57 -3.98 1.62 -7.86
CA ASP A 57 -4.69 2.30 -8.93
C ASP A 57 -5.25 3.66 -8.51
N GLU A 58 -5.88 4.31 -9.48
CA GLU A 58 -6.62 5.55 -9.37
C GLU A 58 -7.87 5.34 -8.52
N GLU A 59 -8.53 4.19 -8.62
CA GLU A 59 -9.64 3.87 -7.73
C GLU A 59 -9.14 3.41 -6.36
N THR A 60 -7.94 2.83 -6.27
CA THR A 60 -7.49 2.20 -5.03
C THR A 60 -7.18 3.30 -4.01
N LEU A 61 -6.28 4.24 -4.32
CA LEU A 61 -5.76 5.20 -3.34
C LEU A 61 -6.58 6.49 -3.25
N LYS A 62 -7.88 6.40 -3.48
CA LYS A 62 -8.75 7.55 -3.68
C LYS A 62 -9.60 7.80 -2.46
N GLU A 63 -10.02 9.04 -2.31
CA GLU A 63 -10.95 9.45 -1.27
C GLU A 63 -12.36 9.31 -1.84
N GLY A 64 -13.17 8.42 -1.27
CA GLY A 64 -14.57 8.23 -1.62
C GLY A 64 -15.19 7.06 -0.85
N ARG A 65 -16.49 6.88 -0.98
CA ARG A 65 -17.18 5.65 -0.58
C ARG A 65 -17.74 4.98 -1.84
N THR A 66 -18.24 3.76 -1.73
CA THR A 66 -18.96 3.10 -2.81
C THR A 66 -20.21 2.41 -2.28
N THR A 67 -20.98 1.85 -3.21
CA THR A 67 -22.03 0.90 -2.98
C THR A 67 -21.63 -0.31 -3.84
N GLU A 68 -21.41 -1.46 -3.21
CA GLU A 68 -21.37 -2.74 -3.90
C GLU A 68 -22.80 -3.25 -4.05
N GLU A 69 -22.95 -4.20 -4.96
CA GLU A 69 -24.25 -4.74 -5.31
C GLU A 69 -24.68 -5.86 -4.36
N GLU A 70 -23.72 -6.37 -3.58
CA GLU A 70 -23.86 -7.52 -2.67
C GLU A 70 -22.59 -7.67 -1.78
N GLY A 71 -21.89 -6.56 -1.50
CA GLY A 71 -20.63 -6.53 -0.75
C GLY A 71 -20.82 -5.88 0.61
N GLY A 72 -20.59 -4.56 0.71
CA GLY A 72 -20.76 -3.78 1.93
C GLY A 72 -20.87 -2.30 1.56
N THR A 73 -20.22 -1.44 2.33
CA THR A 73 -20.03 -0.01 2.07
C THR A 73 -18.51 0.23 2.12
N TYR A 74 -17.80 0.23 0.98
CA TYR A 74 -16.37 0.53 0.98
C TYR A 74 -16.21 2.05 1.22
N ILE A 75 -15.23 2.48 2.01
CA ILE A 75 -14.96 3.87 2.39
C ILE A 75 -13.44 4.06 2.44
N SER A 76 -12.83 4.50 1.35
CA SER A 76 -11.40 4.79 1.29
C SER A 76 -11.19 6.29 1.52
N HIS A 77 -10.30 6.70 2.42
CA HIS A 77 -10.00 8.10 2.69
C HIS A 77 -8.61 8.20 3.32
N PHE A 78 -8.08 9.42 3.36
CA PHE A 78 -7.02 9.74 4.28
C PHE A 78 -7.70 10.28 5.53
N THR A 79 -7.12 9.96 6.68
CA THR A 79 -7.73 10.11 7.99
C THR A 79 -6.87 10.98 8.90
N VAL A 80 -5.77 11.52 8.36
CA VAL A 80 -4.71 12.21 9.08
C VAL A 80 -4.41 13.48 8.30
N ASN A 81 -4.90 14.62 8.79
CA ASN A 81 -4.73 15.93 8.15
C ASN A 81 -3.67 16.71 8.89
N GLU A 82 -2.41 16.33 8.67
CA GLU A 82 -1.22 16.88 9.32
C GLU A 82 -0.32 17.48 8.22
N PRO A 83 0.50 18.49 8.53
CA PRO A 83 1.17 19.31 7.52
C PRO A 83 2.26 18.60 6.72
N ALA A 84 2.80 17.45 7.16
CA ALA A 84 3.82 16.72 6.40
C ALA A 84 3.82 15.21 6.68
N HIS A 85 2.86 14.68 7.42
CA HIS A 85 2.78 13.27 7.74
C HIS A 85 1.31 12.95 7.60
N LYS A 86 0.93 12.12 6.62
CA LYS A 86 -0.45 11.72 6.46
C LYS A 86 -0.48 10.22 6.27
N GLU A 87 -1.66 9.63 6.37
CA GLU A 87 -1.84 8.21 6.16
C GLU A 87 -3.02 8.01 5.21
N PHE A 88 -3.39 6.77 4.90
CA PHE A 88 -4.51 6.46 4.01
C PHE A 88 -5.06 5.11 4.42
N GLU A 89 -6.37 5.05 4.64
CA GLU A 89 -7.10 3.94 5.23
C GLU A 89 -8.21 3.59 4.25
N ALA A 90 -8.11 2.41 3.63
CA ALA A 90 -9.08 1.83 2.75
C ALA A 90 -9.66 0.63 3.47
N GLY A 91 -10.89 0.79 3.94
CA GLY A 91 -11.70 -0.25 4.51
C GLY A 91 -13.16 0.02 4.27
N TYR A 92 -14.01 -0.95 4.54
CA TYR A 92 -15.45 -0.77 4.64
C TYR A 92 -15.84 0.26 5.72
N ASP A 93 -17.13 0.22 6.07
CA ASP A 93 -17.74 0.66 7.33
C ASP A 93 -16.97 0.21 8.57
N GLU A 94 -17.52 0.39 9.77
CA GLU A 94 -16.92 0.11 11.08
C GLU A 94 -16.36 -1.31 11.29
N SER A 95 -16.44 -2.11 10.26
CA SER A 95 -15.47 -3.16 9.93
C SER A 95 -14.03 -2.65 10.03
N GLU A 96 -13.09 -3.60 10.09
CA GLU A 96 -11.66 -3.31 10.01
C GLU A 96 -11.30 -2.97 8.55
N PRO A 97 -10.22 -2.21 8.32
CA PRO A 97 -9.73 -1.89 6.98
C PRO A 97 -8.95 -3.03 6.32
N SER A 98 -8.91 -2.98 5.00
CA SER A 98 -8.13 -3.89 4.17
C SER A 98 -6.69 -3.40 4.07
N LEU A 99 -6.50 -2.11 3.80
CA LEU A 99 -5.27 -1.60 3.19
C LEU A 99 -4.92 -0.25 3.82
N ARG A 100 -3.68 -0.11 4.29
CA ARG A 100 -3.18 1.12 4.93
C ARG A 100 -1.94 1.61 4.19
N VAL A 101 -1.71 2.93 4.11
CA VAL A 101 -0.45 3.47 3.64
C VAL A 101 -0.03 4.62 4.56
N VAL A 102 1.26 4.93 4.67
CA VAL A 102 1.74 6.17 5.30
C VAL A 102 2.58 6.94 4.31
N PHE A 103 2.33 8.25 4.23
CA PHE A 103 3.06 9.22 3.43
C PHE A 103 3.75 10.21 4.37
N GLU A 104 4.98 10.61 4.04
CA GLU A 104 5.70 11.73 4.65
C GLU A 104 5.99 12.76 3.54
N LEU A 105 6.18 14.02 3.92
CA LEU A 105 6.62 15.13 3.10
C LEU A 105 7.90 15.64 3.74
N THR A 106 9.01 15.63 3.03
CA THR A 106 10.25 16.23 3.50
C THR A 106 10.84 16.97 2.33
N ASP A 107 11.31 18.19 2.58
CA ASP A 107 11.84 19.15 1.63
C ASP A 107 10.91 19.39 0.43
N GLY A 108 9.61 19.21 0.68
CA GLY A 108 8.52 19.40 -0.26
C GLY A 108 8.26 18.20 -1.16
N LYS A 109 8.88 17.05 -0.89
CA LYS A 109 8.71 15.82 -1.69
C LYS A 109 7.85 14.86 -0.87
N TRP A 110 6.70 14.42 -1.39
CA TRP A 110 5.89 13.36 -0.77
C TRP A 110 6.52 12.00 -1.05
N TYR A 111 6.47 11.05 -0.11
CA TYR A 111 7.07 9.74 -0.25
C TYR A 111 6.39 8.74 0.71
N VAL A 112 6.16 7.48 0.30
CA VAL A 112 5.60 6.44 1.18
C VAL A 112 6.68 5.98 2.14
N THR A 113 6.35 5.74 3.41
CA THR A 113 7.29 5.20 4.38
C THR A 113 6.75 4.01 5.17
N ASP A 114 5.46 3.67 5.03
CA ASP A 114 4.92 2.42 5.53
C ASP A 114 3.78 1.93 4.65
N CYS A 115 3.48 0.63 4.71
CA CYS A 115 2.45 -0.03 3.94
C CYS A 115 1.83 -1.14 4.78
N TYR A 116 0.54 -1.40 4.62
CA TYR A 116 -0.14 -2.57 5.15
C TYR A 116 -0.99 -3.11 4.01
N ASN A 117 -0.73 -4.35 3.59
CA ASN A 117 -1.37 -5.00 2.45
C ASN A 117 -1.78 -6.40 2.89
N ASP A 118 -2.80 -6.99 2.30
CA ASP A 118 -3.26 -8.33 2.65
C ASP A 118 -2.47 -9.43 1.93
N TRP A 119 -1.74 -9.12 0.84
CA TRP A 119 -0.86 -10.06 0.13
C TRP A 119 0.15 -10.76 1.04
N TYR A 120 0.55 -10.15 2.17
CA TYR A 120 1.39 -10.80 3.16
C TYR A 120 0.73 -10.52 4.52
N ASN A 121 -0.19 -11.38 4.93
CA ASN A 121 -0.93 -11.28 6.20
C ASN A 121 -0.78 -12.60 6.96
N PHE A 122 -1.34 -12.68 8.18
CA PHE A 122 -1.25 -13.83 9.06
C PHE A 122 -1.59 -15.16 8.35
N ASP A 123 -2.51 -15.15 7.39
CA ASP A 123 -2.99 -16.30 6.61
C ASP A 123 -1.98 -16.76 5.54
N LEU A 124 -0.69 -16.42 5.68
CA LEU A 124 0.36 -16.68 4.71
C LEU A 124 1.58 -17.32 5.38
N PRO A 125 1.64 -18.65 5.58
CA PRO A 125 2.81 -19.28 6.17
C PRO A 125 4.02 -19.16 5.24
N ILE A 126 5.22 -19.08 5.83
CA ILE A 126 6.45 -18.80 5.09
C ILE A 126 6.73 -19.90 4.05
N ASN A 127 6.30 -21.14 4.31
CA ASN A 127 6.50 -22.25 3.38
C ASN A 127 5.81 -22.03 2.04
N GLU A 128 4.76 -21.20 1.99
CA GLU A 128 4.02 -20.89 0.77
C GLU A 128 4.51 -19.61 0.10
N LEU A 129 5.22 -18.74 0.82
CA LEU A 129 5.44 -17.34 0.49
C LEU A 129 6.16 -17.14 -0.83
N GLU A 130 7.07 -18.05 -1.13
CA GLU A 130 7.86 -18.01 -2.35
C GLU A 130 6.98 -18.13 -3.59
N GLU A 131 5.78 -18.71 -3.49
CA GLU A 131 4.78 -18.69 -4.56
C GLU A 131 4.01 -17.37 -4.55
N THR A 132 3.63 -16.86 -3.38
CA THR A 132 2.80 -15.68 -3.23
C THR A 132 3.48 -14.47 -3.87
N ILE A 133 4.80 -14.34 -3.68
CA ILE A 133 5.57 -13.23 -4.22
C ILE A 133 5.54 -13.30 -5.75
N GLN A 134 5.48 -14.49 -6.35
CA GLN A 134 5.35 -14.57 -7.81
C GLN A 134 3.99 -14.11 -8.27
N ALA A 135 2.91 -14.53 -7.60
CA ALA A 135 1.55 -14.22 -8.02
C ALA A 135 1.31 -12.70 -8.06
N VAL A 136 1.82 -11.96 -7.07
CA VAL A 136 1.66 -10.50 -7.06
C VAL A 136 2.45 -9.89 -8.22
N GLN A 137 3.64 -10.42 -8.52
CA GLN A 137 4.51 -9.87 -9.55
C GLN A 137 3.94 -10.11 -10.96
N GLU A 138 3.10 -11.12 -11.15
CA GLU A 138 2.30 -11.33 -12.35
C GLU A 138 1.40 -10.11 -12.57
N GLU A 139 0.51 -9.82 -11.62
CA GLU A 139 -0.38 -8.67 -11.75
C GLU A 139 0.36 -7.33 -11.75
N ASN A 140 1.55 -7.25 -11.16
CA ASN A 140 2.39 -6.04 -11.21
C ASN A 140 2.78 -5.71 -12.65
N LYS A 141 3.36 -6.64 -13.44
CA LYS A 141 3.74 -6.27 -14.80
C LYS A 141 2.53 -5.89 -15.65
N ALA A 142 1.42 -6.59 -15.41
CA ALA A 142 0.18 -6.39 -16.16
C ALA A 142 -0.38 -4.98 -15.93
N PHE A 143 -0.12 -4.39 -14.76
CA PHE A 143 -0.38 -3.00 -14.48
C PHE A 143 0.68 -2.14 -15.19
N GLU A 144 1.94 -2.23 -14.79
CA GLU A 144 2.94 -1.21 -15.10
C GLU A 144 3.12 -0.98 -16.59
N GLU A 145 2.95 -2.02 -17.39
CA GLU A 145 3.06 -1.98 -18.84
C GLU A 145 2.13 -0.90 -19.44
N LEU A 146 0.95 -0.75 -18.87
CA LEU A 146 -0.12 0.18 -19.26
C LEU A 146 -0.18 1.43 -18.38
N HIS A 147 0.70 1.57 -17.39
CA HIS A 147 0.74 2.73 -16.48
C HIS A 147 2.15 3.34 -16.57
N PRO A 148 2.48 3.96 -17.71
CA PRO A 148 3.85 4.33 -18.07
C PRO A 148 4.33 5.57 -17.35
N GLY A 1 14.99 28.62 -3.13
CA GLY A 1 13.77 28.47 -2.35
C GLY A 1 13.64 27.06 -1.86
N ALA A 2 12.42 26.53 -1.85
CA ALA A 2 12.07 25.25 -1.27
C ALA A 2 10.73 24.87 -1.88
N GLU A 3 10.75 23.93 -2.82
CA GLU A 3 9.70 23.74 -3.82
C GLU A 3 9.10 22.36 -3.59
N GLU A 4 8.19 22.28 -2.63
CA GLU A 4 7.47 21.04 -2.37
C GLU A 4 6.45 20.74 -3.49
N GLU A 5 5.89 19.54 -3.44
CA GLU A 5 4.83 19.03 -4.29
C GLU A 5 3.48 19.68 -3.96
N ASP A 6 2.42 19.21 -4.61
CA ASP A 6 1.05 19.35 -4.13
C ASP A 6 0.63 18.01 -3.54
N PHE A 7 -0.48 17.99 -2.81
CA PHE A 7 -1.05 16.90 -2.06
C PHE A 7 -2.08 16.11 -2.91
N LYS A 8 -2.52 16.62 -4.06
CA LYS A 8 -3.61 16.03 -4.86
C LYS A 8 -3.11 15.61 -6.24
N THR A 9 -2.38 16.48 -6.91
CA THR A 9 -1.67 16.22 -8.15
C THR A 9 -0.68 15.07 -7.99
N PHE A 10 0.04 14.98 -6.87
CA PHE A 10 1.04 13.94 -6.70
C PHE A 10 0.35 12.57 -6.78
N LEU A 11 -0.88 12.50 -6.26
CA LEU A 11 -1.71 11.30 -6.19
C LEU A 11 -2.03 10.79 -7.59
N GLN A 12 -2.41 11.68 -8.52
CA GLN A 12 -2.69 11.28 -9.89
C GLN A 12 -1.46 10.64 -10.54
N LYS A 13 -0.27 11.18 -10.28
CA LYS A 13 0.97 10.64 -10.84
C LYS A 13 1.27 9.28 -10.23
N PHE A 14 1.10 9.19 -8.90
CA PHE A 14 1.24 7.97 -8.12
C PHE A 14 0.46 6.81 -8.74
N THR A 15 -0.78 7.03 -9.18
CA THR A 15 -1.64 5.98 -9.75
C THR A 15 -1.35 5.71 -11.24
N SER A 16 -0.53 6.52 -11.92
CA SER A 16 -0.34 6.50 -13.37
C SER A 16 1.10 6.19 -13.78
N SER A 17 1.96 5.86 -12.82
CA SER A 17 3.34 5.53 -13.12
C SER A 17 3.88 4.59 -12.04
N ALA A 18 4.11 3.34 -12.41
CA ALA A 18 4.74 2.34 -11.56
C ALA A 18 6.12 2.82 -11.10
N SER A 19 6.96 3.31 -12.01
CA SER A 19 8.27 3.80 -11.64
C SER A 19 8.20 5.01 -10.71
N PHE A 20 7.22 5.91 -10.89
CA PHE A 20 7.05 7.01 -9.96
C PHE A 20 6.59 6.48 -8.60
N GLN A 21 5.68 5.50 -8.57
CA GLN A 21 5.25 4.81 -7.36
C GLN A 21 6.49 4.35 -6.57
N TYR A 22 7.40 3.60 -7.22
CA TYR A 22 8.65 3.13 -6.64
C TYR A 22 9.55 4.28 -6.16
N SER A 23 9.72 5.34 -6.96
CA SER A 23 10.50 6.55 -6.64
C SER A 23 9.91 7.36 -5.48
N ARG A 24 8.84 6.88 -4.83
CA ARG A 24 8.13 7.55 -3.77
C ARG A 24 7.94 6.64 -2.55
N ILE A 25 8.72 5.57 -2.37
CA ILE A 25 8.57 4.64 -1.26
C ILE A 25 9.93 4.47 -0.58
N LYS A 26 10.02 4.67 0.73
CA LYS A 26 11.15 4.21 1.54
C LYS A 26 11.09 2.69 1.63
N PHE A 27 12.25 2.05 1.62
CA PHE A 27 12.41 0.65 1.98
C PHE A 27 13.68 0.57 2.86
N PRO A 28 13.71 -0.30 3.90
CA PRO A 28 12.58 -1.05 4.43
C PRO A 28 11.51 -0.15 5.03
N LEU A 29 10.31 -0.69 5.24
CA LEU A 29 9.14 0.04 5.75
C LEU A 29 9.02 -0.17 7.27
N LYS A 30 8.28 0.71 7.95
CA LYS A 30 8.07 0.57 9.40
C LYS A 30 7.22 -0.65 9.79
N SER A 31 6.45 -1.17 8.84
CA SER A 31 5.65 -2.39 8.83
C SER A 31 6.52 -3.56 8.38
N PRO A 32 7.21 -4.31 9.27
CA PRO A 32 7.71 -5.61 8.87
C PRO A 32 6.54 -6.52 8.48
N ILE A 33 6.84 -7.64 7.83
CA ILE A 33 5.85 -8.66 7.51
C ILE A 33 6.00 -9.74 8.57
N ALA A 34 5.10 -9.78 9.54
CA ALA A 34 5.01 -10.89 10.48
C ALA A 34 4.05 -11.95 9.92
N LEU A 35 4.40 -13.24 10.02
CA LEU A 35 3.59 -14.38 9.56
C LEU A 35 3.76 -15.52 10.57
N LEU A 36 3.10 -16.66 10.31
CA LEU A 36 3.26 -17.87 11.12
C LEU A 36 4.17 -18.89 10.44
N LYS A 37 5.16 -19.41 11.18
CA LYS A 37 5.99 -20.53 10.70
C LYS A 37 5.21 -21.85 10.69
N ASP A 38 5.90 -22.89 10.25
CA ASP A 38 5.53 -24.31 10.23
C ASP A 38 5.48 -24.97 11.62
N ASP A 39 5.23 -24.23 12.71
CA ASP A 39 4.97 -24.80 14.06
C ASP A 39 3.71 -24.17 14.67
N GLY A 40 2.78 -23.70 13.83
CA GLY A 40 1.53 -23.08 14.24
C GLY A 40 1.81 -21.69 14.83
N GLU A 41 1.65 -21.52 16.15
CA GLU A 41 1.79 -20.25 16.85
C GLU A 41 3.28 -19.92 17.02
N THR A 42 3.88 -19.64 15.89
CA THR A 42 5.28 -19.35 15.72
C THR A 42 5.40 -17.94 15.19
N GLU A 43 5.99 -17.04 15.96
CA GLU A 43 6.26 -15.70 15.46
C GLU A 43 7.28 -15.80 14.32
N GLN A 44 7.28 -14.80 13.46
CA GLN A 44 8.19 -14.66 12.35
C GLN A 44 8.17 -13.19 11.95
N THR A 45 9.27 -12.63 11.48
CA THR A 45 9.33 -11.28 10.90
C THR A 45 10.27 -11.24 9.70
N PHE A 46 9.78 -10.69 8.59
CA PHE A 46 10.50 -10.44 7.34
C PHE A 46 10.60 -8.94 7.08
N PRO A 47 11.66 -8.49 6.38
CA PRO A 47 11.85 -7.10 5.99
C PRO A 47 10.96 -6.76 4.79
N PHE A 48 10.08 -5.78 4.92
CA PHE A 48 9.22 -5.33 3.83
C PHE A 48 10.02 -4.33 2.99
N THR A 49 10.55 -4.78 1.85
CA THR A 49 11.40 -3.97 0.97
C THR A 49 10.68 -3.70 -0.35
N ARG A 50 11.38 -3.25 -1.40
CA ARG A 50 10.78 -2.91 -2.69
C ARG A 50 10.42 -4.16 -3.49
N GLU A 51 11.17 -5.24 -3.34
CA GLU A 51 11.10 -6.52 -4.09
C GLU A 51 9.80 -7.33 -3.85
N LYS A 52 8.74 -6.70 -3.35
CA LYS A 52 7.49 -7.29 -2.85
C LYS A 52 6.41 -6.20 -2.77
N TRP A 53 6.57 -5.06 -3.44
CA TRP A 53 5.52 -4.04 -3.49
C TRP A 53 4.55 -4.35 -4.65
N ALA A 54 3.35 -3.76 -4.66
CA ALA A 54 2.34 -3.93 -5.71
C ALA A 54 1.50 -2.68 -5.90
N LEU A 55 1.05 -2.53 -7.14
CA LEU A 55 0.77 -1.24 -7.71
C LEU A 55 -0.70 -0.88 -7.65
N LEU A 56 -1.02 0.14 -6.84
CA LEU A 56 -2.40 0.54 -6.56
C LEU A 56 -2.92 1.49 -7.65
N ASP A 57 -4.22 1.38 -7.95
CA ASP A 57 -4.91 2.06 -9.05
C ASP A 57 -5.50 3.42 -8.61
N GLU A 58 -6.07 4.14 -9.59
CA GLU A 58 -6.84 5.37 -9.45
C GLU A 58 -8.01 5.16 -8.47
N GLU A 59 -8.97 4.32 -8.86
CA GLU A 59 -10.18 4.11 -8.07
C GLU A 59 -9.91 3.40 -6.74
N THR A 60 -8.77 2.71 -6.62
CA THR A 60 -8.23 2.25 -5.34
C THR A 60 -7.90 3.47 -4.48
N LEU A 61 -7.00 4.35 -4.94
CA LEU A 61 -6.51 5.48 -4.18
C LEU A 61 -7.43 6.66 -4.44
N LYS A 62 -8.71 6.48 -4.07
CA LYS A 62 -9.74 7.48 -4.24
C LYS A 62 -10.49 7.61 -2.93
N GLU A 63 -11.02 8.79 -2.70
CA GLU A 63 -11.72 9.14 -1.47
C GLU A 63 -13.22 8.91 -1.74
N GLY A 64 -13.88 8.04 -0.97
CA GLY A 64 -15.27 7.68 -1.17
C GLY A 64 -15.73 6.58 -0.23
N ARG A 65 -16.97 6.11 -0.44
CA ARG A 65 -17.43 4.83 0.06
C ARG A 65 -18.14 4.10 -1.06
N THR A 66 -17.88 2.81 -1.11
CA THR A 66 -18.40 1.88 -2.08
C THR A 66 -19.76 1.36 -1.58
N THR A 67 -20.58 0.78 -2.47
CA THR A 67 -21.87 0.22 -2.14
C THR A 67 -22.01 -1.08 -2.94
N GLU A 68 -21.63 -2.20 -2.35
CA GLU A 68 -21.69 -3.50 -3.01
C GLU A 68 -23.15 -3.90 -3.18
N GLU A 69 -23.39 -4.84 -4.09
CA GLU A 69 -24.74 -5.20 -4.56
C GLU A 69 -25.27 -6.45 -3.85
N GLU A 70 -24.41 -7.10 -3.05
CA GLU A 70 -24.71 -8.28 -2.27
C GLU A 70 -24.51 -8.06 -0.78
N GLY A 71 -24.21 -6.84 -0.34
CA GLY A 71 -23.75 -6.56 1.01
C GLY A 71 -22.31 -6.09 0.95
N GLY A 72 -22.07 -4.84 1.34
CA GLY A 72 -20.74 -4.32 1.59
C GLY A 72 -20.71 -2.80 1.47
N THR A 73 -19.78 -2.18 2.18
CA THR A 73 -19.46 -0.78 2.08
C THR A 73 -17.96 -0.66 2.37
N TYR A 74 -17.14 -0.69 1.33
CA TYR A 74 -15.71 -0.45 1.44
C TYR A 74 -15.48 1.06 1.44
N ILE A 75 -14.96 1.63 2.52
CA ILE A 75 -14.63 3.04 2.63
C ILE A 75 -13.15 3.16 2.37
N SER A 76 -12.76 4.19 1.62
CA SER A 76 -11.40 4.45 1.18
C SER A 76 -11.23 5.96 1.28
N HIS A 77 -10.28 6.44 2.09
CA HIS A 77 -10.12 7.87 2.36
C HIS A 77 -8.77 8.12 3.03
N PHE A 78 -8.40 9.38 3.18
CA PHE A 78 -7.33 9.74 4.09
C PHE A 78 -7.99 10.19 5.40
N THR A 79 -7.33 9.86 6.50
CA THR A 79 -7.88 10.04 7.84
C THR A 79 -7.05 11.04 8.66
N VAL A 80 -6.07 11.69 8.05
CA VAL A 80 -5.17 12.63 8.74
C VAL A 80 -4.99 13.88 7.89
N ASN A 81 -5.28 15.05 8.46
CA ASN A 81 -5.08 16.34 7.79
C ASN A 81 -4.11 17.19 8.58
N GLU A 82 -2.88 17.20 8.09
CA GLU A 82 -1.74 18.03 8.48
C GLU A 82 -1.03 18.42 7.18
N PRO A 83 -0.13 19.42 7.19
CA PRO A 83 0.53 19.88 5.98
C PRO A 83 1.42 18.78 5.40
N ALA A 84 2.34 18.25 6.20
CA ALA A 84 3.44 17.42 5.73
C ALA A 84 3.26 15.93 6.10
N HIS A 85 2.20 15.58 6.82
CA HIS A 85 2.05 14.28 7.45
C HIS A 85 0.60 13.87 7.23
N LYS A 86 0.31 12.94 6.32
CA LYS A 86 -1.06 12.51 6.03
C LYS A 86 -0.99 11.02 5.73
N GLU A 87 -2.09 10.30 5.85
CA GLU A 87 -2.10 8.85 5.67
C GLU A 87 -3.49 8.39 5.25
N PHE A 88 -3.55 7.24 4.60
CA PHE A 88 -4.68 6.74 3.84
C PHE A 88 -5.05 5.34 4.33
N GLU A 89 -6.34 5.11 4.47
CA GLU A 89 -6.95 3.91 5.01
C GLU A 89 -8.02 3.47 4.00
N ALA A 90 -8.15 2.16 3.79
CA ALA A 90 -9.37 1.59 3.26
C ALA A 90 -9.72 0.33 4.04
N GLY A 91 -11.01 0.17 4.31
CA GLY A 91 -11.57 -0.91 5.10
C GLY A 91 -13.08 -0.93 4.95
N TYR A 92 -13.68 -2.10 5.12
CA TYR A 92 -15.12 -2.22 5.13
C TYR A 92 -15.66 -1.63 6.42
N ASP A 93 -16.84 -1.02 6.33
CA ASP A 93 -17.57 -0.51 7.48
C ASP A 93 -17.80 -1.65 8.48
N GLU A 94 -17.91 -1.34 9.77
CA GLU A 94 -17.95 -2.30 10.87
C GLU A 94 -16.73 -3.21 10.98
N SER A 95 -15.63 -3.05 10.23
CA SER A 95 -14.49 -3.94 10.25
C SER A 95 -13.14 -3.21 10.19
N GLU A 96 -12.06 -3.97 10.39
CA GLU A 96 -10.69 -3.46 10.39
C GLU A 96 -10.18 -3.23 8.95
N PRO A 97 -9.23 -2.30 8.72
CA PRO A 97 -8.77 -1.98 7.38
C PRO A 97 -7.94 -3.11 6.78
N SER A 98 -7.73 -3.06 5.46
CA SER A 98 -6.93 -4.04 4.71
C SER A 98 -5.76 -3.39 3.98
N LEU A 99 -5.74 -2.05 3.95
CA LEU A 99 -4.96 -1.25 3.02
C LEU A 99 -4.65 0.03 3.80
N ARG A 100 -3.38 0.31 4.09
CA ARG A 100 -2.95 1.46 4.88
C ARG A 100 -1.65 2.00 4.29
N VAL A 101 -1.58 3.31 4.07
CA VAL A 101 -0.49 3.96 3.36
C VAL A 101 -0.16 5.26 4.09
N VAL A 102 0.98 5.33 4.79
CA VAL A 102 1.45 6.57 5.41
C VAL A 102 2.18 7.40 4.37
N PHE A 103 2.07 8.75 4.44
CA PHE A 103 2.77 9.66 3.54
C PHE A 103 3.48 10.74 4.36
N GLU A 104 4.74 11.03 4.02
CA GLU A 104 5.62 11.92 4.75
C GLU A 104 6.31 12.86 3.76
N LEU A 105 5.94 14.14 3.78
CA LEU A 105 6.57 15.23 3.02
C LEU A 105 7.89 15.59 3.68
N THR A 106 8.95 14.89 3.29
CA THR A 106 10.30 15.18 3.74
C THR A 106 10.91 16.16 2.75
N ASP A 107 11.21 17.39 3.21
CA ASP A 107 11.99 18.36 2.43
C ASP A 107 11.29 18.77 1.13
N GLY A 108 9.96 18.66 1.10
CA GLY A 108 9.11 18.96 -0.06
C GLY A 108 8.86 17.74 -0.94
N LYS A 109 9.41 16.57 -0.62
CA LYS A 109 9.17 15.34 -1.36
C LYS A 109 8.43 14.37 -0.48
N TRP A 110 7.21 14.03 -0.91
CA TRP A 110 6.45 12.96 -0.30
C TRP A 110 7.23 11.67 -0.50
N TYR A 111 7.29 10.84 0.55
CA TYR A 111 7.61 9.43 0.44
C TYR A 111 6.56 8.67 1.25
N VAL A 112 6.18 7.49 0.78
CA VAL A 112 5.48 6.48 1.55
C VAL A 112 6.52 5.79 2.42
N THR A 113 6.14 5.45 3.65
CA THR A 113 7.08 4.99 4.66
C THR A 113 6.57 3.76 5.43
N ASP A 114 5.29 3.42 5.27
CA ASP A 114 4.63 2.33 5.98
C ASP A 114 3.46 1.80 5.15
N CYS A 115 3.20 0.49 5.21
CA CYS A 115 2.38 -0.25 4.25
C CYS A 115 1.76 -1.45 4.95
N TYR A 116 0.50 -1.75 4.65
CA TYR A 116 -0.20 -2.92 5.16
C TYR A 116 -1.15 -3.39 4.06
N ASN A 117 -0.78 -4.38 3.25
CA ASN A 117 -1.67 -4.96 2.23
C ASN A 117 -2.11 -6.35 2.67
N ASP A 118 -3.21 -6.81 2.08
CA ASP A 118 -3.73 -8.17 2.12
C ASP A 118 -2.70 -9.23 1.67
N TRP A 119 -1.90 -8.96 0.64
CA TRP A 119 -0.91 -9.88 0.05
C TRP A 119 0.09 -10.50 1.04
N TYR A 120 0.24 -9.96 2.25
CA TYR A 120 1.16 -10.52 3.24
C TYR A 120 0.47 -10.61 4.61
N ASN A 121 -0.78 -11.07 4.59
CA ASN A 121 -1.59 -11.38 5.76
C ASN A 121 -0.94 -12.45 6.63
N PHE A 122 -1.46 -12.66 7.85
CA PHE A 122 -0.82 -13.54 8.83
C PHE A 122 -0.89 -15.02 8.46
N ASP A 123 -1.84 -15.42 7.62
CA ASP A 123 -2.03 -16.81 7.19
C ASP A 123 -1.24 -17.07 5.90
N LEU A 124 -0.04 -16.46 5.79
CA LEU A 124 0.82 -16.64 4.63
C LEU A 124 2.00 -17.50 5.09
N PRO A 125 1.86 -18.84 5.08
CA PRO A 125 2.88 -19.71 5.62
C PRO A 125 4.13 -19.55 4.76
N ILE A 126 5.30 -19.41 5.41
CA ILE A 126 6.54 -19.11 4.69
C ILE A 126 6.85 -20.21 3.66
N ASN A 127 6.38 -21.45 3.89
CA ASN A 127 6.60 -22.53 2.94
C ASN A 127 5.99 -22.25 1.55
N GLU A 128 5.02 -21.34 1.45
CA GLU A 128 4.33 -20.93 0.23
C GLU A 128 4.48 -19.42 -0.07
N LEU A 129 5.14 -18.67 0.81
CA LEU A 129 5.37 -17.23 0.61
C LEU A 129 6.11 -16.97 -0.70
N GLU A 130 7.00 -17.88 -1.04
CA GLU A 130 7.75 -17.85 -2.28
C GLU A 130 6.86 -17.80 -3.52
N GLU A 131 5.59 -18.21 -3.44
CA GLU A 131 4.65 -18.17 -4.56
C GLU A 131 3.67 -16.99 -4.46
N THR A 132 3.41 -16.49 -3.26
CA THR A 132 2.70 -15.23 -3.10
C THR A 132 3.51 -14.06 -3.67
N ILE A 133 4.83 -14.02 -3.44
CA ILE A 133 5.66 -12.95 -3.98
C ILE A 133 5.66 -13.02 -5.51
N GLN A 134 5.50 -14.22 -6.10
CA GLN A 134 5.42 -14.39 -7.55
C GLN A 134 4.08 -13.83 -8.06
N ALA A 135 2.98 -14.18 -7.40
CA ALA A 135 1.63 -13.74 -7.77
C ALA A 135 1.55 -12.21 -7.77
N VAL A 136 2.23 -11.56 -6.81
CA VAL A 136 2.34 -10.10 -6.81
C VAL A 136 2.92 -9.59 -8.13
N GLN A 137 4.08 -10.12 -8.52
CA GLN A 137 4.83 -9.66 -9.68
C GLN A 137 4.11 -10.01 -10.99
N GLU A 138 3.34 -11.09 -11.03
CA GLU A 138 2.41 -11.44 -12.10
C GLU A 138 1.43 -10.30 -12.35
N GLU A 139 0.78 -9.77 -11.31
CA GLU A 139 -0.07 -8.61 -11.52
C GLU A 139 0.78 -7.40 -11.92
N ASN A 140 1.95 -7.23 -11.28
CA ASN A 140 2.76 -6.02 -11.40
C ASN A 140 3.05 -5.68 -12.85
N LYS A 141 3.46 -6.66 -13.66
CA LYS A 141 3.83 -6.39 -15.05
C LYS A 141 2.67 -5.80 -15.84
N ALA A 142 1.46 -6.33 -15.64
CA ALA A 142 0.27 -5.87 -16.33
C ALA A 142 0.00 -4.40 -16.01
N PHE A 143 0.29 -3.96 -14.79
CA PHE A 143 0.20 -2.56 -14.40
C PHE A 143 1.34 -1.76 -15.04
N GLU A 144 2.60 -2.08 -14.74
CA GLU A 144 3.72 -1.19 -15.08
C GLU A 144 3.96 -1.03 -16.58
N GLU A 145 3.44 -1.96 -17.39
CA GLU A 145 3.40 -1.87 -18.83
C GLU A 145 2.52 -0.69 -19.29
N LEU A 146 1.36 -0.55 -18.65
CA LEU A 146 0.29 0.40 -18.97
C LEU A 146 0.28 1.63 -18.06
N HIS A 147 1.18 1.72 -17.10
CA HIS A 147 1.28 2.79 -16.11
C HIS A 147 2.76 3.20 -16.08
N PRO A 148 3.24 3.96 -17.08
CA PRO A 148 4.66 4.25 -17.28
C PRO A 148 5.17 5.28 -16.29
N GLY A 1 12.03 30.33 -2.56
CA GLY A 1 12.63 29.03 -2.23
C GLY A 1 11.87 28.30 -1.16
N ALA A 2 10.66 27.84 -1.47
CA ALA A 2 9.81 26.99 -0.64
C ALA A 2 8.69 26.54 -1.56
N GLU A 3 8.82 25.36 -2.14
CA GLU A 3 7.91 24.85 -3.16
C GLU A 3 7.79 23.35 -2.92
N GLU A 4 6.89 22.95 -2.02
CA GLU A 4 6.64 21.54 -1.80
C GLU A 4 5.83 20.96 -2.96
N GLU A 5 5.79 19.63 -2.98
CA GLU A 5 4.90 18.85 -3.81
C GLU A 5 3.50 18.93 -3.20
N ASP A 6 2.46 19.07 -4.03
CA ASP A 6 1.06 19.10 -3.61
C ASP A 6 0.51 17.68 -3.63
N PHE A 7 -0.13 17.21 -2.55
CA PHE A 7 -0.70 15.88 -2.48
C PHE A 7 -1.68 15.60 -3.63
N LYS A 8 -2.57 16.54 -3.95
CA LYS A 8 -3.53 16.42 -5.05
C LYS A 8 -2.80 16.21 -6.37
N THR A 9 -1.85 17.08 -6.71
CA THR A 9 -1.12 16.98 -7.96
C THR A 9 -0.38 15.64 -8.04
N PHE A 10 0.33 15.28 -6.97
CA PHE A 10 1.01 13.99 -6.82
C PHE A 10 0.07 12.84 -7.15
N LEU A 11 -1.16 12.89 -6.66
CA LEU A 11 -2.14 11.82 -6.83
C LEU A 11 -2.40 11.51 -8.32
N GLN A 12 -2.46 12.54 -9.17
CA GLN A 12 -2.64 12.45 -10.64
C GLN A 12 -1.44 11.85 -11.38
N LYS A 13 -0.44 11.36 -10.65
CA LYS A 13 0.82 10.85 -11.16
C LYS A 13 1.18 9.56 -10.45
N PHE A 14 0.97 9.51 -9.14
CA PHE A 14 1.14 8.32 -8.31
C PHE A 14 0.28 7.18 -8.84
N THR A 15 -0.91 7.50 -9.35
CA THR A 15 -1.83 6.53 -9.93
C THR A 15 -1.83 6.57 -11.47
N SER A 16 -0.79 7.15 -12.07
CA SER A 16 -0.67 7.29 -13.52
C SER A 16 0.82 7.49 -13.87
N SER A 17 1.70 6.61 -13.36
CA SER A 17 3.11 6.44 -13.69
C SER A 17 3.72 5.41 -12.72
N ALA A 18 3.91 4.16 -13.14
CA ALA A 18 4.44 3.10 -12.31
C ALA A 18 5.83 3.41 -11.73
N SER A 19 6.80 3.82 -12.55
CA SER A 19 8.10 4.23 -12.02
C SER A 19 7.98 5.49 -11.14
N PHE A 20 6.99 6.38 -11.34
CA PHE A 20 6.79 7.48 -10.41
C PHE A 20 6.25 6.98 -9.07
N GLN A 21 5.33 6.00 -9.05
CA GLN A 21 4.91 5.28 -7.86
C GLN A 21 6.17 4.83 -7.10
N TYR A 22 7.02 4.01 -7.73
CA TYR A 22 8.28 3.55 -7.15
C TYR A 22 9.20 4.71 -6.71
N SER A 23 9.35 5.76 -7.53
CA SER A 23 10.18 6.93 -7.21
C SER A 23 9.70 7.67 -5.95
N ARG A 24 8.48 7.43 -5.49
CA ARG A 24 7.84 8.10 -4.37
C ARG A 24 7.73 7.15 -3.19
N ILE A 25 8.43 6.02 -3.15
CA ILE A 25 8.36 5.07 -2.04
C ILE A 25 9.79 4.90 -1.51
N LYS A 26 10.04 5.26 -0.24
CA LYS A 26 11.28 4.85 0.42
C LYS A 26 11.22 3.34 0.60
N PHE A 27 12.39 2.71 0.55
CA PHE A 27 12.60 1.37 1.04
C PHE A 27 13.83 1.39 1.97
N PRO A 28 13.96 0.42 2.89
CA PRO A 28 12.94 -0.51 3.31
C PRO A 28 11.84 0.21 4.12
N LEU A 29 10.74 -0.50 4.39
CA LEU A 29 9.49 0.03 4.97
C LEU A 29 9.52 -0.07 6.51
N LYS A 30 8.37 -0.10 7.19
CA LYS A 30 8.28 -0.04 8.65
C LYS A 30 7.34 -1.04 9.34
N SER A 31 6.20 -1.41 8.76
CA SER A 31 5.27 -2.48 9.11
C SER A 31 5.91 -3.86 8.85
N PRO A 32 6.64 -4.51 9.79
CA PRO A 32 7.13 -5.85 9.56
C PRO A 32 5.97 -6.76 9.16
N ILE A 33 6.24 -7.63 8.20
CA ILE A 33 5.30 -8.63 7.75
C ILE A 33 5.42 -9.75 8.78
N ALA A 34 4.31 -10.15 9.40
CA ALA A 34 4.29 -11.17 10.45
C ALA A 34 3.33 -12.28 10.03
N LEU A 35 3.87 -13.47 9.76
CA LEU A 35 3.11 -14.66 9.40
C LEU A 35 3.19 -15.68 10.54
N LEU A 36 2.33 -16.70 10.47
CA LEU A 36 2.29 -17.81 11.41
C LEU A 36 3.12 -18.94 10.82
N LYS A 37 3.82 -19.70 11.66
CA LYS A 37 4.78 -20.72 11.25
C LYS A 37 4.14 -22.11 11.32
N ASP A 38 2.84 -22.22 11.03
CA ASP A 38 2.03 -23.46 11.06
C ASP A 38 1.66 -23.92 12.48
N ASP A 39 2.38 -23.44 13.49
CA ASP A 39 2.17 -23.71 14.92
C ASP A 39 0.98 -22.91 15.48
N GLY A 40 0.28 -22.13 14.64
CA GLY A 40 -1.01 -21.53 14.96
C GLY A 40 -0.90 -20.11 15.52
N GLU A 41 -0.15 -19.91 16.61
CA GLU A 41 0.12 -18.61 17.18
C GLU A 41 1.61 -18.50 17.50
N THR A 42 2.40 -18.68 16.44
CA THR A 42 3.84 -18.49 16.45
C THR A 42 4.17 -17.04 16.12
N GLU A 43 5.11 -16.47 16.85
CA GLU A 43 5.72 -15.19 16.49
C GLU A 43 6.62 -15.41 15.27
N GLN A 44 6.49 -14.60 14.23
CA GLN A 44 7.54 -14.42 13.24
C GLN A 44 7.41 -13.00 12.69
N THR A 45 8.53 -12.39 12.31
CA THR A 45 8.58 -11.22 11.44
C THR A 45 9.58 -11.47 10.32
N PHE A 46 9.36 -10.82 9.18
CA PHE A 46 10.19 -10.88 7.97
C PHE A 46 10.57 -9.44 7.60
N PRO A 47 11.72 -9.27 6.92
CA PRO A 47 12.11 -7.98 6.37
C PRO A 47 11.21 -7.62 5.18
N PHE A 48 11.06 -6.33 4.95
CA PHE A 48 10.31 -5.71 3.86
C PHE A 48 11.29 -5.03 2.91
N THR A 49 10.99 -4.93 1.63
CA THR A 49 11.74 -4.16 0.63
C THR A 49 10.81 -3.86 -0.56
N ARG A 50 11.30 -3.12 -1.56
CA ARG A 50 10.59 -2.82 -2.81
C ARG A 50 10.12 -4.08 -3.52
N GLU A 51 10.85 -5.19 -3.37
CA GLU A 51 10.53 -6.49 -3.95
C GLU A 51 9.27 -7.15 -3.35
N LYS A 52 8.42 -6.37 -2.66
CA LYS A 52 7.22 -6.78 -1.97
C LYS A 52 6.08 -5.78 -2.24
N TRP A 53 6.36 -4.71 -2.98
CA TRP A 53 5.35 -3.71 -3.31
C TRP A 53 4.29 -4.34 -4.23
N ALA A 54 3.06 -3.83 -4.22
CA ALA A 54 2.01 -4.09 -5.19
C ALA A 54 1.53 -2.75 -5.74
N LEU A 55 1.54 -2.57 -7.07
CA LEU A 55 1.14 -1.32 -7.73
C LEU A 55 -0.37 -1.06 -7.52
N LEU A 56 -0.78 0.20 -7.65
CA LEU A 56 -2.08 0.68 -7.14
C LEU A 56 -2.74 1.67 -8.13
N ASP A 57 -4.05 1.55 -8.35
CA ASP A 57 -4.86 2.31 -9.33
C ASP A 57 -5.32 3.67 -8.79
N GLU A 58 -5.89 4.49 -9.68
CA GLU A 58 -6.64 5.70 -9.38
C GLU A 58 -7.74 5.46 -8.35
N GLU A 59 -8.44 4.33 -8.49
CA GLU A 59 -9.54 3.94 -7.61
C GLU A 59 -9.05 3.11 -6.43
N THR A 60 -7.76 2.79 -6.35
CA THR A 60 -7.13 2.25 -5.16
C THR A 60 -6.70 3.39 -4.23
N LEU A 61 -6.32 4.56 -4.76
CA LEU A 61 -6.03 5.75 -3.98
C LEU A 61 -7.14 6.78 -4.23
N LYS A 62 -8.33 6.52 -3.70
CA LYS A 62 -9.48 7.41 -3.72
C LYS A 62 -9.81 7.89 -2.31
N GLU A 63 -10.67 8.89 -2.19
CA GLU A 63 -11.23 9.35 -0.92
C GLU A 63 -12.75 9.24 -1.03
N GLY A 64 -13.32 8.21 -0.42
CA GLY A 64 -14.76 8.07 -0.29
C GLY A 64 -15.17 6.70 0.25
N ARG A 65 -16.47 6.51 0.46
CA ARG A 65 -17.03 5.18 0.68
C ARG A 65 -17.52 4.61 -0.64
N THR A 66 -17.64 3.28 -0.70
CA THR A 66 -18.22 2.53 -1.78
C THR A 66 -19.11 1.45 -1.13
N THR A 67 -19.80 0.61 -1.90
CA THR A 67 -20.62 -0.48 -1.43
C THR A 67 -20.50 -1.52 -2.53
N GLU A 68 -19.95 -2.67 -2.19
CA GLU A 68 -19.86 -3.78 -3.13
C GLU A 68 -21.22 -4.43 -3.33
N GLU A 69 -21.34 -5.22 -4.39
CA GLU A 69 -22.57 -5.97 -4.64
C GLU A 69 -22.60 -7.28 -3.87
N GLU A 70 -21.42 -7.80 -3.56
CA GLU A 70 -21.20 -9.10 -2.94
C GLU A 70 -20.32 -9.04 -1.68
N GLY A 71 -19.81 -7.87 -1.33
CA GLY A 71 -19.00 -7.67 -0.13
C GLY A 71 -19.81 -6.96 0.92
N GLY A 72 -19.39 -5.75 1.26
CA GLY A 72 -19.95 -4.90 2.31
C GLY A 72 -19.75 -3.43 1.90
N THR A 73 -19.74 -2.53 2.87
CA THR A 73 -19.41 -1.13 2.66
C THR A 73 -17.89 -1.01 2.68
N TYR A 74 -17.27 -0.99 1.50
CA TYR A 74 -15.85 -0.68 1.37
C TYR A 74 -15.67 0.81 1.65
N ILE A 75 -14.60 1.20 2.33
CA ILE A 75 -14.27 2.59 2.61
C ILE A 75 -12.78 2.73 2.29
N SER A 76 -12.40 3.85 1.68
CA SER A 76 -11.03 4.16 1.31
C SER A 76 -10.83 5.67 1.44
N HIS A 77 -10.02 6.12 2.39
CA HIS A 77 -9.70 7.54 2.55
C HIS A 77 -8.32 7.70 3.19
N PHE A 78 -7.85 8.95 3.30
CA PHE A 78 -6.82 9.28 4.26
C PHE A 78 -7.51 9.54 5.60
N THR A 79 -6.78 9.45 6.70
CA THR A 79 -7.32 9.44 8.05
C THR A 79 -6.67 10.48 8.94
N VAL A 80 -5.77 11.30 8.38
CA VAL A 80 -4.86 12.16 9.15
C VAL A 80 -4.68 13.49 8.41
N ASN A 81 -4.90 14.63 9.09
CA ASN A 81 -4.63 15.94 8.53
C ASN A 81 -3.46 16.55 9.29
N GLU A 82 -2.26 16.30 8.77
CA GLU A 82 -0.99 16.83 9.24
C GLU A 82 -0.35 17.49 8.02
N PRO A 83 0.49 18.53 8.20
CA PRO A 83 1.13 19.20 7.08
C PRO A 83 2.12 18.31 6.33
N ALA A 84 2.72 17.31 7.01
CA ALA A 84 3.84 16.55 6.46
C ALA A 84 3.88 15.08 6.92
N HIS A 85 2.84 14.56 7.55
CA HIS A 85 2.77 13.17 8.02
C HIS A 85 1.32 12.72 7.98
N LYS A 86 0.81 12.53 6.76
CA LYS A 86 -0.48 11.92 6.54
C LYS A 86 -0.25 10.41 6.36
N GLU A 87 -1.29 9.65 6.05
CA GLU A 87 -1.25 8.21 5.76
C GLU A 87 -2.58 7.92 5.05
N PHE A 88 -2.89 6.65 4.78
CA PHE A 88 -3.99 6.24 3.93
C PHE A 88 -4.46 4.86 4.37
N GLU A 89 -5.78 4.67 4.50
CA GLU A 89 -6.39 3.53 5.16
C GLU A 89 -7.66 3.12 4.41
N ALA A 90 -7.64 1.92 3.80
CA ALA A 90 -8.79 1.34 3.14
C ALA A 90 -9.12 -0.03 3.72
N GLY A 91 -10.41 -0.34 3.71
CA GLY A 91 -10.96 -1.63 4.07
C GLY A 91 -12.44 -1.49 4.32
N TYR A 92 -13.08 -2.62 4.56
CA TYR A 92 -14.51 -2.70 4.72
C TYR A 92 -14.88 -2.39 6.17
N ASP A 93 -16.02 -1.72 6.35
CA ASP A 93 -16.66 -1.56 7.65
C ASP A 93 -16.94 -2.95 8.25
N GLU A 94 -17.10 -3.03 9.56
CA GLU A 94 -17.20 -4.20 10.41
C GLU A 94 -15.95 -5.10 10.38
N SER A 95 -14.80 -4.59 9.92
CA SER A 95 -13.52 -5.27 9.92
C SER A 95 -12.35 -4.30 9.99
N GLU A 96 -11.14 -4.83 10.03
CA GLU A 96 -9.90 -4.04 9.99
C GLU A 96 -9.62 -3.58 8.56
N PRO A 97 -8.86 -2.49 8.39
CA PRO A 97 -8.28 -2.14 7.10
C PRO A 97 -7.35 -3.26 6.64
N SER A 98 -7.24 -3.42 5.32
CA SER A 98 -6.35 -4.41 4.71
C SER A 98 -5.27 -3.72 3.87
N LEU A 99 -5.42 -2.42 3.57
CA LEU A 99 -4.51 -1.61 2.79
C LEU A 99 -4.20 -0.40 3.67
N ARG A 100 -2.92 -0.23 4.02
CA ARG A 100 -2.43 0.95 4.71
C ARG A 100 -1.20 1.45 3.99
N VAL A 101 -1.10 2.76 3.82
CA VAL A 101 -0.01 3.41 3.09
C VAL A 101 0.25 4.74 3.76
N VAL A 102 1.37 4.89 4.45
CA VAL A 102 1.66 6.12 5.13
C VAL A 102 1.98 7.19 4.06
N PHE A 103 1.94 8.48 4.38
CA PHE A 103 2.41 9.52 3.46
C PHE A 103 3.19 10.60 4.23
N GLU A 104 4.52 10.58 4.15
CA GLU A 104 5.39 11.55 4.80
C GLU A 104 5.82 12.56 3.74
N LEU A 105 5.96 13.84 4.10
CA LEU A 105 6.52 14.91 3.28
C LEU A 105 7.87 15.24 3.90
N THR A 106 8.97 15.02 3.20
CA THR A 106 10.31 15.36 3.65
C THR A 106 11.05 15.95 2.45
N ASP A 107 11.93 16.94 2.68
CA ASP A 107 12.64 17.70 1.65
C ASP A 107 11.70 18.47 0.70
N GLY A 108 10.42 18.57 1.04
CA GLY A 108 9.39 19.14 0.18
C GLY A 108 8.91 18.16 -0.88
N LYS A 109 9.11 16.84 -0.69
CA LYS A 109 8.48 15.82 -1.52
C LYS A 109 7.73 14.84 -0.63
N TRP A 110 6.61 14.35 -1.12
CA TRP A 110 5.87 13.28 -0.49
C TRP A 110 6.53 11.96 -0.90
N TYR A 111 6.89 11.15 0.09
CA TYR A 111 7.30 9.77 -0.09
C TYR A 111 6.36 8.91 0.76
N VAL A 112 5.84 7.82 0.21
CA VAL A 112 5.37 6.73 1.05
C VAL A 112 6.61 6.17 1.74
N THR A 113 6.55 5.91 3.03
CA THR A 113 7.71 5.39 3.78
C THR A 113 7.41 4.09 4.53
N ASP A 114 6.14 3.66 4.55
CA ASP A 114 5.69 2.39 5.09
C ASP A 114 4.48 1.90 4.27
N CYS A 115 4.12 0.62 4.35
CA CYS A 115 3.01 -0.01 3.64
C CYS A 115 2.59 -1.30 4.35
N TYR A 116 1.28 -1.58 4.33
CA TYR A 116 0.65 -2.86 4.61
C TYR A 116 -0.35 -3.13 3.47
N ASN A 117 -0.50 -4.37 3.02
CA ASN A 117 -1.40 -4.72 1.91
C ASN A 117 -1.93 -6.15 2.08
N ASP A 118 -3.01 -6.46 1.36
CA ASP A 118 -3.73 -7.72 1.47
C ASP A 118 -2.91 -8.95 1.08
N TRP A 119 -1.84 -8.73 0.31
CA TRP A 119 -0.94 -9.77 -0.19
C TRP A 119 -0.18 -10.53 0.89
N TYR A 120 -0.08 -10.04 2.13
CA TYR A 120 0.68 -10.73 3.19
C TYR A 120 -0.06 -10.69 4.53
N ASN A 121 -1.23 -11.33 4.61
CA ASN A 121 -2.03 -11.41 5.83
C ASN A 121 -1.60 -12.50 6.80
N PHE A 122 -2.24 -12.50 7.96
CA PHE A 122 -2.23 -13.54 8.99
C PHE A 122 -2.60 -14.93 8.47
N ASP A 123 -3.17 -15.01 7.27
CA ASP A 123 -3.59 -16.27 6.67
C ASP A 123 -2.49 -16.87 5.76
N LEU A 124 -1.30 -16.26 5.69
CA LEU A 124 -0.29 -16.55 4.67
C LEU A 124 0.88 -17.32 5.29
N PRO A 125 0.87 -18.66 5.39
CA PRO A 125 1.97 -19.39 5.99
C PRO A 125 3.27 -19.18 5.20
N ILE A 126 4.41 -19.06 5.89
CA ILE A 126 5.74 -18.84 5.29
C ILE A 126 6.01 -19.86 4.15
N ASN A 127 5.47 -21.08 4.29
CA ASN A 127 5.65 -22.20 3.37
C ASN A 127 5.18 -21.90 1.94
N GLU A 128 4.29 -20.93 1.73
CA GLU A 128 3.78 -20.52 0.42
C GLU A 128 4.15 -19.07 0.09
N LEU A 129 4.86 -18.37 0.98
CA LEU A 129 5.21 -16.97 0.75
C LEU A 129 6.11 -16.82 -0.49
N GLU A 130 6.92 -17.84 -0.77
CA GLU A 130 7.81 -17.91 -1.93
C GLU A 130 7.05 -18.02 -3.26
N GLU A 131 5.76 -18.41 -3.21
CA GLU A 131 4.79 -18.30 -4.29
C GLU A 131 4.21 -16.90 -4.30
N THR A 132 3.77 -16.37 -3.15
CA THR A 132 2.95 -15.19 -3.16
C THR A 132 3.75 -13.97 -3.61
N ILE A 133 5.03 -13.92 -3.24
CA ILE A 133 5.91 -12.84 -3.67
C ILE A 133 6.06 -12.87 -5.20
N GLN A 134 5.95 -14.04 -5.85
CA GLN A 134 5.99 -14.12 -7.30
C GLN A 134 4.69 -13.54 -7.88
N ALA A 135 3.54 -13.91 -7.31
CA ALA A 135 2.22 -13.46 -7.79
C ALA A 135 2.06 -11.96 -7.66
N VAL A 136 2.68 -11.33 -6.65
CA VAL A 136 2.67 -9.88 -6.51
C VAL A 136 3.26 -9.19 -7.75
N GLN A 137 4.20 -9.82 -8.47
CA GLN A 137 4.76 -9.16 -9.64
C GLN A 137 3.96 -9.46 -10.89
N GLU A 138 3.07 -10.46 -10.88
CA GLU A 138 2.15 -10.73 -11.99
C GLU A 138 1.25 -9.51 -12.19
N GLU A 139 0.51 -9.11 -11.16
CA GLU A 139 -0.32 -7.91 -11.23
C GLU A 139 0.52 -6.67 -11.60
N ASN A 140 1.75 -6.59 -11.10
CA ASN A 140 2.57 -5.38 -11.26
C ASN A 140 3.04 -5.25 -12.69
N LYS A 141 3.47 -6.33 -13.36
CA LYS A 141 3.86 -6.22 -14.76
C LYS A 141 2.67 -5.80 -15.62
N ALA A 142 1.50 -6.34 -15.31
CA ALA A 142 0.27 -6.07 -16.02
C ALA A 142 -0.14 -4.59 -15.84
N PHE A 143 0.11 -4.03 -14.67
CA PHE A 143 -0.14 -2.63 -14.37
C PHE A 143 0.83 -1.75 -15.16
N GLU A 144 2.14 -1.91 -14.95
CA GLU A 144 3.12 -0.96 -15.49
C GLU A 144 3.15 -0.95 -17.01
N GLU A 145 2.71 -2.02 -17.66
CA GLU A 145 2.59 -2.13 -19.11
C GLU A 145 1.68 -1.02 -19.66
N LEU A 146 0.72 -0.54 -18.85
CA LEU A 146 -0.31 0.41 -19.24
C LEU A 146 -0.25 1.73 -18.46
N HIS A 147 0.63 1.89 -17.48
CA HIS A 147 0.67 3.06 -16.59
C HIS A 147 2.05 3.74 -16.62
N PRO A 148 2.35 4.53 -17.65
CA PRO A 148 3.65 5.18 -17.87
C PRO A 148 3.85 6.47 -17.08
N GLY A 1 10.12 31.15 1.21
CA GLY A 1 8.80 30.73 1.69
C GLY A 1 8.77 29.23 1.77
N ALA A 2 7.61 28.63 1.46
CA ALA A 2 7.40 27.21 1.34
C ALA A 2 6.87 26.96 -0.07
N GLU A 3 7.34 25.89 -0.70
CA GLU A 3 7.10 25.58 -2.10
C GLU A 3 7.30 24.07 -2.26
N GLU A 4 6.21 23.32 -2.10
CA GLU A 4 6.27 21.86 -2.11
C GLU A 4 5.21 21.33 -3.07
N GLU A 5 5.06 20.01 -3.11
CA GLU A 5 4.12 19.32 -3.95
C GLU A 5 2.67 19.56 -3.47
N ASP A 6 1.70 18.95 -4.14
CA ASP A 6 0.27 19.04 -3.84
C ASP A 6 -0.27 17.62 -3.72
N PHE A 7 -0.86 17.27 -2.58
CA PHE A 7 -1.42 15.96 -2.26
C PHE A 7 -2.42 15.43 -3.30
N LYS A 8 -2.99 16.30 -4.13
CA LYS A 8 -3.85 15.95 -5.24
C LYS A 8 -3.00 15.62 -6.48
N THR A 9 -2.25 16.59 -6.98
CA THR A 9 -1.44 16.46 -8.19
C THR A 9 -0.40 15.35 -8.06
N PHE A 10 0.23 15.19 -6.89
CA PHE A 10 1.29 14.20 -6.72
C PHE A 10 0.71 12.78 -6.87
N LEU A 11 -0.59 12.64 -6.62
CA LEU A 11 -1.37 11.42 -6.59
C LEU A 11 -1.45 10.87 -8.00
N GLN A 12 -1.89 11.68 -8.96
CA GLN A 12 -2.04 11.28 -10.36
C GLN A 12 -0.75 10.66 -10.88
N LYS A 13 0.38 11.32 -10.63
CA LYS A 13 1.70 10.89 -11.07
C LYS A 13 2.01 9.53 -10.45
N PHE A 14 1.81 9.43 -9.13
CA PHE A 14 1.99 8.21 -8.38
C PHE A 14 1.18 7.02 -8.92
N THR A 15 -0.01 7.23 -9.50
CA THR A 15 -0.89 6.16 -9.95
C THR A 15 -0.89 5.99 -11.48
N SER A 16 0.00 6.68 -12.20
CA SER A 16 -0.01 6.70 -13.66
C SER A 16 1.37 6.45 -14.27
N SER A 17 2.38 6.20 -13.45
CA SER A 17 3.73 5.97 -13.90
C SER A 17 4.42 5.03 -12.90
N ALA A 18 4.55 3.74 -13.22
CA ALA A 18 5.01 2.73 -12.27
C ALA A 18 6.39 3.03 -11.71
N SER A 19 7.35 3.42 -12.55
CA SER A 19 8.69 3.74 -12.07
C SER A 19 8.67 5.01 -11.19
N PHE A 20 7.72 5.93 -11.42
CA PHE A 20 7.44 7.03 -10.49
C PHE A 20 6.94 6.48 -9.15
N GLN A 21 5.94 5.58 -9.14
CA GLN A 21 5.42 4.93 -7.94
C GLN A 21 6.59 4.48 -7.08
N TYR A 22 7.43 3.58 -7.62
CA TYR A 22 8.61 3.06 -6.94
C TYR A 22 9.53 4.19 -6.46
N SER A 23 9.87 5.15 -7.32
CA SER A 23 10.71 6.30 -6.97
C SER A 23 10.14 7.20 -5.87
N ARG A 24 8.90 7.03 -5.40
CA ARG A 24 8.34 7.82 -4.32
C ARG A 24 8.14 6.95 -3.07
N ILE A 25 8.84 5.83 -2.95
CA ILE A 25 8.70 4.90 -1.84
C ILE A 25 10.11 4.63 -1.32
N LYS A 26 10.30 4.65 0.01
CA LYS A 26 11.52 4.17 0.65
C LYS A 26 11.47 2.66 0.73
N PHE A 27 12.64 2.01 0.80
CA PHE A 27 12.69 0.59 1.11
C PHE A 27 13.87 0.27 2.00
N PRO A 28 13.74 -0.69 2.94
CA PRO A 28 12.50 -1.38 3.33
C PRO A 28 11.62 -0.52 4.27
N LEU A 29 10.35 -0.88 4.36
CA LEU A 29 9.32 -0.06 5.02
C LEU A 29 9.27 -0.30 6.52
N LYS A 30 8.55 0.58 7.22
CA LYS A 30 8.30 0.51 8.66
C LYS A 30 7.27 -0.53 9.07
N SER A 31 6.58 -1.16 8.12
CA SER A 31 5.68 -2.28 8.35
C SER A 31 6.42 -3.56 7.98
N PRO A 32 7.17 -4.19 8.90
CA PRO A 32 7.63 -5.56 8.70
C PRO A 32 6.43 -6.51 8.60
N ILE A 33 6.48 -7.43 7.64
CA ILE A 33 5.45 -8.45 7.41
C ILE A 33 5.64 -9.47 8.53
N ALA A 34 4.69 -9.57 9.45
CA ALA A 34 4.69 -10.58 10.50
C ALA A 34 3.53 -11.52 10.22
N LEU A 35 3.89 -12.77 10.02
CA LEU A 35 3.07 -13.92 9.72
C LEU A 35 3.33 -14.92 10.83
N LEU A 36 2.79 -16.13 10.70
CA LEU A 36 3.01 -17.18 11.67
C LEU A 36 3.92 -18.26 11.06
N LYS A 37 4.72 -18.95 11.89
CA LYS A 37 5.52 -20.10 11.46
C LYS A 37 4.60 -21.27 11.13
N ASP A 38 5.25 -22.37 10.74
CA ASP A 38 4.72 -23.71 10.53
C ASP A 38 4.16 -24.34 11.81
N ASP A 39 4.02 -23.57 12.89
CA ASP A 39 3.76 -23.99 14.26
C ASP A 39 2.60 -23.15 14.81
N GLY A 40 1.60 -22.95 13.95
CA GLY A 40 0.32 -22.31 14.24
C GLY A 40 0.50 -20.88 14.68
N GLU A 41 0.47 -20.61 15.98
CA GLU A 41 0.48 -19.26 16.53
C GLU A 41 1.88 -18.96 17.03
N THR A 42 2.75 -18.75 16.06
CA THR A 42 4.16 -18.45 16.22
C THR A 42 4.45 -17.05 15.66
N GLU A 43 5.56 -16.45 16.06
CA GLU A 43 6.02 -15.18 15.51
C GLU A 43 6.89 -15.44 14.28
N GLN A 44 6.77 -14.60 13.26
CA GLN A 44 7.78 -14.45 12.23
C GLN A 44 7.86 -12.98 11.84
N THR A 45 8.88 -12.60 11.09
CA THR A 45 9.08 -11.25 10.58
C THR A 45 9.89 -11.22 9.28
N PHE A 46 9.43 -10.44 8.30
CA PHE A 46 10.05 -10.34 6.97
C PHE A 46 10.27 -8.88 6.53
N PRO A 47 11.37 -8.61 5.82
CA PRO A 47 11.74 -7.27 5.35
C PRO A 47 10.83 -6.86 4.19
N PHE A 48 9.98 -5.85 4.38
CA PHE A 48 9.11 -5.34 3.33
C PHE A 48 9.93 -4.43 2.39
N THR A 49 10.61 -5.04 1.43
CA THR A 49 11.39 -4.37 0.38
C THR A 49 10.48 -3.97 -0.80
N ARG A 50 11.05 -3.44 -1.89
CA ARG A 50 10.33 -3.19 -3.13
C ARG A 50 9.80 -4.48 -3.77
N GLU A 51 10.45 -5.62 -3.52
CA GLU A 51 10.26 -6.92 -4.16
C GLU A 51 8.97 -7.64 -3.73
N LYS A 52 7.94 -6.89 -3.33
CA LYS A 52 6.70 -7.29 -2.66
C LYS A 52 5.78 -6.07 -2.50
N TRP A 53 6.18 -4.89 -2.99
CA TRP A 53 5.23 -3.82 -3.21
C TRP A 53 4.27 -4.25 -4.33
N ALA A 54 3.06 -3.69 -4.34
CA ALA A 54 1.96 -3.99 -5.24
C ALA A 54 1.54 -2.67 -5.89
N LEU A 55 1.53 -2.57 -7.21
CA LEU A 55 1.41 -1.34 -8.00
C LEU A 55 -0.04 -0.85 -8.04
N LEU A 56 -0.26 0.28 -7.39
CA LEU A 56 -1.58 0.84 -7.08
C LEU A 56 -1.99 1.85 -8.14
N ASP A 57 -3.27 1.81 -8.52
CA ASP A 57 -3.91 2.62 -9.54
C ASP A 57 -4.59 3.84 -8.91
N GLU A 58 -5.25 4.61 -9.76
CA GLU A 58 -5.85 5.89 -9.43
C GLU A 58 -7.02 5.71 -8.47
N GLU A 59 -7.88 4.73 -8.76
CA GLU A 59 -8.98 4.37 -7.88
C GLU A 59 -8.50 3.69 -6.60
N THR A 60 -7.33 3.06 -6.64
CA THR A 60 -6.76 2.39 -5.50
C THR A 60 -6.48 3.40 -4.39
N LEU A 61 -5.90 4.55 -4.72
CA LEU A 61 -5.65 5.63 -3.79
C LEU A 61 -6.71 6.71 -4.02
N LYS A 62 -7.99 6.38 -3.85
CA LYS A 62 -9.08 7.33 -3.90
C LYS A 62 -9.93 7.25 -2.64
N GLU A 63 -10.60 8.35 -2.31
CA GLU A 63 -11.42 8.47 -1.11
C GLU A 63 -12.89 8.14 -1.47
N GLY A 64 -13.65 7.57 -0.54
CA GLY A 64 -15.07 7.22 -0.67
C GLY A 64 -15.37 5.80 -0.16
N ARG A 65 -16.66 5.45 -0.08
CA ARG A 65 -17.17 4.11 0.22
C ARG A 65 -17.70 3.44 -1.05
N THR A 66 -17.74 2.12 -1.07
CA THR A 66 -18.11 1.30 -2.22
C THR A 66 -18.88 0.05 -1.73
N THR A 67 -19.59 -0.60 -2.65
CA THR A 67 -20.43 -1.78 -2.48
C THR A 67 -19.72 -3.00 -3.10
N GLU A 68 -20.15 -4.20 -2.75
CA GLU A 68 -19.77 -5.44 -3.43
C GLU A 68 -20.99 -6.06 -4.11
N GLU A 69 -20.77 -7.08 -4.94
CA GLU A 69 -21.81 -7.76 -5.70
C GLU A 69 -22.56 -8.80 -4.86
N GLU A 70 -22.07 -9.08 -3.65
CA GLU A 70 -22.55 -10.11 -2.75
C GLU A 70 -22.79 -9.62 -1.31
N GLY A 71 -22.75 -8.31 -1.08
CA GLY A 71 -23.11 -7.72 0.20
C GLY A 71 -21.89 -7.49 1.06
N GLY A 72 -21.15 -6.43 0.75
CA GLY A 72 -20.04 -5.91 1.53
C GLY A 72 -20.02 -4.40 1.35
N THR A 73 -19.39 -3.70 2.27
CA THR A 73 -19.18 -2.26 2.23
C THR A 73 -17.68 -2.02 2.36
N TYR A 74 -17.03 -1.46 1.34
CA TYR A 74 -15.64 -1.03 1.38
C TYR A 74 -15.57 0.46 1.67
N ILE A 75 -14.53 0.91 2.36
CA ILE A 75 -14.23 2.30 2.69
C ILE A 75 -12.78 2.57 2.31
N SER A 76 -12.48 3.80 1.93
CA SER A 76 -11.13 4.33 1.81
C SER A 76 -11.23 5.80 2.15
N HIS A 77 -10.49 6.28 3.15
CA HIS A 77 -10.24 7.70 3.31
C HIS A 77 -8.89 7.95 4.00
N PHE A 78 -8.33 9.15 3.79
CA PHE A 78 -7.18 9.55 4.57
C PHE A 78 -7.64 9.76 6.01
N THR A 79 -6.77 9.49 6.97
CA THR A 79 -7.07 9.50 8.41
C THR A 79 -6.34 10.63 9.13
N VAL A 80 -5.72 11.53 8.37
CA VAL A 80 -4.86 12.59 8.86
C VAL A 80 -4.98 13.69 7.81
N ASN A 81 -4.67 14.95 8.17
CA ASN A 81 -4.43 15.99 7.19
C ASN A 81 -3.42 16.96 7.78
N GLU A 82 -2.14 16.63 7.68
CA GLU A 82 -1.05 17.58 7.95
C GLU A 82 -0.48 18.00 6.60
N PRO A 83 0.25 19.13 6.54
CA PRO A 83 0.87 19.58 5.30
C PRO A 83 1.93 18.58 4.81
N ALA A 84 2.62 17.89 5.73
CA ALA A 84 3.79 17.06 5.44
C ALA A 84 3.61 15.58 5.81
N HIS A 85 2.45 15.17 6.31
CA HIS A 85 2.23 13.80 6.77
C HIS A 85 0.81 13.38 6.38
N LYS A 86 0.68 12.24 5.72
CA LYS A 86 -0.61 11.69 5.30
C LYS A 86 -0.58 10.17 5.46
N GLU A 87 -1.75 9.54 5.60
CA GLU A 87 -1.90 8.08 5.69
C GLU A 87 -3.09 7.70 4.80
N PHE A 88 -3.07 6.48 4.24
CA PHE A 88 -4.18 5.90 3.47
C PHE A 88 -4.70 4.68 4.20
N GLU A 89 -5.70 4.87 5.07
CA GLU A 89 -6.47 3.74 5.56
C GLU A 89 -7.52 3.36 4.51
N ALA A 90 -7.81 2.09 4.41
CA ALA A 90 -8.96 1.55 3.73
C ALA A 90 -9.22 0.15 4.26
N GLY A 91 -10.40 -0.37 3.98
CA GLY A 91 -10.82 -1.70 4.35
C GLY A 91 -12.34 -1.74 4.41
N TYR A 92 -12.87 -2.91 4.71
CA TYR A 92 -14.30 -3.11 4.77
C TYR A 92 -14.90 -2.63 6.09
N ASP A 93 -16.22 -2.56 6.13
CA ASP A 93 -17.02 -2.29 7.30
C ASP A 93 -17.18 -3.60 8.10
N GLU A 94 -17.60 -3.50 9.36
CA GLU A 94 -17.75 -4.61 10.31
C GLU A 94 -16.44 -5.38 10.61
N SER A 95 -15.29 -4.97 10.07
CA SER A 95 -13.97 -5.60 10.26
C SER A 95 -12.89 -4.52 10.52
N GLU A 96 -11.61 -4.91 10.45
CA GLU A 96 -10.45 -4.02 10.59
C GLU A 96 -9.90 -3.60 9.21
N PRO A 97 -9.06 -2.54 9.13
CA PRO A 97 -8.48 -2.07 7.87
C PRO A 97 -7.49 -3.06 7.25
N SER A 98 -7.13 -2.80 5.99
CA SER A 98 -6.23 -3.59 5.16
C SER A 98 -5.22 -2.68 4.46
N LEU A 99 -5.59 -1.45 4.14
CA LEU A 99 -4.69 -0.37 3.72
C LEU A 99 -4.49 0.44 4.97
N ARG A 100 -3.24 0.84 5.17
CA ARG A 100 -2.77 1.79 6.16
C ARG A 100 -1.37 2.06 5.64
N VAL A 101 -1.36 2.95 4.70
CA VAL A 101 -0.15 3.35 4.01
C VAL A 101 0.28 4.64 4.73
N VAL A 102 1.53 5.09 4.61
CA VAL A 102 1.94 6.38 5.16
C VAL A 102 2.74 7.13 4.10
N PHE A 103 2.71 8.45 4.17
CA PHE A 103 3.43 9.39 3.34
C PHE A 103 4.07 10.45 4.26
N GLU A 104 5.29 10.84 3.93
CA GLU A 104 6.08 11.89 4.55
C GLU A 104 6.53 12.88 3.48
N LEU A 105 6.77 14.14 3.85
CA LEU A 105 7.33 15.19 3.01
C LEU A 105 8.64 15.68 3.63
N THR A 106 9.69 15.89 2.83
CA THR A 106 10.89 16.60 3.20
C THR A 106 11.47 17.26 1.94
N ASP A 107 12.01 18.47 2.03
CA ASP A 107 12.72 19.16 0.93
C ASP A 107 11.86 19.22 -0.34
N GLY A 108 10.56 19.45 -0.14
CA GLY A 108 9.52 19.51 -1.15
C GLY A 108 9.25 18.21 -1.90
N LYS A 109 9.82 17.08 -1.47
CA LYS A 109 9.50 15.77 -2.04
C LYS A 109 8.66 14.98 -1.05
N TRP A 110 7.61 14.32 -1.54
CA TRP A 110 6.93 13.30 -0.75
C TRP A 110 7.67 11.98 -0.93
N TYR A 111 7.48 11.05 0.00
CA TYR A 111 7.85 9.65 -0.12
C TYR A 111 7.05 8.82 0.88
N VAL A 112 6.75 7.56 0.54
CA VAL A 112 6.11 6.60 1.44
C VAL A 112 7.20 5.95 2.32
N THR A 113 6.97 5.72 3.62
CA THR A 113 7.88 4.87 4.41
C THR A 113 7.21 3.64 5.02
N ASP A 114 5.90 3.48 4.90
CA ASP A 114 5.14 2.49 5.66
C ASP A 114 4.03 2.03 4.73
N CYS A 115 3.70 0.72 4.73
CA CYS A 115 2.49 0.28 4.04
C CYS A 115 2.01 -1.00 4.71
N TYR A 116 0.71 -1.05 5.02
CA TYR A 116 -0.02 -2.27 5.30
C TYR A 116 -0.69 -2.66 3.97
N ASN A 117 -0.96 -3.94 3.72
CA ASN A 117 -1.81 -4.34 2.59
C ASN A 117 -2.50 -5.66 2.92
N ASP A 118 -3.58 -5.99 2.21
CA ASP A 118 -4.26 -7.27 2.17
C ASP A 118 -3.44 -8.40 1.55
N TRP A 119 -2.30 -8.12 0.91
CA TRP A 119 -1.48 -9.16 0.28
C TRP A 119 -0.86 -10.16 1.26
N TYR A 120 -0.60 -9.79 2.52
CA TYR A 120 0.16 -10.65 3.43
C TYR A 120 -0.51 -10.61 4.81
N ASN A 121 -1.64 -11.33 4.96
CA ASN A 121 -2.46 -11.34 6.18
C ASN A 121 -1.96 -12.42 7.17
N PHE A 122 -2.59 -12.55 8.33
CA PHE A 122 -2.27 -13.63 9.30
C PHE A 122 -2.58 -15.03 8.76
N ASP A 123 -3.34 -15.13 7.67
CA ASP A 123 -3.63 -16.37 6.96
C ASP A 123 -2.71 -16.46 5.76
N LEU A 124 -1.40 -16.30 5.98
CA LEU A 124 -0.39 -16.36 4.94
C LEU A 124 0.93 -16.84 5.56
N PRO A 125 1.16 -18.14 5.75
CA PRO A 125 2.37 -18.60 6.39
C PRO A 125 3.56 -18.46 5.44
N ILE A 126 4.76 -18.59 6.00
CA ILE A 126 6.01 -18.58 5.24
C ILE A 126 5.98 -19.60 4.10
N ASN A 127 5.29 -20.73 4.33
CA ASN A 127 5.18 -21.83 3.40
C ASN A 127 4.52 -21.42 2.08
N GLU A 128 3.60 -20.45 2.08
CA GLU A 128 2.90 -19.96 0.88
C GLU A 128 3.49 -18.64 0.34
N LEU A 129 4.49 -18.07 1.04
CA LEU A 129 4.87 -16.70 0.82
C LEU A 129 5.48 -16.48 -0.55
N GLU A 130 6.46 -17.32 -0.90
CA GLU A 130 7.10 -17.34 -2.22
C GLU A 130 6.06 -17.38 -3.34
N GLU A 131 4.98 -18.17 -3.18
CA GLU A 131 3.89 -18.22 -4.14
C GLU A 131 3.08 -16.90 -4.16
N THR A 132 2.86 -16.31 -2.98
CA THR A 132 2.04 -15.11 -2.81
C THR A 132 2.72 -13.92 -3.49
N ILE A 133 4.03 -13.75 -3.32
CA ILE A 133 4.76 -12.68 -3.99
C ILE A 133 4.67 -12.84 -5.52
N GLN A 134 4.58 -14.05 -6.06
CA GLN A 134 4.40 -14.22 -7.51
C GLN A 134 3.01 -13.70 -7.92
N ALA A 135 1.98 -13.95 -7.10
CA ALA A 135 0.64 -13.43 -7.34
C ALA A 135 0.59 -11.90 -7.33
N VAL A 136 1.42 -11.24 -6.50
CA VAL A 136 1.56 -9.79 -6.46
C VAL A 136 2.02 -9.32 -7.85
N GLN A 137 3.11 -9.90 -8.37
CA GLN A 137 3.72 -9.43 -9.60
C GLN A 137 2.85 -9.71 -10.82
N GLU A 138 1.96 -10.70 -10.77
CA GLU A 138 1.01 -11.02 -11.84
C GLU A 138 0.09 -9.83 -12.13
N GLU A 139 -0.42 -9.16 -11.09
CA GLU A 139 -1.17 -7.92 -11.26
C GLU A 139 -0.22 -6.80 -11.76
N ASN A 140 0.94 -6.63 -11.10
CA ASN A 140 1.89 -5.54 -11.33
C ASN A 140 2.33 -5.43 -12.79
N LYS A 141 2.60 -6.54 -13.48
CA LYS A 141 2.98 -6.48 -14.90
C LYS A 141 1.91 -5.76 -15.74
N ALA A 142 0.64 -6.07 -15.52
CA ALA A 142 -0.49 -5.52 -16.26
C ALA A 142 -0.64 -4.03 -16.00
N PHE A 143 -0.22 -3.57 -14.81
CA PHE A 143 -0.15 -2.18 -14.48
C PHE A 143 0.99 -1.51 -15.25
N GLU A 144 2.25 -1.85 -14.96
CA GLU A 144 3.39 -1.05 -15.42
C GLU A 144 3.51 -1.00 -16.95
N GLU A 145 3.10 -2.10 -17.61
CA GLU A 145 3.13 -2.22 -19.06
C GLU A 145 2.24 -1.16 -19.74
N LEU A 146 1.25 -0.68 -18.99
CA LEU A 146 0.17 0.22 -19.40
C LEU A 146 0.20 1.59 -18.69
N HIS A 147 0.97 1.71 -17.61
CA HIS A 147 1.12 2.90 -16.78
C HIS A 147 2.62 3.30 -16.71
N PRO A 148 3.18 3.87 -17.80
CA PRO A 148 4.60 4.22 -17.91
C PRO A 148 5.00 5.45 -17.09
N GLY A 1 12.91 30.12 -2.87
CA GLY A 1 11.83 30.47 -1.92
C GLY A 1 11.57 29.24 -1.09
N ALA A 2 10.36 28.70 -1.18
CA ALA A 2 10.04 27.34 -0.81
C ALA A 2 8.97 26.91 -1.80
N GLU A 3 8.99 25.63 -2.17
CA GLU A 3 8.04 25.00 -3.05
C GLU A 3 8.01 23.53 -2.65
N GLU A 4 6.82 22.97 -2.44
CA GLU A 4 6.67 21.56 -2.20
C GLU A 4 5.78 20.98 -3.28
N GLU A 5 5.78 19.66 -3.38
CA GLU A 5 4.85 18.92 -4.19
C GLU A 5 3.48 19.07 -3.52
N ASP A 6 2.45 19.05 -4.35
CA ASP A 6 1.07 19.18 -3.92
C ASP A 6 0.61 17.87 -3.26
N PHE A 7 -0.55 17.84 -2.61
CA PHE A 7 -1.05 16.74 -1.81
C PHE A 7 -2.01 15.83 -2.59
N LYS A 8 -2.39 16.20 -3.82
CA LYS A 8 -3.40 15.58 -4.67
C LYS A 8 -2.84 15.34 -6.05
N THR A 9 -2.27 16.36 -6.68
CA THR A 9 -1.58 16.23 -7.95
C THR A 9 -0.51 15.13 -7.86
N PHE A 10 0.24 15.06 -6.75
CA PHE A 10 1.31 14.08 -6.63
C PHE A 10 0.73 12.67 -6.65
N LEU A 11 -0.48 12.51 -6.12
CA LEU A 11 -1.19 11.26 -6.00
C LEU A 11 -1.52 10.76 -7.40
N GLN A 12 -2.00 11.64 -8.29
CA GLN A 12 -2.17 11.33 -9.70
C GLN A 12 -0.88 10.78 -10.31
N LYS A 13 0.27 11.38 -9.98
CA LYS A 13 1.55 10.94 -10.53
C LYS A 13 1.87 9.54 -10.05
N PHE A 14 1.75 9.33 -8.74
CA PHE A 14 2.05 8.07 -8.08
C PHE A 14 1.32 6.90 -8.75
N THR A 15 0.09 7.08 -9.18
CA THR A 15 -0.78 6.06 -9.74
C THR A 15 -0.75 6.06 -11.28
N SER A 16 0.31 6.61 -11.91
CA SER A 16 0.41 6.84 -13.37
C SER A 16 1.75 6.39 -13.95
N SER A 17 2.67 5.80 -13.17
CA SER A 17 3.87 5.15 -13.71
C SER A 17 4.35 4.04 -12.77
N ALA A 18 5.04 3.01 -13.27
CA ALA A 18 5.67 2.01 -12.43
C ALA A 18 6.91 2.59 -11.74
N SER A 19 7.88 3.12 -12.51
CA SER A 19 9.14 3.59 -11.96
C SER A 19 8.93 4.66 -10.88
N PHE A 20 8.12 5.70 -11.14
CA PHE A 20 7.89 6.76 -10.16
C PHE A 20 7.17 6.22 -8.91
N GLN A 21 6.24 5.26 -9.05
CA GLN A 21 5.59 4.58 -7.93
C GLN A 21 6.68 4.03 -7.00
N TYR A 22 7.59 3.22 -7.54
CA TYR A 22 8.70 2.66 -6.78
C TYR A 22 9.59 3.76 -6.17
N SER A 23 9.84 4.85 -6.90
CA SER A 23 10.66 5.96 -6.41
C SER A 23 10.04 6.72 -5.26
N ARG A 24 8.76 6.55 -4.90
CA ARG A 24 8.10 7.33 -3.86
C ARG A 24 7.93 6.48 -2.60
N ILE A 25 8.80 5.49 -2.33
CA ILE A 25 8.60 4.52 -1.25
C ILE A 25 9.95 4.28 -0.58
N LYS A 26 10.07 4.51 0.74
CA LYS A 26 11.24 4.05 1.50
C LYS A 26 11.23 2.54 1.57
N PHE A 27 12.40 1.92 1.66
CA PHE A 27 12.54 0.53 2.01
C PHE A 27 13.71 0.33 3.00
N PRO A 28 13.61 -0.65 3.92
CA PRO A 28 12.40 -1.43 4.20
C PRO A 28 11.35 -0.56 4.88
N LEU A 29 10.08 -0.95 4.81
CA LEU A 29 8.98 -0.22 5.44
C LEU A 29 8.94 -0.51 6.94
N LYS A 30 8.24 0.33 7.69
CA LYS A 30 8.14 0.21 9.16
C LYS A 30 7.27 -0.96 9.60
N SER A 31 6.42 -1.48 8.72
CA SER A 31 5.51 -2.60 8.88
C SER A 31 6.14 -3.83 8.22
N PRO A 32 6.98 -4.62 8.93
CA PRO A 32 7.47 -5.86 8.38
C PRO A 32 6.33 -6.88 8.24
N ILE A 33 6.59 -7.92 7.46
CA ILE A 33 5.68 -9.03 7.21
C ILE A 33 5.73 -9.93 8.43
N ALA A 34 4.78 -9.79 9.35
CA ALA A 34 4.64 -10.65 10.52
C ALA A 34 3.81 -11.88 10.13
N LEU A 35 4.42 -13.07 10.19
CA LEU A 35 3.79 -14.36 9.87
C LEU A 35 4.18 -15.33 10.97
N LEU A 36 3.71 -16.57 10.89
CA LEU A 36 3.92 -17.62 11.88
C LEU A 36 4.77 -18.75 11.29
N LYS A 37 5.82 -19.16 12.01
CA LYS A 37 6.70 -20.23 11.54
C LYS A 37 6.11 -21.62 11.74
N ASP A 38 6.91 -22.60 11.37
CA ASP A 38 6.72 -24.05 11.33
C ASP A 38 6.46 -24.71 12.70
N ASP A 39 6.10 -23.98 13.76
CA ASP A 39 5.67 -24.57 15.05
C ASP A 39 4.18 -24.33 15.31
N GLY A 40 3.54 -23.51 14.46
CA GLY A 40 2.30 -22.86 14.77
C GLY A 40 2.65 -21.44 15.15
N GLU A 41 2.24 -20.98 16.34
CA GLU A 41 2.22 -19.57 16.73
C GLU A 41 3.58 -18.96 17.10
N THR A 42 4.63 -19.53 16.54
CA THR A 42 5.99 -19.03 16.52
C THR A 42 6.10 -17.67 15.83
N GLU A 43 6.57 -16.67 16.56
CA GLU A 43 6.71 -15.30 16.07
C GLU A 43 7.79 -15.18 14.99
N GLN A 44 7.55 -14.37 13.97
CA GLN A 44 8.51 -14.07 12.92
C GLN A 44 8.24 -12.67 12.36
N THR A 45 9.24 -12.04 11.75
CA THR A 45 9.07 -10.93 10.82
C THR A 45 9.90 -11.18 9.56
N PHE A 46 9.47 -10.63 8.43
CA PHE A 46 10.22 -10.59 7.17
C PHE A 46 10.29 -9.12 6.72
N PRO A 47 11.41 -8.68 6.11
CA PRO A 47 11.59 -7.28 5.74
C PRO A 47 10.67 -6.91 4.56
N PHE A 48 9.80 -5.92 4.76
CA PHE A 48 8.97 -5.43 3.67
C PHE A 48 9.81 -4.48 2.83
N THR A 49 10.54 -5.04 1.86
CA THR A 49 11.39 -4.36 0.89
C THR A 49 10.55 -3.91 -0.32
N ARG A 50 11.17 -3.29 -1.33
CA ARG A 50 10.52 -3.08 -2.63
C ARG A 50 10.27 -4.40 -3.38
N GLU A 51 10.95 -5.49 -3.01
CA GLU A 51 11.01 -6.76 -3.74
C GLU A 51 9.75 -7.62 -3.49
N LYS A 52 8.57 -6.98 -3.61
CA LYS A 52 7.26 -7.47 -3.18
C LYS A 52 6.16 -6.41 -3.36
N TRP A 53 6.48 -5.20 -3.85
CA TRP A 53 5.53 -4.10 -3.87
C TRP A 53 4.73 -4.11 -5.19
N ALA A 54 3.43 -3.80 -5.11
CA ALA A 54 2.47 -3.77 -6.22
C ALA A 54 1.78 -2.44 -6.38
N LEU A 55 1.36 -2.22 -7.63
CA LEU A 55 1.16 -0.91 -8.19
C LEU A 55 -0.32 -0.57 -8.24
N LEU A 56 -0.70 0.46 -7.47
CA LEU A 56 -2.11 0.76 -7.24
C LEU A 56 -2.61 1.82 -8.22
N ASP A 57 -3.93 1.84 -8.42
CA ASP A 57 -4.59 2.62 -9.46
C ASP A 57 -4.97 4.00 -8.92
N GLU A 58 -5.34 4.90 -9.83
CA GLU A 58 -5.67 6.27 -9.49
C GLU A 58 -6.93 6.35 -8.62
N GLU A 59 -7.82 5.38 -8.81
CA GLU A 59 -9.02 5.18 -8.02
C GLU A 59 -8.82 4.25 -6.81
N THR A 60 -7.71 3.52 -6.72
CA THR A 60 -7.42 2.82 -5.48
C THR A 60 -7.05 3.86 -4.42
N LEU A 61 -6.39 4.94 -4.83
CA LEU A 61 -6.06 6.09 -4.00
C LEU A 61 -7.17 7.12 -4.23
N LYS A 62 -8.41 6.77 -3.90
CA LYS A 62 -9.53 7.70 -3.95
C LYS A 62 -10.41 7.50 -2.74
N GLU A 63 -11.11 8.58 -2.38
CA GLU A 63 -11.91 8.62 -1.17
C GLU A 63 -13.40 8.58 -1.49
N GLY A 64 -14.20 8.30 -0.47
CA GLY A 64 -15.65 8.28 -0.49
C GLY A 64 -16.16 7.03 0.22
N ARG A 65 -17.47 6.80 0.17
CA ARG A 65 -18.05 5.51 0.55
C ARG A 65 -18.67 4.86 -0.69
N THR A 66 -18.88 3.56 -0.63
CA THR A 66 -19.45 2.72 -1.66
C THR A 66 -20.39 1.74 -0.96
N THR A 67 -21.41 1.24 -1.66
CA THR A 67 -22.31 0.20 -1.19
C THR A 67 -21.96 -1.08 -1.98
N GLU A 68 -22.35 -2.24 -1.46
CA GLU A 68 -22.38 -3.47 -2.23
C GLU A 68 -23.71 -4.19 -2.11
N GLU A 69 -23.92 -5.08 -3.08
CA GLU A 69 -25.08 -5.94 -3.23
C GLU A 69 -25.04 -7.16 -2.29
N GLU A 70 -23.83 -7.52 -1.92
CA GLU A 70 -23.45 -8.71 -1.15
C GLU A 70 -22.29 -8.42 -0.18
N GLY A 71 -22.04 -7.14 0.12
CA GLY A 71 -21.10 -6.72 1.14
C GLY A 71 -21.85 -5.83 2.11
N GLY A 72 -21.46 -4.57 2.18
CA GLY A 72 -21.88 -3.66 3.24
C GLY A 72 -21.86 -2.25 2.69
N THR A 73 -21.15 -1.41 3.43
CA THR A 73 -20.67 -0.11 2.97
C THR A 73 -19.15 -0.15 3.18
N TYR A 74 -18.40 0.21 2.13
CA TYR A 74 -16.95 0.27 2.11
C TYR A 74 -16.55 1.74 2.08
N ILE A 75 -15.59 2.17 2.91
CA ILE A 75 -15.22 3.56 3.10
C ILE A 75 -13.71 3.68 2.95
N SER A 76 -13.27 4.62 2.10
CA SER A 76 -11.88 5.02 1.92
C SER A 76 -11.81 6.50 2.29
N HIS A 77 -10.93 6.89 3.21
CA HIS A 77 -10.66 8.30 3.47
C HIS A 77 -9.31 8.51 4.12
N PHE A 78 -8.91 9.77 4.19
CA PHE A 78 -7.79 10.21 5.00
C PHE A 78 -8.25 10.37 6.45
N THR A 79 -7.38 9.97 7.38
CA THR A 79 -7.59 10.03 8.83
C THR A 79 -6.64 11.04 9.52
N VAL A 80 -6.03 11.94 8.75
CA VAL A 80 -5.21 13.05 9.21
C VAL A 80 -5.31 14.15 8.13
N ASN A 81 -4.88 15.36 8.39
CA ASN A 81 -4.76 16.43 7.40
C ASN A 81 -3.72 17.43 7.88
N GLU A 82 -2.52 16.90 8.08
CA GLU A 82 -1.32 17.67 8.38
C GLU A 82 -0.66 18.00 7.04
N PRO A 83 0.13 19.09 6.96
CA PRO A 83 0.68 19.56 5.69
C PRO A 83 1.72 18.61 5.10
N ALA A 84 2.38 17.79 5.92
CA ALA A 84 3.50 16.95 5.51
C ALA A 84 3.41 15.52 6.04
N HIS A 85 2.28 15.12 6.65
CA HIS A 85 2.04 13.77 7.11
C HIS A 85 0.61 13.39 6.74
N LYS A 86 0.41 12.23 6.13
CA LYS A 86 -0.92 11.73 5.81
C LYS A 86 -0.98 10.22 6.04
N GLU A 87 -2.17 9.68 6.23
CA GLU A 87 -2.47 8.25 6.38
C GLU A 87 -3.65 8.00 5.46
N PHE A 88 -3.69 6.83 4.85
CA PHE A 88 -4.71 6.40 3.91
C PHE A 88 -5.34 5.13 4.45
N GLU A 89 -6.62 5.16 4.79
CA GLU A 89 -7.34 4.02 5.32
C GLU A 89 -8.48 3.65 4.38
N ALA A 90 -8.72 2.36 4.21
CA ALA A 90 -9.85 1.83 3.46
C ALA A 90 -10.34 0.59 4.20
N GLY A 91 -11.64 0.54 4.52
CA GLY A 91 -12.24 -0.59 5.22
C GLY A 91 -13.76 -0.48 5.29
N TYR A 92 -14.39 -1.60 5.66
CA TYR A 92 -15.85 -1.70 5.69
C TYR A 92 -16.42 -1.14 7.01
N ASP A 93 -17.69 -0.78 6.95
CA ASP A 93 -18.53 -0.37 8.06
C ASP A 93 -18.59 -1.53 9.07
N GLU A 94 -18.43 -1.24 10.36
CA GLU A 94 -18.23 -2.15 11.50
C GLU A 94 -17.04 -3.14 11.41
N SER A 95 -16.50 -3.50 10.25
CA SER A 95 -15.35 -4.40 10.14
C SER A 95 -14.01 -3.65 10.31
N GLU A 96 -12.87 -4.33 10.16
CA GLU A 96 -11.55 -3.73 10.29
C GLU A 96 -11.09 -3.13 8.94
N PRO A 97 -10.05 -2.29 8.89
CA PRO A 97 -9.46 -1.88 7.61
C PRO A 97 -8.78 -3.01 6.85
N SER A 98 -8.54 -2.80 5.55
CA SER A 98 -8.03 -3.80 4.61
C SER A 98 -6.94 -3.25 3.69
N LEU A 99 -6.59 -1.96 3.74
CA LEU A 99 -5.43 -1.38 3.04
C LEU A 99 -4.99 -0.13 3.79
N ARG A 100 -3.73 -0.01 4.20
CA ARG A 100 -3.26 1.12 5.01
C ARG A 100 -1.97 1.67 4.41
N VAL A 101 -1.83 2.98 4.25
CA VAL A 101 -0.63 3.59 3.66
C VAL A 101 -0.30 4.94 4.32
N VAL A 102 0.83 5.01 5.01
CA VAL A 102 1.42 6.27 5.49
C VAL A 102 2.06 7.01 4.32
N PHE A 103 1.98 8.35 4.33
CA PHE A 103 2.67 9.25 3.42
C PHE A 103 3.33 10.35 4.25
N GLU A 104 4.51 10.81 3.82
CA GLU A 104 5.29 11.87 4.45
C GLU A 104 5.84 12.78 3.36
N LEU A 105 6.12 14.04 3.70
CA LEU A 105 6.71 15.05 2.82
C LEU A 105 7.97 15.58 3.50
N THR A 106 9.10 15.60 2.79
CA THR A 106 10.35 16.18 3.26
C THR A 106 11.19 16.52 2.03
N ASP A 107 11.99 17.59 2.10
CA ASP A 107 12.67 18.20 0.95
C ASP A 107 11.68 18.56 -0.16
N GLY A 108 10.46 18.95 0.24
CA GLY A 108 9.40 19.26 -0.69
C GLY A 108 9.04 18.11 -1.64
N LYS A 109 9.28 16.83 -1.30
CA LYS A 109 8.73 15.71 -2.05
C LYS A 109 8.04 14.74 -1.11
N TRP A 110 6.95 14.15 -1.59
CA TRP A 110 6.21 13.14 -0.85
C TRP A 110 6.93 11.80 -1.00
N TYR A 111 6.76 10.88 -0.04
CA TYR A 111 7.19 9.49 -0.09
C TYR A 111 6.31 8.66 0.85
N VAL A 112 6.27 7.33 0.67
CA VAL A 112 5.58 6.37 1.51
C VAL A 112 6.60 5.73 2.44
N THR A 113 6.18 5.29 3.64
CA THR A 113 7.06 4.73 4.67
C THR A 113 6.50 3.50 5.37
N ASP A 114 5.20 3.18 5.20
CA ASP A 114 4.54 2.05 5.84
C ASP A 114 3.46 1.49 4.92
N CYS A 115 3.11 0.21 5.04
CA CYS A 115 2.03 -0.41 4.27
C CYS A 115 1.29 -1.45 5.09
N TYR A 116 0.15 -1.84 4.56
CA TYR A 116 -0.67 -2.98 4.94
C TYR A 116 -1.40 -3.35 3.63
N ASN A 117 -0.98 -4.41 2.94
CA ASN A 117 -1.63 -4.92 1.71
C ASN A 117 -1.80 -6.42 1.85
N ASP A 118 -2.96 -6.95 1.48
CA ASP A 118 -3.40 -8.29 1.88
C ASP A 118 -2.63 -9.42 1.20
N TRP A 119 -1.89 -9.10 0.12
CA TRP A 119 -0.86 -9.97 -0.47
C TRP A 119 0.09 -10.55 0.57
N TYR A 120 0.24 -9.87 1.71
CA TYR A 120 1.01 -10.35 2.84
C TYR A 120 0.13 -10.10 4.09
N ASN A 121 -0.85 -10.99 4.30
CA ASN A 121 -1.71 -11.14 5.49
C ASN A 121 -1.29 -12.45 6.14
N PHE A 122 -1.97 -12.89 7.19
CA PHE A 122 -1.49 -13.85 8.14
C PHE A 122 -1.43 -15.22 7.52
N ASP A 123 -2.46 -15.45 6.75
CA ASP A 123 -2.84 -16.63 6.02
C ASP A 123 -1.78 -17.05 4.99
N LEU A 124 -0.56 -16.46 5.10
CA LEU A 124 0.49 -16.58 4.08
C LEU A 124 1.69 -17.26 4.73
N PRO A 125 1.74 -18.59 4.78
CA PRO A 125 2.82 -19.29 5.45
C PRO A 125 4.14 -19.10 4.69
N ILE A 126 5.27 -19.12 5.42
CA ILE A 126 6.60 -18.84 4.88
C ILE A 126 6.94 -19.83 3.74
N ASN A 127 6.43 -21.05 3.85
CA ASN A 127 6.66 -22.15 2.90
C ASN A 127 5.98 -21.98 1.55
N GLU A 128 5.03 -21.05 1.46
CA GLU A 128 4.30 -20.67 0.24
C GLU A 128 4.49 -19.18 -0.12
N LEU A 129 5.35 -18.48 0.64
CA LEU A 129 5.60 -17.05 0.50
C LEU A 129 6.24 -16.73 -0.84
N GLU A 130 7.27 -17.47 -1.19
CA GLU A 130 8.05 -17.23 -2.39
C GLU A 130 7.18 -17.35 -3.65
N GLU A 131 6.14 -18.19 -3.61
CA GLU A 131 5.14 -18.30 -4.68
C GLU A 131 4.26 -17.05 -4.71
N THR A 132 3.94 -16.48 -3.54
CA THR A 132 3.09 -15.31 -3.43
C THR A 132 3.79 -14.07 -3.99
N ILE A 133 5.09 -13.89 -3.71
CA ILE A 133 5.84 -12.78 -4.31
C ILE A 133 5.78 -12.86 -5.85
N GLN A 134 5.79 -14.07 -6.44
CA GLN A 134 5.68 -14.20 -7.89
C GLN A 134 4.28 -13.76 -8.35
N ALA A 135 3.23 -14.11 -7.59
CA ALA A 135 1.87 -13.73 -7.95
C ALA A 135 1.70 -12.20 -8.01
N VAL A 136 2.30 -11.48 -7.07
CA VAL A 136 2.29 -10.02 -7.08
C VAL A 136 2.84 -9.51 -8.43
N GLN A 137 3.94 -10.11 -8.89
CA GLN A 137 4.69 -9.62 -10.03
C GLN A 137 4.03 -9.97 -11.37
N GLU A 138 3.14 -10.96 -11.41
CA GLU A 138 2.26 -11.23 -12.55
C GLU A 138 1.33 -10.04 -12.80
N GLU A 139 0.69 -9.54 -11.74
CA GLU A 139 -0.11 -8.33 -11.88
C GLU A 139 0.79 -7.16 -12.28
N ASN A 140 1.95 -7.04 -11.63
CA ASN A 140 2.85 -5.90 -11.83
C ASN A 140 3.17 -5.72 -13.31
N LYS A 141 3.62 -6.76 -14.00
CA LYS A 141 4.11 -6.64 -15.38
C LYS A 141 3.09 -5.98 -16.30
N ALA A 142 1.82 -6.31 -16.16
CA ALA A 142 0.75 -5.67 -16.91
C ALA A 142 0.79 -4.16 -16.68
N PHE A 143 0.73 -3.72 -15.43
CA PHE A 143 0.71 -2.31 -15.07
C PHE A 143 1.85 -1.53 -15.73
N GLU A 144 3.06 -2.08 -15.82
CA GLU A 144 4.26 -1.34 -16.28
C GLU A 144 4.35 -1.31 -17.80
N GLU A 145 3.80 -2.34 -18.41
CA GLU A 145 3.50 -2.35 -19.83
C GLU A 145 2.48 -1.25 -20.14
N LEU A 146 1.84 -0.68 -19.09
CA LEU A 146 0.76 0.30 -19.28
C LEU A 146 1.02 1.68 -18.68
N HIS A 147 1.99 1.80 -17.78
CA HIS A 147 2.24 3.00 -17.00
C HIS A 147 3.75 3.27 -17.02
N PRO A 148 4.29 3.81 -18.13
CA PRO A 148 5.71 3.98 -18.35
C PRO A 148 6.32 5.13 -17.56
N GLY A 1 11.84 27.37 -1.21
CA GLY A 1 12.13 27.41 0.24
C GLY A 1 11.07 26.63 0.99
N ALA A 2 9.87 27.22 1.13
CA ALA A 2 8.65 26.59 1.60
C ALA A 2 7.70 26.50 0.39
N GLU A 3 8.01 25.57 -0.52
CA GLU A 3 7.17 25.18 -1.63
C GLU A 3 7.31 23.67 -1.71
N GLU A 4 6.21 22.94 -1.51
CA GLU A 4 6.24 21.50 -1.47
C GLU A 4 5.36 20.95 -2.55
N GLU A 5 5.24 19.64 -2.61
CA GLU A 5 4.42 18.96 -3.58
C GLU A 5 2.98 18.96 -3.05
N ASP A 6 2.04 19.27 -3.93
CA ASP A 6 0.62 19.27 -3.64
C ASP A 6 0.15 17.82 -3.63
N PHE A 7 -0.68 17.47 -2.64
CA PHE A 7 -1.07 16.09 -2.39
C PHE A 7 -1.84 15.49 -3.58
N LYS A 8 -2.78 16.25 -4.14
CA LYS A 8 -3.55 15.92 -5.33
C LYS A 8 -2.62 15.77 -6.53
N THR A 9 -1.84 16.80 -6.86
CA THR A 9 -0.94 16.76 -8.00
C THR A 9 0.02 15.57 -7.91
N PHE A 10 0.55 15.28 -6.72
CA PHE A 10 1.32 14.07 -6.46
C PHE A 10 0.49 12.83 -6.83
N LEU A 11 -0.70 12.68 -6.25
CA LEU A 11 -1.57 11.53 -6.42
C LEU A 11 -1.84 11.24 -7.90
N GLN A 12 -2.18 12.28 -8.68
CA GLN A 12 -2.40 12.15 -10.12
C GLN A 12 -1.25 11.38 -10.77
N LYS A 13 -0.03 11.92 -10.64
CA LYS A 13 1.20 11.36 -11.20
C LYS A 13 1.41 9.95 -10.69
N PHE A 14 1.28 9.77 -9.36
CA PHE A 14 1.52 8.53 -8.65
C PHE A 14 0.67 7.40 -9.23
N THR A 15 -0.58 7.68 -9.60
CA THR A 15 -1.53 6.68 -10.09
C THR A 15 -1.36 6.37 -11.60
N SER A 16 -0.45 7.05 -12.33
CA SER A 16 -0.30 6.90 -13.78
C SER A 16 1.15 6.66 -14.21
N SER A 17 2.02 6.20 -13.33
CA SER A 17 3.41 5.96 -13.64
C SER A 17 4.02 5.07 -12.56
N ALA A 18 4.20 3.79 -12.89
CA ALA A 18 4.86 2.81 -12.04
C ALA A 18 6.30 3.22 -11.75
N SER A 19 6.99 3.84 -12.72
CA SER A 19 8.37 4.25 -12.54
C SER A 19 8.44 5.40 -11.53
N PHE A 20 7.56 6.40 -11.66
CA PHE A 20 7.46 7.48 -10.70
C PHE A 20 7.06 6.96 -9.33
N GLN A 21 6.07 6.07 -9.25
CA GLN A 21 5.67 5.36 -8.04
C GLN A 21 6.91 4.83 -7.33
N TYR A 22 7.77 4.03 -7.98
CA TYR A 22 9.01 3.51 -7.42
C TYR A 22 9.99 4.62 -7.01
N SER A 23 10.17 5.63 -7.88
CA SER A 23 10.96 6.84 -7.57
C SER A 23 10.31 7.73 -6.48
N ARG A 24 9.28 7.26 -5.79
CA ARG A 24 8.74 7.90 -4.61
C ARG A 24 8.58 6.89 -3.48
N ILE A 25 9.48 5.91 -3.33
CA ILE A 25 9.46 4.97 -2.21
C ILE A 25 10.84 4.97 -1.56
N LYS A 26 10.92 5.40 -0.30
CA LYS A 26 12.03 5.09 0.59
C LYS A 26 11.93 3.61 0.92
N PHE A 27 13.01 2.87 0.70
CA PHE A 27 13.05 1.43 0.97
C PHE A 27 14.28 1.12 1.85
N PRO A 28 14.23 0.12 2.75
CA PRO A 28 13.07 -0.71 3.10
C PRO A 28 11.97 0.12 3.77
N LEU A 29 10.81 -0.51 3.99
CA LEU A 29 9.64 0.16 4.54
C LEU A 29 9.74 0.23 6.07
N LYS A 30 8.59 0.31 6.76
CA LYS A 30 8.53 0.39 8.22
C LYS A 30 7.71 -0.77 8.86
N SER A 31 6.89 -1.46 8.09
CA SER A 31 5.88 -2.49 8.39
C SER A 31 6.50 -3.89 8.38
N PRO A 32 7.04 -4.43 9.51
CA PRO A 32 7.39 -5.84 9.54
C PRO A 32 6.23 -6.69 9.07
N ILE A 33 6.55 -7.64 8.20
CA ILE A 33 5.59 -8.59 7.67
C ILE A 33 5.63 -9.72 8.68
N ALA A 34 4.81 -9.60 9.72
CA ALA A 34 4.69 -10.62 10.72
C ALA A 34 3.65 -11.63 10.24
N LEU A 35 3.94 -12.93 10.34
CA LEU A 35 3.01 -14.01 9.98
C LEU A 35 3.19 -15.11 11.02
N LEU A 36 2.56 -16.27 10.81
CA LEU A 36 2.49 -17.36 11.77
C LEU A 36 3.22 -18.59 11.24
N LYS A 37 4.05 -19.23 12.07
CA LYS A 37 4.77 -20.46 11.76
C LYS A 37 3.86 -21.69 11.79
N ASP A 38 4.50 -22.85 11.72
CA ASP A 38 3.96 -24.19 11.65
C ASP A 38 3.60 -24.77 13.03
N ASP A 39 3.47 -23.97 14.09
CA ASP A 39 2.77 -24.38 15.32
C ASP A 39 1.77 -23.29 15.70
N GLY A 40 0.73 -23.17 14.87
CA GLY A 40 -0.35 -22.19 15.01
C GLY A 40 0.20 -20.80 15.23
N GLU A 41 0.04 -20.23 16.43
CA GLU A 41 0.32 -18.83 16.73
C GLU A 41 1.76 -18.57 17.17
N THR A 42 2.68 -19.37 16.65
CA THR A 42 4.11 -19.12 16.76
C THR A 42 4.48 -17.95 15.85
N GLU A 43 5.12 -16.93 16.41
CA GLU A 43 5.36 -15.67 15.72
C GLU A 43 6.42 -15.82 14.62
N GLN A 44 6.35 -14.99 13.58
CA GLN A 44 7.41 -14.82 12.61
C GLN A 44 7.48 -13.36 12.20
N THR A 45 8.64 -12.87 11.77
CA THR A 45 8.78 -11.60 11.06
C THR A 45 9.68 -11.76 9.84
N PHE A 46 9.39 -10.95 8.81
CA PHE A 46 10.02 -10.96 7.50
C PHE A 46 10.48 -9.54 7.13
N PRO A 47 11.41 -9.38 6.17
CA PRO A 47 11.89 -8.09 5.71
C PRO A 47 10.90 -7.46 4.74
N PHE A 48 10.89 -6.13 4.68
CA PHE A 48 9.90 -5.30 3.99
C PHE A 48 10.58 -4.40 2.96
N THR A 49 10.59 -4.84 1.70
CA THR A 49 11.62 -4.48 0.75
C THR A 49 11.00 -4.20 -0.62
N ARG A 50 11.68 -3.45 -1.51
CA ARG A 50 11.08 -3.04 -2.80
C ARG A 50 10.78 -4.23 -3.70
N GLU A 51 11.48 -5.35 -3.50
CA GLU A 51 11.28 -6.64 -4.14
C GLU A 51 9.85 -7.22 -3.92
N LYS A 52 9.06 -6.66 -3.00
CA LYS A 52 7.74 -7.13 -2.58
C LYS A 52 6.81 -5.91 -2.47
N TRP A 53 6.95 -4.96 -3.41
CA TRP A 53 6.00 -3.87 -3.59
C TRP A 53 4.68 -4.41 -4.14
N ALA A 54 3.63 -3.59 -4.24
CA ALA A 54 2.41 -3.84 -5.02
C ALA A 54 1.98 -2.51 -5.65
N LEU A 55 1.90 -2.45 -6.98
CA LEU A 55 1.47 -1.26 -7.73
C LEU A 55 -0.02 -1.00 -7.49
N LEU A 56 -0.44 0.25 -7.66
CA LEU A 56 -1.79 0.71 -7.28
C LEU A 56 -2.35 1.66 -8.35
N ASP A 57 -3.67 1.67 -8.58
CA ASP A 57 -4.34 2.43 -9.64
C ASP A 57 -4.91 3.76 -9.14
N GLU A 58 -5.46 4.57 -10.05
CA GLU A 58 -6.23 5.77 -9.76
C GLU A 58 -7.48 5.47 -8.95
N GLU A 59 -8.13 4.33 -9.19
CA GLU A 59 -9.28 3.86 -8.42
C GLU A 59 -8.89 3.30 -7.06
N THR A 60 -7.65 2.82 -6.91
CA THR A 60 -7.16 2.32 -5.64
C THR A 60 -7.03 3.49 -4.67
N LEU A 61 -6.49 4.63 -5.11
CA LEU A 61 -6.27 5.79 -4.26
C LEU A 61 -7.47 6.71 -4.42
N LYS A 62 -8.65 6.17 -4.09
CA LYS A 62 -9.88 6.94 -3.97
C LYS A 62 -10.49 6.78 -2.59
N GLU A 63 -11.28 7.77 -2.21
CA GLU A 63 -11.99 7.79 -0.94
C GLU A 63 -13.48 7.77 -1.20
N GLY A 64 -14.18 7.00 -0.36
CA GLY A 64 -15.63 6.90 -0.35
C GLY A 64 -16.00 5.64 0.44
N ARG A 65 -17.30 5.41 0.61
CA ARG A 65 -17.83 4.10 0.95
C ARG A 65 -18.43 3.49 -0.30
N THR A 66 -18.20 2.20 -0.51
CA THR A 66 -18.72 1.49 -1.67
C THR A 66 -20.13 0.97 -1.34
N THR A 67 -20.71 0.18 -2.24
CA THR A 67 -21.89 -0.63 -2.03
C THR A 67 -21.54 -2.03 -2.55
N GLU A 68 -22.22 -3.08 -2.07
CA GLU A 68 -21.95 -4.45 -2.47
C GLU A 68 -23.24 -5.22 -2.71
N GLU A 69 -23.12 -6.36 -3.37
CA GLU A 69 -24.26 -7.10 -3.90
C GLU A 69 -24.96 -7.97 -2.86
N GLU A 70 -24.20 -8.35 -1.85
CA GLU A 70 -24.55 -9.27 -0.79
C GLU A 70 -24.59 -8.60 0.58
N GLY A 71 -24.33 -7.28 0.62
CA GLY A 71 -24.43 -6.49 1.83
C GLY A 71 -23.07 -6.36 2.51
N GLY A 72 -22.27 -5.42 2.03
CA GLY A 72 -21.02 -5.04 2.62
C GLY A 72 -20.78 -3.57 2.29
N THR A 73 -19.88 -2.94 3.03
CA THR A 73 -19.60 -1.52 2.95
C THR A 73 -18.12 -1.31 3.22
N TYR A 74 -17.29 -1.27 2.18
CA TYR A 74 -15.89 -0.84 2.29
C TYR A 74 -15.86 0.67 2.43
N ILE A 75 -15.24 1.22 3.47
CA ILE A 75 -14.97 2.65 3.63
C ILE A 75 -13.49 2.86 3.32
N SER A 76 -13.14 4.05 2.83
CA SER A 76 -11.77 4.55 2.73
C SER A 76 -11.82 6.06 2.98
N HIS A 77 -10.90 6.59 3.79
CA HIS A 77 -10.66 8.02 3.94
C HIS A 77 -9.31 8.31 4.59
N PHE A 78 -8.80 9.51 4.29
CA PHE A 78 -7.70 10.14 4.98
C PHE A 78 -8.14 10.35 6.41
N THR A 79 -7.44 9.75 7.35
CA THR A 79 -7.64 9.98 8.77
C THR A 79 -6.62 11.02 9.29
N VAL A 80 -5.72 11.52 8.45
CA VAL A 80 -4.49 12.18 8.90
C VAL A 80 -4.33 13.50 8.14
N ASN A 81 -4.00 14.58 8.86
CA ASN A 81 -3.71 15.87 8.26
C ASN A 81 -2.59 16.58 9.03
N GLU A 82 -1.39 16.01 8.99
CA GLU A 82 -0.13 16.65 9.40
C GLU A 82 0.38 17.51 8.22
N PRO A 83 1.33 18.42 8.42
CA PRO A 83 1.84 19.25 7.35
C PRO A 83 2.61 18.44 6.32
N ALA A 84 3.12 17.26 6.70
CA ALA A 84 3.94 16.41 5.86
C ALA A 84 3.59 14.92 6.04
N HIS A 85 2.41 14.59 6.57
CA HIS A 85 1.96 13.21 6.73
C HIS A 85 0.50 13.10 6.29
N LYS A 86 0.17 12.02 5.56
CA LYS A 86 -1.19 11.65 5.20
C LYS A 86 -1.22 10.12 5.07
N GLU A 87 -1.80 9.41 6.04
CA GLU A 87 -2.11 8.00 5.81
C GLU A 87 -3.36 7.90 4.93
N PHE A 88 -3.65 6.68 4.49
CA PHE A 88 -4.77 6.26 3.67
C PHE A 88 -5.20 4.95 4.31
N GLU A 89 -6.44 4.88 4.77
CA GLU A 89 -7.00 3.80 5.57
C GLU A 89 -8.30 3.37 4.91
N ALA A 90 -8.37 2.08 4.56
CA ALA A 90 -9.54 1.49 3.95
C ALA A 90 -9.91 0.18 4.65
N GLY A 91 -11.16 0.07 5.12
CA GLY A 91 -11.68 -1.08 5.84
C GLY A 91 -13.20 -1.09 5.88
N TYR A 92 -13.79 -2.27 6.10
CA TYR A 92 -15.23 -2.43 6.05
C TYR A 92 -15.87 -1.95 7.36
N ASP A 93 -17.17 -1.63 7.30
CA ASP A 93 -17.93 -1.22 8.49
C ASP A 93 -18.01 -2.40 9.46
N GLU A 94 -17.94 -2.12 10.77
CA GLU A 94 -17.94 -3.10 11.86
C GLU A 94 -16.70 -4.01 11.88
N SER A 95 -15.85 -3.90 10.87
CA SER A 95 -14.64 -4.67 10.62
C SER A 95 -13.42 -3.75 10.64
N GLU A 96 -12.26 -4.30 10.30
CA GLU A 96 -10.96 -3.69 10.42
C GLU A 96 -10.41 -3.37 9.02
N PRO A 97 -9.39 -2.50 8.89
CA PRO A 97 -8.84 -2.17 7.60
C PRO A 97 -7.98 -3.30 7.02
N SER A 98 -7.86 -3.27 5.69
CA SER A 98 -7.11 -4.25 4.91
C SER A 98 -5.98 -3.59 4.11
N LEU A 99 -6.11 -2.29 3.81
CA LEU A 99 -5.12 -1.50 3.10
C LEU A 99 -4.72 -0.35 4.03
N ARG A 100 -3.43 -0.08 4.15
CA ARG A 100 -2.90 1.03 4.92
C ARG A 100 -1.68 1.57 4.19
N VAL A 101 -1.75 2.81 3.70
CA VAL A 101 -0.67 3.42 2.93
C VAL A 101 -0.30 4.70 3.68
N VAL A 102 0.91 4.75 4.23
CA VAL A 102 1.43 5.97 4.84
C VAL A 102 1.93 6.84 3.67
N PHE A 103 2.08 8.15 3.85
CA PHE A 103 2.91 8.97 2.96
C PHE A 103 3.59 10.08 3.77
N GLU A 104 4.85 10.32 3.48
CA GLU A 104 5.70 11.33 4.11
C GLU A 104 6.15 12.31 3.05
N LEU A 105 5.84 13.60 3.24
CA LEU A 105 6.49 14.66 2.50
C LEU A 105 7.88 14.88 3.12
N THR A 106 8.94 14.87 2.33
CA THR A 106 10.30 15.19 2.77
C THR A 106 11.01 15.85 1.59
N ASP A 107 11.88 16.84 1.84
CA ASP A 107 12.68 17.50 0.79
C ASP A 107 11.80 18.16 -0.29
N GLY A 108 10.53 18.47 0.06
CA GLY A 108 9.51 19.00 -0.83
C GLY A 108 8.85 17.95 -1.73
N LYS A 109 8.98 16.65 -1.42
CA LYS A 109 8.56 15.52 -2.26
C LYS A 109 7.78 14.53 -1.40
N TRP A 110 6.58 14.12 -1.82
CA TRP A 110 5.84 13.05 -1.14
C TRP A 110 6.52 11.72 -1.48
N TYR A 111 6.74 10.88 -0.47
CA TYR A 111 7.31 9.54 -0.54
C TYR A 111 6.40 8.57 0.19
N VAL A 112 6.44 7.29 -0.19
CA VAL A 112 6.09 6.19 0.67
C VAL A 112 7.36 5.82 1.44
N THR A 113 7.19 5.38 2.68
CA THR A 113 8.12 4.53 3.40
C THR A 113 7.32 3.49 4.21
N ASP A 114 5.99 3.39 4.10
CA ASP A 114 5.32 2.26 4.72
C ASP A 114 4.08 1.79 4.00
N CYS A 115 3.82 0.48 4.05
CA CYS A 115 2.73 -0.22 3.41
C CYS A 115 2.31 -1.40 4.29
N TYR A 116 1.02 -1.49 4.60
CA TYR A 116 0.33 -2.73 4.90
C TYR A 116 -0.68 -2.93 3.77
N ASN A 117 -0.70 -4.12 3.19
CA ASN A 117 -1.61 -4.47 2.10
C ASN A 117 -1.98 -5.95 2.23
N ASP A 118 -3.12 -6.33 1.65
CA ASP A 118 -3.64 -7.67 1.75
C ASP A 118 -2.72 -8.73 1.11
N TRP A 119 -1.93 -8.37 0.10
CA TRP A 119 -0.87 -9.19 -0.47
C TRP A 119 0.07 -9.80 0.60
N TYR A 120 0.22 -9.17 1.77
CA TYR A 120 0.99 -9.74 2.88
C TYR A 120 0.19 -9.73 4.20
N ASN A 121 -1.09 -10.10 4.14
CA ASN A 121 -1.97 -10.27 5.30
C ASN A 121 -1.68 -11.59 6.05
N PHE A 122 -2.43 -11.85 7.12
CA PHE A 122 -2.36 -13.01 8.03
C PHE A 122 -2.67 -14.36 7.35
N ASP A 123 -3.57 -14.38 6.38
CA ASP A 123 -4.08 -15.55 5.64
C ASP A 123 -3.06 -15.92 4.57
N LEU A 124 -1.77 -15.93 4.95
CA LEU A 124 -0.62 -16.12 4.09
C LEU A 124 0.39 -17.02 4.80
N PRO A 125 0.31 -18.36 4.69
CA PRO A 125 1.27 -19.23 5.33
C PRO A 125 2.66 -19.03 4.74
N ILE A 126 3.69 -19.20 5.57
CA ILE A 126 5.07 -18.88 5.20
C ILE A 126 5.55 -19.83 4.08
N ASN A 127 5.09 -21.08 4.05
CA ASN A 127 5.60 -22.05 3.08
C ASN A 127 5.22 -21.65 1.65
N GLU A 128 4.13 -20.90 1.46
CA GLU A 128 3.61 -20.47 0.17
C GLU A 128 3.95 -19.00 -0.14
N LEU A 129 4.69 -18.34 0.76
CA LEU A 129 4.95 -16.91 0.73
C LEU A 129 5.60 -16.49 -0.56
N GLU A 130 6.60 -17.24 -0.97
CA GLU A 130 7.47 -16.89 -2.07
C GLU A 130 6.70 -16.89 -3.40
N GLU A 131 5.68 -17.73 -3.54
CA GLU A 131 4.77 -17.72 -4.69
C GLU A 131 3.94 -16.42 -4.69
N THR A 132 3.58 -15.90 -3.51
CA THR A 132 2.83 -14.66 -3.39
C THR A 132 3.72 -13.46 -3.76
N ILE A 133 4.97 -13.40 -3.26
CA ILE A 133 5.88 -12.37 -3.77
C ILE A 133 5.97 -12.41 -5.30
N GLN A 134 6.01 -13.59 -5.94
CA GLN A 134 6.01 -13.60 -7.41
C GLN A 134 4.66 -13.20 -7.99
N ALA A 135 3.54 -13.52 -7.32
CA ALA A 135 2.20 -13.24 -7.82
C ALA A 135 1.92 -11.75 -7.91
N VAL A 136 2.36 -10.97 -6.94
CA VAL A 136 2.23 -9.53 -7.05
C VAL A 136 2.97 -9.08 -8.32
N GLN A 137 4.16 -9.62 -8.57
CA GLN A 137 4.96 -9.14 -9.67
C GLN A 137 4.28 -9.48 -11.02
N GLU A 138 3.44 -10.54 -11.07
CA GLU A 138 2.69 -10.91 -12.26
C GLU A 138 1.78 -9.75 -12.67
N GLU A 139 0.81 -9.40 -11.80
CA GLU A 139 -0.07 -8.27 -12.08
C GLU A 139 0.71 -6.96 -12.23
N ASN A 140 1.84 -6.80 -11.52
CA ASN A 140 2.62 -5.56 -11.59
C ASN A 140 3.14 -5.36 -13.01
N LYS A 141 3.74 -6.38 -13.64
CA LYS A 141 4.24 -6.28 -15.01
C LYS A 141 3.15 -5.80 -15.95
N ALA A 142 1.97 -6.40 -15.81
CA ALA A 142 0.82 -6.02 -16.61
C ALA A 142 0.52 -4.53 -16.44
N PHE A 143 0.49 -4.05 -15.19
CA PHE A 143 0.25 -2.65 -14.83
C PHE A 143 1.33 -1.73 -15.42
N GLU A 144 2.61 -1.94 -15.09
CA GLU A 144 3.68 -1.01 -15.44
C GLU A 144 3.92 -0.93 -16.96
N GLU A 145 3.50 -1.96 -17.71
CA GLU A 145 3.47 -1.90 -19.17
C GLU A 145 2.58 -0.76 -19.64
N LEU A 146 1.48 -0.52 -18.96
CA LEU A 146 0.46 0.47 -19.30
C LEU A 146 0.59 1.77 -18.50
N HIS A 147 1.36 1.79 -17.42
CA HIS A 147 1.51 2.92 -16.50
C HIS A 147 3.00 3.32 -16.49
N PRO A 148 3.51 3.99 -17.54
CA PRO A 148 4.92 4.30 -17.72
C PRO A 148 5.45 5.26 -16.67
N GLY A 1 13.54 28.15 -1.72
CA GLY A 1 12.55 28.94 -0.98
C GLY A 1 11.84 28.06 0.03
N ALA A 2 10.56 27.81 -0.18
CA ALA A 2 9.77 26.80 0.50
C ALA A 2 8.62 26.48 -0.46
N GLU A 3 8.73 25.39 -1.19
CA GLU A 3 7.66 24.90 -2.03
C GLU A 3 7.75 23.37 -2.04
N GLU A 4 6.60 22.73 -2.01
CA GLU A 4 6.46 21.30 -1.88
C GLU A 4 5.41 20.82 -2.89
N GLU A 5 5.30 19.51 -3.04
CA GLU A 5 4.39 18.88 -3.96
C GLU A 5 3.04 18.63 -3.26
N ASP A 6 1.94 18.74 -4.00
CA ASP A 6 0.56 18.89 -3.51
C ASP A 6 -0.12 17.52 -3.41
N PHE A 7 -0.92 17.29 -2.36
CA PHE A 7 -1.69 16.06 -2.15
C PHE A 7 -2.67 15.72 -3.28
N LYS A 8 -2.98 16.66 -4.18
CA LYS A 8 -3.66 16.38 -5.43
C LYS A 8 -2.64 16.14 -6.53
N THR A 9 -1.83 17.13 -6.89
CA THR A 9 -0.93 17.02 -8.05
C THR A 9 0.05 15.84 -7.94
N PHE A 10 0.50 15.45 -6.74
CA PHE A 10 1.40 14.31 -6.56
C PHE A 10 0.66 13.01 -6.93
N LEU A 11 -0.65 13.00 -6.69
CA LEU A 11 -1.48 11.82 -6.65
C LEU A 11 -1.79 11.38 -8.06
N GLN A 12 -2.11 12.33 -8.95
CA GLN A 12 -2.37 12.09 -10.37
C GLN A 12 -1.30 11.16 -10.96
N LYS A 13 -0.04 11.52 -10.72
CA LYS A 13 1.16 10.80 -11.14
C LYS A 13 1.27 9.48 -10.40
N PHE A 14 1.11 9.53 -9.07
CA PHE A 14 1.21 8.36 -8.21
C PHE A 14 0.22 7.28 -8.63
N THR A 15 -0.93 7.67 -9.20
CA THR A 15 -2.00 6.79 -9.64
C THR A 15 -2.07 6.78 -11.17
N SER A 16 -0.95 6.95 -11.88
CA SER A 16 -0.87 6.70 -13.31
C SER A 16 0.42 6.05 -13.76
N SER A 17 1.39 5.90 -12.88
CA SER A 17 2.74 5.65 -13.32
C SER A 17 3.44 4.70 -12.35
N ALA A 18 3.66 3.46 -12.79
CA ALA A 18 4.37 2.42 -12.05
C ALA A 18 5.73 2.92 -11.55
N SER A 19 6.56 3.45 -12.45
CA SER A 19 7.90 3.92 -12.11
C SER A 19 7.82 5.01 -11.04
N PHE A 20 6.91 5.98 -11.20
CA PHE A 20 6.76 7.09 -10.28
C PHE A 20 6.28 6.57 -8.92
N GLN A 21 5.30 5.67 -8.89
CA GLN A 21 4.83 5.01 -7.66
C GLN A 21 6.04 4.48 -6.90
N TYR A 22 6.84 3.62 -7.53
CA TYR A 22 8.06 3.06 -6.92
C TYR A 22 9.02 4.13 -6.44
N SER A 23 9.37 5.10 -7.29
CA SER A 23 10.29 6.18 -6.94
C SER A 23 9.82 7.06 -5.79
N ARG A 24 8.57 6.95 -5.30
CA ARG A 24 8.05 7.70 -4.17
C ARG A 24 7.93 6.79 -2.94
N ILE A 25 8.34 5.53 -2.97
CA ILE A 25 8.17 4.60 -1.85
C ILE A 25 9.53 4.32 -1.19
N LYS A 26 9.66 4.55 0.12
CA LYS A 26 10.77 3.99 0.91
C LYS A 26 10.50 2.51 1.09
N PHE A 27 11.54 1.76 1.39
CA PHE A 27 11.44 0.37 1.78
C PHE A 27 12.70 -0.04 2.53
N PRO A 28 12.69 -1.17 3.25
CA PRO A 28 11.50 -1.76 3.85
C PRO A 28 11.00 -0.90 5.00
N LEU A 29 9.72 -1.12 5.26
CA LEU A 29 8.89 -0.27 6.06
C LEU A 29 9.01 -0.56 7.55
N LYS A 30 8.29 0.27 8.30
CA LYS A 30 8.05 0.17 9.73
C LYS A 30 7.16 -1.01 10.11
N SER A 31 6.50 -1.63 9.14
CA SER A 31 5.64 -2.78 9.25
C SER A 31 6.34 -3.92 8.50
N PRO A 32 7.25 -4.66 9.14
CA PRO A 32 7.73 -5.92 8.59
C PRO A 32 6.58 -6.93 8.54
N ILE A 33 6.63 -7.87 7.59
CA ILE A 33 5.58 -8.85 7.39
C ILE A 33 5.79 -9.92 8.45
N ALA A 34 4.93 -9.96 9.47
CA ALA A 34 4.90 -11.01 10.48
C ALA A 34 3.85 -12.04 10.10
N LEU A 35 4.28 -13.27 9.78
CA LEU A 35 3.38 -14.41 9.56
C LEU A 35 3.38 -15.32 10.81
N LEU A 36 2.74 -16.50 10.73
CA LEU A 36 2.87 -17.61 11.68
C LEU A 36 3.62 -18.78 11.02
N LYS A 37 4.64 -19.31 11.69
CA LYS A 37 5.40 -20.50 11.31
C LYS A 37 4.60 -21.77 11.65
N ASP A 38 5.28 -22.88 11.43
CA ASP A 38 4.95 -24.27 11.67
C ASP A 38 4.84 -24.70 13.13
N ASP A 39 4.86 -23.80 14.14
CA ASP A 39 4.36 -24.14 15.47
C ASP A 39 3.42 -23.03 15.94
N GLY A 40 2.27 -22.96 15.28
CA GLY A 40 1.12 -22.19 15.73
C GLY A 40 1.47 -20.72 15.94
N GLU A 41 1.57 -20.29 17.19
CA GLU A 41 1.73 -18.90 17.62
C GLU A 41 3.21 -18.50 17.69
N THR A 42 3.97 -18.97 16.72
CA THR A 42 5.39 -18.66 16.56
C THR A 42 5.55 -17.22 16.05
N GLU A 43 6.71 -16.60 16.30
CA GLU A 43 7.03 -15.28 15.81
C GLU A 43 7.96 -15.41 14.59
N GLN A 44 7.65 -14.68 13.51
CA GLN A 44 8.56 -14.43 12.41
C GLN A 44 8.34 -13.00 11.93
N THR A 45 9.34 -12.40 11.28
CA THR A 45 9.22 -11.20 10.48
C THR A 45 10.09 -11.29 9.23
N PHE A 46 9.68 -10.58 8.19
CA PHE A 46 10.38 -10.41 6.92
C PHE A 46 10.42 -8.91 6.61
N PRO A 47 11.50 -8.37 6.00
CA PRO A 47 11.55 -6.98 5.58
C PRO A 47 10.62 -6.79 4.38
N PHE A 48 9.66 -5.86 4.50
CA PHE A 48 8.75 -5.57 3.42
C PHE A 48 9.46 -4.70 2.36
N THR A 49 10.33 -5.29 1.54
CA THR A 49 11.11 -4.55 0.54
C THR A 49 10.27 -4.25 -0.72
N ARG A 50 10.85 -3.61 -1.74
CA ARG A 50 10.17 -3.35 -3.02
C ARG A 50 9.82 -4.66 -3.73
N GLU A 51 10.61 -5.71 -3.52
CA GLU A 51 10.59 -6.99 -4.22
C GLU A 51 9.36 -7.86 -3.90
N LYS A 52 8.20 -7.24 -3.66
CA LYS A 52 6.92 -7.77 -3.20
C LYS A 52 5.85 -6.66 -3.19
N TRP A 53 6.18 -5.40 -3.53
CA TRP A 53 5.20 -4.32 -3.64
C TRP A 53 4.37 -4.51 -4.92
N ALA A 54 3.22 -3.84 -4.99
CA ALA A 54 2.24 -3.94 -6.07
C ALA A 54 1.46 -2.68 -6.21
N LEU A 55 1.03 -2.49 -7.44
CA LEU A 55 0.66 -1.20 -7.95
C LEU A 55 -0.82 -1.04 -7.93
N LEU A 56 -1.22 0.21 -7.68
CA LEU A 56 -2.60 0.50 -7.31
C LEU A 56 -3.20 1.49 -8.30
N ASP A 57 -4.47 1.83 -8.12
CA ASP A 57 -5.25 2.68 -9.04
C ASP A 57 -5.45 4.04 -8.40
N GLU A 58 -6.11 4.95 -9.12
CA GLU A 58 -6.69 6.13 -8.52
C GLU A 58 -7.73 5.80 -7.46
N GLU A 59 -8.62 4.82 -7.71
CA GLU A 59 -9.67 4.44 -6.76
C GLU A 59 -9.15 3.98 -5.41
N THR A 60 -7.97 3.38 -5.36
CA THR A 60 -7.39 2.87 -4.13
C THR A 60 -6.71 3.96 -3.30
N LEU A 61 -6.34 5.09 -3.91
CA LEU A 61 -5.70 6.20 -3.20
C LEU A 61 -6.60 7.42 -3.25
N LYS A 62 -7.87 7.27 -2.89
CA LYS A 62 -8.91 8.26 -3.12
C LYS A 62 -9.88 8.30 -1.95
N GLU A 63 -10.43 9.48 -1.68
CA GLU A 63 -11.21 9.75 -0.47
C GLU A 63 -12.68 9.49 -0.81
N GLY A 64 -13.19 8.34 -0.42
CA GLY A 64 -14.59 8.00 -0.60
C GLY A 64 -14.82 6.53 -0.30
N ARG A 65 -16.08 6.11 -0.34
CA ARG A 65 -16.43 4.69 -0.37
C ARG A 65 -16.40 4.16 -1.81
N THR A 66 -16.37 2.84 -1.97
CA THR A 66 -16.47 2.14 -3.25
C THR A 66 -17.76 1.32 -3.28
N THR A 67 -17.94 0.48 -4.31
CA THR A 67 -19.02 -0.48 -4.44
C THR A 67 -18.37 -1.84 -4.80
N GLU A 68 -18.75 -2.92 -4.10
CA GLU A 68 -18.38 -4.28 -4.45
C GLU A 68 -19.42 -4.84 -5.43
N GLU A 69 -19.12 -6.00 -6.02
CA GLU A 69 -20.05 -6.74 -6.87
C GLU A 69 -21.02 -7.61 -6.02
N GLU A 70 -20.76 -7.68 -4.71
CA GLU A 70 -21.43 -8.52 -3.73
C GLU A 70 -21.93 -7.74 -2.51
N GLY A 71 -21.99 -6.41 -2.59
CA GLY A 71 -22.68 -5.62 -1.56
C GLY A 71 -21.86 -5.48 -0.29
N GLY A 72 -20.69 -4.86 -0.40
CA GLY A 72 -19.88 -4.39 0.70
C GLY A 72 -19.49 -2.95 0.39
N THR A 73 -19.18 -2.20 1.43
CA THR A 73 -18.86 -0.78 1.32
C THR A 73 -17.45 -0.62 1.87
N TYR A 74 -16.44 -0.73 0.99
CA TYR A 74 -15.09 -0.35 1.33
C TYR A 74 -15.11 1.17 1.44
N ILE A 75 -14.47 1.74 2.45
CA ILE A 75 -14.11 3.14 2.54
C ILE A 75 -12.61 3.23 2.35
N SER A 76 -12.12 4.36 1.85
CA SER A 76 -10.74 4.77 1.88
C SER A 76 -10.77 6.27 2.17
N HIS A 77 -9.93 6.74 3.09
CA HIS A 77 -9.65 8.15 3.26
C HIS A 77 -8.31 8.32 3.97
N PHE A 78 -7.80 9.54 4.02
CA PHE A 78 -6.70 9.86 4.92
C PHE A 78 -7.28 10.07 6.31
N THR A 79 -6.51 9.83 7.37
CA THR A 79 -6.99 9.80 8.75
C THR A 79 -6.40 10.93 9.61
N VAL A 80 -5.62 11.84 9.01
CA VAL A 80 -4.75 12.81 9.69
C VAL A 80 -4.47 14.00 8.74
N ASN A 81 -4.69 15.23 9.19
CA ASN A 81 -4.48 16.44 8.38
C ASN A 81 -3.31 17.24 8.96
N GLU A 82 -2.07 16.85 8.66
CA GLU A 82 -0.88 17.63 8.97
C GLU A 82 -0.50 18.47 7.73
N PRO A 83 0.38 19.47 7.87
CA PRO A 83 1.02 20.10 6.73
C PRO A 83 1.84 19.10 5.88
N ALA A 84 2.48 18.08 6.48
CA ALA A 84 3.49 17.29 5.78
C ALA A 84 3.44 15.77 6.03
N HIS A 85 2.51 15.26 6.84
CA HIS A 85 2.52 13.85 7.23
C HIS A 85 1.08 13.35 7.29
N LYS A 86 0.70 12.37 6.47
CA LYS A 86 -0.65 11.83 6.52
C LYS A 86 -0.55 10.30 6.54
N GLU A 87 -1.64 9.64 6.91
CA GLU A 87 -1.80 8.20 6.80
C GLU A 87 -3.10 8.03 6.03
N PHE A 88 -3.22 6.90 5.34
CA PHE A 88 -4.26 6.62 4.37
C PHE A 88 -4.76 5.21 4.62
N GLU A 89 -6.01 5.09 5.06
CA GLU A 89 -6.60 3.91 5.66
C GLU A 89 -7.79 3.49 4.80
N ALA A 90 -7.94 2.18 4.60
CA ALA A 90 -9.05 1.55 3.91
C ALA A 90 -9.51 0.32 4.69
N GLY A 91 -10.81 0.11 4.68
CA GLY A 91 -11.49 -1.01 5.31
C GLY A 91 -12.98 -0.90 5.07
N TYR A 92 -13.71 -1.97 5.38
CA TYR A 92 -15.15 -1.99 5.12
C TYR A 92 -15.92 -1.27 6.24
N ASP A 93 -17.14 -0.85 5.91
CA ASP A 93 -18.20 -0.49 6.85
C ASP A 93 -18.38 -1.63 7.85
N GLU A 94 -18.70 -1.32 9.11
CA GLU A 94 -18.74 -2.22 10.27
C GLU A 94 -17.40 -2.91 10.61
N SER A 95 -16.31 -2.72 9.85
CA SER A 95 -15.10 -3.51 9.94
C SER A 95 -13.97 -2.74 10.65
N GLU A 96 -12.74 -3.18 10.47
CA GLU A 96 -11.49 -2.50 10.80
C GLU A 96 -10.66 -2.44 9.50
N PRO A 97 -9.62 -1.60 9.39
CA PRO A 97 -8.85 -1.49 8.17
C PRO A 97 -7.95 -2.71 7.93
N SER A 98 -7.52 -2.86 6.68
CA SER A 98 -6.53 -3.87 6.26
C SER A 98 -5.53 -3.30 5.23
N LEU A 99 -5.82 -2.13 4.66
CA LEU A 99 -4.90 -1.44 3.77
C LEU A 99 -4.57 -0.13 4.46
N ARG A 100 -3.31 0.06 4.83
CA ARG A 100 -2.83 1.28 5.49
C ARG A 100 -1.56 1.73 4.80
N VAL A 101 -1.43 3.02 4.56
CA VAL A 101 -0.33 3.59 3.80
C VAL A 101 0.03 4.90 4.48
N VAL A 102 1.25 4.99 5.01
CA VAL A 102 1.72 6.22 5.62
C VAL A 102 2.43 7.04 4.53
N PHE A 103 2.37 8.37 4.64
CA PHE A 103 2.97 9.33 3.72
C PHE A 103 3.68 10.43 4.53
N GLU A 104 4.90 10.78 4.14
CA GLU A 104 5.81 11.70 4.80
C GLU A 104 6.45 12.55 3.71
N LEU A 105 6.07 13.82 3.67
CA LEU A 105 6.64 14.86 2.82
C LEU A 105 7.94 15.32 3.44
N THR A 106 9.07 15.12 2.76
CA THR A 106 10.36 15.63 3.19
C THR A 106 10.98 16.31 1.96
N ASP A 107 11.62 17.47 2.13
CA ASP A 107 12.31 18.20 1.05
C ASP A 107 11.38 18.57 -0.11
N GLY A 108 10.06 18.59 0.14
CA GLY A 108 9.06 18.85 -0.91
C GLY A 108 8.68 17.61 -1.70
N LYS A 109 9.14 16.42 -1.29
CA LYS A 109 9.00 15.17 -2.03
C LYS A 109 8.18 14.22 -1.15
N TRP A 110 6.96 13.88 -1.57
CA TRP A 110 6.09 12.97 -0.84
C TRP A 110 6.63 11.55 -0.94
N TYR A 111 6.99 10.94 0.19
CA TYR A 111 7.50 9.58 0.24
C TYR A 111 6.50 8.71 1.03
N VAL A 112 6.20 7.47 0.60
CA VAL A 112 5.56 6.49 1.51
C VAL A 112 6.65 5.89 2.41
N THR A 113 6.38 5.62 3.70
CA THR A 113 7.36 5.05 4.65
C THR A 113 6.81 3.97 5.58
N ASP A 114 5.52 3.64 5.50
CA ASP A 114 5.02 2.41 6.11
C ASP A 114 3.88 1.86 5.27
N CYS A 115 3.66 0.54 5.33
CA CYS A 115 2.65 -0.12 4.53
C CYS A 115 1.92 -1.20 5.34
N TYR A 116 0.67 -1.42 5.01
CA TYR A 116 -0.08 -2.61 5.30
C TYR A 116 -0.77 -2.93 3.97
N ASN A 117 -0.37 -4.00 3.30
CA ASN A 117 -1.13 -4.58 2.19
C ASN A 117 -1.84 -5.81 2.73
N ASP A 118 -2.81 -6.33 1.99
CA ASP A 118 -3.51 -7.56 2.29
C ASP A 118 -2.80 -8.79 1.73
N TRP A 119 -1.97 -8.64 0.69
CA TRP A 119 -1.24 -9.72 0.03
C TRP A 119 -0.47 -10.66 0.98
N TYR A 120 0.02 -10.19 2.13
CA TYR A 120 0.85 -10.99 3.03
C TYR A 120 0.28 -10.86 4.45
N ASN A 121 -1.05 -10.96 4.59
CA ASN A 121 -1.73 -11.09 5.89
C ASN A 121 -1.54 -12.51 6.47
N PHE A 122 -2.06 -12.76 7.68
CA PHE A 122 -1.94 -13.98 8.47
C PHE A 122 -2.25 -15.28 7.71
N ASP A 123 -3.04 -15.21 6.65
CA ASP A 123 -3.42 -16.30 5.76
C ASP A 123 -2.31 -16.50 4.70
N LEU A 124 -1.04 -16.44 5.10
CA LEU A 124 0.15 -16.56 4.28
C LEU A 124 1.18 -17.39 5.05
N PRO A 125 1.23 -18.72 4.95
CA PRO A 125 2.34 -19.45 5.55
C PRO A 125 3.64 -19.15 4.79
N ILE A 126 4.78 -19.28 5.48
CA ILE A 126 6.11 -19.14 4.85
C ILE A 126 6.23 -20.13 3.66
N ASN A 127 5.63 -21.32 3.78
CA ASN A 127 5.74 -22.42 2.83
C ASN A 127 5.21 -22.16 1.43
N GLU A 128 4.45 -21.08 1.24
CA GLU A 128 3.94 -20.65 -0.08
C GLU A 128 4.46 -19.25 -0.46
N LEU A 129 5.23 -18.61 0.41
CA LEU A 129 5.58 -17.19 0.32
C LEU A 129 6.28 -16.87 -0.99
N GLU A 130 7.26 -17.68 -1.37
CA GLU A 130 7.99 -17.56 -2.64
C GLU A 130 7.00 -17.48 -3.82
N GLU A 131 5.94 -18.30 -3.81
CA GLU A 131 4.94 -18.34 -4.86
C GLU A 131 3.99 -17.11 -4.79
N THR A 132 3.74 -16.57 -3.59
CA THR A 132 2.89 -15.41 -3.39
C THR A 132 3.60 -14.14 -3.84
N ILE A 133 4.91 -14.01 -3.58
CA ILE A 133 5.66 -12.89 -4.16
C ILE A 133 5.56 -12.93 -5.68
N GLN A 134 5.66 -14.11 -6.29
CA GLN A 134 5.54 -14.26 -7.74
C GLN A 134 4.12 -13.87 -8.20
N ALA A 135 3.09 -14.20 -7.41
CA ALA A 135 1.70 -13.89 -7.71
C ALA A 135 1.46 -12.39 -7.73
N VAL A 136 2.08 -11.64 -6.82
CA VAL A 136 2.06 -10.18 -6.89
C VAL A 136 2.61 -9.76 -8.25
N GLN A 137 3.81 -10.23 -8.56
CA GLN A 137 4.56 -9.77 -9.71
C GLN A 137 3.86 -10.12 -11.04
N GLU A 138 2.86 -11.01 -11.04
CA GLU A 138 1.97 -11.28 -12.16
C GLU A 138 1.07 -10.09 -12.45
N GLU A 139 0.18 -9.72 -11.52
CA GLU A 139 -0.82 -8.66 -11.74
C GLU A 139 -0.12 -7.34 -12.09
N ASN A 140 1.02 -7.11 -11.44
CA ASN A 140 1.91 -5.98 -11.64
C ASN A 140 2.33 -5.78 -13.10
N LYS A 141 2.43 -6.84 -13.91
CA LYS A 141 2.79 -6.74 -15.32
C LYS A 141 1.70 -6.01 -16.09
N ALA A 142 0.47 -6.51 -15.97
CA ALA A 142 -0.71 -5.94 -16.62
C ALA A 142 -0.90 -4.49 -16.22
N PHE A 143 -0.52 -4.12 -14.99
CA PHE A 143 -0.51 -2.74 -14.56
C PHE A 143 0.56 -1.94 -15.31
N GLU A 144 1.86 -2.25 -15.11
CA GLU A 144 2.92 -1.31 -15.48
C GLU A 144 3.16 -1.21 -16.98
N GLU A 145 2.72 -2.20 -17.76
CA GLU A 145 2.70 -2.16 -19.22
C GLU A 145 1.80 -1.01 -19.70
N LEU A 146 0.77 -0.67 -18.91
CA LEU A 146 -0.31 0.22 -19.29
C LEU A 146 -0.25 1.55 -18.55
N HIS A 147 0.38 1.60 -17.39
CA HIS A 147 0.53 2.76 -16.52
C HIS A 147 2.02 3.13 -16.40
N PRO A 148 2.63 3.73 -17.46
CA PRO A 148 4.00 4.21 -17.41
C PRO A 148 4.14 5.38 -16.45
#